data_2LY0
#
_entry.id   2LY0
#
loop_
_entity.id
_entity.type
_entity.pdbx_description
1 polymer 'Membrane ion channel M2'
2 non-polymer (3S,5S,7S)-N-{[5-(thiophen-2-yl)-1,2-oxazol-3-yl]methyl}tricyclo[3.3.1.1~3,7~]decan-1-aminium
#
_entity_poly.entity_id   1
_entity_poly.type   'polypeptide(L)'
_entity_poly.pdbx_seq_one_letter_code
;SNDSSDPLVVAANIIGILHLILWILDRLFFK
;
_entity_poly.pdbx_strand_id   A,B,C,D
#
loop_
_chem_comp.id
_chem_comp.type
_chem_comp.name
_chem_comp.formula
A2Y non-polymer (3S,5S,7S)-N-{[5-(thiophen-2-yl)-1,2-oxazol-3-yl]methyl}tricyclo[3.3.1.1~3,7~]decan-1-aminium 'C18 H23 N2 O S 1'
#
# COMPACT_ATOMS: atom_id res chain seq x y z
N SER A 1 -4.00 12.70 22.66
CA SER A 1 -5.01 11.70 22.22
C SER A 1 -4.52 11.00 20.97
N ASN A 2 -3.89 11.76 20.08
CA ASN A 2 -3.38 11.20 18.83
C ASN A 2 -2.09 10.42 19.09
N ASP A 3 -1.58 10.51 20.31
CA ASP A 3 -0.36 9.80 20.67
C ASP A 3 -0.56 8.30 20.55
N SER A 4 -1.71 7.82 21.01
CA SER A 4 -2.02 6.40 20.95
C SER A 4 -2.04 5.91 19.51
N SER A 5 -2.67 6.69 18.63
CA SER A 5 -2.77 6.33 17.23
C SER A 5 -2.96 7.58 16.38
N ASP A 6 -2.13 7.73 15.35
CA ASP A 6 -2.21 8.89 14.47
C ASP A 6 -3.24 8.65 13.35
N PRO A 7 -3.88 9.68 12.87
CA PRO A 7 -4.89 9.55 11.77
C PRO A 7 -4.27 9.10 10.45
N LEU A 8 -2.97 9.36 10.28
CA LEU A 8 -2.28 8.98 9.06
C LEU A 8 -2.27 7.45 8.91
N VAL A 9 -2.04 6.75 10.01
CA VAL A 9 -2.00 5.29 9.97
C VAL A 9 -3.37 4.74 9.57
N VAL A 10 -4.42 5.26 10.20
CA VAL A 10 -5.78 4.82 9.91
C VAL A 10 -6.15 5.15 8.46
N ALA A 11 -5.84 6.38 8.04
CA ALA A 11 -6.15 6.80 6.68
C ALA A 11 -5.38 5.98 5.67
N ALA A 12 -4.12 5.68 5.97
CA ALA A 12 -3.29 4.90 5.05
C ALA A 12 -3.94 3.55 4.75
N ASN A 13 -4.38 2.86 5.81
CA ASN A 13 -5.03 1.56 5.63
C ASN A 13 -6.32 1.70 4.83
N ILE A 14 -7.09 2.74 5.15
CA ILE A 14 -8.35 2.99 4.46
C ILE A 14 -8.11 3.29 2.98
N ILE A 15 -7.09 4.11 2.71
CA ILE A 15 -6.77 4.49 1.34
C ILE A 15 -6.38 3.26 0.52
N GLY A 16 -5.56 2.38 1.11
CA GLY A 16 -5.12 1.17 0.42
C GLY A 16 -6.31 0.26 0.11
N ILE A 17 -7.20 0.11 1.08
CA ILE A 17 -8.38 -0.74 0.91
C ILE A 17 -9.29 -0.18 -0.19
N LEU A 18 -9.48 1.13 -0.18
CA LEU A 18 -10.32 1.78 -1.18
C LEU A 18 -9.73 1.58 -2.57
N HIS A 19 -8.41 1.64 -2.66
CA HIS A 19 -7.74 1.46 -3.93
C HIS A 19 -8.06 0.09 -4.50
N LEU A 20 -8.10 -0.92 -3.63
CA LEU A 20 -8.40 -2.28 -4.07
C LEU A 20 -9.81 -2.35 -4.66
N ILE A 21 -10.75 -1.63 -4.08
CA ILE A 21 -12.11 -1.68 -4.60
C ILE A 21 -12.11 -1.22 -6.06
N LEU A 22 -11.43 -0.12 -6.34
CA LEU A 22 -11.37 0.41 -7.71
C LEU A 22 -10.52 -0.49 -8.62
N TRP A 23 -9.35 -0.91 -8.13
CA TRP A 23 -8.45 -1.75 -8.93
C TRP A 23 -9.08 -3.12 -9.18
N ILE A 24 -9.76 -3.65 -8.17
CA ILE A 24 -10.43 -4.95 -8.31
C ILE A 24 -11.50 -4.88 -9.39
N LEU A 25 -12.26 -3.79 -9.40
CA LEU A 25 -13.33 -3.63 -10.38
C LEU A 25 -12.76 -3.68 -11.79
N ASP A 26 -11.63 -3.02 -12.00
CA ASP A 26 -10.99 -3.01 -13.31
C ASP A 26 -10.60 -4.43 -13.71
N ARG A 27 -10.11 -5.19 -12.74
CA ARG A 27 -9.68 -6.56 -12.98
C ARG A 27 -10.87 -7.44 -13.39
N LEU A 28 -12.06 -7.08 -12.93
CA LEU A 28 -13.26 -7.86 -13.26
C LEU A 28 -13.52 -7.83 -14.77
N PHE A 29 -13.34 -6.65 -15.38
CA PHE A 29 -13.57 -6.50 -16.82
C PHE A 29 -12.27 -6.60 -17.59
N PHE A 30 -11.28 -7.25 -16.99
CA PHE A 30 -9.99 -7.42 -17.64
C PHE A 30 -10.17 -7.87 -19.09
N LYS A 31 -9.11 -7.71 -19.88
CA LYS A 31 -9.16 -8.10 -21.29
C LYS A 31 -7.86 -8.80 -21.70
N SER B 1 13.64 10.79 19.67
CA SER B 1 12.57 11.60 19.04
C SER B 1 11.82 10.75 18.02
N ASN B 2 12.56 9.90 17.30
CA ASN B 2 11.97 9.03 16.30
C ASN B 2 11.23 7.87 16.97
N ASP B 3 11.40 7.75 18.28
CA ASP B 3 10.77 6.67 19.03
C ASP B 3 9.25 6.81 18.95
N SER B 4 8.76 8.03 19.07
CA SER B 4 7.32 8.28 19.00
C SER B 4 6.76 7.87 17.65
N SER B 5 7.47 8.22 16.58
CA SER B 5 7.04 7.88 15.22
C SER B 5 8.24 7.84 14.29
N ASP B 6 8.38 6.74 13.55
CA ASP B 6 9.49 6.58 12.62
C ASP B 6 9.16 7.22 11.26
N PRO B 7 10.15 7.71 10.54
CA PRO B 7 9.93 8.35 9.22
C PRO B 7 9.43 7.35 8.16
N LEU B 8 9.72 6.07 8.38
CA LEU B 8 9.31 5.03 7.44
C LEU B 8 7.79 4.96 7.38
N VAL B 9 7.14 5.05 8.53
CA VAL B 9 5.68 4.98 8.59
C VAL B 9 5.07 6.16 7.84
N VAL B 10 5.58 7.35 8.09
CA VAL B 10 5.08 8.55 7.44
C VAL B 10 5.33 8.49 5.94
N ALA B 11 6.53 8.08 5.56
CA ALA B 11 6.89 7.98 4.15
C ALA B 11 6.03 6.93 3.45
N ALA B 12 5.80 5.81 4.13
CA ALA B 12 5.00 4.74 3.54
C ALA B 12 3.62 5.25 3.15
N ASN B 13 2.97 5.98 4.05
CA ASN B 13 1.65 6.51 3.77
C ASN B 13 1.70 7.51 2.62
N ILE B 14 2.73 8.35 2.63
CA ILE B 14 2.90 9.35 1.60
C ILE B 14 3.14 8.69 0.24
N ILE B 15 3.98 7.66 0.23
CA ILE B 15 4.30 6.95 -1.00
C ILE B 15 3.04 6.31 -1.60
N GLY B 16 2.23 5.69 -0.75
CA GLY B 16 1.01 5.04 -1.21
C GLY B 16 0.03 6.07 -1.80
N ILE B 17 -0.10 7.21 -1.13
CA ILE B 17 -0.99 8.26 -1.59
C ILE B 17 -0.52 8.81 -2.94
N LEU B 18 0.78 9.03 -3.06
CA LEU B 18 1.36 9.54 -4.31
C LEU B 18 1.10 8.56 -5.44
N HIS B 19 1.21 7.28 -5.13
CA HIS B 19 0.99 6.24 -6.14
C HIS B 19 -0.42 6.37 -6.71
N LEU B 20 -1.39 6.64 -5.83
CA LEU B 20 -2.77 6.78 -6.26
C LEU B 20 -2.92 7.94 -7.23
N ILE B 21 -2.20 9.02 -7.00
CA ILE B 21 -2.32 10.16 -7.90
C ILE B 21 -1.94 9.75 -9.31
N LEU B 22 -0.82 9.03 -9.44
CA LEU B 22 -0.37 8.58 -10.77
C LEU B 22 -1.27 7.48 -11.33
N TRP B 23 -1.63 6.50 -10.50
CA TRP B 23 -2.48 5.40 -10.94
C TRP B 23 -3.88 5.89 -11.28
N ILE B 24 -4.40 6.83 -10.50
CA ILE B 24 -5.72 7.40 -10.75
C ILE B 24 -5.74 8.10 -12.10
N LEU B 25 -4.67 8.85 -12.40
CA LEU B 25 -4.60 9.58 -13.66
C LEU B 25 -4.70 8.62 -14.84
N ASP B 26 -4.01 7.48 -14.74
CA ASP B 26 -4.04 6.49 -15.80
C ASP B 26 -5.46 5.96 -15.97
N ARG B 27 -6.16 5.77 -14.87
CA ARG B 27 -7.53 5.28 -14.89
C ARG B 27 -8.46 6.27 -15.59
N LEU B 28 -8.12 7.55 -15.53
CA LEU B 28 -8.95 8.58 -16.15
C LEU B 28 -9.01 8.38 -17.66
N PHE B 29 -7.86 8.06 -18.26
CA PHE B 29 -7.78 7.84 -19.71
C PHE B 29 -7.88 6.37 -20.07
N PHE B 30 -8.46 5.60 -19.16
CA PHE B 30 -8.62 4.16 -19.38
C PHE B 30 -9.14 3.90 -20.78
N LYS B 31 -8.99 2.66 -21.25
CA LYS B 31 -9.44 2.27 -22.59
C LYS B 31 -10.12 0.91 -22.55
N SER C 1 12.29 -7.07 22.15
CA SER C 1 13.03 -6.22 21.16
C SER C 1 12.10 -5.82 20.03
N ASN C 2 11.25 -6.76 19.62
CA ASN C 2 10.30 -6.50 18.54
C ASN C 2 9.16 -5.62 19.03
N ASP C 3 9.11 -5.40 20.34
CA ASP C 3 8.05 -4.57 20.92
C ASP C 3 8.13 -3.15 20.39
N SER C 4 9.34 -2.63 20.29
CA SER C 4 9.55 -1.27 19.80
C SER C 4 9.03 -1.15 18.36
N SER C 5 9.36 -2.12 17.53
CA SER C 5 8.94 -2.12 16.13
C SER C 5 8.88 -3.55 15.61
N ASP C 6 7.75 -3.90 15.00
CA ASP C 6 7.58 -5.25 14.44
C ASP C 6 8.14 -5.32 13.01
N PRO C 7 8.62 -6.47 12.60
CA PRO C 7 9.19 -6.65 11.22
C PRO C 7 8.12 -6.51 10.13
N LEU C 8 6.87 -6.74 10.50
CA LEU C 8 5.76 -6.63 9.54
C LEU C 8 5.63 -5.20 9.03
N VAL C 9 5.76 -4.24 9.95
CA VAL C 9 5.65 -2.83 9.58
C VAL C 9 6.77 -2.44 8.61
N VAL C 10 7.99 -2.84 8.93
CA VAL C 10 9.14 -2.54 8.09
C VAL C 10 8.99 -3.21 6.74
N ALA C 11 8.61 -4.49 6.75
CA ALA C 11 8.45 -5.25 5.51
C ALA C 11 7.34 -4.66 4.66
N ALA C 12 6.26 -4.25 5.30
CA ALA C 12 5.13 -3.68 4.58
C ALA C 12 5.56 -2.47 3.76
N ASN C 13 6.31 -1.57 4.40
CA ASN C 13 6.79 -0.37 3.70
C ASN C 13 7.73 -0.75 2.56
N ILE C 14 8.61 -1.72 2.83
CA ILE C 14 9.56 -2.17 1.82
C ILE C 14 8.83 -2.81 0.64
N ILE C 15 7.83 -3.63 0.94
CA ILE C 15 7.07 -4.31 -0.10
C ILE C 15 6.36 -3.30 -0.99
N GLY C 16 5.76 -2.28 -0.39
CA GLY C 16 5.05 -1.25 -1.15
C GLY C 16 6.00 -0.48 -2.05
N ILE C 17 7.17 -0.15 -1.53
CA ILE C 17 8.17 0.59 -2.29
C ILE C 17 8.66 -0.25 -3.48
N LEU C 18 8.92 -1.53 -3.21
CA LEU C 18 9.38 -2.43 -4.27
C LEU C 18 8.33 -2.55 -5.37
N HIS C 19 7.07 -2.58 -4.97
CA HIS C 19 5.98 -2.67 -5.94
C HIS C 19 6.03 -1.49 -6.89
N LEU C 20 6.32 -0.32 -6.35
CA LEU C 20 6.39 0.88 -7.18
C LEU C 20 7.49 0.76 -8.22
N ILE C 21 8.60 0.16 -7.86
CA ILE C 21 9.69 0.03 -8.82
C ILE C 21 9.22 -0.77 -10.04
N LEU C 22 8.53 -1.87 -9.78
CA LEU C 22 8.03 -2.71 -10.87
C LEU C 22 6.87 -2.03 -11.62
N TRP C 23 5.92 -1.46 -10.87
CA TRP C 23 4.77 -0.79 -11.48
C TRP C 23 5.19 0.45 -12.25
N ILE C 24 6.16 1.18 -11.71
CA ILE C 24 6.67 2.39 -12.36
C ILE C 24 7.31 2.01 -13.70
N LEU C 25 8.07 0.93 -13.72
CA LEU C 25 8.73 0.49 -14.95
C LEU C 25 7.71 0.23 -16.04
N ASP C 26 6.60 -0.43 -15.67
CA ASP C 26 5.55 -0.72 -16.64
C ASP C 26 4.98 0.57 -17.19
N ARG C 27 4.82 1.57 -16.33
CA ARG C 27 4.27 2.85 -16.73
C ARG C 27 5.20 3.56 -17.72
N LEU C 28 6.50 3.27 -17.64
CA LEU C 28 7.46 3.89 -18.54
C LEU C 28 7.18 3.50 -19.99
N PHE C 29 6.87 2.23 -20.20
CA PHE C 29 6.58 1.71 -21.55
C PHE C 29 5.09 1.69 -21.83
N PHE C 30 4.34 2.49 -21.09
CA PHE C 30 2.89 2.56 -21.26
C PHE C 30 2.54 2.63 -22.73
N LYS C 31 1.28 2.34 -23.05
CA LYS C 31 0.81 2.37 -24.44
C LYS C 31 -0.57 3.00 -24.52
N SER D 1 -5.42 -4.80 25.20
CA SER D 1 -4.62 -5.80 24.45
C SER D 1 -4.31 -5.26 23.05
N ASN D 2 -5.28 -4.58 22.46
CA ASN D 2 -5.12 -4.02 21.13
C ASN D 2 -4.24 -2.76 21.18
N ASP D 3 -3.95 -2.31 22.40
CA ASP D 3 -3.14 -1.11 22.58
C ASP D 3 -1.74 -1.34 22.01
N SER D 4 -1.19 -2.53 22.26
CA SER D 4 0.15 -2.85 21.76
C SER D 4 0.19 -2.81 20.24
N SER D 5 -0.84 -3.39 19.61
CA SER D 5 -0.92 -3.42 18.16
C SER D 5 -2.38 -3.55 17.72
N ASP D 6 -2.80 -2.66 16.82
CA ASP D 6 -4.18 -2.69 16.33
C ASP D 6 -4.31 -3.65 15.15
N PRO D 7 -5.47 -4.25 14.97
CA PRO D 7 -5.70 -5.22 13.84
C PRO D 7 -5.65 -4.54 12.48
N LEU D 8 -5.90 -3.24 12.44
CA LEU D 8 -5.88 -2.48 11.20
C LEU D 8 -4.48 -2.50 10.58
N VAL D 9 -3.47 -2.33 11.43
CA VAL D 9 -2.09 -2.32 10.96
C VAL D 9 -1.73 -3.68 10.36
N VAL D 10 -2.06 -4.75 11.07
CA VAL D 10 -1.78 -6.09 10.60
C VAL D 10 -2.53 -6.39 9.31
N ALA D 11 -3.82 -6.03 9.29
CA ALA D 11 -4.64 -6.27 8.12
C ALA D 11 -4.13 -5.47 6.92
N ALA D 12 -3.72 -4.23 7.18
CA ALA D 12 -3.23 -3.38 6.11
C ALA D 12 -2.05 -4.03 5.39
N ASN D 13 -1.10 -4.54 6.16
CA ASN D 13 0.07 -5.18 5.58
C ASN D 13 -0.34 -6.44 4.82
N ILE D 14 -1.26 -7.20 5.39
CA ILE D 14 -1.73 -8.43 4.76
C ILE D 14 -2.47 -8.10 3.46
N ILE D 15 -3.30 -7.08 3.49
CA ILE D 15 -4.05 -6.67 2.31
C ILE D 15 -3.11 -6.26 1.16
N GLY D 16 -2.08 -5.49 1.50
CA GLY D 16 -1.13 -5.05 0.49
C GLY D 16 -0.38 -6.22 -0.12
N ILE D 17 0.02 -7.17 0.72
CA ILE D 17 0.75 -8.35 0.25
C ILE D 17 -0.14 -9.19 -0.66
N LEU D 18 -1.39 -9.37 -0.26
CA LEU D 18 -2.34 -10.15 -1.06
C LEU D 18 -2.54 -9.49 -2.42
N HIS D 19 -2.59 -8.16 -2.43
CA HIS D 19 -2.78 -7.43 -3.68
C HIS D 19 -1.65 -7.77 -4.64
N LEU D 20 -0.44 -7.85 -4.12
CA LEU D 20 0.72 -8.16 -4.95
C LEU D 20 0.57 -9.53 -5.60
N ILE D 21 0.03 -10.48 -4.87
CA ILE D 21 -0.12 -11.82 -5.43
C ILE D 21 -1.00 -11.75 -6.68
N LEU D 22 -2.12 -11.03 -6.60
CA LEU D 22 -3.02 -10.90 -7.73
C LEU D 22 -2.42 -10.02 -8.84
N TRP D 23 -1.83 -8.88 -8.45
CA TRP D 23 -1.24 -7.96 -9.43
C TRP D 23 -0.02 -8.59 -10.10
N ILE D 24 0.77 -9.34 -9.33
CA ILE D 24 1.94 -10.01 -9.88
C ILE D 24 1.52 -11.03 -10.93
N LEU D 25 0.45 -11.78 -10.65
CA LEU D 25 -0.03 -12.79 -11.58
C LEU D 25 -0.39 -12.15 -12.91
N ASP D 26 -1.05 -11.00 -12.87
CA ASP D 26 -1.43 -10.30 -14.09
C ASP D 26 -0.18 -9.91 -14.87
N ARG D 27 0.85 -9.49 -14.16
CA ARG D 27 2.10 -9.08 -14.79
C ARG D 27 2.78 -10.26 -15.49
N LEU D 28 2.53 -11.47 -15.00
CA LEU D 28 3.13 -12.65 -15.59
C LEU D 28 2.65 -12.84 -17.03
N PHE D 29 1.36 -12.62 -17.25
CA PHE D 29 0.76 -12.77 -18.58
C PHE D 29 0.68 -11.44 -19.31
N PHE D 30 1.50 -10.49 -18.88
CA PHE D 30 1.51 -9.17 -19.50
C PHE D 30 1.50 -9.28 -21.01
N LYS D 31 1.15 -8.19 -21.69
CA LYS D 31 1.09 -8.17 -23.15
C LYS D 31 1.67 -6.88 -23.69
O A2Y E . 0.93 3.14 8.97
S A2Y E . 1.83 2.72 11.65
C1 A2Y E . 2.48 1.92 12.68
N1 A2Y E . 0.44 3.09 7.75
C2 A2Y E . 2.72 0.67 12.28
N2 A2Y E . 0.98 0.84 5.25
C3 A2Y E . 2.30 0.53 11.02
C4 A2Y E . 0.89 1.13 8.32
C5 A2Y E . -0.12 1.48 5.99
C9 A2Y E . 0.40 1.90 7.34
C10 A2Y E . 0.80 0.54 3.82
C11 A2Y E . 1.21 1.99 9.33
C12 A2Y E . 1.77 1.71 10.58
C61 A2Y E . -0.37 -0.46 3.56
C62 A2Y E . 2.08 -0.11 3.23
C63 A2Y E . 0.51 1.82 2.97
C71 A2Y E . -0.52 -0.78 2.06
C72 A2Y E . 1.93 -0.43 1.72
C73 A2Y E . 0.35 1.48 1.46
C81 A2Y E . 0.77 -1.42 1.52
C82 A2Y E . 1.64 0.85 0.94
C83 A2Y E . -0.81 0.51 1.27
H44 A2Y E . 1.00 0.04 8.28
H1 A2Y E . 2.72 2.31 13.68
H2 A2Y E . 3.19 -0.12 12.89
H3 A2Y E . 2.39 -0.40 10.46
H15 A2Y E . -0.47 2.40 5.46
H25 A2Y E . -0.98 0.79 6.11
H161 A2Y E . -1.30 -0.04 3.92
H261 A2Y E . -0.17 -1.38 4.09
H362 A2Y E . 2.29 -1.03 3.76
H462 A2Y E . 2.91 0.56 3.35
H563 A2Y E . 1.32 2.52 3.09
H663 A2Y E . -0.40 2.29 3.30
H171 A2Y E . -1.34 -1.47 1.92
H272 A2Y E . 2.84 -0.89 1.37
H373 A2Y E . 0.15 2.38 0.91
H181 A2Y E . 0.97 -2.33 2.05
H281 A2Y E . 0.66 -1.62 0.47
H382 A2Y E . 2.47 1.53 1.06
H482 A2Y E . 1.53 0.61 -0.11
H583 A2Y E . -1.72 0.95 1.64
H683 A2Y E . -0.92 0.28 0.22
H1N2 A2Y E . 1.83 1.45 5.35
H2N2 A2Y E . 1.19 -0.06 5.74
N SER A 1 -3.26 5.42 24.00
CA SER A 1 -3.55 6.88 24.07
C SER A 1 -3.99 7.38 22.70
N ASN A 2 -4.47 8.61 22.65
CA ASN A 2 -4.93 9.20 21.39
C ASN A 2 -3.76 9.34 20.43
N ASP A 3 -2.60 9.73 20.94
CA ASP A 3 -1.43 9.91 20.11
C ASP A 3 -0.92 8.55 19.61
N SER A 4 -1.33 7.48 20.29
CA SER A 4 -0.92 6.14 19.91
C SER A 4 -1.41 5.80 18.50
N SER A 5 -2.67 6.15 18.21
CA SER A 5 -3.25 5.89 16.90
C SER A 5 -3.30 7.17 16.08
N ASP A 6 -2.30 7.33 15.20
CA ASP A 6 -2.22 8.52 14.36
C ASP A 6 -3.27 8.46 13.24
N PRO A 7 -3.74 9.58 12.77
CA PRO A 7 -4.76 9.64 11.68
C PRO A 7 -4.22 9.09 10.35
N LEU A 8 -2.91 9.18 10.19
CA LEU A 8 -2.27 8.70 8.97
C LEU A 8 -2.33 7.18 8.86
N VAL A 9 -2.13 6.50 9.99
CA VAL A 9 -2.16 5.04 10.01
C VAL A 9 -3.53 4.51 9.58
N VAL A 10 -4.58 5.06 10.18
CA VAL A 10 -5.94 4.65 9.85
C VAL A 10 -6.31 5.10 8.45
N ALA A 11 -5.93 6.33 8.11
CA ALA A 11 -6.24 6.88 6.80
C ALA A 11 -5.55 6.07 5.71
N ALA A 12 -4.30 5.69 5.97
CA ALA A 12 -3.54 4.91 5.00
C ALA A 12 -4.22 3.56 4.73
N ASN A 13 -4.68 2.93 5.81
CA ASN A 13 -5.35 1.64 5.67
C ASN A 13 -6.65 1.77 4.88
N ILE A 14 -7.41 2.83 5.17
CA ILE A 14 -8.67 3.06 4.47
C ILE A 14 -8.43 3.34 3.00
N ILE A 15 -7.43 4.17 2.71
CA ILE A 15 -7.11 4.51 1.33
C ILE A 15 -6.63 3.28 0.56
N GLY A 16 -5.77 2.49 1.20
CA GLY A 16 -5.24 1.29 0.55
C GLY A 16 -6.38 0.30 0.22
N ILE A 17 -7.27 0.10 1.18
CA ILE A 17 -8.40 -0.80 0.97
C ILE A 17 -9.31 -0.28 -0.13
N LEU A 18 -9.55 1.03 -0.12
CA LEU A 18 -10.40 1.65 -1.13
C LEU A 18 -9.79 1.45 -2.51
N HIS A 19 -8.47 1.54 -2.58
CA HIS A 19 -7.77 1.36 -3.86
C HIS A 19 -8.10 -0.01 -4.43
N LEU A 20 -8.11 -1.02 -3.57
CA LEU A 20 -8.40 -2.37 -4.02
C LEU A 20 -9.79 -2.46 -4.62
N ILE A 21 -10.76 -1.78 -4.03
CA ILE A 21 -12.13 -1.83 -4.54
C ILE A 21 -12.18 -1.27 -5.95
N LEU A 22 -11.51 -0.15 -6.18
CA LEU A 22 -11.52 0.47 -7.49
C LEU A 22 -10.64 -0.31 -8.47
N TRP A 23 -9.46 -0.73 -8.01
CA TRP A 23 -8.54 -1.48 -8.86
C TRP A 23 -9.10 -2.85 -9.23
N ILE A 24 -9.63 -3.57 -8.23
CA ILE A 24 -10.17 -4.91 -8.49
C ILE A 24 -11.38 -4.83 -9.42
N LEU A 25 -12.26 -3.87 -9.16
CA LEU A 25 -13.45 -3.70 -9.99
C LEU A 25 -13.06 -3.27 -11.40
N ASP A 26 -12.10 -2.37 -11.51
CA ASP A 26 -11.66 -1.88 -12.81
C ASP A 26 -11.06 -3.02 -13.63
N ARG A 27 -10.27 -3.85 -12.98
CA ARG A 27 -9.63 -4.98 -13.65
C ARG A 27 -10.66 -6.04 -14.00
N LEU A 28 -11.80 -6.01 -13.32
CA LEU A 28 -12.86 -6.99 -13.57
C LEU A 28 -13.36 -6.87 -15.01
N PHE A 29 -13.56 -5.64 -15.46
CA PHE A 29 -14.04 -5.41 -16.82
C PHE A 29 -13.04 -5.97 -17.84
N PHE A 30 -11.76 -5.69 -17.62
CA PHE A 30 -10.70 -6.17 -18.52
C PHE A 30 -9.58 -6.82 -17.72
N LYS A 31 -9.12 -7.99 -18.17
CA LYS A 31 -8.05 -8.71 -17.50
C LYS A 31 -6.69 -8.24 -18.02
N SER B 1 6.77 10.31 21.51
CA SER B 1 8.21 10.66 21.39
C SER B 1 8.60 10.68 19.91
N ASN B 2 9.81 11.18 19.64
CA ASN B 2 10.30 11.25 18.27
C ASN B 2 10.44 9.86 17.67
N ASP B 3 10.93 8.92 18.48
CA ASP B 3 11.10 7.55 18.02
C ASP B 3 9.75 6.88 17.78
N SER B 4 8.71 7.45 18.38
CA SER B 4 7.36 6.89 18.24
C SER B 4 6.91 6.93 16.78
N SER B 5 7.19 8.05 16.10
CA SER B 5 6.82 8.23 14.70
C SER B 5 8.05 8.05 13.82
N ASP B 6 8.21 6.86 13.26
CA ASP B 6 9.36 6.57 12.40
C ASP B 6 9.17 7.24 11.03
N PRO B 7 10.25 7.58 10.36
CA PRO B 7 10.19 8.24 9.02
C PRO B 7 9.59 7.31 7.96
N LEU B 8 9.74 6.01 8.17
CA LEU B 8 9.22 5.01 7.23
C LEU B 8 7.70 5.01 7.22
N VAL B 9 7.09 5.13 8.41
CA VAL B 9 5.63 5.11 8.50
C VAL B 9 5.02 6.29 7.74
N VAL B 10 5.54 7.48 7.97
CA VAL B 10 5.04 8.67 7.29
C VAL B 10 5.40 8.62 5.80
N ALA B 11 6.63 8.21 5.51
CA ALA B 11 7.08 8.13 4.13
C ALA B 11 6.25 7.11 3.35
N ALA B 12 5.94 5.99 3.98
CA ALA B 12 5.15 4.95 3.33
C ALA B 12 3.76 5.48 2.98
N ASN B 13 3.16 6.23 3.90
CA ASN B 13 1.84 6.78 3.68
C ASN B 13 1.86 7.79 2.53
N ILE B 14 2.89 8.64 2.51
CA ILE B 14 3.02 9.65 1.46
C ILE B 14 3.22 8.98 0.11
N ILE B 15 4.08 7.98 0.07
CA ILE B 15 4.36 7.26 -1.17
C ILE B 15 3.12 6.54 -1.68
N GLY B 16 2.40 5.88 -0.77
CA GLY B 16 1.19 5.16 -1.15
C GLY B 16 0.14 6.10 -1.73
N ILE B 17 -0.05 7.24 -1.06
CA ILE B 17 -1.02 8.23 -1.52
C ILE B 17 -0.61 8.78 -2.88
N LEU B 18 0.68 9.06 -3.04
CA LEU B 18 1.20 9.59 -4.29
C LEU B 18 0.95 8.60 -5.42
N HIS B 19 1.11 7.31 -5.10
CA HIS B 19 0.89 6.27 -6.10
C HIS B 19 -0.52 6.37 -6.65
N LEU B 20 -1.49 6.60 -5.76
CA LEU B 20 -2.88 6.70 -6.17
C LEU B 20 -3.07 7.86 -7.16
N ILE B 21 -2.40 8.97 -6.91
CA ILE B 21 -2.55 10.12 -7.80
C ILE B 21 -2.07 9.77 -9.21
N LEU B 22 -0.93 9.11 -9.30
CA LEU B 22 -0.38 8.73 -10.60
C LEU B 22 -1.18 7.58 -11.22
N TRP B 23 -1.51 6.58 -10.41
CA TRP B 23 -2.26 5.42 -10.91
C TRP B 23 -3.70 5.81 -11.31
N ILE B 24 -4.38 6.59 -10.47
CA ILE B 24 -5.75 6.99 -10.78
C ILE B 24 -5.78 7.87 -12.02
N LEU B 25 -4.85 8.82 -12.11
CA LEU B 25 -4.79 9.71 -13.26
C LEU B 25 -4.43 8.94 -14.53
N ASP B 26 -3.47 8.02 -14.41
CA ASP B 26 -3.05 7.23 -15.55
C ASP B 26 -4.21 6.39 -16.07
N ARG B 27 -4.95 5.79 -15.16
CA ARG B 27 -6.09 4.95 -15.54
C ARG B 27 -7.22 5.81 -16.10
N LEU B 28 -7.20 7.10 -15.79
CA LEU B 28 -8.24 8.00 -16.27
C LEU B 28 -8.24 8.06 -17.79
N PHE B 29 -7.04 8.15 -18.38
CA PHE B 29 -6.92 8.21 -19.83
C PHE B 29 -7.49 6.95 -20.47
N PHE B 30 -7.13 5.79 -19.89
CA PHE B 30 -7.62 4.50 -20.42
C PHE B 30 -8.15 3.64 -19.28
N LYS B 31 -9.32 3.04 -19.50
CA LYS B 31 -9.95 2.18 -18.50
C LYS B 31 -9.45 0.75 -18.62
N SER C 1 11.67 0.71 21.85
CA SER C 1 12.04 -0.70 22.18
C SER C 1 11.98 -1.55 20.90
N ASN C 2 12.49 -2.77 21.00
CA ASN C 2 12.49 -3.67 19.86
C ASN C 2 11.07 -3.99 19.42
N ASP C 3 10.19 -4.20 20.40
CA ASP C 3 8.80 -4.52 20.11
C ASP C 3 8.08 -3.31 19.50
N SER C 4 8.67 -2.13 19.69
CA SER C 4 8.08 -0.91 19.16
C SER C 4 8.03 -0.95 17.64
N SER C 5 9.11 -1.43 17.02
CA SER C 5 9.19 -1.52 15.56
C SER C 5 8.99 -2.97 15.13
N ASP C 6 7.77 -3.30 14.73
CA ASP C 6 7.46 -4.67 14.30
C ASP C 6 8.04 -4.93 12.91
N PRO C 7 8.36 -6.16 12.60
CA PRO C 7 8.94 -6.54 11.27
C PRO C 7 7.93 -6.32 10.13
N LEU C 8 6.65 -6.38 10.47
CA LEU C 8 5.60 -6.19 9.48
C LEU C 8 5.56 -4.75 8.97
N VAL C 9 5.73 -3.81 9.89
CA VAL C 9 5.70 -2.38 9.52
C VAL C 9 6.80 -2.05 8.53
N VAL C 10 8.02 -2.48 8.84
CA VAL C 10 9.15 -2.22 7.96
C VAL C 10 9.03 -3.03 6.67
N ALA C 11 8.62 -4.29 6.81
CA ALA C 11 8.47 -5.16 5.65
C ALA C 11 7.39 -4.62 4.72
N ALA C 12 6.30 -4.12 5.29
CA ALA C 12 5.22 -3.59 4.48
C ALA C 12 5.69 -2.38 3.67
N ASN C 13 6.47 -1.52 4.31
CA ASN C 13 6.99 -0.34 3.64
C ASN C 13 7.93 -0.72 2.50
N ILE C 14 8.80 -1.71 2.76
CA ILE C 14 9.74 -2.17 1.75
C ILE C 14 9.01 -2.79 0.56
N ILE C 15 8.01 -3.62 0.87
CA ILE C 15 7.23 -4.28 -0.17
C ILE C 15 6.46 -3.27 -1.01
N GLY C 16 5.84 -2.29 -0.33
CA GLY C 16 5.07 -1.27 -1.04
C GLY C 16 5.96 -0.46 -1.97
N ILE C 17 7.12 -0.06 -1.48
CA ILE C 17 8.06 0.71 -2.29
C ILE C 17 8.54 -0.12 -3.47
N LEU C 18 8.85 -1.39 -3.21
CA LEU C 18 9.31 -2.28 -4.27
C LEU C 18 8.25 -2.41 -5.36
N HIS C 19 6.99 -2.46 -4.94
CA HIS C 19 5.88 -2.57 -5.88
C HIS C 19 5.92 -1.40 -6.86
N LEU C 20 6.18 -0.21 -6.34
CA LEU C 20 6.23 0.98 -7.19
C LEU C 20 7.32 0.84 -8.25
N ILE C 21 8.46 0.29 -7.87
CA ILE C 21 9.55 0.15 -8.83
C ILE C 21 9.14 -0.76 -9.99
N LEU C 22 8.49 -1.87 -9.67
CA LEU C 22 8.05 -2.80 -10.69
C LEU C 22 6.85 -2.25 -11.47
N TRP C 23 5.89 -1.67 -10.75
CA TRP C 23 4.69 -1.12 -11.38
C TRP C 23 5.03 0.10 -12.24
N ILE C 24 5.83 1.01 -11.71
CA ILE C 24 6.19 2.22 -12.47
C ILE C 24 7.00 1.86 -13.71
N LEU C 25 7.95 0.95 -13.55
CA LEU C 25 8.78 0.52 -14.67
C LEU C 25 7.95 -0.23 -15.71
N ASP C 26 7.05 -1.09 -15.23
CA ASP C 26 6.21 -1.86 -16.13
C ASP C 26 5.31 -0.94 -16.95
N ARG C 27 4.74 0.06 -16.28
CA ARG C 27 3.86 1.01 -16.95
C ARG C 27 4.65 1.91 -17.90
N LEU C 28 5.97 2.00 -17.68
CA LEU C 28 6.82 2.83 -18.52
C LEU C 28 6.79 2.33 -19.96
N PHE C 29 6.87 1.02 -20.14
CA PHE C 29 6.84 0.43 -21.48
C PHE C 29 5.53 0.76 -22.18
N PHE C 30 4.42 0.62 -21.46
CA PHE C 30 3.10 0.90 -22.02
C PHE C 30 2.29 1.78 -21.06
N LYS C 31 1.65 2.81 -21.61
CA LYS C 31 0.85 3.73 -20.80
C LYS C 31 -0.58 3.21 -20.67
N SER D 1 1.74 -4.20 24.36
CA SER D 1 0.36 -4.49 24.84
C SER D 1 -0.53 -4.86 23.67
N ASN D 2 -1.73 -5.35 23.97
CA ASN D 2 -2.67 -5.74 22.92
C ASN D 2 -3.07 -4.54 22.09
N ASP D 3 -3.28 -3.40 22.75
CA ASP D 3 -3.68 -2.18 22.06
C ASP D 3 -2.52 -1.66 21.20
N SER D 4 -1.31 -2.10 21.51
CA SER D 4 -0.14 -1.67 20.76
C SER D 4 -0.24 -2.11 19.30
N SER D 5 -0.68 -3.34 19.08
CA SER D 5 -0.83 -3.87 17.72
C SER D 5 -2.30 -3.87 17.32
N ASP D 6 -2.69 -2.85 16.58
CA ASP D 6 -4.08 -2.72 16.14
C ASP D 6 -4.37 -3.72 15.00
N PRO D 7 -5.60 -4.17 14.87
CA PRO D 7 -5.99 -5.15 13.81
C PRO D 7 -5.85 -4.54 12.41
N LEU D 8 -5.97 -3.22 12.32
CA LEU D 8 -5.87 -2.52 11.05
C LEU D 8 -4.45 -2.59 10.49
N VAL D 9 -3.46 -2.45 11.37
CA VAL D 9 -2.05 -2.47 10.94
C VAL D 9 -1.70 -3.82 10.33
N VAL D 10 -2.06 -4.90 11.02
CA VAL D 10 -1.79 -6.24 10.52
C VAL D 10 -2.64 -6.55 9.30
N ALA D 11 -3.92 -6.16 9.37
CA ALA D 11 -4.84 -6.41 8.26
C ALA D 11 -4.38 -5.66 7.01
N ALA D 12 -3.92 -4.43 7.19
CA ALA D 12 -3.45 -3.63 6.06
C ALA D 12 -2.26 -4.30 5.39
N ASN D 13 -1.34 -4.81 6.20
CA ASN D 13 -0.16 -5.48 5.66
C ASN D 13 -0.55 -6.74 4.89
N ILE D 14 -1.47 -7.50 5.45
CA ILE D 14 -1.92 -8.74 4.81
C ILE D 14 -2.62 -8.43 3.48
N ILE D 15 -3.48 -7.43 3.51
CA ILE D 15 -4.22 -7.03 2.31
C ILE D 15 -3.26 -6.51 1.23
N GLY D 16 -2.30 -5.69 1.63
CA GLY D 16 -1.34 -5.14 0.68
C GLY D 16 -0.52 -6.25 0.02
N ILE D 17 -0.06 -7.19 0.84
CA ILE D 17 0.73 -8.31 0.33
C ILE D 17 -0.12 -9.16 -0.61
N LEU D 18 -1.36 -9.41 -0.22
CA LEU D 18 -2.27 -10.21 -1.03
C LEU D 18 -2.48 -9.54 -2.39
N HIS D 19 -2.57 -8.22 -2.37
CA HIS D 19 -2.77 -7.48 -3.61
C HIS D 19 -1.64 -7.77 -4.58
N LEU D 20 -0.42 -7.81 -4.06
CA LEU D 20 0.74 -8.09 -4.90
C LEU D 20 0.63 -9.46 -5.57
N ILE D 21 0.14 -10.45 -4.84
CA ILE D 21 0.01 -11.78 -5.39
C ILE D 21 -0.95 -11.78 -6.58
N LEU D 22 -2.08 -11.10 -6.43
CA LEU D 22 -3.06 -11.04 -7.50
C LEU D 22 -2.59 -10.12 -8.63
N TRP D 23 -2.05 -8.97 -8.27
CA TRP D 23 -1.56 -8.01 -9.27
C TRP D 23 -0.37 -8.55 -10.05
N ILE D 24 0.60 -9.12 -9.34
CA ILE D 24 1.80 -9.66 -10.00
C ILE D 24 1.42 -10.82 -10.91
N LEU D 25 0.57 -11.72 -10.42
CA LEU D 25 0.14 -12.86 -11.21
C LEU D 25 -0.68 -12.42 -12.41
N ASP D 26 -1.56 -11.45 -12.20
CA ASP D 26 -2.41 -10.95 -13.28
C ASP D 26 -1.55 -10.32 -14.37
N ARG D 27 -0.55 -9.55 -13.96
CA ARG D 27 0.33 -8.89 -14.91
C ARG D 27 1.23 -9.91 -15.61
N LEU D 28 1.38 -11.09 -15.00
CA LEU D 28 2.23 -12.12 -15.57
C LEU D 28 1.68 -12.56 -16.94
N PHE D 29 0.36 -12.74 -17.01
CA PHE D 29 -0.27 -13.15 -18.26
C PHE D 29 -0.02 -12.12 -19.35
N PHE D 30 -0.21 -10.84 -19.00
CA PHE D 30 0.00 -9.75 -19.96
C PHE D 30 0.88 -8.65 -19.35
N LYS D 31 1.86 -8.19 -20.11
CA LYS D 31 2.77 -7.14 -19.64
C LYS D 31 2.18 -5.76 -19.94
O A2Y E . -0.26 0.90 9.62
S A2Y E . 1.00 2.05 11.92
C1 A2Y E . 2.18 2.28 12.76
N1 A2Y E . -0.63 0.44 8.43
C2 A2Y E . 3.31 1.83 12.21
N2 A2Y E . 0.79 0.75 5.41
C3 A2Y E . 3.01 1.29 11.02
C4 A2Y E . 1.46 0.52 8.45
C5 A2Y E . 0.30 -0.30 6.32
C9 A2Y E . 0.39 0.21 7.72
C10 A2Y E . 0.67 0.54 3.93
C11 A2Y E . 0.97 0.94 9.66
C12 A2Y E . 1.68 1.38 10.78
C61 A2Y E . 1.25 1.75 3.17
C62 A2Y E . -0.82 0.36 3.48
C63 A2Y E . 1.46 -0.71 3.45
C71 A2Y E . 1.13 1.56 1.63
C72 A2Y E . -0.91 0.18 1.96
C73 A2Y E . 1.34 -0.90 1.92
C81 A2Y E . -0.34 1.40 1.23
C82 A2Y E . -0.14 -1.08 1.54
C83 A2Y E . 1.91 0.32 1.20
H44 A2Y E . 2.50 0.43 8.12
H1 A2Y E . 2.12 2.76 13.75
H2 A2Y E . 4.32 1.89 12.65
H3 A2Y E . 3.76 0.85 10.36
H15 A2Y E . -0.76 -0.56 6.10
H25 A2Y E . 0.91 -1.23 6.24
H161 A2Y E . 2.29 1.88 3.41
H261 A2Y E . 0.71 2.65 3.45
H362 A2Y E . -1.38 1.26 3.77
H462 A2Y E . -1.25 -0.49 3.97
H563 A2Y E . 1.08 -1.61 3.94
H663 A2Y E . 2.51 -0.60 3.70
H171 A2Y E . 1.54 2.44 1.14
H272 A2Y E . -1.96 0.06 1.68
H373 A2Y E . 1.89 -1.78 1.63
H181 A2Y E . -0.90 2.29 1.52
H281 A2Y E . -0.42 1.26 0.16
H382 A2Y E . -0.54 -1.94 2.05
H482 A2Y E . -0.22 -1.22 0.47
H583 A2Y E . 2.95 0.43 1.44
H683 A2Y E . 1.81 0.18 0.12
H1N2 A2Y E . 0.28 1.63 5.65
H2N2 A2Y E . 1.81 0.90 5.62
N SER A 1 -9.34 7.64 22.79
CA SER A 1 -8.82 8.89 23.41
C SER A 1 -7.29 8.86 23.43
N ASN A 2 -6.73 7.73 23.02
CA ASN A 2 -5.28 7.58 23.00
C ASN A 2 -4.70 8.21 21.73
N ASP A 3 -3.58 8.91 21.89
CA ASP A 3 -2.94 9.56 20.76
C ASP A 3 -2.00 8.59 20.05
N SER A 4 -1.89 7.38 20.59
CA SER A 4 -1.04 6.35 20.00
C SER A 4 -1.50 6.03 18.58
N SER A 5 -2.82 5.89 18.41
CA SER A 5 -3.38 5.59 17.10
C SER A 5 -3.58 6.86 16.28
N ASP A 6 -2.51 7.28 15.60
CA ASP A 6 -2.56 8.49 14.79
C ASP A 6 -3.54 8.30 13.63
N PRO A 7 -4.15 9.37 13.16
CA PRO A 7 -5.13 9.30 12.03
C PRO A 7 -4.44 8.93 10.70
N LEU A 8 -3.12 9.10 10.66
CA LEU A 8 -2.37 8.77 9.46
C LEU A 8 -2.46 7.29 9.15
N VAL A 9 -2.38 6.46 10.18
CA VAL A 9 -2.46 5.01 9.99
C VAL A 9 -3.82 4.62 9.41
N VAL A 10 -4.88 5.18 9.99
CA VAL A 10 -6.23 4.89 9.52
C VAL A 10 -6.41 5.38 8.08
N ALA A 11 -5.95 6.59 7.82
CA ALA A 11 -6.06 7.18 6.49
C ALA A 11 -5.31 6.33 5.47
N ALA A 12 -4.18 5.76 5.90
CA ALA A 12 -3.39 4.92 5.01
C ALA A 12 -4.11 3.60 4.74
N ASN A 13 -4.71 3.03 5.81
CA ASN A 13 -5.41 1.76 5.69
C ASN A 13 -6.68 1.87 4.86
N ILE A 14 -7.50 2.89 5.14
CA ILE A 14 -8.75 3.07 4.41
C ILE A 14 -8.48 3.38 2.93
N ILE A 15 -7.49 4.23 2.68
CA ILE A 15 -7.14 4.58 1.31
C ILE A 15 -6.63 3.35 0.56
N GLY A 16 -5.78 2.56 1.20
CA GLY A 16 -5.23 1.37 0.57
C GLY A 16 -6.33 0.36 0.25
N ILE A 17 -7.22 0.14 1.22
CA ILE A 17 -8.32 -0.79 1.04
C ILE A 17 -9.26 -0.30 -0.06
N LEU A 18 -9.55 1.00 -0.05
CA LEU A 18 -10.43 1.59 -1.04
C LEU A 18 -9.84 1.41 -2.44
N HIS A 19 -8.53 1.61 -2.55
CA HIS A 19 -7.86 1.46 -3.83
C HIS A 19 -8.09 0.06 -4.38
N LEU A 20 -8.03 -0.93 -3.50
CA LEU A 20 -8.22 -2.31 -3.92
C LEU A 20 -9.59 -2.50 -4.56
N ILE A 21 -10.61 -1.88 -3.97
CA ILE A 21 -11.95 -2.04 -4.52
C ILE A 21 -11.99 -1.54 -5.97
N LEU A 22 -11.43 -0.36 -6.21
CA LEU A 22 -11.40 0.19 -7.56
C LEU A 22 -10.52 -0.65 -8.49
N TRP A 23 -9.36 -1.06 -8.00
CA TRP A 23 -8.43 -1.86 -8.81
C TRP A 23 -9.05 -3.22 -9.14
N ILE A 24 -9.71 -3.83 -8.15
CA ILE A 24 -10.36 -5.12 -8.37
C ILE A 24 -11.48 -4.98 -9.40
N LEU A 25 -12.26 -3.92 -9.27
CA LEU A 25 -13.36 -3.68 -10.19
C LEU A 25 -12.83 -3.44 -11.61
N ASP A 26 -11.71 -2.73 -11.71
CA ASP A 26 -11.13 -2.45 -13.02
C ASP A 26 -10.85 -3.75 -13.78
N ARG A 27 -10.35 -4.73 -13.05
CA ARG A 27 -10.04 -6.03 -13.65
C ARG A 27 -11.29 -6.66 -14.25
N LEU A 28 -12.45 -6.27 -13.73
CA LEU A 28 -13.71 -6.83 -14.21
C LEU A 28 -13.90 -6.52 -15.70
N PHE A 29 -13.62 -5.29 -16.08
CA PHE A 29 -13.76 -4.88 -17.48
C PHE A 29 -12.77 -5.66 -18.36
N PHE A 30 -11.52 -5.75 -17.90
CA PHE A 30 -10.49 -6.47 -18.65
C PHE A 30 -9.69 -7.38 -17.71
N LYS A 31 -9.31 -8.55 -18.22
CA LYS A 31 -8.54 -9.50 -17.41
C LYS A 31 -7.05 -9.16 -17.47
N SER B 1 8.31 15.89 18.57
CA SER B 1 9.60 15.60 19.25
C SER B 1 9.59 14.15 19.74
N ASN B 2 8.46 13.48 19.58
CA ASN B 2 8.34 12.08 20.00
C ASN B 2 8.92 11.16 18.94
N ASP B 3 9.66 10.14 19.40
CA ASP B 3 10.27 9.18 18.49
C ASP B 3 9.29 8.07 18.14
N SER B 4 8.11 8.13 18.74
CA SER B 4 7.08 7.13 18.49
C SER B 4 6.68 7.14 17.01
N SER B 5 6.52 8.33 16.45
CA SER B 5 6.14 8.48 15.04
C SER B 5 7.38 8.41 14.17
N ASP B 6 7.78 7.20 13.81
CA ASP B 6 8.96 7.02 12.97
C ASP B 6 8.71 7.59 11.58
N PRO B 7 9.74 8.04 10.89
CA PRO B 7 9.62 8.61 9.53
C PRO B 7 9.19 7.57 8.50
N LEU B 8 9.38 6.30 8.84
CA LEU B 8 9.04 5.21 7.95
C LEU B 8 7.53 5.20 7.68
N VAL B 9 6.75 5.42 8.73
CA VAL B 9 5.30 5.44 8.60
C VAL B 9 4.85 6.54 7.65
N VAL B 10 5.41 7.73 7.85
CA VAL B 10 5.07 8.88 7.01
C VAL B 10 5.50 8.63 5.56
N ALA B 11 6.72 8.09 5.40
CA ALA B 11 7.25 7.81 4.07
C ALA B 11 6.37 6.77 3.37
N ALA B 12 5.84 5.83 4.14
CA ALA B 12 4.99 4.81 3.57
C ALA B 12 3.63 5.40 3.17
N ASN B 13 3.10 6.28 4.02
CA ASN B 13 1.81 6.91 3.75
C ASN B 13 1.87 7.88 2.56
N ILE B 14 2.88 8.74 2.53
CA ILE B 14 3.01 9.71 1.46
C ILE B 14 3.25 9.01 0.12
N ILE B 15 4.11 8.00 0.13
CA ILE B 15 4.42 7.24 -1.08
C ILE B 15 3.17 6.53 -1.59
N GLY B 16 2.43 5.91 -0.67
CA GLY B 16 1.22 5.18 -1.05
C GLY B 16 0.18 6.13 -1.64
N ILE B 17 -0.02 7.27 -0.98
CA ILE B 17 -0.99 8.25 -1.45
C ILE B 17 -0.55 8.82 -2.80
N LEU B 18 0.74 9.11 -2.93
CA LEU B 18 1.27 9.65 -4.18
C LEU B 18 1.04 8.66 -5.32
N HIS B 19 1.25 7.38 -5.03
CA HIS B 19 1.07 6.35 -6.04
C HIS B 19 -0.35 6.39 -6.57
N LEU B 20 -1.31 6.60 -5.67
CA LEU B 20 -2.70 6.65 -6.07
C LEU B 20 -2.94 7.76 -7.08
N ILE B 21 -2.33 8.91 -6.87
CA ILE B 21 -2.54 10.02 -7.78
C ILE B 21 -2.10 9.62 -9.20
N LEU B 22 -0.91 9.02 -9.31
CA LEU B 22 -0.41 8.59 -10.61
C LEU B 22 -1.28 7.46 -11.19
N TRP B 23 -1.65 6.50 -10.34
CA TRP B 23 -2.47 5.36 -10.81
C TRP B 23 -3.85 5.85 -11.24
N ILE B 24 -4.42 6.77 -10.47
CA ILE B 24 -5.74 7.32 -10.82
C ILE B 24 -5.66 8.06 -12.15
N LEU B 25 -4.61 8.86 -12.32
CA LEU B 25 -4.42 9.63 -13.53
C LEU B 25 -4.24 8.70 -14.73
N ASP B 26 -3.51 7.60 -14.53
CA ASP B 26 -3.28 6.66 -15.61
C ASP B 26 -4.59 6.15 -16.18
N ARG B 27 -5.54 5.88 -15.29
CA ARG B 27 -6.85 5.39 -15.72
C ARG B 27 -7.54 6.41 -16.63
N LEU B 28 -7.15 7.68 -16.51
CA LEU B 28 -7.75 8.72 -17.32
C LEU B 28 -7.50 8.45 -18.81
N PHE B 29 -6.29 8.08 -19.15
CA PHE B 29 -5.95 7.78 -20.54
C PHE B 29 -6.73 6.58 -21.03
N PHE B 30 -6.78 5.53 -20.22
CA PHE B 30 -7.51 4.31 -20.59
C PHE B 30 -8.36 3.83 -19.41
N LYS B 31 -9.55 3.30 -19.72
CA LYS B 31 -10.44 2.80 -18.68
C LYS B 31 -10.08 1.38 -18.30
N SER C 1 17.13 -2.61 19.25
CA SER C 1 16.92 -3.67 20.28
C SER C 1 15.50 -3.56 20.83
N ASN C 2 14.77 -2.54 20.39
CA ASN C 2 13.41 -2.33 20.84
C ASN C 2 12.45 -3.22 20.05
N ASP C 3 11.48 -3.82 20.74
CA ASP C 3 10.51 -4.69 20.09
C ASP C 3 9.35 -3.86 19.54
N SER C 4 9.39 -2.56 19.78
CA SER C 4 8.33 -1.68 19.31
C SER C 4 8.26 -1.70 17.78
N SER C 5 9.42 -1.67 17.14
CA SER C 5 9.48 -1.70 15.68
C SER C 5 9.43 -3.13 15.18
N ASP C 6 8.21 -3.66 15.03
CA ASP C 6 8.04 -5.03 14.56
C ASP C 6 8.53 -5.16 13.11
N PRO C 7 8.99 -6.33 12.73
CA PRO C 7 9.50 -6.57 11.34
C PRO C 7 8.39 -6.49 10.30
N LEU C 8 7.15 -6.61 10.76
CA LEU C 8 6.00 -6.54 9.87
C LEU C 8 5.92 -5.19 9.18
N VAL C 9 6.17 -4.13 9.96
CA VAL C 9 6.11 -2.77 9.43
C VAL C 9 7.16 -2.58 8.33
N VAL C 10 8.38 -3.04 8.61
CA VAL C 10 9.47 -2.92 7.65
C VAL C 10 9.16 -3.75 6.40
N ALA C 11 8.68 -4.97 6.61
CA ALA C 11 8.35 -5.85 5.50
C ALA C 11 7.25 -5.23 4.64
N ALA C 12 6.33 -4.54 5.28
CA ALA C 12 5.24 -3.90 4.55
C ALA C 12 5.76 -2.70 3.76
N ASN C 13 6.65 -1.93 4.37
CA ASN C 13 7.22 -0.75 3.73
C ASN C 13 8.13 -1.11 2.55
N ILE C 14 9.04 -2.07 2.75
CA ILE C 14 9.97 -2.47 1.70
C ILE C 14 9.21 -3.09 0.53
N ILE C 15 8.23 -3.94 0.85
CA ILE C 15 7.44 -4.58 -0.19
C ILE C 15 6.65 -3.55 -0.99
N GLY C 16 6.04 -2.60 -0.28
CA GLY C 16 5.26 -1.57 -0.94
C GLY C 16 6.12 -0.71 -1.85
N ILE C 17 7.29 -0.31 -1.34
CA ILE C 17 8.21 0.52 -2.11
C ILE C 17 8.73 -0.27 -3.32
N LEU C 18 9.06 -1.54 -3.09
CA LEU C 18 9.56 -2.38 -4.17
C LEU C 18 8.52 -2.51 -5.27
N HIS C 19 7.27 -2.66 -4.87
CA HIS C 19 6.18 -2.79 -5.83
C HIS C 19 6.14 -1.57 -6.74
N LEU C 20 6.35 -0.41 -6.15
CA LEU C 20 6.32 0.82 -6.92
C LEU C 20 7.38 0.81 -8.02
N ILE C 21 8.56 0.30 -7.71
CA ILE C 21 9.61 0.26 -8.71
C ILE C 21 9.17 -0.56 -9.92
N LEU C 22 8.62 -1.75 -9.67
CA LEU C 22 8.15 -2.60 -10.76
C LEU C 22 6.96 -1.96 -11.49
N TRP C 23 6.02 -1.39 -10.73
CA TRP C 23 4.84 -0.76 -11.34
C TRP C 23 5.25 0.46 -12.16
N ILE C 24 6.18 1.25 -11.64
CA ILE C 24 6.66 2.43 -12.37
C ILE C 24 7.34 1.99 -13.66
N LEU C 25 8.17 0.96 -13.56
CA LEU C 25 8.89 0.46 -14.73
C LEU C 25 7.91 -0.07 -15.77
N ASP C 26 6.85 -0.74 -15.32
CA ASP C 26 5.87 -1.31 -16.24
C ASP C 26 5.28 -0.21 -17.12
N ARG C 27 5.02 0.94 -16.52
CA ARG C 27 4.47 2.07 -17.27
C ARG C 27 5.41 2.50 -18.38
N LEU C 28 6.69 2.19 -18.24
CA LEU C 28 7.67 2.56 -19.24
C LEU C 28 7.34 1.92 -20.58
N PHE C 29 7.00 0.63 -20.54
CA PHE C 29 6.66 -0.09 -21.77
C PHE C 29 5.40 0.50 -22.40
N PHE C 30 4.39 0.74 -21.57
CA PHE C 30 3.12 1.32 -22.05
C PHE C 30 2.66 2.44 -21.14
N LYS C 31 2.08 3.49 -21.73
CA LYS C 31 1.59 4.63 -20.96
C LYS C 31 0.20 4.35 -20.41
N SER D 1 -0.79 -10.75 23.52
CA SER D 1 -1.78 -10.25 24.50
C SER D 1 -1.68 -8.73 24.60
N ASN D 2 -0.70 -8.16 23.90
CA ASN D 2 -0.50 -6.72 23.91
C ASN D 2 -1.45 -6.04 22.93
N ASP D 3 -2.03 -4.91 23.36
CA ASP D 3 -2.96 -4.18 22.50
C ASP D 3 -2.20 -3.23 21.59
N SER D 4 -0.89 -3.19 21.75
CA SER D 4 -0.05 -2.31 20.92
C SER D 4 -0.17 -2.69 19.45
N SER D 5 -0.16 -3.99 19.17
CA SER D 5 -0.28 -4.48 17.81
C SER D 5 -1.74 -4.59 17.40
N ASP D 6 -2.30 -3.48 16.93
CA ASP D 6 -3.70 -3.45 16.53
C ASP D 6 -3.92 -4.36 15.30
N PRO D 7 -5.09 -4.91 15.14
CA PRO D 7 -5.41 -5.81 13.99
C PRO D 7 -5.41 -5.05 12.67
N LEU D 8 -5.54 -3.73 12.74
CA LEU D 8 -5.56 -2.90 11.55
C LEU D 8 -4.24 -3.02 10.80
N VAL D 9 -3.13 -3.02 11.53
CA VAL D 9 -1.81 -3.11 10.92
C VAL D 9 -1.67 -4.44 10.18
N VAL D 10 -2.08 -5.53 10.83
CA VAL D 10 -2.00 -6.85 10.22
C VAL D 10 -2.90 -6.92 9.00
N ALA D 11 -4.13 -6.41 9.13
CA ALA D 11 -5.08 -6.43 8.03
C ALA D 11 -4.54 -5.63 6.85
N ALA D 12 -3.83 -4.55 7.15
CA ALA D 12 -3.25 -3.72 6.09
C ALA D 12 -2.10 -4.45 5.41
N ASN D 13 -1.27 -5.12 6.20
CA ASN D 13 -0.12 -5.85 5.68
C ASN D 13 -0.53 -7.07 4.85
N ILE D 14 -1.46 -7.88 5.38
CA ILE D 14 -1.90 -9.08 4.67
C ILE D 14 -2.62 -8.70 3.38
N ILE D 15 -3.47 -7.68 3.44
CA ILE D 15 -4.19 -7.23 2.25
C ILE D 15 -3.22 -6.71 1.20
N GLY D 16 -2.24 -5.91 1.63
CA GLY D 16 -1.27 -5.35 0.70
C GLY D 16 -0.45 -6.45 0.04
N ILE D 17 0.00 -7.41 0.84
CA ILE D 17 0.80 -8.52 0.31
C ILE D 17 -0.05 -9.37 -0.63
N LEU D 18 -1.29 -9.63 -0.24
CA LEU D 18 -2.18 -10.43 -1.06
C LEU D 18 -2.40 -9.75 -2.40
N HIS D 19 -2.56 -8.43 -2.39
CA HIS D 19 -2.77 -7.69 -3.61
C HIS D 19 -1.62 -7.91 -4.57
N LEU D 20 -0.41 -7.93 -4.02
CA LEU D 20 0.77 -8.13 -4.84
C LEU D 20 0.70 -9.47 -5.58
N ILE D 21 0.25 -10.50 -4.91
CA ILE D 21 0.18 -11.81 -5.54
C ILE D 21 -0.73 -11.73 -6.77
N LEU D 22 -1.91 -11.15 -6.62
CA LEU D 22 -2.84 -11.01 -7.73
C LEU D 22 -2.27 -10.09 -8.83
N TRP D 23 -1.68 -8.97 -8.41
CA TRP D 23 -1.12 -8.01 -9.38
C TRP D 23 0.06 -8.64 -10.13
N ILE D 24 0.89 -9.38 -9.41
CA ILE D 24 2.04 -10.05 -10.05
C ILE D 24 1.55 -11.08 -11.05
N LEU D 25 0.53 -11.85 -10.64
CA LEU D 25 -0.01 -12.89 -11.51
C LEU D 25 -0.64 -12.26 -12.76
N ASP D 26 -1.30 -11.12 -12.59
CA ASP D 26 -1.94 -10.45 -13.71
C ASP D 26 -0.92 -10.15 -14.80
N ARG D 27 0.27 -9.72 -14.39
CA ARG D 27 1.33 -9.41 -15.33
C ARG D 27 1.72 -10.63 -16.15
N LEU D 28 1.44 -11.82 -15.61
CA LEU D 28 1.78 -13.05 -16.31
C LEU D 28 1.04 -13.13 -17.64
N PHE D 29 -0.25 -12.80 -17.63
CA PHE D 29 -1.05 -12.83 -18.83
C PHE D 29 -0.54 -11.81 -19.85
N PHE D 30 -0.26 -10.60 -19.38
CA PHE D 30 0.25 -9.53 -20.24
C PHE D 30 1.42 -8.82 -19.58
N LYS D 31 2.40 -8.44 -20.39
CA LYS D 31 3.58 -7.74 -19.87
C LYS D 31 3.30 -6.25 -19.74
O A2Y E . 3.14 2.68 8.70
S A2Y E . 2.33 2.89 11.43
C1 A2Y E . 1.77 2.32 12.67
N1 A2Y E . 3.28 2.45 7.40
C2 A2Y E . 1.29 1.09 12.49
N2 A2Y E . 1.19 0.72 5.29
C3 A2Y E . 1.46 0.75 11.21
C4 A2Y E . 2.05 0.95 8.18
C5 A2Y E . 2.60 0.89 5.68
C9 A2Y E . 2.64 1.42 7.07
C10 A2Y E . 0.86 0.50 3.87
C11 A2Y E . 2.40 1.80 9.18
C12 A2Y E . 2.06 1.77 10.52
C61 A2Y E . 1.30 1.70 2.97
C62 A2Y E . -0.67 0.34 3.69
C63 A2Y E . 1.53 -0.79 3.29
C71 A2Y E . 0.91 1.46 1.49
C72 A2Y E . -1.05 0.11 2.21
C73 A2Y E . 1.14 -1.00 1.81
C81 A2Y E . -0.61 1.30 1.37
C82 A2Y E . -0.38 -1.16 1.68
C83 A2Y E . 1.59 0.18 0.96
H44 A2Y E . 1.41 0.06 8.21
H1 A2Y E . 1.77 2.86 13.61
H2 A2Y E . 0.83 0.46 13.26
H3 A2Y E . 1.15 -0.22 10.80
H15 A2Y E . 3.14 -0.08 5.66
H25 A2Y E . 3.11 1.60 4.99
H161 A2Y E . 2.37 1.82 3.02
H261 A2Y E . 0.82 2.60 3.31
H362 A2Y E . -1.17 1.23 4.04
H462 A2Y E . -1.02 -0.51 4.27
H563 A2Y E . 1.21 -1.65 3.86
H663 A2Y E . 2.60 -0.70 3.35
H171 A2Y E . 1.24 2.31 0.90
H272 A2Y E . -2.13 0.00 2.13
H373 A2Y E . 1.62 -1.91 1.44
H181 A2Y E . -1.09 2.20 1.72
H281 A2Y E . -0.87 1.14 0.33
H382 A2Y E . -0.71 -2.01 2.27
H482 A2Y E . -0.65 -1.31 0.65
H583 A2Y E . 2.67 0.29 1.04
H683 A2Y E . 1.32 0.03 -0.07
H1N2 A2Y E . 0.82 -0.09 5.83
H2N2 A2Y E . 0.68 1.57 5.61
N SER A 1 -7.95 9.23 21.92
CA SER A 1 -7.48 10.37 21.07
C SER A 1 -6.43 9.88 20.09
N ASN A 2 -6.41 8.55 19.88
CA ASN A 2 -5.45 7.96 18.96
C ASN A 2 -4.03 8.33 19.35
N ASP A 3 -3.80 8.48 20.65
CA ASP A 3 -2.48 8.83 21.16
C ASP A 3 -1.48 7.72 20.88
N SER A 4 -1.93 6.47 21.00
CA SER A 4 -1.07 5.33 20.76
C SER A 4 -0.53 5.33 19.34
N SER A 5 -1.41 5.64 18.38
CA SER A 5 -1.02 5.69 16.97
C SER A 5 -1.69 6.87 16.29
N ASP A 6 -0.87 7.70 15.65
CA ASP A 6 -1.38 8.88 14.95
C ASP A 6 -2.46 8.48 13.95
N PRO A 7 -3.41 9.35 13.69
CA PRO A 7 -4.52 9.08 12.72
C PRO A 7 -4.03 9.02 11.26
N LEU A 8 -2.82 9.53 11.04
CA LEU A 8 -2.26 9.55 9.69
C LEU A 8 -2.13 8.14 9.13
N VAL A 9 -1.65 7.21 9.95
CA VAL A 9 -1.49 5.83 9.49
C VAL A 9 -2.85 5.22 9.18
N VAL A 10 -3.85 5.58 9.99
CA VAL A 10 -5.20 5.06 9.80
C VAL A 10 -5.75 5.48 8.45
N ALA A 11 -5.56 6.75 8.11
CA ALA A 11 -6.05 7.26 6.83
C ALA A 11 -5.43 6.49 5.68
N ALA A 12 -4.14 6.17 5.82
CA ALA A 12 -3.45 5.42 4.77
C ALA A 12 -4.06 4.03 4.61
N ASN A 13 -4.50 3.45 5.71
CA ASN A 13 -5.11 2.14 5.65
C ASN A 13 -6.43 2.19 4.87
N ILE A 14 -7.20 3.24 5.13
CA ILE A 14 -8.50 3.42 4.46
C ILE A 14 -8.32 3.65 2.96
N ILE A 15 -7.35 4.49 2.60
CA ILE A 15 -7.14 4.80 1.19
C ILE A 15 -6.66 3.56 0.44
N GLY A 16 -5.81 2.76 1.09
CA GLY A 16 -5.30 1.55 0.47
C GLY A 16 -6.40 0.53 0.21
N ILE A 17 -7.27 0.34 1.19
CA ILE A 17 -8.37 -0.61 1.04
C ILE A 17 -9.32 -0.16 -0.06
N LEU A 18 -9.64 1.13 -0.09
CA LEU A 18 -10.52 1.69 -1.10
C LEU A 18 -9.92 1.47 -2.48
N HIS A 19 -8.60 1.63 -2.58
CA HIS A 19 -7.91 1.44 -3.84
C HIS A 19 -8.13 0.04 -4.37
N LEU A 20 -8.09 -0.94 -3.47
CA LEU A 20 -8.27 -2.32 -3.86
C LEU A 20 -9.64 -2.52 -4.49
N ILE A 21 -10.65 -1.86 -3.95
CA ILE A 21 -11.99 -2.02 -4.50
C ILE A 21 -12.02 -1.53 -5.95
N LEU A 22 -11.39 -0.39 -6.21
CA LEU A 22 -11.35 0.15 -7.57
C LEU A 22 -10.51 -0.72 -8.50
N TRP A 23 -9.34 -1.16 -8.02
CA TRP A 23 -8.45 -2.00 -8.81
C TRP A 23 -9.06 -3.38 -9.05
N ILE A 24 -9.71 -3.94 -8.02
CA ILE A 24 -10.35 -5.25 -8.15
C ILE A 24 -11.49 -5.16 -9.16
N LEU A 25 -12.27 -4.08 -9.07
CA LEU A 25 -13.41 -3.89 -9.98
C LEU A 25 -12.93 -3.76 -11.42
N ASP A 26 -11.82 -3.06 -11.61
CA ASP A 26 -11.28 -2.87 -12.96
C ASP A 26 -10.95 -4.20 -13.60
N ARG A 27 -10.32 -5.09 -12.81
CA ARG A 27 -9.95 -6.40 -13.31
C ARG A 27 -11.12 -7.39 -13.20
N LEU A 28 -12.14 -7.00 -12.43
CA LEU A 28 -13.31 -7.86 -12.25
C LEU A 28 -14.00 -8.11 -13.59
N PHE A 29 -14.20 -7.04 -14.36
CA PHE A 29 -14.86 -7.16 -15.66
C PHE A 29 -14.03 -8.03 -16.61
N PHE A 30 -12.72 -7.78 -16.63
CA PHE A 30 -11.81 -8.55 -17.50
C PHE A 30 -10.96 -9.50 -16.68
N LYS A 31 -11.14 -10.80 -16.90
CA LYS A 31 -10.38 -11.81 -16.18
C LYS A 31 -9.06 -12.12 -16.90
N SER B 1 10.02 14.51 17.94
CA SER B 1 11.12 13.83 17.20
C SER B 1 10.61 12.51 16.62
N ASN B 2 9.29 12.40 16.50
CA ASN B 2 8.67 11.20 15.95
C ASN B 2 9.12 9.97 16.73
N ASP B 3 9.35 10.16 18.03
CA ASP B 3 9.79 9.05 18.89
C ASP B 3 8.69 7.99 18.99
N SER B 4 7.44 8.44 19.04
CA SER B 4 6.32 7.52 19.15
C SER B 4 6.27 6.57 17.96
N SER B 5 6.50 7.12 16.76
CA SER B 5 6.48 6.33 15.54
C SER B 5 7.61 6.77 14.61
N ASP B 6 8.43 5.82 14.20
CA ASP B 6 9.56 6.12 13.32
C ASP B 6 9.07 6.84 12.05
N PRO B 7 9.88 7.68 11.46
CA PRO B 7 9.52 8.44 10.22
C PRO B 7 9.41 7.52 9.00
N LEU B 8 9.96 6.32 9.12
CA LEU B 8 9.93 5.37 8.01
C LEU B 8 8.50 5.05 7.59
N VAL B 9 7.62 4.83 8.56
CA VAL B 9 6.23 4.52 8.26
C VAL B 9 5.55 5.70 7.60
N VAL B 10 5.92 6.90 8.04
CA VAL B 10 5.34 8.13 7.50
C VAL B 10 5.67 8.25 6.01
N ALA B 11 6.92 7.98 5.66
CA ALA B 11 7.36 8.07 4.27
C ALA B 11 6.55 7.11 3.41
N ALA B 12 6.28 5.92 3.95
CA ALA B 12 5.52 4.92 3.22
C ALA B 12 4.10 5.44 2.96
N ASN B 13 3.55 6.18 3.92
CA ASN B 13 2.20 6.71 3.74
C ASN B 13 2.18 7.72 2.60
N ILE B 14 3.21 8.57 2.55
CA ILE B 14 3.29 9.59 1.51
C ILE B 14 3.46 8.97 0.12
N ILE B 15 4.32 7.97 0.02
CA ILE B 15 4.58 7.33 -1.27
C ILE B 15 3.32 6.62 -1.77
N GLY B 16 2.58 6.00 -0.85
CA GLY B 16 1.36 5.29 -1.21
C GLY B 16 0.29 6.25 -1.73
N ILE B 17 0.11 7.38 -1.06
CA ILE B 17 -0.88 8.36 -1.46
C ILE B 17 -0.52 8.94 -2.83
N LEU B 18 0.75 9.25 -3.02
CA LEU B 18 1.22 9.80 -4.29
C LEU B 18 0.96 8.80 -5.41
N HIS B 19 1.16 7.53 -5.11
CA HIS B 19 0.94 6.48 -6.10
C HIS B 19 -0.50 6.51 -6.58
N LEU B 20 -1.42 6.71 -5.65
CA LEU B 20 -2.83 6.73 -6.00
C LEU B 20 -3.13 7.85 -7.00
N ILE B 21 -2.47 8.98 -6.83
CA ILE B 21 -2.70 10.09 -7.75
C ILE B 21 -2.30 9.68 -9.17
N LEU B 22 -1.15 9.03 -9.29
CA LEU B 22 -0.67 8.60 -10.60
C LEU B 22 -1.56 7.49 -11.18
N TRP B 23 -1.93 6.52 -10.35
CA TRP B 23 -2.77 5.41 -10.79
C TRP B 23 -4.18 5.89 -11.12
N ILE B 24 -4.71 6.80 -10.29
CA ILE B 24 -6.04 7.36 -10.54
C ILE B 24 -6.06 8.13 -11.85
N LEU B 25 -5.01 8.93 -12.06
CA LEU B 25 -4.90 9.73 -13.27
C LEU B 25 -4.83 8.85 -14.51
N ASP B 26 -4.09 7.74 -14.40
CA ASP B 26 -3.95 6.83 -15.53
C ASP B 26 -5.31 6.28 -15.95
N ARG B 27 -6.12 5.91 -14.97
CA ARG B 27 -7.45 5.38 -15.26
C ARG B 27 -8.46 6.51 -15.44
N LEU B 28 -8.08 7.72 -15.05
CA LEU B 28 -8.97 8.87 -15.17
C LEU B 28 -9.32 9.12 -16.64
N PHE B 29 -8.30 9.10 -17.50
CA PHE B 29 -8.51 9.32 -18.92
C PHE B 29 -9.39 8.23 -19.52
N PHE B 30 -9.11 6.98 -19.17
CA PHE B 30 -9.87 5.84 -19.67
C PHE B 30 -10.75 5.25 -18.57
N LYS B 31 -12.06 5.32 -18.77
CA LYS B 31 -13.00 4.79 -17.79
C LYS B 31 -13.30 3.33 -18.06
N SER C 1 15.19 -3.99 19.47
CA SER C 1 14.52 -5.28 19.13
C SER C 1 13.17 -5.00 18.46
N ASN C 2 13.02 -3.77 17.97
CA ASN C 2 11.78 -3.37 17.31
C ASN C 2 10.59 -3.59 18.24
N ASP C 3 10.82 -3.42 19.53
CA ASP C 3 9.77 -3.60 20.53
C ASP C 3 8.67 -2.55 20.35
N SER C 4 9.07 -1.33 20.01
CA SER C 4 8.12 -0.25 19.81
C SER C 4 7.14 -0.58 18.70
N SER C 5 7.66 -1.14 17.61
CA SER C 5 6.83 -1.50 16.46
C SER C 5 7.28 -2.85 15.90
N ASP C 6 6.34 -3.77 15.78
CA ASP C 6 6.65 -5.10 15.25
C ASP C 6 7.31 -4.98 13.88
N PRO C 7 8.17 -5.93 13.52
CA PRO C 7 8.86 -5.93 12.21
C PRO C 7 7.91 -6.21 11.04
N LEU C 8 6.73 -6.72 11.36
CA LEU C 8 5.74 -7.05 10.33
C LEU C 8 5.36 -5.81 9.52
N VAL C 9 5.13 -4.70 10.21
CA VAL C 9 4.77 -3.46 9.52
C VAL C 9 5.92 -2.99 8.63
N VAL C 10 7.14 -3.18 9.12
CA VAL C 10 8.32 -2.76 8.37
C VAL C 10 8.40 -3.51 7.05
N ALA C 11 8.18 -4.82 7.10
CA ALA C 11 8.24 -5.64 5.90
C ALA C 11 7.23 -5.15 4.87
N ALA C 12 6.05 -4.76 5.35
CA ALA C 12 5.00 -4.26 4.47
C ALA C 12 5.45 -2.97 3.78
N ASN C 13 6.21 -2.15 4.50
CA ASN C 13 6.69 -0.91 3.93
C ASN C 13 7.67 -1.21 2.79
N ILE C 14 8.54 -2.18 3.01
CA ILE C 14 9.53 -2.55 2.01
C ILE C 14 8.88 -3.14 0.76
N ILE C 15 7.90 -4.01 0.95
CA ILE C 15 7.23 -4.65 -0.19
C ILE C 15 6.46 -3.60 -1.01
N GLY C 16 5.85 -2.64 -0.32
CA GLY C 16 5.10 -1.60 -0.99
C GLY C 16 6.00 -0.71 -1.85
N ILE C 17 7.14 -0.32 -1.29
CA ILE C 17 8.08 0.53 -2.02
C ILE C 17 8.62 -0.19 -3.25
N LEU C 18 8.96 -1.47 -3.07
CA LEU C 18 9.49 -2.28 -4.16
C LEU C 18 8.44 -2.39 -5.27
N HIS C 19 7.19 -2.52 -4.86
CA HIS C 19 6.10 -2.62 -5.83
C HIS C 19 6.06 -1.39 -6.71
N LEU C 20 6.27 -0.23 -6.12
CA LEU C 20 6.24 1.02 -6.86
C LEU C 20 7.31 1.01 -7.95
N ILE C 21 8.47 0.47 -7.64
CA ILE C 21 9.54 0.44 -8.62
C ILE C 21 9.09 -0.37 -9.85
N LEU C 22 8.49 -1.52 -9.61
CA LEU C 22 8.01 -2.37 -10.70
C LEU C 22 6.87 -1.72 -11.47
N TRP C 23 5.92 -1.13 -10.73
CA TRP C 23 4.76 -0.49 -11.35
C TRP C 23 5.19 0.77 -12.10
N ILE C 24 6.11 1.54 -11.52
CA ILE C 24 6.60 2.75 -12.16
C ILE C 24 7.35 2.39 -13.46
N LEU C 25 8.16 1.35 -13.38
CA LEU C 25 8.93 0.90 -14.53
C LEU C 25 8.00 0.44 -15.66
N ASP C 26 6.93 -0.25 -15.29
CA ASP C 26 5.98 -0.75 -16.28
C ASP C 26 5.39 0.42 -17.07
N ARG C 27 5.02 1.48 -16.36
CA ARG C 27 4.44 2.66 -17.01
C ARG C 27 5.52 3.59 -17.53
N LEU C 28 6.77 3.37 -17.09
CA LEU C 28 7.87 4.21 -17.52
C LEU C 28 8.07 4.10 -19.04
N PHE C 29 8.06 2.88 -19.55
CA PHE C 29 8.23 2.66 -20.98
C PHE C 29 7.08 3.31 -21.77
N PHE C 30 5.85 3.11 -21.30
CA PHE C 30 4.67 3.67 -21.96
C PHE C 30 4.10 4.82 -21.14
N LYS C 31 4.12 6.02 -21.72
CA LYS C 31 3.59 7.20 -21.04
C LYS C 31 2.11 7.37 -21.33
N SER D 1 -2.65 -8.93 23.25
CA SER D 1 -3.96 -8.40 22.81
C SER D 1 -3.74 -7.31 21.77
N ASN D 2 -2.55 -7.29 21.18
CA ASN D 2 -2.21 -6.30 20.16
C ASN D 2 -2.41 -4.89 20.72
N ASP D 3 -2.16 -4.73 22.01
CA ASP D 3 -2.31 -3.43 22.67
C ASP D 3 -1.29 -2.43 22.12
N SER D 4 -0.08 -2.92 21.84
CA SER D 4 0.97 -2.06 21.33
C SER D 4 0.56 -1.45 19.99
N SER D 5 -0.04 -2.26 19.13
CA SER D 5 -0.48 -1.80 17.81
C SER D 5 -1.84 -2.41 17.48
N ASP D 6 -2.79 -1.54 17.15
CA ASP D 6 -4.14 -2.00 16.81
C ASP D 6 -4.10 -3.03 15.68
N PRO D 7 -5.03 -3.95 15.64
CA PRO D 7 -5.09 -5.01 14.58
C PRO D 7 -5.45 -4.43 13.21
N LEU D 8 -5.96 -3.22 13.20
CA LEU D 8 -6.36 -2.57 11.95
C LEU D 8 -5.17 -2.43 11.00
N VAL D 9 -4.03 -2.02 11.53
CA VAL D 9 -2.84 -1.86 10.69
C VAL D 9 -2.39 -3.22 10.15
N VAL D 10 -2.53 -4.25 10.99
CA VAL D 10 -2.13 -5.59 10.59
C VAL D 10 -2.95 -6.07 9.40
N ALA D 11 -4.26 -5.84 9.44
CA ALA D 11 -5.14 -6.25 8.36
C ALA D 11 -4.72 -5.57 7.06
N ALA D 12 -4.33 -4.30 7.16
CA ALA D 12 -3.90 -3.56 5.99
C ALA D 12 -2.64 -4.18 5.39
N ASN D 13 -1.77 -4.70 6.24
CA ASN D 13 -0.55 -5.33 5.77
C ASN D 13 -0.88 -6.59 4.97
N ILE D 14 -1.83 -7.37 5.49
CA ILE D 14 -2.24 -8.62 4.85
C ILE D 14 -2.89 -8.35 3.50
N ILE D 15 -3.78 -7.36 3.45
CA ILE D 15 -4.48 -7.05 2.21
C ILE D 15 -3.50 -6.56 1.14
N GLY D 16 -2.52 -5.77 1.57
CA GLY D 16 -1.52 -5.24 0.64
C GLY D 16 -0.67 -6.34 0.04
N ILE D 17 -0.23 -7.27 0.87
CA ILE D 17 0.61 -8.38 0.40
C ILE D 17 -0.18 -9.26 -0.57
N LEU D 18 -1.43 -9.54 -0.22
CA LEU D 18 -2.29 -10.37 -1.07
C LEU D 18 -2.47 -9.69 -2.42
N HIS D 19 -2.61 -8.37 -2.40
CA HIS D 19 -2.78 -7.61 -3.63
C HIS D 19 -1.60 -7.83 -4.55
N LEU D 20 -0.40 -7.85 -3.98
CA LEU D 20 0.80 -8.03 -4.78
C LEU D 20 0.76 -9.37 -5.50
N ILE D 21 0.27 -10.40 -4.84
CA ILE D 21 0.20 -11.70 -5.47
C ILE D 21 -0.69 -11.64 -6.72
N LEU D 22 -1.83 -10.98 -6.60
CA LEU D 22 -2.75 -10.86 -7.73
C LEU D 22 -2.16 -9.98 -8.84
N TRP D 23 -1.56 -8.86 -8.45
CA TRP D 23 -0.96 -7.94 -9.41
C TRP D 23 0.27 -8.56 -10.08
N ILE D 24 1.07 -9.26 -9.29
CA ILE D 24 2.26 -9.92 -9.83
C ILE D 24 1.84 -11.01 -10.83
N LEU D 25 0.83 -11.77 -10.46
CA LEU D 25 0.34 -12.85 -11.32
C LEU D 25 -0.20 -12.29 -12.64
N ASP D 26 -0.89 -11.16 -12.56
CA ASP D 26 -1.45 -10.55 -13.76
C ASP D 26 -0.34 -10.20 -14.74
N ARG D 27 0.75 -9.64 -14.24
CA ARG D 27 1.87 -9.27 -15.08
C ARG D 27 2.80 -10.45 -15.32
N LEU D 28 2.62 -11.51 -14.53
CA LEU D 28 3.47 -12.69 -14.66
C LEU D 28 3.28 -13.32 -16.04
N PHE D 29 2.03 -13.46 -16.47
CA PHE D 29 1.75 -14.04 -17.77
C PHE D 29 2.33 -13.18 -18.89
N PHE D 30 2.13 -11.87 -18.80
CA PHE D 30 2.62 -10.94 -19.80
C PHE D 30 3.80 -10.14 -19.25
N LYS D 31 4.97 -10.32 -19.86
CA LYS D 31 6.18 -9.62 -19.43
C LYS D 31 6.30 -8.28 -20.15
O A2Y E . 4.43 1.00 9.07
S A2Y E . 4.01 0.91 11.89
C1 A2Y E . 3.20 1.14 13.10
N1 A2Y E . 4.38 0.98 7.76
C2 A2Y E . 1.96 1.52 12.81
N2 A2Y E . 1.47 0.52 5.77
C3 A2Y E . 1.83 1.57 11.48
C4 A2Y E . 2.42 1.22 8.46
C5 A2Y E . 2.79 1.11 5.90
C9 A2Y E . 3.19 1.11 7.36
C10 A2Y E . 0.82 0.49 4.44
C11 A2Y E . 3.28 1.15 9.51
C12 A2Y E . 3.00 1.22 10.87
C61 A2Y E . 0.59 1.93 3.86
C62 A2Y E . -0.57 -0.20 4.52
C63 A2Y E . 1.66 -0.28 3.38
C71 A2Y E . -0.12 1.87 2.50
C72 A2Y E . -1.27 -0.24 3.15
C73 A2Y E . 0.94 -0.33 2.01
C81 A2Y E . -1.48 1.19 2.64
C82 A2Y E . -0.42 -1.02 2.15
C83 A2Y E . 0.72 1.09 1.48
H44 A2Y E . 1.34 1.35 8.46
H1 A2Y E . 3.60 1.02 14.12
H2 A2Y E . 1.18 1.75 13.54
H3 A2Y E . 0.89 1.86 10.98
H15 A2Y E . 3.56 0.53 5.34
H25 A2Y E . 2.80 2.16 5.54
H161 A2Y E . 1.54 2.43 3.73
H261 A2Y E . -0.01 2.50 4.56
H362 A2Y E . -1.19 0.34 5.22
H462 A2Y E . -0.44 -1.21 4.88
H563 A2Y E . 1.82 -1.29 3.73
H663 A2Y E . 2.62 0.20 3.25
H171 A2Y E . -0.27 2.88 2.13
H272 A2Y E . -2.23 -0.72 3.26
H373 A2Y E . 1.55 -0.88 1.31
H181 A2Y E . -2.09 1.74 3.35
H281 A2Y E . -1.99 1.16 1.69
H382 A2Y E . -0.27 -2.04 2.51
H482 A2Y E . -0.91 -1.05 1.19
H583 A2Y E . 1.68 1.58 1.35
H683 A2Y E . 0.21 1.06 0.53
H1N2 A2Y E . 1.53 -0.48 6.11
H2N2 A2Y E . 0.83 1.02 6.43
N SER A 1 -9.66 11.45 18.56
CA SER A 1 -8.25 11.57 18.10
C SER A 1 -7.32 11.52 19.30
N ASN A 2 -6.14 10.95 19.11
CA ASN A 2 -5.16 10.85 20.19
C ASN A 2 -3.74 10.85 19.63
N ASP A 3 -2.76 11.10 20.50
CA ASP A 3 -1.36 11.13 20.09
C ASP A 3 -0.81 9.71 19.99
N SER A 4 -1.62 8.73 20.38
CA SER A 4 -1.19 7.34 20.34
C SER A 4 -0.89 6.91 18.91
N SER A 5 -1.66 7.43 17.96
CA SER A 5 -1.46 7.10 16.55
C SER A 5 -1.97 8.24 15.68
N ASP A 6 -1.13 8.67 14.75
CA ASP A 6 -1.49 9.76 13.85
C ASP A 6 -2.63 9.34 12.91
N PRO A 7 -3.45 10.27 12.48
CA PRO A 7 -4.59 9.96 11.55
C PRO A 7 -4.11 9.50 10.17
N LEU A 8 -2.85 9.80 9.86
CA LEU A 8 -2.28 9.41 8.56
C LEU A 8 -2.28 7.89 8.42
N VAL A 9 -1.91 7.20 9.50
CA VAL A 9 -1.86 5.74 9.47
C VAL A 9 -3.25 5.17 9.21
N VAL A 10 -4.24 5.70 9.92
CA VAL A 10 -5.63 5.22 9.76
C VAL A 10 -6.11 5.47 8.33
N ALA A 11 -5.87 6.67 7.83
CA ALA A 11 -6.28 7.03 6.47
C ALA A 11 -5.54 6.17 5.45
N ALA A 12 -4.28 5.90 5.72
CA ALA A 12 -3.48 5.11 4.80
C ALA A 12 -4.12 3.75 4.55
N ASN A 13 -4.53 3.08 5.63
CA ASN A 13 -5.16 1.78 5.51
C ASN A 13 -6.48 1.89 4.76
N ILE A 14 -7.26 2.93 5.07
CA ILE A 14 -8.55 3.13 4.42
C ILE A 14 -8.35 3.40 2.93
N ILE A 15 -7.39 4.25 2.61
CA ILE A 15 -7.12 4.59 1.22
C ILE A 15 -6.67 3.35 0.45
N GLY A 16 -5.80 2.55 1.04
CA GLY A 16 -5.31 1.35 0.38
C GLY A 16 -6.44 0.38 0.08
N ILE A 17 -7.35 0.22 1.05
CA ILE A 17 -8.48 -0.68 0.87
C ILE A 17 -9.40 -0.17 -0.25
N LEU A 18 -9.63 1.13 -0.26
CA LEU A 18 -10.48 1.74 -1.28
C LEU A 18 -9.88 1.52 -2.67
N HIS A 19 -8.56 1.62 -2.76
CA HIS A 19 -7.88 1.42 -4.03
C HIS A 19 -8.19 0.03 -4.58
N LEU A 20 -8.19 -0.96 -3.70
CA LEU A 20 -8.48 -2.34 -4.11
C LEU A 20 -9.87 -2.44 -4.70
N ILE A 21 -10.82 -1.73 -4.13
CA ILE A 21 -12.18 -1.80 -4.64
C ILE A 21 -12.21 -1.36 -6.10
N LEU A 22 -11.53 -0.25 -6.40
CA LEU A 22 -11.50 0.26 -7.77
C LEU A 22 -10.63 -0.63 -8.66
N TRP A 23 -9.46 -1.02 -8.17
CA TRP A 23 -8.55 -1.86 -8.94
C TRP A 23 -9.16 -3.23 -9.19
N ILE A 24 -9.85 -3.76 -8.19
CA ILE A 24 -10.48 -5.08 -8.33
C ILE A 24 -11.57 -5.03 -9.40
N LEU A 25 -12.41 -3.99 -9.35
CA LEU A 25 -13.48 -3.84 -10.32
C LEU A 25 -12.92 -3.64 -11.71
N ASP A 26 -11.86 -2.86 -11.80
CA ASP A 26 -11.23 -2.59 -13.10
C ASP A 26 -10.76 -3.88 -13.75
N ARG A 27 -10.11 -4.73 -12.96
CA ARG A 27 -9.61 -6.00 -13.48
C ARG A 27 -10.74 -7.02 -13.59
N LEU A 28 -11.80 -6.79 -12.83
CA LEU A 28 -12.95 -7.70 -12.85
C LEU A 28 -13.56 -7.75 -14.24
N PHE A 29 -13.70 -6.59 -14.86
CA PHE A 29 -14.29 -6.51 -16.20
C PHE A 29 -13.20 -6.54 -17.27
N PHE A 30 -12.21 -7.39 -17.06
CA PHE A 30 -11.12 -7.53 -18.01
C PHE A 30 -11.65 -7.61 -19.44
N LYS A 31 -10.75 -7.62 -20.40
CA LYS A 31 -11.14 -7.70 -21.81
C LYS A 31 -12.35 -6.82 -22.08
N SER B 1 11.90 14.97 14.23
CA SER B 1 12.05 13.49 14.20
C SER B 1 12.09 12.96 15.62
N ASN B 2 11.57 11.75 15.83
CA ASN B 2 11.55 11.13 17.15
C ASN B 2 11.60 9.62 17.03
N ASP B 3 11.93 8.94 18.13
CA ASP B 3 11.99 7.49 18.15
C ASP B 3 10.59 6.89 18.29
N SER B 4 9.60 7.75 18.49
CA SER B 4 8.22 7.30 18.64
C SER B 4 7.75 6.56 17.39
N SER B 5 8.19 7.04 16.23
CA SER B 5 7.81 6.44 14.96
C SER B 5 8.89 6.68 13.91
N ASP B 6 9.32 5.63 13.25
CA ASP B 6 10.35 5.73 12.23
C ASP B 6 9.83 6.54 11.02
N PRO B 7 10.71 7.21 10.32
CA PRO B 7 10.32 8.02 9.12
C PRO B 7 9.82 7.14 7.97
N LEU B 8 10.15 5.86 8.01
CA LEU B 8 9.73 4.93 6.97
C LEU B 8 8.20 4.83 6.92
N VAL B 9 7.58 4.78 8.08
CA VAL B 9 6.13 4.69 8.16
C VAL B 9 5.49 5.93 7.54
N VAL B 10 6.00 7.10 7.89
CA VAL B 10 5.46 8.35 7.35
C VAL B 10 5.62 8.40 5.84
N ALA B 11 6.81 8.06 5.37
CA ALA B 11 7.08 8.06 3.93
C ALA B 11 6.21 7.04 3.22
N ALA B 12 6.02 5.89 3.86
CA ALA B 12 5.21 4.84 3.26
C ALA B 12 3.82 5.34 2.91
N ASN B 13 3.19 6.04 3.85
CA ASN B 13 1.85 6.57 3.63
C ASN B 13 1.87 7.62 2.52
N ILE B 14 2.89 8.48 2.54
CA ILE B 14 3.01 9.52 1.53
C ILE B 14 3.23 8.90 0.15
N ILE B 15 4.10 7.91 0.08
CA ILE B 15 4.39 7.24 -1.19
C ILE B 15 3.13 6.55 -1.73
N GLY B 16 2.40 5.88 -0.86
CA GLY B 16 1.20 5.18 -1.28
C GLY B 16 0.16 6.15 -1.85
N ILE B 17 0.01 7.29 -1.18
CA ILE B 17 -0.93 8.31 -1.63
C ILE B 17 -0.52 8.86 -3.00
N LEU B 18 0.77 9.11 -3.16
CA LEU B 18 1.29 9.64 -4.41
C LEU B 18 1.03 8.65 -5.55
N HIS B 19 1.19 7.36 -5.25
CA HIS B 19 0.96 6.33 -6.25
C HIS B 19 -0.46 6.44 -6.79
N LEU B 20 -1.42 6.67 -5.90
CA LEU B 20 -2.81 6.78 -6.30
C LEU B 20 -3.01 7.95 -7.26
N ILE B 21 -2.31 9.04 -7.04
CA ILE B 21 -2.47 10.18 -7.92
C ILE B 21 -2.08 9.78 -9.35
N LEU B 22 -0.96 9.09 -9.50
CA LEU B 22 -0.52 8.65 -10.82
C LEU B 22 -1.40 7.55 -11.38
N TRP B 23 -1.73 6.56 -10.53
CA TRP B 23 -2.55 5.44 -10.96
C TRP B 23 -3.97 5.93 -11.30
N ILE B 24 -4.49 6.86 -10.52
CA ILE B 24 -5.83 7.39 -10.76
C ILE B 24 -5.87 8.12 -12.11
N LEU B 25 -4.86 8.94 -12.36
CA LEU B 25 -4.81 9.70 -13.61
C LEU B 25 -4.63 8.75 -14.79
N ASP B 26 -3.82 7.73 -14.60
CA ASP B 26 -3.58 6.76 -15.67
C ASP B 26 -4.88 6.08 -16.09
N ARG B 27 -5.66 5.67 -15.10
CA ARG B 27 -6.94 5.01 -15.38
C ARG B 27 -8.00 6.03 -15.75
N LEU B 28 -7.79 7.28 -15.35
CA LEU B 28 -8.76 8.33 -15.65
C LEU B 28 -8.89 8.51 -17.17
N PHE B 29 -7.76 8.49 -17.87
CA PHE B 29 -7.76 8.66 -19.31
C PHE B 29 -7.79 7.31 -20.02
N PHE B 30 -8.59 6.40 -19.48
CA PHE B 30 -8.73 5.07 -20.05
C PHE B 30 -8.90 5.16 -21.56
N LYS B 31 -8.91 4.01 -22.23
CA LYS B 31 -9.07 3.97 -23.68
C LYS B 31 -8.25 5.07 -24.35
N SER C 1 15.84 -6.66 16.41
CA SER C 1 14.36 -6.83 16.50
C SER C 1 13.90 -6.43 17.90
N ASN C 2 12.70 -5.88 17.99
CA ASN C 2 12.14 -5.47 19.28
C ASN C 2 10.62 -5.54 19.26
N ASP C 3 10.02 -5.52 20.44
CA ASP C 3 8.56 -5.59 20.55
C ASP C 3 7.94 -4.23 20.29
N SER C 4 8.79 -3.22 20.12
CA SER C 4 8.30 -1.85 19.88
C SER C 4 7.51 -1.81 18.58
N SER C 5 7.94 -2.58 17.58
CA SER C 5 7.26 -2.61 16.30
C SER C 5 7.48 -3.96 15.62
N ASP C 6 6.40 -4.58 15.18
CA ASP C 6 6.48 -5.87 14.52
C ASP C 6 7.22 -5.74 13.18
N PRO C 7 7.87 -6.80 12.74
CA PRO C 7 8.62 -6.79 11.43
C PRO C 7 7.67 -6.67 10.24
N LEU C 8 6.40 -6.98 10.46
CA LEU C 8 5.41 -6.92 9.39
C LEU C 8 5.27 -5.48 8.87
N VAL C 9 5.26 -4.52 9.79
CA VAL C 9 5.15 -3.12 9.41
C VAL C 9 6.34 -2.70 8.56
N VAL C 10 7.54 -3.07 8.98
CA VAL C 10 8.75 -2.72 8.24
C VAL C 10 8.73 -3.34 6.85
N ALA C 11 8.39 -4.61 6.79
CA ALA C 11 8.34 -5.32 5.51
C ALA C 11 7.25 -4.73 4.62
N ALA C 12 6.14 -4.34 5.23
CA ALA C 12 5.03 -3.77 4.48
C ALA C 12 5.49 -2.56 3.68
N ASN C 13 6.21 -1.66 4.35
CA ASN C 13 6.70 -0.45 3.69
C ASN C 13 7.69 -0.81 2.59
N ILE C 14 8.57 -1.77 2.87
CA ILE C 14 9.57 -2.18 1.89
C ILE C 14 8.89 -2.81 0.68
N ILE C 15 7.91 -3.68 0.94
CA ILE C 15 7.19 -4.35 -0.14
C ILE C 15 6.45 -3.33 -1.01
N GLY C 16 5.80 -2.37 -0.36
CA GLY C 16 5.05 -1.35 -1.10
C GLY C 16 5.99 -0.55 -2.02
N ILE C 17 7.15 -0.18 -1.49
CA ILE C 17 8.11 0.59 -2.26
C ILE C 17 8.61 -0.22 -3.47
N LEU C 18 8.89 -1.50 -3.22
CA LEU C 18 9.37 -2.38 -4.29
C LEU C 18 8.32 -2.50 -5.39
N HIS C 19 7.05 -2.56 -4.99
CA HIS C 19 5.97 -2.66 -5.96
C HIS C 19 6.01 -1.47 -6.92
N LEU C 20 6.27 -0.28 -6.38
CA LEU C 20 6.33 0.92 -7.19
C LEU C 20 7.44 0.81 -8.23
N ILE C 21 8.55 0.23 -7.86
CA ILE C 21 9.65 0.11 -8.80
C ILE C 21 9.20 -0.69 -10.02
N LEU C 22 8.51 -1.81 -9.78
CA LEU C 22 8.03 -2.65 -10.88
C LEU C 22 6.87 -1.98 -11.62
N TRP C 23 5.93 -1.43 -10.87
CA TRP C 23 4.77 -0.77 -11.47
C TRP C 23 5.20 0.46 -12.26
N ILE C 24 6.16 1.21 -11.71
CA ILE C 24 6.64 2.40 -12.39
C ILE C 24 7.30 2.03 -13.72
N LEU C 25 8.14 1.01 -13.70
CA LEU C 25 8.83 0.58 -14.90
C LEU C 25 7.84 0.04 -15.92
N ASP C 26 6.84 -0.68 -15.44
CA ASP C 26 5.84 -1.24 -16.33
C ASP C 26 5.10 -0.14 -17.08
N ARG C 27 4.72 0.91 -16.37
CA ARG C 27 4.01 2.03 -16.99
C ARG C 27 4.99 2.93 -17.73
N LEU C 28 6.27 2.86 -17.35
CA LEU C 28 7.27 3.68 -17.99
C LEU C 28 7.38 3.35 -19.48
N PHE C 29 7.35 2.05 -19.78
CA PHE C 29 7.46 1.61 -21.17
C PHE C 29 6.07 1.41 -21.78
N PHE C 30 5.16 2.33 -21.47
CA PHE C 30 3.81 2.28 -21.99
C PHE C 30 3.82 1.98 -23.48
N LYS C 31 2.64 1.77 -24.05
CA LYS C 31 2.53 1.47 -25.48
C LYS C 31 3.62 0.50 -25.92
N SER D 1 -5.80 -10.30 20.72
CA SER D 1 -6.04 -8.86 20.37
C SER D 1 -5.63 -7.99 21.56
N ASN D 2 -5.11 -6.79 21.26
CA ASN D 2 -4.68 -5.87 22.30
C ASN D 2 -4.83 -4.43 21.82
N ASP D 3 -4.79 -3.49 22.76
CA ASP D 3 -4.91 -2.07 22.43
C ASP D 3 -3.59 -1.52 21.94
N SER D 4 -2.54 -2.35 21.99
CA SER D 4 -1.22 -1.93 21.56
C SER D 4 -1.23 -1.56 20.07
N SER D 5 -2.02 -2.29 19.29
CA SER D 5 -2.12 -2.04 17.86
C SER D 5 -3.47 -2.50 17.34
N ASP D 6 -4.15 -1.62 16.62
CA ASP D 6 -5.46 -1.94 16.07
C ASP D 6 -5.34 -3.04 15.00
N PRO D 7 -6.37 -3.83 14.82
CA PRO D 7 -6.39 -4.93 13.81
C PRO D 7 -6.34 -4.39 12.38
N LEU D 8 -6.69 -3.12 12.21
CA LEU D 8 -6.70 -2.50 10.88
C LEU D 8 -5.29 -2.50 10.30
N VAL D 9 -4.30 -2.18 11.14
CA VAL D 9 -2.92 -2.14 10.69
C VAL D 9 -2.47 -3.51 10.21
N VAL D 10 -2.78 -4.55 11.00
CA VAL D 10 -2.39 -5.91 10.66
C VAL D 10 -3.05 -6.33 9.34
N ALA D 11 -4.35 -6.06 9.23
CA ALA D 11 -5.09 -6.42 8.03
C ALA D 11 -4.57 -5.65 6.83
N ALA D 12 -4.22 -4.38 7.05
CA ALA D 12 -3.71 -3.55 5.97
C ALA D 12 -2.49 -4.19 5.31
N ASN D 13 -1.55 -4.64 6.12
CA ASN D 13 -0.35 -5.28 5.60
C ASN D 13 -0.70 -6.57 4.86
N ILE D 14 -1.61 -7.35 5.44
CA ILE D 14 -2.02 -8.61 4.83
C ILE D 14 -2.71 -8.36 3.50
N ILE D 15 -3.60 -7.37 3.48
CA ILE D 15 -4.33 -7.04 2.26
C ILE D 15 -3.37 -6.56 1.17
N GLY D 16 -2.42 -5.71 1.54
CA GLY D 16 -1.45 -5.21 0.57
C GLY D 16 -0.65 -6.33 -0.04
N ILE D 17 -0.21 -7.27 0.79
CA ILE D 17 0.57 -8.40 0.31
C ILE D 17 -0.25 -9.26 -0.64
N LEU D 18 -1.51 -9.50 -0.27
CA LEU D 18 -2.40 -10.30 -1.10
C LEU D 18 -2.60 -9.64 -2.47
N HIS D 19 -2.69 -8.32 -2.47
CA HIS D 19 -2.87 -7.58 -3.72
C HIS D 19 -1.70 -7.88 -4.66
N LEU D 20 -0.50 -7.93 -4.12
CA LEU D 20 0.70 -8.20 -4.93
C LEU D 20 0.60 -9.57 -5.58
N ILE D 21 0.07 -10.54 -4.86
CA ILE D 21 -0.03 -11.87 -5.42
C ILE D 21 -0.89 -11.84 -6.69
N LEU D 22 -2.03 -11.15 -6.62
CA LEU D 22 -2.91 -11.05 -7.78
C LEU D 22 -2.33 -10.15 -8.86
N TRP D 23 -1.78 -9.00 -8.45
CA TRP D 23 -1.20 -8.06 -9.40
C TRP D 23 0.03 -8.67 -10.07
N ILE D 24 0.83 -9.40 -9.30
CA ILE D 24 2.03 -10.03 -9.84
C ILE D 24 1.65 -11.08 -10.89
N LEU D 25 0.66 -11.90 -10.58
CA LEU D 25 0.22 -12.94 -11.50
C LEU D 25 -0.38 -12.32 -12.75
N ASP D 26 -1.14 -11.24 -12.57
CA ASP D 26 -1.77 -10.57 -13.69
C ASP D 26 -0.72 -10.07 -14.68
N ARG D 27 0.33 -9.46 -14.15
CA ARG D 27 1.40 -8.95 -15.00
C ARG D 27 2.33 -10.07 -15.45
N LEU D 28 2.32 -11.17 -14.71
CA LEU D 28 3.17 -12.30 -15.04
C LEU D 28 2.79 -12.86 -16.41
N PHE D 29 1.49 -12.98 -16.66
CA PHE D 29 1.01 -13.50 -17.93
C PHE D 29 0.74 -12.38 -18.92
N PHE D 30 1.63 -11.40 -18.93
CA PHE D 30 1.50 -10.26 -19.84
C PHE D 30 1.16 -10.74 -21.24
N LYS D 31 0.89 -9.80 -22.13
CA LYS D 31 0.55 -10.13 -23.51
C LYS D 31 -0.40 -11.33 -23.56
O A2Y E . 1.49 3.07 9.03
S A2Y E . 1.79 3.08 11.89
C1 A2Y E . 1.91 2.38 13.17
N1 A2Y E . 1.53 2.84 7.73
C2 A2Y E . 2.04 1.05 13.04
N2 A2Y E . 0.74 0.98 5.52
C3 A2Y E . 2.02 0.76 11.74
C4 A2Y E . 2.08 1.08 8.69
C5 A2Y E . 2.06 1.04 6.17
C9 A2Y E . 1.89 1.66 7.51
C10 A2Y E . 0.69 0.66 4.07
C11 A2Y E . 1.81 2.02 9.62
C12 A2Y E . 1.87 1.91 11.01
C61 A2Y E . 1.45 1.71 3.21
C62 A2Y E . -0.78 0.64 3.57
C63 A2Y E . 1.31 -0.74 3.75
C71 A2Y E . 1.37 1.39 1.72
C72 A2Y E . -0.85 0.31 2.07
C73 A2Y E . 1.22 -1.05 2.24
C81 A2Y E . -0.09 1.38 1.26
C82 A2Y E . -0.23 -1.06 1.79
C83 A2Y E . 2.00 0.01 1.46
H44 A2Y E . 2.40 0.04 8.83
H1 A2Y E . 1.89 2.90 14.14
H2 A2Y E . 2.14 0.34 13.86
H3 A2Y E . 2.11 -0.26 11.35
H15 A2Y E . 2.47 0.02 6.31
H25 A2Y E . 2.77 1.64 5.58
H161 A2Y E . 2.49 1.75 3.50
H261 A2Y E . 1.02 2.70 3.38
H362 A2Y E . -1.23 1.60 3.75
H462 A2Y E . -1.34 -0.11 4.12
H563 A2Y E . 0.77 -1.50 4.30
H663 A2Y E . 2.34 -0.77 4.05
H171 A2Y E . 1.91 2.13 1.16
H272 A2Y E . -1.89 0.30 1.76
H373 A2Y E . 1.66 -2.02 2.06
H181 A2Y E . -0.53 2.35 1.44
H281 A2Y E . -0.14 1.13 0.22
H382 A2Y E . -0.78 -1.82 2.34
H482 A2Y E . -0.29 -1.28 0.74
H583 A2Y E . 3.03 0.02 1.78
H683 A2Y E . 1.95 -0.22 0.40
H1N2 A2Y E . 0.17 0.26 6.04
H2N2 A2Y E . 0.28 1.91 5.66
N SER A 1 -1.80 11.83 22.65
CA SER A 1 -3.22 11.83 22.21
C SER A 1 -3.38 10.87 21.04
N ASN A 2 -3.92 9.68 21.33
CA ASN A 2 -4.13 8.67 20.29
C ASN A 2 -2.81 8.35 19.59
N ASP A 3 -1.75 8.24 20.38
CA ASP A 3 -0.43 7.92 19.82
C ASP A 3 -0.40 6.50 19.29
N SER A 4 -1.37 5.69 19.69
CA SER A 4 -1.43 4.30 19.26
C SER A 4 -1.53 4.22 17.73
N SER A 5 -2.37 5.09 17.16
CA SER A 5 -2.54 5.12 15.71
C SER A 5 -2.84 6.55 15.26
N ASP A 6 -1.92 7.13 14.49
CA ASP A 6 -2.10 8.49 14.02
C ASP A 6 -3.10 8.53 12.85
N PRO A 7 -3.78 9.65 12.64
CA PRO A 7 -4.76 9.76 11.52
C PRO A 7 -4.20 9.25 10.19
N LEU A 8 -2.92 9.53 9.95
CA LEU A 8 -2.27 9.10 8.71
C LEU A 8 -2.27 7.57 8.60
N VAL A 9 -1.98 6.91 9.72
CA VAL A 9 -1.94 5.45 9.73
C VAL A 9 -3.33 4.88 9.41
N VAL A 10 -4.35 5.42 10.07
CA VAL A 10 -5.71 4.96 9.86
C VAL A 10 -6.16 5.26 8.43
N ALA A 11 -5.89 6.48 7.99
CA ALA A 11 -6.28 6.89 6.64
C ALA A 11 -5.53 6.08 5.59
N ALA A 12 -4.25 5.82 5.85
CA ALA A 12 -3.43 5.06 4.91
C ALA A 12 -4.02 3.67 4.68
N ASN A 13 -4.41 3.01 5.77
CA ASN A 13 -4.99 1.67 5.66
C ASN A 13 -6.31 1.73 4.89
N ILE A 14 -7.12 2.74 5.19
CA ILE A 14 -8.40 2.91 4.51
C ILE A 14 -8.20 3.19 3.02
N ILE A 15 -7.24 4.05 2.72
CA ILE A 15 -6.95 4.41 1.33
C ILE A 15 -6.51 3.18 0.54
N GLY A 16 -5.65 2.36 1.13
CA GLY A 16 -5.17 1.16 0.44
C GLY A 16 -6.33 0.21 0.15
N ILE A 17 -7.21 0.05 1.12
CA ILE A 17 -8.36 -0.85 0.96
C ILE A 17 -9.29 -0.33 -0.15
N LEU A 18 -9.52 0.98 -0.14
CA LEU A 18 -10.38 1.61 -1.14
C LEU A 18 -9.78 1.43 -2.53
N HIS A 19 -8.45 1.52 -2.62
CA HIS A 19 -7.77 1.35 -3.90
C HIS A 19 -8.09 -0.03 -4.48
N LEU A 20 -8.09 -1.04 -3.62
CA LEU A 20 -8.38 -2.40 -4.06
C LEU A 20 -9.78 -2.51 -4.66
N ILE A 21 -10.74 -1.83 -4.05
CA ILE A 21 -12.11 -1.89 -4.55
C ILE A 21 -12.18 -1.33 -5.97
N LEU A 22 -11.54 -0.20 -6.18
CA LEU A 22 -11.55 0.43 -7.51
C LEU A 22 -10.68 -0.34 -8.49
N TRP A 23 -9.49 -0.74 -8.05
CA TRP A 23 -8.56 -1.48 -8.91
C TRP A 23 -9.11 -2.85 -9.27
N ILE A 24 -9.59 -3.58 -8.28
CA ILE A 24 -10.13 -4.92 -8.52
C ILE A 24 -11.37 -4.82 -9.40
N LEU A 25 -12.21 -3.82 -9.14
CA LEU A 25 -13.43 -3.63 -9.91
C LEU A 25 -13.11 -3.37 -11.38
N ASP A 26 -12.08 -2.57 -11.62
CA ASP A 26 -11.69 -2.24 -12.99
C ASP A 26 -11.33 -3.50 -13.76
N ARG A 27 -10.58 -4.39 -13.11
CA ARG A 27 -10.19 -5.64 -13.76
C ARG A 27 -11.39 -6.56 -13.94
N LEU A 28 -12.45 -6.30 -13.18
CA LEU A 28 -13.66 -7.13 -13.27
C LEU A 28 -14.24 -7.06 -14.68
N PHE A 29 -14.31 -5.85 -15.23
CA PHE A 29 -14.85 -5.65 -16.58
C PHE A 29 -13.74 -5.70 -17.62
N PHE A 30 -12.81 -6.62 -17.43
CA PHE A 30 -11.70 -6.77 -18.35
C PHE A 30 -12.19 -6.75 -19.79
N LYS A 31 -11.48 -6.04 -20.65
CA LYS A 31 -11.86 -5.94 -22.06
C LYS A 31 -10.66 -5.58 -22.91
N SER B 1 12.93 8.80 20.27
CA SER B 1 12.86 10.02 19.41
C SER B 1 11.83 9.80 18.31
N ASN B 2 10.64 10.39 18.49
CA ASN B 2 9.59 10.25 17.50
C ASN B 2 9.26 8.78 17.26
N ASP B 3 9.22 8.00 18.33
CA ASP B 3 8.93 6.57 18.23
C ASP B 3 7.48 6.35 17.81
N SER B 4 6.66 7.39 17.96
CA SER B 4 5.24 7.30 17.61
C SER B 4 5.08 6.93 16.14
N SER B 5 5.89 7.55 15.28
CA SER B 5 5.84 7.29 13.85
C SER B 5 7.24 7.45 13.25
N ASP B 6 7.80 6.35 12.76
CA ASP B 6 9.13 6.39 12.16
C ASP B 6 9.07 6.99 10.76
N PRO B 7 10.14 7.60 10.27
CA PRO B 7 10.17 8.19 8.91
C PRO B 7 9.61 7.23 7.85
N LEU B 8 9.92 5.95 7.98
CA LEU B 8 9.44 4.96 7.03
C LEU B 8 7.91 4.90 7.02
N VAL B 9 7.33 4.95 8.21
CA VAL B 9 5.87 4.89 8.32
C VAL B 9 5.24 6.10 7.64
N VAL B 10 5.77 7.29 7.93
CA VAL B 10 5.26 8.51 7.34
C VAL B 10 5.46 8.51 5.82
N ALA B 11 6.67 8.13 5.41
CA ALA B 11 6.99 8.10 3.98
C ALA B 11 6.15 7.05 3.26
N ALA B 12 5.95 5.91 3.91
CA ALA B 12 5.16 4.84 3.31
C ALA B 12 3.75 5.30 3.00
N ASN B 13 3.13 5.99 3.96
CA ASN B 13 1.77 6.49 3.77
C ASN B 13 1.74 7.51 2.63
N ILE B 14 2.75 8.39 2.60
CA ILE B 14 2.83 9.40 1.56
C ILE B 14 3.04 8.76 0.19
N ILE B 15 3.91 7.77 0.14
CA ILE B 15 4.21 7.08 -1.11
C ILE B 15 2.95 6.40 -1.66
N GLY B 16 2.20 5.74 -0.79
CA GLY B 16 0.98 5.06 -1.22
C GLY B 16 -0.02 6.05 -1.79
N ILE B 17 -0.17 7.19 -1.13
CA ILE B 17 -1.11 8.22 -1.58
C ILE B 17 -0.68 8.78 -2.94
N LEU B 18 0.62 9.02 -3.08
CA LEU B 18 1.16 9.54 -4.34
C LEU B 18 0.92 8.55 -5.46
N HIS B 19 1.05 7.26 -5.15
CA HIS B 19 0.84 6.22 -6.15
C HIS B 19 -0.57 6.33 -6.71
N LEU B 20 -1.54 6.57 -5.83
CA LEU B 20 -2.93 6.69 -6.25
C LEU B 20 -3.11 7.83 -7.24
N ILE B 21 -2.44 8.94 -7.00
CA ILE B 21 -2.58 10.09 -7.88
C ILE B 21 -2.09 9.74 -9.29
N LEU B 22 -0.95 9.07 -9.38
CA LEU B 22 -0.40 8.70 -10.66
C LEU B 22 -1.19 7.54 -11.30
N TRP B 23 -1.52 6.54 -10.49
CA TRP B 23 -2.28 5.39 -10.98
C TRP B 23 -3.69 5.78 -11.41
N ILE B 24 -4.37 6.54 -10.56
CA ILE B 24 -5.73 6.95 -10.88
C ILE B 24 -5.74 7.87 -12.10
N LEU B 25 -4.75 8.75 -12.16
CA LEU B 25 -4.64 9.68 -13.28
C LEU B 25 -4.44 8.93 -14.59
N ASP B 26 -3.62 7.89 -14.56
CA ASP B 26 -3.35 7.12 -15.76
C ASP B 26 -4.65 6.52 -16.31
N ARG B 27 -5.47 5.98 -15.41
CA ARG B 27 -6.75 5.39 -15.82
C ARG B 27 -7.71 6.46 -16.31
N LEU B 28 -7.45 7.72 -15.93
CA LEU B 28 -8.33 8.82 -16.32
C LEU B 28 -8.35 8.95 -17.85
N PHE B 29 -7.17 8.86 -18.47
CA PHE B 29 -7.07 8.97 -19.92
C PHE B 29 -7.13 7.60 -20.58
N PHE B 30 -8.01 6.75 -20.05
CA PHE B 30 -8.17 5.41 -20.58
C PHE B 30 -8.25 5.44 -22.11
N LYS B 31 -7.56 4.51 -22.75
CA LYS B 31 -7.55 4.45 -24.21
C LYS B 31 -7.20 3.04 -24.68
N SER C 1 10.19 -5.84 22.72
CA SER C 1 11.35 -6.02 21.82
C SER C 1 11.05 -5.38 20.46
N ASN C 2 11.60 -4.20 20.24
CA ASN C 2 11.38 -3.49 18.98
C ASN C 2 9.89 -3.28 18.74
N ASP C 3 9.17 -2.93 19.79
CA ASP C 3 7.73 -2.70 19.68
C ASP C 3 7.45 -1.45 18.85
N SER C 4 8.47 -0.61 18.68
CA SER C 4 8.31 0.62 17.91
C SER C 4 7.86 0.31 16.49
N SER C 5 8.47 -0.70 15.89
CA SER C 5 8.12 -1.11 14.52
C SER C 5 8.29 -2.62 14.37
N ASP C 6 7.20 -3.32 14.16
CA ASP C 6 7.24 -4.78 14.00
C ASP C 6 7.77 -5.15 12.61
N PRO C 7 8.38 -6.31 12.44
CA PRO C 7 8.89 -6.75 11.12
C PRO C 7 7.87 -6.56 9.99
N LEU C 8 6.61 -6.82 10.30
CA LEU C 8 5.55 -6.69 9.31
C LEU C 8 5.44 -5.23 8.84
N VAL C 9 5.53 -4.30 9.78
CA VAL C 9 5.44 -2.89 9.44
C VAL C 9 6.59 -2.48 8.52
N VAL C 10 7.80 -2.89 8.89
CA VAL C 10 8.98 -2.56 8.09
C VAL C 10 8.91 -3.23 6.73
N ALA C 11 8.56 -4.51 6.72
CA ALA C 11 8.44 -5.26 5.46
C ALA C 11 7.34 -4.69 4.59
N ALA C 12 6.22 -4.32 5.21
CA ALA C 12 5.10 -3.77 4.46
C ALA C 12 5.51 -2.52 3.70
N ASN C 13 6.22 -1.63 4.38
CA ASN C 13 6.67 -0.39 3.75
C ASN C 13 7.63 -0.70 2.60
N ILE C 14 8.53 -1.64 2.83
CA ILE C 14 9.49 -2.03 1.81
C ILE C 14 8.79 -2.66 0.61
N ILE C 15 7.82 -3.53 0.90
CA ILE C 15 7.08 -4.21 -0.17
C ILE C 15 6.34 -3.19 -1.04
N GLY C 16 5.70 -2.22 -0.40
CA GLY C 16 4.96 -1.20 -1.14
C GLY C 16 5.88 -0.40 -2.06
N ILE C 17 7.05 -0.05 -1.55
CA ILE C 17 8.03 0.72 -2.32
C ILE C 17 8.52 -0.10 -3.51
N LEU C 18 8.80 -1.38 -3.26
CA LEU C 18 9.27 -2.28 -4.32
C LEU C 18 8.21 -2.41 -5.40
N HIS C 19 6.95 -2.46 -4.99
CA HIS C 19 5.85 -2.58 -5.94
C HIS C 19 5.88 -1.41 -6.92
N LEU C 20 6.15 -0.22 -6.40
CA LEU C 20 6.19 0.97 -7.23
C LEU C 20 7.28 0.85 -8.29
N ILE C 21 8.42 0.31 -7.92
CA ILE C 21 9.52 0.17 -8.87
C ILE C 21 9.11 -0.72 -10.03
N LEU C 22 8.48 -1.85 -9.72
CA LEU C 22 8.05 -2.77 -10.75
C LEU C 22 6.85 -2.23 -11.53
N TRP C 23 5.88 -1.68 -10.81
CA TRP C 23 4.67 -1.13 -11.43
C TRP C 23 5.00 0.08 -12.30
N ILE C 24 5.78 1.01 -11.76
CA ILE C 24 6.14 2.22 -12.50
C ILE C 24 6.99 1.85 -13.71
N LEU C 25 7.89 0.90 -13.52
CA LEU C 25 8.77 0.46 -14.60
C LEU C 25 7.96 -0.14 -15.74
N ASP C 26 6.95 -0.92 -15.40
CA ASP C 26 6.11 -1.57 -16.41
C ASP C 26 5.45 -0.52 -17.29
N ARG C 27 4.94 0.54 -16.67
CA ARG C 27 4.29 1.61 -17.41
C ARG C 27 5.30 2.40 -18.23
N LEU C 28 6.58 2.29 -17.86
CA LEU C 28 7.63 3.01 -18.58
C LEU C 28 7.68 2.56 -20.04
N PHE C 29 7.60 1.24 -20.26
CA PHE C 29 7.63 0.70 -21.62
C PHE C 29 6.23 0.54 -22.17
N PHE C 30 5.39 1.53 -21.90
CA PHE C 30 4.01 1.49 -22.37
C PHE C 30 3.96 1.10 -23.84
N LYS C 31 3.02 0.22 -24.19
CA LYS C 31 2.87 -0.23 -25.57
C LYS C 31 1.46 -0.73 -25.82
N SER D 1 -4.51 -3.05 25.06
CA SER D 1 -4.70 -4.44 24.56
C SER D 1 -4.13 -4.54 23.14
N ASN D 2 -2.94 -5.10 23.03
CA ASN D 2 -2.30 -5.26 21.72
C ASN D 2 -2.16 -3.91 21.04
N ASP D 3 -1.78 -2.90 21.80
CA ASP D 3 -1.61 -1.56 21.25
C ASP D 3 -0.41 -1.50 20.32
N SER D 4 0.46 -2.51 20.41
CA SER D 4 1.64 -2.57 19.57
C SER D 4 1.26 -2.57 18.09
N SER D 5 0.23 -3.35 17.75
CA SER D 5 -0.25 -3.45 16.38
C SER D 5 -1.75 -3.68 16.36
N ASP D 6 -2.51 -2.72 15.86
CA ASP D 6 -3.96 -2.84 15.81
C ASP D 6 -4.38 -3.77 14.67
N PRO D 7 -5.53 -4.42 14.76
CA PRO D 7 -6.01 -5.33 13.67
C PRO D 7 -5.91 -4.68 12.29
N LEU D 8 -6.21 -3.39 12.21
CA LEU D 8 -6.15 -2.68 10.94
C LEU D 8 -4.73 -2.69 10.38
N VAL D 9 -3.75 -2.47 11.25
CA VAL D 9 -2.35 -2.46 10.82
C VAL D 9 -1.96 -3.83 10.28
N VAL D 10 -2.30 -4.88 11.01
CA VAL D 10 -1.96 -6.24 10.58
C VAL D 10 -2.70 -6.59 9.29
N ALA D 11 -3.99 -6.28 9.25
CA ALA D 11 -4.79 -6.57 8.08
C ALA D 11 -4.31 -5.77 6.87
N ALA D 12 -3.95 -4.51 7.11
CA ALA D 12 -3.49 -3.65 6.03
C ALA D 12 -2.26 -4.24 5.37
N ASN D 13 -1.31 -4.71 6.17
CA ASN D 13 -0.08 -5.29 5.63
C ASN D 13 -0.41 -6.56 4.85
N ILE D 14 -1.31 -7.36 5.39
CA ILE D 14 -1.71 -8.61 4.72
C ILE D 14 -2.42 -8.31 3.41
N ILE D 15 -3.31 -7.31 3.44
CA ILE D 15 -4.06 -6.94 2.24
C ILE D 15 -3.12 -6.47 1.14
N GLY D 16 -2.14 -5.65 1.50
CA GLY D 16 -1.18 -5.15 0.51
C GLY D 16 -0.40 -6.29 -0.13
N ILE D 17 0.02 -7.25 0.70
CA ILE D 17 0.78 -8.40 0.21
C ILE D 17 -0.07 -9.24 -0.74
N LEU D 18 -1.33 -9.46 -0.34
CA LEU D 18 -2.25 -10.24 -1.15
C LEU D 18 -2.48 -9.56 -2.51
N HIS D 19 -2.54 -8.23 -2.48
CA HIS D 19 -2.75 -7.47 -3.71
C HIS D 19 -1.63 -7.77 -4.70
N LEU D 20 -0.41 -7.84 -4.19
CA LEU D 20 0.74 -8.12 -5.04
C LEU D 20 0.62 -9.47 -5.72
N ILE D 21 0.13 -10.47 -4.99
CA ILE D 21 -0.01 -11.80 -5.56
C ILE D 21 -0.98 -11.78 -6.74
N LEU D 22 -2.10 -11.10 -6.57
CA LEU D 22 -3.09 -11.02 -7.63
C LEU D 22 -2.63 -10.10 -8.76
N TRP D 23 -2.07 -8.94 -8.39
CA TRP D 23 -1.61 -7.98 -9.38
C TRP D 23 -0.43 -8.52 -10.17
N ILE D 24 0.55 -9.09 -9.48
CA ILE D 24 1.73 -9.62 -10.14
C ILE D 24 1.35 -10.81 -11.02
N LEU D 25 0.43 -11.64 -10.51
CA LEU D 25 -0.02 -12.80 -11.25
C LEU D 25 -0.71 -12.39 -12.56
N ASP D 26 -1.51 -11.34 -12.49
CA ASP D 26 -2.23 -10.85 -13.67
C ASP D 26 -1.24 -10.47 -14.76
N ARG D 27 -0.17 -9.77 -14.38
CA ARG D 27 0.84 -9.36 -15.35
C ARG D 27 1.62 -10.55 -15.87
N LEU D 28 1.57 -11.66 -15.12
CA LEU D 28 2.29 -12.86 -15.53
C LEU D 28 1.78 -13.37 -16.88
N PHE D 29 0.46 -13.38 -17.05
CA PHE D 29 -0.15 -13.83 -18.29
C PHE D 29 -0.39 -12.66 -19.23
N PHE D 30 0.57 -11.75 -19.28
CA PHE D 30 0.48 -10.58 -20.15
C PHE D 30 0.01 -10.99 -21.54
N LYS D 31 -0.91 -10.22 -22.10
CA LYS D 31 -1.43 -10.50 -23.43
C LYS D 31 -2.00 -9.24 -24.07
O A2Y E . 2.25 -0.88 9.22
S A2Y E . 2.32 0.24 11.85
C1 A2Y E . 2.09 1.34 12.80
N1 A2Y E . 2.30 -1.16 7.94
C2 A2Y E . 1.73 2.47 12.20
N2 A2Y E . 1.04 0.61 5.30
C3 A2Y E . 1.70 2.26 10.88
C4 A2Y E . 2.10 0.91 8.12
C5 A2Y E . 2.25 -0.07 5.76
C9 A2Y E . 2.22 -0.10 7.26
C10 A2Y E . 0.63 0.47 3.87
C11 A2Y E . 2.12 0.35 9.35
C12 A2Y E . 2.04 0.96 10.60
C61 A2Y E . 0.36 -1.02 3.49
C62 A2Y E . 1.72 1.03 2.89
C63 A2Y E . -0.67 1.25 3.60
C71 A2Y E . -0.08 -1.15 2.01
C72 A2Y E . 1.26 0.88 1.42
C73 A2Y E . -1.12 1.12 2.12
C81 A2Y E . 1.03 -0.60 1.09
C82 A2Y E . -0.03 1.66 1.18
C83 A2Y E . -1.37 -0.36 1.79
H44 A2Y E . 2.01 1.97 7.83
H1 A2Y E . 2.19 1.23 13.88
H2 A2Y E . 1.50 3.43 12.70
H3 A2Y E . 1.43 3.04 10.15
H15 A2Y E . 2.30 -1.12 5.39
H25 A2Y E . 3.16 0.47 5.43
H161 A2Y E . -0.42 -1.41 4.11
H261 A2Y E . 1.25 -1.61 3.63
H362 A2Y E . 2.65 0.49 3.03
H462 A2Y E . 1.88 2.07 3.10
H563 A2Y E . -0.51 2.30 3.82
H663 A2Y E . -1.46 0.88 4.23
H171 A2Y E . -0.25 -2.18 1.78
H272 A2Y E . 2.03 1.26 0.77
H373 A2Y E . -2.03 1.68 1.97
H181 A2Y E . 1.94 -1.16 1.26
H281 A2Y E . 0.72 -0.71 0.07
H382 A2Y E . 0.13 2.71 1.40
H482 A2Y E . -0.34 1.55 0.16
H583 A2Y E . -2.16 -0.74 2.41
H683 A2Y E . -1.67 -0.44 0.75
H1N2 A2Y E . 0.24 0.27 5.89
H2N2 A2Y E . 1.16 1.64 5.49
N SER A 1 -6.30 7.44 16.55
CA SER A 1 -6.85 8.22 17.70
C SER A 1 -5.70 8.57 18.65
N ASN A 2 -4.84 7.59 18.91
CA ASN A 2 -3.71 7.80 19.82
C ASN A 2 -2.51 8.33 19.05
N ASP A 3 -1.46 8.68 19.77
CA ASP A 3 -0.25 9.21 19.15
C ASP A 3 0.38 8.17 18.23
N SER A 4 0.35 6.91 18.66
CA SER A 4 0.93 5.82 17.87
C SER A 4 0.28 5.75 16.50
N SER A 5 -1.04 5.94 16.46
CA SER A 5 -1.78 5.89 15.19
C SER A 5 -2.14 7.30 14.76
N ASP A 6 -1.32 7.87 13.89
CA ASP A 6 -1.57 9.22 13.41
C ASP A 6 -2.69 9.23 12.36
N PRO A 7 -3.42 10.32 12.22
CA PRO A 7 -4.52 10.43 11.22
C PRO A 7 -4.10 9.89 9.84
N LEU A 8 -2.87 10.16 9.45
CA LEU A 8 -2.37 9.71 8.15
C LEU A 8 -2.37 8.18 8.09
N VAL A 9 -1.94 7.55 9.17
CA VAL A 9 -1.89 6.09 9.22
C VAL A 9 -3.30 5.51 9.10
N VAL A 10 -4.23 6.07 9.86
CA VAL A 10 -5.61 5.59 9.83
C VAL A 10 -6.20 5.77 8.43
N ALA A 11 -6.05 6.96 7.87
CA ALA A 11 -6.59 7.24 6.54
C ALA A 11 -5.93 6.35 5.50
N ALA A 12 -4.65 6.10 5.67
CA ALA A 12 -3.92 5.26 4.73
C ALA A 12 -4.58 3.89 4.64
N ASN A 13 -5.03 3.39 5.78
CA ASN A 13 -5.69 2.08 5.80
C ASN A 13 -6.98 2.11 5.00
N ILE A 14 -7.76 3.18 5.17
CA ILE A 14 -9.03 3.32 4.46
C ILE A 14 -8.79 3.41 2.95
N ILE A 15 -7.80 4.18 2.56
CA ILE A 15 -7.48 4.35 1.15
C ILE A 15 -7.06 3.02 0.53
N GLY A 16 -6.24 2.26 1.26
CA GLY A 16 -5.77 0.98 0.76
C GLY A 16 -6.94 0.08 0.34
N ILE A 17 -7.94 -0.03 1.21
CA ILE A 17 -9.10 -0.84 0.90
C ILE A 17 -9.88 -0.27 -0.29
N LEU A 18 -10.04 1.05 -0.30
CA LEU A 18 -10.76 1.71 -1.39
C LEU A 18 -10.08 1.47 -2.73
N HIS A 19 -8.75 1.56 -2.74
CA HIS A 19 -7.99 1.34 -3.96
C HIS A 19 -8.21 -0.07 -4.49
N LEU A 20 -8.16 -1.04 -3.59
CA LEU A 20 -8.33 -2.43 -3.98
C LEU A 20 -9.69 -2.65 -4.64
N ILE A 21 -10.72 -2.01 -4.10
CA ILE A 21 -12.04 -2.16 -4.66
C ILE A 21 -12.09 -1.64 -6.09
N LEU A 22 -11.47 -0.49 -6.32
CA LEU A 22 -11.45 0.08 -7.66
C LEU A 22 -10.51 -0.70 -8.58
N TRP A 23 -9.35 -1.10 -8.06
CA TRP A 23 -8.39 -1.84 -8.85
C TRP A 23 -8.89 -3.25 -9.17
N ILE A 24 -9.39 -3.93 -8.14
CA ILE A 24 -9.88 -5.30 -8.33
C ILE A 24 -11.11 -5.29 -9.24
N LEU A 25 -11.97 -4.30 -9.05
CA LEU A 25 -13.18 -4.20 -9.86
C LEU A 25 -12.81 -3.98 -11.33
N ASP A 26 -11.80 -3.15 -11.56
CA ASP A 26 -11.37 -2.86 -12.92
C ASP A 26 -10.89 -4.13 -13.62
N ARG A 27 -10.29 -5.03 -12.85
CA ARG A 27 -9.79 -6.28 -13.41
C ARG A 27 -10.91 -7.02 -14.12
N LEU A 28 -12.09 -7.04 -13.52
CA LEU A 28 -13.23 -7.73 -14.12
C LEU A 28 -13.58 -7.11 -15.47
N PHE A 29 -13.53 -5.77 -15.54
CA PHE A 29 -13.85 -5.07 -16.77
C PHE A 29 -12.60 -4.89 -17.62
N PHE A 30 -11.45 -5.30 -17.08
CA PHE A 30 -10.19 -5.18 -17.81
C PHE A 30 -9.18 -6.20 -17.29
N LYS A 31 -9.47 -7.48 -17.51
CA LYS A 31 -8.58 -8.54 -17.07
C LYS A 31 -7.45 -8.76 -18.07
N SER B 1 7.65 11.08 13.68
CA SER B 1 8.46 11.95 14.59
C SER B 1 8.85 11.16 15.82
N ASN B 2 7.91 10.40 16.37
CA ASN B 2 8.16 9.60 17.56
C ASN B 2 8.71 8.22 17.17
N ASP B 3 9.09 7.44 18.17
CA ASP B 3 9.63 6.11 17.92
C ASP B 3 8.57 5.23 17.27
N SER B 4 7.33 5.37 17.71
CA SER B 4 6.24 4.56 17.17
C SER B 4 6.11 4.77 15.66
N SER B 5 6.27 6.02 15.23
CA SER B 5 6.17 6.34 13.80
C SER B 5 7.56 6.57 13.23
N ASP B 6 8.13 5.53 12.63
CA ASP B 6 9.47 5.64 12.06
C ASP B 6 9.41 6.39 10.71
N PRO B 7 10.48 7.06 10.33
CA PRO B 7 10.53 7.80 9.03
C PRO B 7 9.97 6.98 7.87
N LEU B 8 10.25 5.69 7.85
CA LEU B 8 9.77 4.82 6.79
C LEU B 8 8.25 4.78 6.78
N VAL B 9 7.65 4.69 7.96
CA VAL B 9 6.21 4.64 8.07
C VAL B 9 5.59 5.94 7.54
N VAL B 10 6.16 7.07 7.97
CA VAL B 10 5.65 8.36 7.53
C VAL B 10 5.78 8.51 6.03
N ALA B 11 6.96 8.21 5.49
CA ALA B 11 7.19 8.32 4.06
C ALA B 11 6.29 7.37 3.29
N ALA B 12 6.06 6.19 3.85
CA ALA B 12 5.22 5.21 3.20
C ALA B 12 3.83 5.80 2.96
N ASN B 13 3.35 6.57 3.92
CA ASN B 13 2.04 7.19 3.79
C ASN B 13 2.02 8.17 2.63
N ILE B 14 3.07 8.97 2.52
CA ILE B 14 3.16 9.98 1.45
C ILE B 14 3.22 9.30 0.09
N ILE B 15 4.01 8.23 -0.01
CA ILE B 15 4.14 7.50 -1.26
C ILE B 15 2.80 6.91 -1.68
N GLY B 16 2.08 6.34 -0.71
CA GLY B 16 0.79 5.72 -1.00
C GLY B 16 -0.14 6.70 -1.72
N ILE B 17 -0.24 7.92 -1.21
CA ILE B 17 -1.10 8.93 -1.82
C ILE B 17 -0.57 9.31 -3.20
N LEU B 18 0.74 9.47 -3.31
CA LEU B 18 1.36 9.84 -4.58
C LEU B 18 1.10 8.79 -5.64
N HIS B 19 1.22 7.52 -5.26
CA HIS B 19 0.98 6.43 -6.19
C HIS B 19 -0.46 6.45 -6.71
N LEU B 20 -1.40 6.67 -5.81
CA LEU B 20 -2.80 6.70 -6.19
C LEU B 20 -3.06 7.78 -7.21
N ILE B 21 -2.43 8.93 -7.03
CA ILE B 21 -2.62 10.04 -7.96
C ILE B 21 -2.15 9.64 -9.36
N LEU B 22 -0.99 8.99 -9.43
CA LEU B 22 -0.45 8.57 -10.70
C LEU B 22 -1.24 7.40 -11.28
N TRP B 23 -1.60 6.45 -10.42
CA TRP B 23 -2.34 5.28 -10.86
C TRP B 23 -3.77 5.65 -11.27
N ILE B 24 -4.44 6.42 -10.42
CA ILE B 24 -5.80 6.83 -10.71
C ILE B 24 -5.85 7.71 -11.94
N LEU B 25 -4.89 8.60 -12.06
CA LEU B 25 -4.82 9.51 -13.19
C LEU B 25 -4.64 8.72 -14.49
N ASP B 26 -3.79 7.71 -14.43
CA ASP B 26 -3.53 6.89 -15.61
C ASP B 26 -4.80 6.21 -16.08
N ARG B 27 -5.66 5.85 -15.15
CA ARG B 27 -6.92 5.19 -15.48
C ARG B 27 -7.71 6.03 -16.48
N LEU B 28 -7.73 7.34 -16.27
CA LEU B 28 -8.47 8.24 -17.15
C LEU B 28 -7.89 8.17 -18.57
N PHE B 29 -6.56 8.12 -18.66
CA PHE B 29 -5.89 8.06 -19.95
C PHE B 29 -5.71 6.61 -20.40
N PHE B 30 -6.08 5.68 -19.52
CA PHE B 30 -5.96 4.26 -19.82
C PHE B 30 -6.94 3.44 -18.99
N LYS B 31 -8.22 3.63 -19.26
CA LYS B 31 -9.27 2.91 -18.53
C LYS B 31 -9.48 1.52 -19.14
N SER C 1 11.72 -3.37 14.88
CA SER C 1 12.65 -3.86 15.95
C SER C 1 11.91 -3.90 17.28
N ASN C 2 11.13 -2.86 17.56
CA ASN C 2 10.37 -2.79 18.80
C ASN C 2 9.00 -3.45 18.63
N ASP C 3 8.26 -3.57 19.73
CA ASP C 3 6.95 -4.18 19.69
C ASP C 3 6.00 -3.38 18.80
N SER C 4 6.11 -2.06 18.87
CA SER C 4 5.25 -1.19 18.07
C SER C 4 5.41 -1.49 16.58
N SER C 5 6.65 -1.73 16.15
CA SER C 5 6.94 -2.04 14.75
C SER C 5 7.21 -3.52 14.59
N ASP C 6 6.18 -4.27 14.21
CA ASP C 6 6.32 -5.71 14.03
C ASP C 6 7.03 -6.03 12.71
N PRO C 7 7.72 -7.14 12.62
CA PRO C 7 8.44 -7.54 11.37
C PRO C 7 7.58 -7.35 10.12
N LEU C 8 6.29 -7.67 10.24
CA LEU C 8 5.38 -7.54 9.11
C LEU C 8 5.27 -6.08 8.67
N VAL C 9 5.19 -5.18 9.64
CA VAL C 9 5.09 -3.76 9.32
C VAL C 9 6.35 -3.28 8.61
N VAL C 10 7.52 -3.67 9.13
CA VAL C 10 8.78 -3.26 8.53
C VAL C 10 8.90 -3.81 7.11
N ALA C 11 8.62 -5.10 6.95
CA ALA C 11 8.71 -5.73 5.64
C ALA C 11 7.71 -5.11 4.67
N ALA C 12 6.54 -4.77 5.20
CA ALA C 12 5.51 -4.17 4.36
C ALA C 12 6.03 -2.90 3.72
N ASN C 13 6.81 -2.13 4.47
CA ASN C 13 7.36 -0.89 3.96
C ASN C 13 8.32 -1.18 2.80
N ILE C 14 9.16 -2.20 2.97
CA ILE C 14 10.13 -2.56 1.95
C ILE C 14 9.42 -3.02 0.68
N ILE C 15 8.40 -3.83 0.85
CA ILE C 15 7.64 -4.34 -0.29
C ILE C 15 6.97 -3.19 -1.05
N GLY C 16 6.40 -2.24 -0.32
CA GLY C 16 5.73 -1.12 -0.93
C GLY C 16 6.65 -0.41 -1.93
N ILE C 17 7.88 -0.12 -1.50
CA ILE C 17 8.83 0.56 -2.37
C ILE C 17 9.19 -0.33 -3.56
N LEU C 18 9.41 -1.62 -3.29
CA LEU C 18 9.78 -2.55 -4.35
C LEU C 18 8.68 -2.64 -5.41
N HIS C 19 7.43 -2.67 -4.96
CA HIS C 19 6.31 -2.74 -5.88
C HIS C 19 6.27 -1.52 -6.78
N LEU C 20 6.47 -0.36 -6.20
CA LEU C 20 6.43 0.88 -6.95
C LEU C 20 7.48 0.87 -8.06
N ILE C 21 8.65 0.35 -7.74
CA ILE C 21 9.73 0.30 -8.73
C ILE C 21 9.31 -0.57 -9.91
N LEU C 22 8.71 -1.71 -9.63
CA LEU C 22 8.28 -2.61 -10.70
C LEU C 22 7.07 -2.05 -11.43
N TRP C 23 6.12 -1.50 -10.67
CA TRP C 23 4.91 -0.94 -11.26
C TRP C 23 5.21 0.32 -12.06
N ILE C 24 5.98 1.23 -11.48
CA ILE C 24 6.33 2.47 -12.15
C ILE C 24 7.18 2.19 -13.38
N LEU C 25 8.11 1.25 -13.24
CA LEU C 25 8.98 0.90 -14.35
C LEU C 25 8.18 0.33 -15.51
N ASP C 26 7.19 -0.49 -15.18
CA ASP C 26 6.35 -1.11 -16.20
C ASP C 26 5.61 -0.04 -17.00
N ARG C 27 5.25 1.04 -16.32
CA ARG C 27 4.53 2.13 -16.99
C ARG C 27 5.31 2.63 -18.19
N LEU C 28 6.63 2.75 -18.04
CA LEU C 28 7.48 3.23 -19.12
C LEU C 28 7.40 2.27 -20.32
N PHE C 29 7.39 0.97 -20.03
CA PHE C 29 7.32 -0.04 -21.08
C PHE C 29 5.86 -0.38 -21.40
N PHE C 30 4.95 0.19 -20.64
CA PHE C 30 3.52 -0.06 -20.84
C PHE C 30 2.69 1.09 -20.29
N LYS C 31 2.82 2.26 -20.92
CA LYS C 31 2.08 3.44 -20.49
C LYS C 31 0.67 3.43 -21.08
N SER D 1 -2.22 -6.74 17.81
CA SER D 1 -2.63 -7.30 19.12
C SER D 1 -2.65 -6.19 20.17
N ASN D 2 -1.61 -5.36 20.14
CA ASN D 2 -1.49 -4.26 21.10
C ASN D 2 -2.19 -3.01 20.56
N ASP D 3 -2.27 -1.98 21.39
CA ASP D 3 -2.91 -0.73 20.98
C ASP D 3 -2.18 -0.09 19.81
N SER D 4 -0.85 -0.17 19.84
CA SER D 4 -0.04 0.41 18.78
C SER D 4 -0.40 -0.20 17.42
N SER D 5 -0.64 -1.50 17.41
CA SER D 5 -1.00 -2.20 16.17
C SER D 5 -2.49 -2.51 16.17
N ASP D 6 -3.27 -1.65 15.54
CA ASP D 6 -4.71 -1.84 15.49
C ASP D 6 -5.07 -2.93 14.45
N PRO D 7 -6.18 -3.62 14.63
CA PRO D 7 -6.62 -4.68 13.68
C PRO D 7 -6.51 -4.22 12.22
N LEU D 8 -6.85 -2.97 11.96
CA LEU D 8 -6.79 -2.43 10.60
C LEU D 8 -5.35 -2.46 10.07
N VAL D 9 -4.40 -2.09 10.93
CA VAL D 9 -3.00 -2.08 10.54
C VAL D 9 -2.53 -3.50 10.21
N VAL D 10 -2.88 -4.45 11.07
CA VAL D 10 -2.48 -5.83 10.86
C VAL D 10 -3.09 -6.38 9.57
N ALA D 11 -4.38 -6.17 9.41
CA ALA D 11 -5.08 -6.64 8.21
C ALA D 11 -4.52 -5.98 6.96
N ALA D 12 -4.18 -4.70 7.08
CA ALA D 12 -3.64 -3.97 5.96
C ALA D 12 -2.39 -4.65 5.44
N ASN D 13 -1.59 -5.17 6.35
CA ASN D 13 -0.35 -5.85 5.97
C ASN D 13 -0.67 -7.11 5.17
N ILE D 14 -1.67 -7.86 5.63
CA ILE D 14 -2.06 -9.10 4.96
C ILE D 14 -2.59 -8.81 3.56
N ILE D 15 -3.41 -7.78 3.44
CA ILE D 15 -3.99 -7.40 2.17
C ILE D 15 -2.89 -6.99 1.19
N GLY D 16 -1.92 -6.22 1.68
CA GLY D 16 -0.83 -5.76 0.82
C GLY D 16 -0.15 -6.94 0.12
N ILE D 17 0.18 -7.98 0.88
CA ILE D 17 0.83 -9.15 0.30
C ILE D 17 -0.10 -9.86 -0.68
N LEU D 18 -1.37 -9.99 -0.30
CA LEU D 18 -2.36 -10.66 -1.14
C LEU D 18 -2.50 -9.93 -2.48
N HIS D 19 -2.55 -8.60 -2.41
CA HIS D 19 -2.68 -7.80 -3.63
C HIS D 19 -1.51 -8.03 -4.57
N LEU D 20 -0.30 -8.04 -4.00
CA LEU D 20 0.89 -8.23 -4.80
C LEU D 20 0.85 -9.57 -5.53
N ILE D 21 0.37 -10.60 -4.85
CA ILE D 21 0.30 -11.92 -5.47
C ILE D 21 -0.63 -11.88 -6.68
N LEU D 22 -1.77 -11.23 -6.53
CA LEU D 22 -2.73 -11.13 -7.63
C LEU D 22 -2.22 -10.19 -8.72
N TRP D 23 -1.65 -9.06 -8.31
CA TRP D 23 -1.14 -8.08 -9.26
C TRP D 23 0.08 -8.62 -10.01
N ILE D 24 1.03 -9.17 -9.26
CA ILE D 24 2.25 -9.69 -9.86
C ILE D 24 1.92 -10.88 -10.76
N LEU D 25 1.01 -11.73 -10.30
CA LEU D 25 0.62 -12.89 -11.08
C LEU D 25 -0.02 -12.48 -12.39
N ASP D 26 -0.84 -11.43 -12.34
CA ASP D 26 -1.52 -10.95 -13.53
C ASP D 26 -0.50 -10.47 -14.56
N ARG D 27 0.61 -9.92 -14.09
CA ARG D 27 1.64 -9.43 -14.99
C ARG D 27 2.10 -10.54 -15.93
N LEU D 28 2.25 -11.75 -15.39
CA LEU D 28 2.69 -12.88 -16.20
C LEU D 28 1.68 -13.17 -17.30
N PHE D 29 0.40 -13.08 -16.97
CA PHE D 29 -0.66 -13.34 -17.95
C PHE D 29 -1.04 -12.05 -18.67
N PHE D 30 -0.46 -10.93 -18.24
CA PHE D 30 -0.74 -9.64 -18.85
C PHE D 30 0.42 -8.67 -18.64
N LYS D 31 1.56 -8.99 -19.25
CA LYS D 31 2.74 -8.14 -19.13
C LYS D 31 2.67 -6.98 -20.12
O A2Y E . 3.61 1.09 8.84
S A2Y E . 3.82 1.63 11.65
C1 A2Y E . 3.22 1.94 12.95
N1 A2Y E . 3.28 0.67 7.62
C2 A2Y E . 1.89 1.87 12.94
N2 A2Y E . 1.19 0.90 5.44
C3 A2Y E . 1.49 1.52 11.72
C4 A2Y E . 1.57 0.53 8.81
C5 A2Y E . 1.34 -0.18 6.42
C9 A2Y E . 2.06 0.34 7.60
C10 A2Y E . 0.76 0.56 4.07
C11 A2Y E . 2.60 1.01 9.56
C12 A2Y E . 2.58 1.37 10.89
C61 A2Y E . -0.65 -0.12 4.05
C62 A2Y E . 1.77 -0.40 3.37
C63 A2Y E . 0.65 1.83 3.20
C71 A2Y E . -1.08 -0.46 2.61
C72 A2Y E . 1.31 -0.73 1.94
C73 A2Y E . 0.21 1.49 1.76
C81 A2Y E . -0.06 -1.43 1.98
C82 A2Y E . 1.22 0.55 1.10
C83 A2Y E . -1.16 0.82 1.78
H44 A2Y E . 0.54 0.34 9.10
H1 A2Y E . 3.80 2.20 13.84
H2 A2Y E . 1.23 2.06 13.79
H3 A2Y E . 0.43 1.39 11.43
H15 A2Y E . 0.34 -0.53 6.76
H25 A2Y E . 1.89 -1.03 5.99
H161 A2Y E . -1.38 0.54 4.49
H261 A2Y E . -0.63 -1.04 4.62
H362 A2Y E . 1.85 -1.32 3.93
H462 A2Y E . 2.73 0.07 3.32
H563 A2Y E . 1.62 2.33 3.16
H663 A2Y E . -0.07 2.52 3.64
H171 A2Y E . -2.05 -0.94 2.63
H272 A2Y E . 2.03 -1.41 1.49
H373 A2Y E . 0.14 2.41 1.18
H181 A2Y E . 0.01 -2.32 2.57
H281 A2Y E . -0.37 -1.67 0.97
H382 A2Y E . 2.19 1.03 1.07
H482 A2Y E . 0.90 0.31 0.10
H583 A2Y E . -1.89 1.49 2.22
H683 A2Y E . -1.46 0.58 0.77
H1N2 A2Y E . 0.51 1.59 5.85
H2N2 A2Y E . 2.13 1.39 5.38
N SER A 1 -13.44 10.58 17.43
CA SER A 1 -12.24 10.94 18.22
C SER A 1 -10.98 10.61 17.43
N ASN A 2 -10.68 11.44 16.45
CA ASN A 2 -9.49 11.22 15.62
C ASN A 2 -8.24 11.72 16.34
N ASP A 3 -8.43 12.35 17.48
CA ASP A 3 -7.30 12.88 18.25
C ASP A 3 -6.82 11.84 19.26
N SER A 4 -7.46 10.67 19.26
CA SER A 4 -7.10 9.60 20.18
C SER A 4 -5.66 9.15 19.96
N SER A 5 -5.29 8.99 18.69
CA SER A 5 -3.93 8.57 18.34
C SER A 5 -3.51 9.16 17.00
N ASP A 6 -2.76 8.39 16.22
CA ASP A 6 -2.31 8.85 14.91
C ASP A 6 -3.36 8.55 13.83
N PRO A 7 -3.95 9.55 13.20
CA PRO A 7 -4.97 9.30 12.15
C PRO A 7 -4.35 8.81 10.83
N LEU A 8 -3.04 8.99 10.71
CA LEU A 8 -2.34 8.57 9.49
C LEU A 8 -2.46 7.06 9.29
N VAL A 9 -2.31 6.31 10.38
CA VAL A 9 -2.40 4.85 10.30
C VAL A 9 -3.78 4.42 9.82
N VAL A 10 -4.82 5.02 10.41
CA VAL A 10 -6.19 4.68 10.03
C VAL A 10 -6.46 5.07 8.58
N ALA A 11 -6.02 6.28 8.21
CA ALA A 11 -6.23 6.77 6.85
C ALA A 11 -5.53 5.86 5.84
N ALA A 12 -4.29 5.49 6.14
CA ALA A 12 -3.53 4.62 5.24
C ALA A 12 -4.26 3.30 5.02
N ASN A 13 -4.91 2.81 6.06
CA ASN A 13 -5.65 1.56 5.97
C ASN A 13 -6.80 1.69 4.97
N ILE A 14 -7.45 2.85 4.99
CA ILE A 14 -8.57 3.10 4.08
C ILE A 14 -8.11 3.01 2.63
N ILE A 15 -6.94 3.59 2.35
CA ILE A 15 -6.41 3.58 0.99
C ILE A 15 -6.18 2.14 0.52
N GLY A 16 -5.62 1.30 1.38
CA GLY A 16 -5.34 -0.08 0.99
C GLY A 16 -6.62 -0.77 0.51
N ILE A 17 -7.65 -0.78 1.37
CA ILE A 17 -8.91 -1.43 1.01
C ILE A 17 -9.64 -0.64 -0.08
N LEU A 18 -9.68 0.69 0.06
CA LEU A 18 -10.37 1.53 -0.90
C LEU A 18 -9.76 1.38 -2.29
N HIS A 19 -8.43 1.41 -2.36
CA HIS A 19 -7.74 1.27 -3.64
C HIS A 19 -8.09 -0.07 -4.27
N LEU A 20 -8.13 -1.11 -3.43
CA LEU A 20 -8.44 -2.44 -3.93
C LEU A 20 -9.82 -2.49 -4.58
N ILE A 21 -10.78 -1.80 -4.00
CA ILE A 21 -12.13 -1.82 -4.57
C ILE A 21 -12.12 -1.22 -5.97
N LEU A 22 -11.42 -0.11 -6.13
CA LEU A 22 -11.34 0.54 -7.44
C LEU A 22 -10.47 -0.28 -8.41
N TRP A 23 -9.32 -0.77 -7.92
CA TRP A 23 -8.40 -1.53 -8.75
C TRP A 23 -8.98 -2.90 -9.12
N ILE A 24 -9.54 -3.60 -8.14
CA ILE A 24 -10.10 -4.92 -8.42
C ILE A 24 -11.26 -4.81 -9.39
N LEU A 25 -12.13 -3.83 -9.18
CA LEU A 25 -13.27 -3.63 -10.05
C LEU A 25 -12.82 -3.22 -11.45
N ASP A 26 -11.83 -2.35 -11.51
CA ASP A 26 -11.30 -1.88 -12.80
C ASP A 26 -10.91 -3.08 -13.67
N ARG A 27 -10.41 -4.12 -13.03
CA ARG A 27 -10.00 -5.31 -13.76
C ARG A 27 -11.17 -5.89 -14.54
N LEU A 28 -12.34 -5.93 -13.91
CA LEU A 28 -13.53 -6.49 -14.56
C LEU A 28 -13.88 -5.68 -15.81
N PHE A 29 -13.86 -4.35 -15.68
CA PHE A 29 -14.19 -3.49 -16.81
C PHE A 29 -13.16 -3.63 -17.93
N PHE A 30 -11.88 -3.62 -17.55
CA PHE A 30 -10.80 -3.75 -18.52
C PHE A 30 -9.62 -4.49 -17.90
N LYS A 31 -8.87 -5.20 -18.73
CA LYS A 31 -7.70 -5.95 -18.27
C LYS A 31 -6.42 -5.21 -18.62
N SER B 1 11.06 18.27 11.93
CA SER B 1 11.51 17.37 13.03
C SER B 1 11.18 15.93 12.67
N ASN B 2 11.98 15.35 11.78
CA ASN B 2 11.76 13.97 11.36
C ASN B 2 12.33 13.00 12.39
N ASP B 3 13.02 13.53 13.39
CA ASP B 3 13.62 12.71 14.43
C ASP B 3 12.64 12.54 15.60
N SER B 4 11.46 13.12 15.47
CA SER B 4 10.44 13.04 16.51
C SER B 4 10.03 11.58 16.76
N SER B 5 9.83 10.84 15.67
CA SER B 5 9.43 9.44 15.77
C SER B 5 9.98 8.65 14.59
N ASP B 6 9.19 7.68 14.11
CA ASP B 6 9.61 6.86 12.98
C ASP B 6 9.22 7.53 11.64
N PRO B 7 10.16 7.92 10.82
CA PRO B 7 9.84 8.58 9.52
C PRO B 7 9.30 7.58 8.49
N LEU B 8 9.51 6.30 8.75
CA LEU B 8 9.07 5.25 7.83
C LEU B 8 7.55 5.28 7.69
N VAL B 9 6.85 5.45 8.80
CA VAL B 9 5.39 5.48 8.78
C VAL B 9 4.88 6.65 7.93
N VAL B 10 5.48 7.83 8.15
CA VAL B 10 5.08 9.01 7.40
C VAL B 10 5.39 8.83 5.92
N ALA B 11 6.59 8.33 5.62
CA ALA B 11 7.01 8.12 4.24
C ALA B 11 6.08 7.15 3.55
N ALA B 12 5.75 6.04 4.22
CA ALA B 12 4.88 5.04 3.64
C ALA B 12 3.52 5.64 3.28
N ASN B 13 3.06 6.57 4.12
CA ASN B 13 1.79 7.23 3.86
C ASN B 13 1.83 8.03 2.57
N ILE B 14 2.96 8.67 2.31
CA ILE B 14 3.13 9.46 1.10
C ILE B 14 2.99 8.57 -0.13
N ILE B 15 3.60 7.39 -0.08
CA ILE B 15 3.53 6.48 -1.22
C ILE B 15 2.09 6.08 -1.51
N GLY B 16 1.31 5.79 -0.48
CA GLY B 16 -0.07 5.39 -0.70
C GLY B 16 -0.84 6.45 -1.50
N ILE B 17 -0.84 7.69 -0.99
CA ILE B 17 -1.55 8.78 -1.66
C ILE B 17 -0.83 9.16 -2.97
N LEU B 18 0.50 9.25 -2.92
CA LEU B 18 1.27 9.64 -4.10
C LEU B 18 1.07 8.63 -5.22
N HIS B 19 1.15 7.35 -4.90
CA HIS B 19 0.97 6.31 -5.89
C HIS B 19 -0.42 6.42 -6.52
N LEU B 20 -1.41 6.70 -5.69
CA LEU B 20 -2.78 6.82 -6.18
C LEU B 20 -2.90 7.92 -7.21
N ILE B 21 -2.23 9.04 -6.98
CA ILE B 21 -2.31 10.15 -7.93
C ILE B 21 -1.78 9.73 -9.29
N LEU B 22 -0.65 9.03 -9.30
CA LEU B 22 -0.08 8.57 -10.56
C LEU B 22 -0.90 7.44 -11.17
N TRP B 23 -1.33 6.49 -10.32
CA TRP B 23 -2.10 5.34 -10.80
C TRP B 23 -3.50 5.76 -11.25
N ILE B 24 -4.18 6.57 -10.45
CA ILE B 24 -5.52 7.00 -10.80
C ILE B 24 -5.51 7.82 -12.09
N LEU B 25 -4.54 8.72 -12.19
CA LEU B 25 -4.42 9.55 -13.39
C LEU B 25 -4.08 8.71 -14.61
N ASP B 26 -3.16 7.75 -14.42
CA ASP B 26 -2.75 6.88 -15.51
C ASP B 26 -3.96 6.22 -16.15
N ARG B 27 -4.96 5.92 -15.33
CA ARG B 27 -6.17 5.28 -15.84
C ARG B 27 -6.83 6.15 -16.90
N LEU B 28 -6.88 7.46 -16.66
CA LEU B 28 -7.50 8.38 -17.61
C LEU B 28 -6.77 8.37 -18.94
N PHE B 29 -5.43 8.40 -18.89
CA PHE B 29 -4.63 8.39 -20.11
C PHE B 29 -4.80 7.08 -20.86
N PHE B 30 -4.73 5.97 -20.11
CA PHE B 30 -4.87 4.64 -20.70
C PHE B 30 -5.53 3.68 -19.72
N LYS B 31 -6.26 2.71 -20.24
CA LYS B 31 -6.95 1.72 -19.41
C LYS B 31 -6.18 0.40 -19.39
N SER C 1 19.43 -6.69 13.54
CA SER C 1 18.61 -6.79 14.78
C SER C 1 17.13 -6.60 14.42
N ASN C 2 16.52 -7.64 13.86
CA ASN C 2 15.12 -7.58 13.47
C ASN C 2 14.22 -7.82 14.68
N ASP C 3 14.84 -8.18 15.81
CA ASP C 3 14.08 -8.43 17.04
C ASP C 3 13.95 -7.15 17.86
N SER C 4 14.50 -6.05 17.34
CA SER C 4 14.43 -4.78 18.04
C SER C 4 12.99 -4.34 18.24
N SER C 5 12.18 -4.48 17.19
CA SER C 5 10.77 -4.09 17.25
C SER C 5 9.94 -4.97 16.34
N ASP C 6 8.92 -4.38 15.71
CA ASP C 6 8.04 -5.14 14.82
C ASP C 6 8.63 -5.15 13.38
N PRO C 7 9.00 -6.30 12.85
CA PRO C 7 9.58 -6.37 11.48
C PRO C 7 8.51 -6.19 10.40
N LEU C 8 7.24 -6.33 10.79
CA LEU C 8 6.14 -6.20 9.85
C LEU C 8 6.11 -4.79 9.25
N VAL C 9 6.33 -3.78 10.09
CA VAL C 9 6.30 -2.40 9.64
C VAL C 9 7.41 -2.16 8.61
N VAL C 10 8.61 -2.64 8.91
CA VAL C 10 9.75 -2.48 8.01
C VAL C 10 9.49 -3.22 6.69
N ALA C 11 9.01 -4.46 6.82
CA ALA C 11 8.74 -5.28 5.64
C ALA C 11 7.70 -4.62 4.74
N ALA C 12 6.63 -4.12 5.37
CA ALA C 12 5.56 -3.47 4.62
C ALA C 12 6.10 -2.28 3.83
N ASN C 13 7.06 -1.58 4.42
CA ASN C 13 7.67 -0.43 3.76
C ASN C 13 8.38 -0.85 2.50
N ILE C 14 9.05 -2.01 2.55
CA ILE C 14 9.78 -2.51 1.39
C ILE C 14 8.83 -2.78 0.23
N ILE C 15 7.66 -3.35 0.54
CA ILE C 15 6.68 -3.65 -0.50
C ILE C 15 6.23 -2.36 -1.20
N GLY C 16 5.98 -1.31 -0.42
CA GLY C 16 5.52 -0.06 -1.02
C GLY C 16 6.50 0.44 -2.07
N ILE C 17 7.77 0.61 -1.68
CA ILE C 17 8.79 1.09 -2.60
C ILE C 17 9.12 0.02 -3.65
N LEU C 18 9.26 -1.23 -3.21
CA LEU C 18 9.61 -2.31 -4.12
C LEU C 18 8.54 -2.48 -5.19
N HIS C 19 7.28 -2.46 -4.77
CA HIS C 19 6.18 -2.61 -5.71
C HIS C 19 6.20 -1.49 -6.73
N LEU C 20 6.50 -0.28 -6.26
CA LEU C 20 6.54 0.88 -7.15
C LEU C 20 7.59 0.70 -8.23
N ILE C 21 8.74 0.13 -7.89
CA ILE C 21 9.79 -0.04 -8.88
C ILE C 21 9.31 -0.97 -9.99
N LEU C 22 8.65 -2.07 -9.61
CA LEU C 22 8.14 -3.00 -10.61
C LEU C 22 6.95 -2.41 -11.36
N TRP C 23 6.04 -1.77 -10.63
CA TRP C 23 4.85 -1.19 -11.25
C TRP C 23 5.18 0.02 -12.12
N ILE C 24 6.03 0.92 -11.61
CA ILE C 24 6.39 2.11 -12.38
C ILE C 24 7.12 1.71 -13.66
N LEU C 25 8.06 0.77 -13.52
CA LEU C 25 8.82 0.29 -14.67
C LEU C 25 7.92 -0.41 -15.67
N ASP C 26 7.01 -1.24 -15.17
CA ASP C 26 6.09 -1.98 -16.02
C ASP C 26 5.36 -1.02 -16.96
N ARG C 27 5.07 0.16 -16.46
CA ARG C 27 4.37 1.17 -17.26
C ARG C 27 5.16 1.49 -18.53
N LEU C 28 6.48 1.63 -18.39
CA LEU C 28 7.33 1.95 -19.53
C LEU C 28 7.26 0.84 -20.58
N PHE C 29 7.33 -0.42 -20.14
CA PHE C 29 7.29 -1.55 -21.06
C PHE C 29 5.92 -1.63 -21.73
N PHE C 30 4.87 -1.49 -20.94
CA PHE C 30 3.50 -1.55 -21.46
C PHE C 30 2.58 -0.63 -20.66
N LYS C 31 1.56 -0.11 -21.32
CA LYS C 31 0.59 0.78 -20.67
C LYS C 31 -0.69 0.04 -20.34
N SER D 1 -5.22 -14.48 19.14
CA SER D 1 -5.28 -13.33 20.08
C SER D 1 -5.16 -12.02 19.29
N ASN D 2 -6.25 -11.64 18.62
CA ASN D 2 -6.26 -10.41 17.83
C ASN D 2 -6.46 -9.20 18.73
N ASP D 3 -6.73 -9.45 20.00
CA ASP D 3 -6.96 -8.37 20.96
C ASP D 3 -5.64 -7.96 21.63
N SER D 4 -4.57 -8.62 21.23
CA SER D 4 -3.25 -8.32 21.80
C SER D 4 -2.85 -6.88 21.53
N SER D 5 -3.07 -6.43 20.29
CA SER D 5 -2.73 -5.07 19.91
C SER D 5 -3.69 -4.57 18.83
N ASP D 6 -3.17 -3.78 17.89
CA ASP D 6 -3.99 -3.24 16.81
C ASP D 6 -4.06 -4.22 15.64
N PRO D 7 -5.22 -4.76 15.31
CA PRO D 7 -5.34 -5.73 14.18
C PRO D 7 -5.25 -5.04 12.81
N LEU D 8 -5.42 -3.72 12.82
CA LEU D 8 -5.36 -2.95 11.58
C LEU D 8 -3.99 -3.06 10.92
N VAL D 9 -2.94 -3.01 11.73
CA VAL D 9 -1.58 -3.10 11.20
C VAL D 9 -1.35 -4.46 10.55
N VAL D 10 -1.78 -5.53 11.23
CA VAL D 10 -1.62 -6.87 10.70
C VAL D 10 -2.45 -7.05 9.42
N ALA D 11 -3.68 -6.57 9.46
CA ALA D 11 -4.57 -6.69 8.30
C ALA D 11 -3.99 -5.96 7.10
N ALA D 12 -3.50 -4.74 7.35
CA ALA D 12 -2.92 -3.94 6.26
C ALA D 12 -1.76 -4.67 5.62
N ASN D 13 -0.99 -5.39 6.43
CA ASN D 13 0.14 -6.15 5.91
C ASN D 13 -0.32 -7.24 4.95
N ILE D 14 -1.45 -7.86 5.28
CA ILE D 14 -1.98 -8.92 4.43
C ILE D 14 -2.34 -8.37 3.05
N ILE D 15 -2.93 -7.18 3.02
CA ILE D 15 -3.31 -6.56 1.75
C ILE D 15 -2.08 -6.33 0.88
N GLY D 16 -1.01 -5.83 1.47
CA GLY D 16 0.19 -5.55 0.69
C GLY D 16 0.68 -6.81 -0.04
N ILE D 17 0.91 -7.89 0.71
CA ILE D 17 1.38 -9.13 0.12
C ILE D 17 0.27 -9.79 -0.72
N LEU D 18 -0.95 -9.81 -0.18
CA LEU D 18 -2.08 -10.42 -0.89
C LEU D 18 -2.33 -9.74 -2.22
N HIS D 19 -2.33 -8.41 -2.20
CA HIS D 19 -2.57 -7.66 -3.42
C HIS D 19 -1.49 -7.97 -4.45
N LEU D 20 -0.26 -8.09 -3.98
CA LEU D 20 0.86 -8.39 -4.88
C LEU D 20 0.66 -9.71 -5.58
N ILE D 21 0.16 -10.71 -4.87
CA ILE D 21 -0.04 -12.02 -5.48
C ILE D 21 -1.03 -11.91 -6.64
N LEU D 22 -2.13 -11.19 -6.42
CA LEU D 22 -3.13 -11.02 -7.46
C LEU D 22 -2.62 -10.10 -8.58
N TRP D 23 -1.97 -9.01 -8.20
CA TRP D 23 -1.47 -8.04 -9.17
C TRP D 23 -0.29 -8.61 -9.97
N ILE D 24 0.65 -9.25 -9.29
CA ILE D 24 1.82 -9.80 -9.97
C ILE D 24 1.37 -10.91 -10.94
N LEU D 25 0.47 -11.77 -10.48
CA LEU D 25 -0.03 -12.86 -11.31
C LEU D 25 -0.81 -12.31 -12.49
N ASP D 26 -1.64 -11.30 -12.23
CA ASP D 26 -2.46 -10.70 -13.29
C ASP D 26 -1.57 -10.28 -14.45
N ARG D 27 -0.36 -9.82 -14.14
CA ARG D 27 0.56 -9.39 -15.17
C ARG D 27 0.84 -10.52 -16.16
N LEU D 28 1.03 -11.73 -15.63
CA LEU D 28 1.33 -12.87 -16.48
C LEU D 28 0.16 -13.15 -17.44
N PHE D 29 -1.06 -13.11 -16.92
CA PHE D 29 -2.24 -13.36 -17.74
C PHE D 29 -2.40 -12.27 -18.79
N PHE D 30 -2.26 -11.02 -18.36
CA PHE D 30 -2.39 -9.88 -19.27
C PHE D 30 -1.47 -8.75 -18.84
N LYS D 31 -1.02 -7.96 -19.81
CA LYS D 31 -0.13 -6.84 -19.54
C LYS D 31 -0.90 -5.52 -19.58
O A2Y E . 1.49 -0.68 9.58
S A2Y E . 2.25 -0.19 12.30
C1 A2Y E . 2.77 0.68 13.36
N1 A2Y E . 1.03 -0.65 8.34
C2 A2Y E . 2.90 1.96 12.97
N2 A2Y E . 1.40 0.62 5.60
C3 A2Y E . 2.52 2.04 11.70
C4 A2Y E . 1.25 1.33 8.96
C5 A2Y E . 0.37 0.91 6.59
C9 A2Y E . 0.88 0.53 7.96
C10 A2Y E . 0.99 0.41 4.18
C11 A2Y E . 1.64 0.49 9.97
C12 A2Y E . 2.11 0.82 11.23
C61 A2Y E . 2.23 0.09 3.30
C62 A2Y E . 0.31 1.68 3.58
C63 A2Y E . -0.01 -0.77 4.02
C71 A2Y E . 1.82 -0.12 1.81
C72 A2Y E . -0.09 1.45 2.11
C73 A2Y E . -0.40 -0.98 2.55
C81 A2Y E . 1.16 1.15 1.27
C82 A2Y E . -1.07 0.29 2.00
C83 A2Y E . 0.84 -1.29 1.71
H44 A2Y E . 1.26 2.42 8.93
H1 A2Y E . 3.02 0.33 14.37
H2 A2Y E . 3.27 2.79 13.58
H3 A2Y E . 2.53 2.98 11.12
H15 A2Y E . 0.12 1.99 6.61
H25 A2Y E . -0.56 0.33 6.38
H161 A2Y E . 2.71 -0.80 3.66
H261 A2Y E . 2.93 0.91 3.35
H362 A2Y E . 1.00 2.52 3.64
H462 A2Y E . -0.58 1.91 4.14
H563 A2Y E . -0.90 -0.57 4.59
H663 A2Y E . 0.45 -1.68 4.39
H171 A2Y E . 2.71 -0.34 1.23
H272 A2Y E . -0.55 2.36 1.73
H373 A2Y E . -1.10 -1.80 2.47
H181 A2Y E . 1.85 1.97 1.32
H281 A2Y E . 0.87 0.99 0.23
H382 A2Y E . -1.95 0.52 2.58
H482 A2Y E . -1.34 0.14 0.97
H583 A2Y E . 1.31 -2.19 2.09
H683 A2Y E . 0.56 -1.43 0.67
H1N2 A2Y E . 2.09 1.40 5.62
H2N2 A2Y E . 1.90 -0.25 5.92
N SER A 1 -4.78 9.02 23.54
CA SER A 1 -5.62 9.47 22.39
C SER A 1 -4.86 9.22 21.09
N ASN A 2 -4.46 10.30 20.42
CA ASN A 2 -3.72 10.19 19.17
C ASN A 2 -2.32 9.65 19.42
N ASP A 3 -1.84 9.82 20.65
CA ASP A 3 -0.50 9.36 21.00
C ASP A 3 -0.37 7.86 20.78
N SER A 4 -1.39 7.11 21.20
CA SER A 4 -1.38 5.66 21.03
C SER A 4 -1.34 5.30 19.55
N SER A 5 -2.06 6.05 18.73
CA SER A 5 -2.09 5.80 17.30
C SER A 5 -2.51 7.06 16.54
N ASP A 6 -1.70 7.44 15.55
CA ASP A 6 -1.98 8.62 14.76
C ASP A 6 -3.05 8.31 13.71
N PRO A 7 -3.80 9.32 13.30
CA PRO A 7 -4.87 9.15 12.28
C PRO A 7 -4.31 8.81 10.91
N LEU A 8 -3.02 9.06 10.72
CA LEU A 8 -2.37 8.78 9.44
C LEU A 8 -2.44 7.29 9.13
N VAL A 9 -2.22 6.47 10.15
CA VAL A 9 -2.25 5.02 9.97
C VAL A 9 -3.64 4.58 9.50
N VAL A 10 -4.67 5.08 10.16
CA VAL A 10 -6.04 4.72 9.81
C VAL A 10 -6.36 5.18 8.39
N ALA A 11 -5.99 6.41 8.07
CA ALA A 11 -6.24 6.96 6.75
C ALA A 11 -5.53 6.15 5.68
N ALA A 12 -4.30 5.73 5.97
CA ALA A 12 -3.52 4.95 5.03
C ALA A 12 -4.21 3.62 4.74
N ASN A 13 -4.72 2.98 5.79
CA ASN A 13 -5.40 1.70 5.64
C ASN A 13 -6.68 1.86 4.82
N ILE A 14 -7.43 2.92 5.11
CA ILE A 14 -8.67 3.18 4.41
C ILE A 14 -8.41 3.46 2.93
N ILE A 15 -7.41 4.28 2.66
CA ILE A 15 -7.06 4.63 1.29
C ILE A 15 -6.57 3.40 0.53
N GLY A 16 -5.73 2.61 1.19
CA GLY A 16 -5.18 1.41 0.56
C GLY A 16 -6.30 0.43 0.23
N ILE A 17 -7.18 0.19 1.20
CA ILE A 17 -8.31 -0.72 1.00
C ILE A 17 -9.23 -0.19 -0.10
N LEU A 18 -9.49 1.11 -0.06
CA LEU A 18 -10.36 1.72 -1.05
C LEU A 18 -9.80 1.51 -2.45
N HIS A 19 -8.49 1.62 -2.58
CA HIS A 19 -7.83 1.45 -3.87
C HIS A 19 -8.13 0.07 -4.44
N LEU A 20 -8.12 -0.94 -3.58
CA LEU A 20 -8.39 -2.30 -4.01
C LEU A 20 -9.79 -2.41 -4.61
N ILE A 21 -10.74 -1.73 -4.01
CA ILE A 21 -12.11 -1.78 -4.50
C ILE A 21 -12.18 -1.29 -5.94
N LEU A 22 -11.49 -0.20 -6.22
CA LEU A 22 -11.47 0.35 -7.56
C LEU A 22 -10.62 -0.49 -8.50
N TRP A 23 -9.44 -0.88 -8.02
CA TRP A 23 -8.53 -1.69 -8.81
C TRP A 23 -9.12 -3.05 -9.11
N ILE A 24 -9.81 -3.62 -8.13
CA ILE A 24 -10.43 -4.92 -8.30
C ILE A 24 -11.54 -4.84 -9.35
N LEU A 25 -12.38 -3.83 -9.25
CA LEU A 25 -13.48 -3.66 -10.19
C LEU A 25 -12.95 -3.39 -11.59
N ASP A 26 -11.88 -2.61 -11.66
CA ASP A 26 -11.30 -2.26 -12.95
C ASP A 26 -10.89 -3.51 -13.72
N ARG A 27 -10.29 -4.46 -13.02
CA ARG A 27 -9.85 -5.70 -13.65
C ARG A 27 -11.04 -6.51 -14.15
N LEU A 28 -12.00 -6.74 -13.26
CA LEU A 28 -13.19 -7.50 -13.64
C LEU A 28 -13.98 -6.77 -14.70
N PHE A 29 -14.12 -5.47 -14.54
CA PHE A 29 -14.88 -4.66 -15.49
C PHE A 29 -13.93 -3.92 -16.42
N PHE A 30 -12.88 -4.60 -16.85
CA PHE A 30 -11.91 -4.00 -17.77
C PHE A 30 -12.61 -3.27 -18.90
N LYS A 31 -12.96 -2.01 -18.66
CA LYS A 31 -13.63 -1.21 -19.67
C LYS A 31 -13.48 0.27 -19.37
N SER B 1 9.97 11.70 20.50
CA SER B 1 10.34 12.15 19.13
C SER B 1 10.04 11.03 18.13
N ASN B 2 11.10 10.47 17.55
CA ASN B 2 10.94 9.39 16.59
C ASN B 2 10.47 8.12 17.28
N ASP B 3 10.71 8.03 18.58
CA ASP B 3 10.31 6.85 19.35
C ASP B 3 8.80 6.64 19.25
N SER B 4 8.05 7.73 19.38
CA SER B 4 6.60 7.64 19.31
C SER B 4 6.16 7.16 17.93
N SER B 5 6.85 7.61 16.89
CA SER B 5 6.54 7.21 15.53
C SER B 5 7.74 7.38 14.61
N ASP B 6 8.09 6.33 13.89
CA ASP B 6 9.23 6.37 12.99
C ASP B 6 8.84 7.08 11.68
N PRO B 7 9.79 7.68 11.02
CA PRO B 7 9.56 8.39 9.73
C PRO B 7 9.16 7.44 8.61
N LEU B 8 9.44 6.15 8.81
CA LEU B 8 9.12 5.15 7.80
C LEU B 8 7.62 5.10 7.56
N VAL B 9 6.85 5.19 8.65
CA VAL B 9 5.40 5.15 8.54
C VAL B 9 4.89 6.32 7.72
N VAL B 10 5.41 7.51 8.00
CA VAL B 10 4.99 8.71 7.28
C VAL B 10 5.37 8.59 5.80
N ALA B 11 6.59 8.15 5.54
CA ALA B 11 7.06 8.01 4.17
C ALA B 11 6.21 6.99 3.41
N ALA B 12 5.85 5.91 4.08
CA ALA B 12 5.05 4.86 3.46
C ALA B 12 3.68 5.41 3.06
N ASN B 13 3.09 6.22 3.93
CA ASN B 13 1.78 6.80 3.66
C ASN B 13 1.86 7.78 2.48
N ILE B 14 2.92 8.60 2.48
CA ILE B 14 3.10 9.58 1.41
C ILE B 14 3.32 8.89 0.07
N ILE B 15 4.16 7.86 0.07
CA ILE B 15 4.45 7.13 -1.14
C ILE B 15 3.20 6.42 -1.65
N GLY B 16 2.47 5.80 -0.73
CA GLY B 16 1.26 5.08 -1.10
C GLY B 16 0.22 6.03 -1.70
N ILE B 17 0.00 7.16 -1.02
CA ILE B 17 -0.95 8.16 -1.50
C ILE B 17 -0.51 8.71 -2.85
N LEU B 18 0.79 9.00 -2.96
CA LEU B 18 1.32 9.54 -4.20
C LEU B 18 1.06 8.58 -5.35
N HIS B 19 1.22 7.29 -5.09
CA HIS B 19 1.00 6.27 -6.12
C HIS B 19 -0.42 6.38 -6.67
N LEU B 20 -1.38 6.60 -5.79
CA LEU B 20 -2.77 6.72 -6.21
C LEU B 20 -2.94 7.86 -7.19
N ILE B 21 -2.27 8.96 -6.95
CA ILE B 21 -2.39 10.12 -7.82
C ILE B 21 -1.96 9.75 -9.24
N LEU B 22 -0.86 9.03 -9.36
CA LEU B 22 -0.38 8.61 -10.67
C LEU B 22 -1.25 7.51 -11.25
N TRP B 23 -1.58 6.53 -10.42
CA TRP B 23 -2.38 5.40 -10.86
C TRP B 23 -3.79 5.88 -11.25
N ILE B 24 -4.32 6.81 -10.48
CA ILE B 24 -5.65 7.34 -10.76
C ILE B 24 -5.65 8.07 -12.10
N LEU B 25 -4.67 8.92 -12.31
CA LEU B 25 -4.58 9.69 -13.55
C LEU B 25 -4.35 8.77 -14.74
N ASP B 26 -3.55 7.73 -14.52
CA ASP B 26 -3.24 6.80 -15.59
C ASP B 26 -4.52 6.16 -16.14
N ARG B 27 -5.42 5.78 -15.23
CA ARG B 27 -6.67 5.16 -15.65
C ARG B 27 -7.54 6.14 -16.43
N LEU B 28 -7.76 7.32 -15.87
CA LEU B 28 -8.55 8.33 -16.53
C LEU B 28 -7.91 8.78 -17.83
N PHE B 29 -6.60 8.98 -17.78
CA PHE B 29 -5.86 9.42 -18.96
C PHE B 29 -5.14 8.25 -19.61
N PHE B 30 -5.81 7.11 -19.67
CA PHE B 30 -5.23 5.91 -20.27
C PHE B 30 -4.57 6.26 -21.61
N LYS B 31 -3.32 6.68 -21.55
CA LYS B 31 -2.59 7.03 -22.75
C LYS B 31 -1.08 6.99 -22.50
N SER C 1 13.33 -3.13 21.76
CA SER C 1 13.71 -3.88 20.53
C SER C 1 12.53 -3.93 19.57
N ASN C 2 11.97 -5.11 19.38
CA ASN C 2 10.83 -5.27 18.49
C ASN C 2 9.58 -4.62 19.08
N ASP C 3 9.58 -4.46 20.40
CA ASP C 3 8.44 -3.86 21.08
C ASP C 3 8.17 -2.46 20.55
N SER C 4 9.24 -1.68 20.37
CA SER C 4 9.11 -0.32 19.86
C SER C 4 8.52 -0.33 18.46
N SER C 5 8.93 -1.31 17.65
CA SER C 5 8.44 -1.42 16.28
C SER C 5 8.61 -2.84 15.76
N ASP C 6 7.51 -3.41 15.27
CA ASP C 6 7.55 -4.77 14.75
C ASP C 6 8.15 -4.79 13.34
N PRO C 7 8.75 -5.89 12.97
CA PRO C 7 9.38 -6.05 11.62
C PRO C 7 8.34 -6.02 10.49
N LEU C 8 7.08 -6.24 10.86
CA LEU C 8 6.01 -6.26 9.86
C LEU C 8 5.89 -4.90 9.19
N VAL C 9 6.02 -3.84 9.97
CA VAL C 9 5.93 -2.49 9.44
C VAL C 9 7.03 -2.24 8.42
N VAL C 10 8.26 -2.63 8.77
CA VAL C 10 9.39 -2.43 7.87
C VAL C 10 9.21 -3.25 6.59
N ALA C 11 8.78 -4.50 6.75
CA ALA C 11 8.57 -5.37 5.60
C ALA C 11 7.49 -4.80 4.68
N ALA C 12 6.43 -4.27 5.29
CA ALA C 12 5.33 -3.70 4.52
C ALA C 12 5.81 -2.52 3.69
N ASN C 13 6.64 -1.67 4.29
CA ASN C 13 7.16 -0.51 3.59
C ASN C 13 8.07 -0.94 2.44
N ILE C 14 8.92 -1.92 2.69
CA ILE C 14 9.84 -2.41 1.67
C ILE C 14 9.08 -3.03 0.51
N ILE C 15 8.08 -3.85 0.84
CA ILE C 15 7.28 -4.51 -0.19
C ILE C 15 6.51 -3.48 -1.00
N GLY C 16 5.91 -2.51 -0.30
CA GLY C 16 5.14 -1.48 -0.98
C GLY C 16 6.02 -0.66 -1.92
N ILE C 17 7.18 -0.23 -1.42
CA ILE C 17 8.12 0.55 -2.23
C ILE C 17 8.61 -0.28 -3.41
N LEU C 18 8.92 -1.54 -3.15
CA LEU C 18 9.40 -2.43 -4.20
C LEU C 18 8.37 -2.54 -5.31
N HIS C 19 7.10 -2.61 -4.93
CA HIS C 19 6.03 -2.74 -5.91
C HIS C 19 6.04 -1.55 -6.86
N LEU C 20 6.30 -0.36 -6.33
CA LEU C 20 6.34 0.84 -7.16
C LEU C 20 7.41 0.72 -8.22
N ILE C 21 8.55 0.15 -7.86
CA ILE C 21 9.64 0.02 -8.80
C ILE C 21 9.21 -0.82 -9.99
N LEU C 22 8.52 -1.91 -9.72
CA LEU C 22 8.04 -2.78 -10.80
C LEU C 22 6.88 -2.14 -11.54
N TRP C 23 5.94 -1.58 -10.78
CA TRP C 23 4.77 -0.96 -11.38
C TRP C 23 5.16 0.25 -12.21
N ILE C 24 6.13 1.01 -11.71
CA ILE C 24 6.59 2.20 -12.40
C ILE C 24 7.25 1.81 -13.73
N LEU C 25 8.12 0.81 -13.68
CA LEU C 25 8.82 0.36 -14.88
C LEU C 25 7.83 -0.23 -15.88
N ASP C 26 6.84 -0.93 -15.38
CA ASP C 26 5.85 -1.57 -16.24
C ASP C 26 5.14 -0.52 -17.09
N ARG C 27 4.78 0.59 -16.48
CA ARG C 27 4.09 1.66 -17.21
C ARG C 27 5.00 2.25 -18.28
N LEU C 28 6.20 2.65 -17.89
CA LEU C 28 7.14 3.23 -18.83
C LEU C 28 7.53 2.22 -19.89
N PHE C 29 7.78 0.99 -19.47
CA PHE C 29 8.17 -0.07 -20.40
C PHE C 29 6.99 -0.97 -20.71
N PHE C 30 5.82 -0.35 -20.90
CA PHE C 30 4.62 -1.11 -21.23
C PHE C 30 4.90 -2.14 -22.31
N LYS C 31 5.36 -3.31 -21.90
CA LYS C 31 5.66 -4.37 -22.85
C LYS C 31 5.68 -5.73 -22.15
N SER D 1 -1.67 -5.90 24.92
CA SER D 1 -2.45 -6.67 23.92
C SER D 1 -2.59 -5.85 22.64
N ASN D 2 -3.80 -5.39 22.36
CA ASN D 2 -4.04 -4.59 21.17
C ASN D 2 -3.41 -3.22 21.31
N ASP D 3 -3.19 -2.80 22.55
CA ASP D 3 -2.60 -1.49 22.81
C ASP D 3 -1.24 -1.37 22.14
N SER D 4 -0.44 -2.43 22.26
CA SER D 4 0.89 -2.44 21.67
C SER D 4 0.80 -2.32 20.14
N SER D 5 -0.19 -2.98 19.56
CA SER D 5 -0.39 -2.93 18.13
C SER D 5 -1.83 -3.28 17.77
N ASP D 6 -2.46 -2.42 16.98
CA ASP D 6 -3.84 -2.64 16.57
C ASP D 6 -3.90 -3.65 15.43
N PRO D 7 -4.99 -4.36 15.31
CA PRO D 7 -5.19 -5.38 14.24
C PRO D 7 -5.25 -4.75 12.85
N LEU D 8 -5.51 -3.44 12.81
CA LEU D 8 -5.61 -2.73 11.55
C LEU D 8 -4.29 -2.80 10.79
N VAL D 9 -3.18 -2.65 11.51
CA VAL D 9 -1.87 -2.70 10.90
C VAL D 9 -1.62 -4.06 10.27
N VAL D 10 -1.95 -5.12 10.99
CA VAL D 10 -1.76 -6.49 10.49
C VAL D 10 -2.64 -6.72 9.26
N ALA D 11 -3.89 -6.30 9.35
CA ALA D 11 -4.82 -6.48 8.24
C ALA D 11 -4.34 -5.72 7.01
N ALA D 12 -3.82 -4.51 7.23
CA ALA D 12 -3.33 -3.69 6.13
C ALA D 12 -2.17 -4.38 5.41
N ASN D 13 -1.27 -4.96 6.19
CA ASN D 13 -0.11 -5.66 5.63
C ASN D 13 -0.56 -6.88 4.84
N ILE D 14 -1.50 -7.63 5.41
CA ILE D 14 -1.99 -8.84 4.74
C ILE D 14 -2.70 -8.49 3.44
N ILE D 15 -3.54 -7.46 3.49
CA ILE D 15 -4.28 -7.04 2.30
C ILE D 15 -3.32 -6.52 1.23
N GLY D 16 -2.34 -5.72 1.65
CA GLY D 16 -1.37 -5.17 0.72
C GLY D 16 -0.56 -6.29 0.06
N ILE D 17 -0.07 -7.22 0.87
CA ILE D 17 0.71 -8.34 0.34
C ILE D 17 -0.17 -9.20 -0.58
N LEU D 18 -1.39 -9.45 -0.16
CA LEU D 18 -2.31 -10.24 -0.96
C LEU D 18 -2.51 -9.61 -2.34
N HIS D 19 -2.62 -8.29 -2.36
CA HIS D 19 -2.82 -7.58 -3.61
C HIS D 19 -1.68 -7.87 -4.58
N LEU D 20 -0.47 -7.91 -4.06
CA LEU D 20 0.69 -8.18 -4.90
C LEU D 20 0.57 -9.54 -5.58
N ILE D 21 0.07 -10.51 -4.85
CA ILE D 21 -0.07 -11.85 -5.40
C ILE D 21 -0.98 -11.83 -6.62
N LEU D 22 -2.09 -11.11 -6.52
CA LEU D 22 -3.02 -11.01 -7.63
C LEU D 22 -2.47 -10.12 -8.74
N TRP D 23 -1.90 -8.98 -8.33
CA TRP D 23 -1.35 -8.04 -9.30
C TRP D 23 -0.16 -8.65 -10.02
N ILE D 24 0.65 -9.39 -9.29
CA ILE D 24 1.82 -10.02 -9.88
C ILE D 24 1.39 -11.07 -10.92
N LEU D 25 0.43 -11.90 -10.55
CA LEU D 25 -0.05 -12.94 -11.45
C LEU D 25 -0.71 -12.34 -12.66
N ASP D 26 -1.44 -11.25 -12.45
CA ASP D 26 -2.15 -10.58 -13.54
C ASP D 26 -1.17 -10.16 -14.63
N ARG D 27 -0.04 -9.60 -14.23
CA ARG D 27 0.97 -9.16 -15.19
C ARG D 27 1.54 -10.33 -15.96
N LEU D 28 2.00 -11.35 -15.24
CA LEU D 28 2.58 -12.53 -15.88
C LEU D 28 1.54 -13.25 -16.71
N PHE D 29 0.34 -13.37 -16.15
CA PHE D 29 -0.75 -14.06 -16.86
C PHE D 29 -1.71 -13.05 -17.48
N PHE D 30 -1.15 -11.99 -18.04
CA PHE D 30 -1.96 -10.96 -18.69
C PHE D 30 -3.03 -11.59 -19.57
N LYS D 31 -4.16 -11.93 -18.98
CA LYS D 31 -5.25 -12.53 -19.74
C LYS D 31 -6.57 -12.37 -18.98
O A2Y E . 2.08 -0.17 9.46
S A2Y E . 2.34 0.27 12.30
C1 A2Y E . 2.49 1.20 13.43
N1 A2Y E . 1.78 -0.12 8.18
C2 A2Y E . 2.35 2.47 13.07
N2 A2Y E . 1.07 0.27 5.64
C3 A2Y E . 2.12 2.52 11.77
C4 A2Y E . 1.47 1.78 8.95
C5 A2Y E . 1.02 1.45 6.51
C9 A2Y E . 1.42 1.04 7.87
C10 A2Y E . 0.79 0.45 4.22
C11 A2Y E . 1.90 0.94 9.93
C12 A2Y E . 2.11 1.27 11.25
C61 A2Y E . 1.75 1.49 3.57
C62 A2Y E . -0.66 0.94 3.97
C63 A2Y E . 0.98 -0.88 3.43
C71 A2Y E . 1.45 1.68 2.07
C72 A2Y E . -0.95 1.13 2.47
C73 A2Y E . 0.68 -0.68 1.93
C81 A2Y E . 0.01 2.16 1.88
C82 A2Y E . -0.76 -0.21 1.75
C83 A2Y E . 1.65 0.35 1.34
H44 A2Y E . 1.22 2.84 9.02
H1 A2Y E . 2.68 0.86 14.45
H2 A2Y E . 2.42 3.34 13.73
H3 A2Y E . 1.98 3.45 11.21
H15 A2Y E . 1.72 2.23 6.15
H25 A2Y E . -0.01 1.87 6.54
H161 A2Y E . 2.77 1.17 3.68
H261 A2Y E . 1.64 2.45 4.04
H362 A2Y E . -0.82 1.90 4.46
H462 A2Y E . -1.36 0.23 4.38
H563 A2Y E . 0.31 -1.63 3.82
H663 A2Y E . 1.99 -1.22 3.53
H171 A2Y E . 2.12 2.42 1.67
H272 A2Y E . -1.97 1.46 2.35
H373 A2Y E . 0.81 -1.62 1.42
H181 A2Y E . -0.13 3.11 2.39
H281 A2Y E . -0.20 2.29 0.83
H382 A2Y E . -1.44 -0.95 2.18
H482 A2Y E . -0.99 -0.09 0.70
H583 A2Y E . 2.66 0.02 1.48
H683 A2Y E . 1.44 0.48 0.29
H1N2 A2Y E . 2.02 -0.15 5.73
H2N2 A2Y E . 0.38 -0.43 6.00
N SER A 1 -6.57 16.73 17.54
CA SER A 1 -7.47 15.68 18.09
C SER A 1 -6.93 14.30 17.71
N ASN A 2 -7.33 13.28 18.47
CA ASN A 2 -6.90 11.92 18.20
C ASN A 2 -5.37 11.84 18.20
N ASP A 3 -4.75 12.56 19.13
CA ASP A 3 -3.29 12.56 19.23
C ASP A 3 -2.76 11.16 19.49
N SER A 4 -3.46 10.41 20.34
CA SER A 4 -3.04 9.04 20.66
C SER A 4 -3.02 8.17 19.42
N SER A 5 -4.08 8.30 18.59
CA SER A 5 -4.20 7.52 17.36
C SER A 5 -4.14 8.46 16.16
N ASP A 6 -2.97 8.53 15.53
CA ASP A 6 -2.80 9.40 14.38
C ASP A 6 -3.76 9.00 13.24
N PRO A 7 -4.46 9.94 12.63
CA PRO A 7 -5.41 9.63 11.53
C PRO A 7 -4.69 9.20 10.24
N LEU A 8 -3.41 9.54 10.14
CA LEU A 8 -2.64 9.21 8.95
C LEU A 8 -2.55 7.68 8.78
N VAL A 9 -2.28 6.99 9.87
CA VAL A 9 -2.17 5.53 9.83
C VAL A 9 -3.51 4.91 9.48
N VAL A 10 -4.56 5.39 10.13
CA VAL A 10 -5.91 4.87 9.88
C VAL A 10 -6.33 5.15 8.44
N ALA A 11 -6.09 6.37 7.99
CA ALA A 11 -6.46 6.75 6.63
C ALA A 11 -5.66 5.95 5.61
N ALA A 12 -4.39 5.71 5.91
CA ALA A 12 -3.54 4.95 5.01
C ALA A 12 -4.13 3.58 4.73
N ASN A 13 -4.55 2.89 5.79
CA ASN A 13 -5.14 1.56 5.63
C ASN A 13 -6.45 1.64 4.86
N ILE A 14 -7.26 2.65 5.17
CA ILE A 14 -8.54 2.82 4.49
C ILE A 14 -8.33 3.11 3.00
N ILE A 15 -7.37 3.99 2.71
CA ILE A 15 -7.07 4.34 1.32
C ILE A 15 -6.57 3.13 0.55
N GLY A 16 -5.69 2.34 1.16
CA GLY A 16 -5.14 1.16 0.49
C GLY A 16 -6.26 0.17 0.16
N ILE A 17 -7.15 -0.05 1.13
CA ILE A 17 -8.26 -0.98 0.93
C ILE A 17 -9.17 -0.47 -0.18
N LEU A 18 -9.45 0.82 -0.16
CA LEU A 18 -10.31 1.43 -1.15
C LEU A 18 -9.71 1.25 -2.54
N HIS A 19 -8.38 1.36 -2.63
CA HIS A 19 -7.69 1.20 -3.89
C HIS A 19 -7.99 -0.18 -4.47
N LEU A 20 -8.00 -1.20 -3.62
CA LEU A 20 -8.27 -2.55 -4.07
C LEU A 20 -9.66 -2.66 -4.69
N ILE A 21 -10.63 -2.00 -4.09
CA ILE A 21 -11.99 -2.07 -4.62
C ILE A 21 -12.04 -1.49 -6.03
N LEU A 22 -11.39 -0.35 -6.24
CA LEU A 22 -11.38 0.29 -7.56
C LEU A 22 -10.50 -0.49 -8.53
N TRP A 23 -9.32 -0.91 -8.07
CA TRP A 23 -8.39 -1.65 -8.93
C TRP A 23 -8.93 -3.03 -9.28
N ILE A 24 -9.42 -3.75 -8.29
CA ILE A 24 -9.95 -5.10 -8.52
C ILE A 24 -11.18 -5.03 -9.43
N LEU A 25 -12.01 -4.01 -9.22
CA LEU A 25 -13.21 -3.83 -10.01
C LEU A 25 -12.86 -3.62 -11.49
N ASP A 26 -11.82 -2.83 -11.74
CA ASP A 26 -11.40 -2.56 -13.10
C ASP A 26 -11.00 -3.85 -13.80
N ARG A 27 -10.26 -4.70 -13.09
CA ARG A 27 -9.81 -5.96 -13.64
C ARG A 27 -11.00 -6.89 -13.87
N LEU A 28 -12.10 -6.64 -13.18
CA LEU A 28 -13.28 -7.48 -13.33
C LEU A 28 -13.82 -7.41 -14.77
N PHE A 29 -13.94 -6.19 -15.29
CA PHE A 29 -14.42 -6.01 -16.65
C PHE A 29 -13.49 -6.67 -17.66
N PHE A 30 -12.18 -6.44 -17.50
CA PHE A 30 -11.17 -7.01 -18.39
C PHE A 30 -10.31 -8.02 -17.64
N LYS A 31 -10.32 -9.25 -18.11
CA LYS A 31 -9.53 -10.31 -17.48
C LYS A 31 -8.16 -10.42 -18.14
N SER B 1 17.49 11.89 13.78
CA SER B 1 16.42 12.88 14.12
C SER B 1 15.06 12.22 13.99
N ASN B 2 14.06 12.80 14.66
CA ASN B 2 12.71 12.25 14.61
C ASN B 2 12.70 10.79 15.06
N ASP B 3 13.48 10.50 16.09
CA ASP B 3 13.56 9.13 16.60
C ASP B 3 12.20 8.66 17.09
N SER B 4 11.47 9.54 17.75
CA SER B 4 10.14 9.20 18.26
C SER B 4 9.21 8.80 17.12
N SER B 5 9.25 9.57 16.03
CA SER B 5 8.41 9.29 14.86
C SER B 5 9.28 8.91 13.68
N ASP B 6 9.38 7.61 13.40
CA ASP B 6 10.20 7.13 12.30
C ASP B 6 9.70 7.71 10.96
N PRO B 7 10.58 8.23 10.13
CA PRO B 7 10.16 8.81 8.81
C PRO B 7 9.71 7.74 7.82
N LEU B 8 10.11 6.50 8.07
CA LEU B 8 9.74 5.40 7.17
C LEU B 8 8.23 5.22 7.13
N VAL B 9 7.60 5.25 8.30
CA VAL B 9 6.15 5.09 8.38
C VAL B 9 5.45 6.26 7.69
N VAL B 10 5.91 7.48 7.97
CA VAL B 10 5.31 8.66 7.38
C VAL B 10 5.50 8.66 5.87
N ALA B 11 6.71 8.34 5.43
CA ALA B 11 7.01 8.30 4.01
C ALA B 11 6.20 7.22 3.31
N ALA B 12 6.03 6.07 3.97
CA ALA B 12 5.26 4.98 3.40
C ALA B 12 3.85 5.43 3.04
N ASN B 13 3.20 6.11 3.98
CA ASN B 13 1.84 6.58 3.75
C ASN B 13 1.82 7.61 2.63
N ILE B 14 2.80 8.51 2.62
CA ILE B 14 2.88 9.54 1.59
C ILE B 14 3.11 8.91 0.22
N ILE B 15 4.01 7.94 0.16
CA ILE B 15 4.31 7.26 -1.10
C ILE B 15 3.08 6.52 -1.63
N GLY B 16 2.38 5.82 -0.73
CA GLY B 16 1.19 5.08 -1.14
C GLY B 16 0.13 6.01 -1.72
N ILE B 17 -0.08 7.14 -1.05
CA ILE B 17 -1.06 8.11 -1.49
C ILE B 17 -0.65 8.69 -2.86
N LEU B 18 0.62 9.00 -2.98
CA LEU B 18 1.14 9.54 -4.23
C LEU B 18 0.92 8.55 -5.37
N HIS B 19 1.08 7.27 -5.07
CA HIS B 19 0.89 6.24 -6.08
C HIS B 19 -0.52 6.31 -6.63
N LEU B 20 -1.50 6.53 -5.76
CA LEU B 20 -2.88 6.62 -6.18
C LEU B 20 -3.09 7.76 -7.18
N ILE B 21 -2.45 8.89 -6.92
CA ILE B 21 -2.59 10.03 -7.82
C ILE B 21 -2.09 9.68 -9.22
N LEU B 22 -0.94 9.04 -9.30
CA LEU B 22 -0.37 8.65 -10.59
C LEU B 22 -1.15 7.51 -11.22
N TRP B 23 -1.49 6.50 -10.41
CA TRP B 23 -2.23 5.33 -10.91
C TRP B 23 -3.65 5.71 -11.32
N ILE B 24 -4.34 6.46 -10.48
CA ILE B 24 -5.72 6.85 -10.78
C ILE B 24 -5.75 7.76 -11.99
N LEU B 25 -4.76 8.63 -12.10
CA LEU B 25 -4.68 9.56 -13.22
C LEU B 25 -4.53 8.81 -14.53
N ASP B 26 -3.70 7.77 -14.52
CA ASP B 26 -3.47 6.97 -15.72
C ASP B 26 -4.78 6.34 -16.19
N ARG B 27 -5.54 5.82 -15.24
CA ARG B 27 -6.82 5.20 -15.56
C ARG B 27 -7.82 6.23 -16.08
N LEU B 28 -7.58 7.49 -15.75
CA LEU B 28 -8.48 8.56 -16.18
C LEU B 28 -8.51 8.65 -17.71
N PHE B 29 -7.33 8.65 -18.33
CA PHE B 29 -7.23 8.72 -19.78
C PHE B 29 -7.90 7.51 -20.43
N PHE B 30 -7.59 6.32 -19.91
CA PHE B 30 -8.16 5.08 -20.44
C PHE B 30 -9.09 4.44 -19.41
N LYS B 31 -10.36 4.27 -19.78
CA LYS B 31 -11.34 3.68 -18.88
C LYS B 31 -11.41 2.17 -19.11
N SER C 1 12.89 -12.00 17.95
CA SER C 1 13.87 -10.88 17.87
C SER C 1 13.18 -9.63 17.36
N ASN C 2 13.78 -8.47 17.64
CA ASN C 2 13.21 -7.20 17.20
C ASN C 2 11.78 -7.05 17.70
N ASP C 3 11.54 -7.47 18.94
CA ASP C 3 10.21 -7.39 19.51
C ASP C 3 9.73 -5.94 19.58
N SER C 4 10.63 -5.03 19.92
CA SER C 4 10.29 -3.61 20.01
C SER C 4 9.82 -3.09 18.65
N SER C 5 10.53 -3.46 17.59
CA SER C 5 10.20 -3.03 16.23
C SER C 5 9.77 -4.25 15.41
N ASP C 6 8.46 -4.42 15.24
CA ASP C 6 7.95 -5.55 14.48
C ASP C 6 8.45 -5.50 13.02
N PRO C 7 8.94 -6.59 12.48
CA PRO C 7 9.45 -6.61 11.07
C PRO C 7 8.33 -6.50 10.04
N LEU C 8 7.10 -6.80 10.47
CA LEU C 8 5.96 -6.73 9.57
C LEU C 8 5.75 -5.30 9.06
N VAL C 9 5.82 -4.34 9.97
CA VAL C 9 5.64 -2.94 9.59
C VAL C 9 6.77 -2.49 8.66
N VAL C 10 8.00 -2.84 9.01
CA VAL C 10 9.16 -2.46 8.20
C VAL C 10 9.07 -3.12 6.83
N ALA C 11 8.74 -4.41 6.81
CA ALA C 11 8.64 -5.14 5.55
C ALA C 11 7.51 -4.58 4.70
N ALA C 12 6.41 -4.22 5.33
CA ALA C 12 5.27 -3.67 4.60
C ALA C 12 5.69 -2.45 3.80
N ASN C 13 6.40 -1.53 4.45
CA ASN C 13 6.84 -0.32 3.77
C ASN C 13 7.81 -0.65 2.65
N ILE C 14 8.72 -1.58 2.91
CA ILE C 14 9.70 -1.99 1.91
C ILE C 14 9.01 -2.64 0.71
N ILE C 15 8.05 -3.51 0.98
CA ILE C 15 7.32 -4.19 -0.08
C ILE C 15 6.54 -3.19 -0.92
N GLY C 16 5.87 -2.24 -0.26
CA GLY C 16 5.09 -1.24 -0.99
C GLY C 16 5.97 -0.41 -1.91
N ILE C 17 7.13 0.00 -1.41
CA ILE C 17 8.06 0.79 -2.19
C ILE C 17 8.57 -0.02 -3.38
N LEU C 18 8.90 -1.28 -3.12
CA LEU C 18 9.39 -2.17 -4.17
C LEU C 18 8.35 -2.31 -5.26
N HIS C 19 7.08 -2.38 -4.86
CA HIS C 19 5.99 -2.51 -5.82
C HIS C 19 6.02 -1.35 -6.80
N LEU C 20 6.26 -0.15 -6.28
CA LEU C 20 6.30 1.04 -7.13
C LEU C 20 7.40 0.91 -8.19
N ILE C 21 8.55 0.39 -7.81
CA ILE C 21 9.64 0.25 -8.77
C ILE C 21 9.24 -0.67 -9.91
N LEU C 22 8.61 -1.79 -9.59
CA LEU C 22 8.18 -2.73 -10.62
C LEU C 22 6.98 -2.19 -11.40
N TRP C 23 6.01 -1.62 -10.69
CA TRP C 23 4.82 -1.08 -11.34
C TRP C 23 5.14 0.15 -12.19
N ILE C 24 5.92 1.07 -11.65
CA ILE C 24 6.27 2.28 -12.38
C ILE C 24 7.12 1.92 -13.60
N LEU C 25 8.01 0.96 -13.42
CA LEU C 25 8.88 0.52 -14.51
C LEU C 25 8.06 -0.03 -15.67
N ASP C 26 7.04 -0.82 -15.35
CA ASP C 26 6.19 -1.41 -16.37
C ASP C 26 5.52 -0.31 -17.20
N ARG C 27 5.04 0.71 -16.51
CA ARG C 27 4.36 1.81 -17.19
C ARG C 27 5.35 2.60 -18.04
N LEU C 28 6.64 2.48 -17.73
CA LEU C 28 7.67 3.20 -18.47
C LEU C 28 7.69 2.74 -19.93
N PHE C 29 7.67 1.43 -20.14
CA PHE C 29 7.68 0.87 -21.49
C PHE C 29 6.42 1.31 -22.26
N PHE C 30 5.27 1.18 -21.60
CA PHE C 30 3.99 1.55 -22.22
C PHE C 30 3.38 2.75 -21.51
N LYS C 31 3.19 3.84 -22.25
CA LYS C 31 2.61 5.06 -21.67
C LYS C 31 1.09 5.05 -21.84
N SER D 1 -11.27 -7.38 21.40
CA SER D 1 -10.11 -8.31 21.58
C SER D 1 -8.91 -7.74 20.85
N ASN D 2 -7.72 -8.18 21.26
CA ASN D 2 -6.49 -7.71 20.63
C ASN D 2 -6.40 -6.19 20.67
N ASP D 3 -6.82 -5.61 21.80
CA ASP D 3 -6.78 -4.16 21.95
C ASP D 3 -5.36 -3.63 21.81
N SER D 4 -4.40 -4.36 22.38
CA SER D 4 -3.00 -3.95 22.31
C SER D 4 -2.52 -3.89 20.87
N SER D 5 -2.88 -4.90 20.08
CA SER D 5 -2.50 -4.97 18.67
C SER D 5 -3.74 -4.86 17.80
N ASP D 6 -3.98 -3.67 17.25
CA ASP D 6 -5.15 -3.45 16.41
C ASP D 6 -5.10 -4.36 15.17
N PRO D 7 -6.18 -5.05 14.83
CA PRO D 7 -6.20 -5.96 13.64
C PRO D 7 -6.16 -5.18 12.32
N LEU D 8 -6.51 -3.90 12.38
CA LEU D 8 -6.52 -3.08 11.16
C LEU D 8 -5.12 -2.98 10.57
N VAL D 9 -4.13 -2.74 11.42
CA VAL D 9 -2.75 -2.62 10.97
C VAL D 9 -2.26 -3.95 10.41
N VAL D 10 -2.54 -5.04 11.13
CA VAL D 10 -2.12 -6.36 10.68
C VAL D 10 -2.81 -6.73 9.37
N ALA D 11 -4.11 -6.48 9.30
CA ALA D 11 -4.87 -6.79 8.09
C ALA D 11 -4.38 -5.95 6.92
N ALA D 12 -4.07 -4.70 7.18
CA ALA D 12 -3.59 -3.79 6.13
C ALA D 12 -2.36 -4.37 5.45
N ASN D 13 -1.40 -4.83 6.25
CA ASN D 13 -0.18 -5.40 5.70
C ASN D 13 -0.48 -6.68 4.92
N ILE D 14 -1.36 -7.51 5.48
CA ILE D 14 -1.74 -8.76 4.83
C ILE D 14 -2.44 -8.49 3.50
N ILE D 15 -3.35 -7.53 3.50
CA ILE D 15 -4.09 -7.19 2.30
C ILE D 15 -3.15 -6.65 1.22
N GLY D 16 -2.22 -5.77 1.62
CA GLY D 16 -1.27 -5.20 0.67
C GLY D 16 -0.42 -6.30 0.02
N ILE D 17 0.07 -7.22 0.84
CA ILE D 17 0.88 -8.32 0.34
C ILE D 17 0.07 -9.19 -0.61
N LEU D 18 -1.16 -9.47 -0.23
CA LEU D 18 -2.04 -10.30 -1.05
C LEU D 18 -2.26 -9.64 -2.40
N HIS D 19 -2.38 -8.32 -2.39
CA HIS D 19 -2.58 -7.58 -3.63
C HIS D 19 -1.44 -7.84 -4.60
N LEU D 20 -0.22 -7.88 -4.07
CA LEU D 20 0.95 -8.12 -4.90
C LEU D 20 0.86 -9.49 -5.58
N ILE D 21 0.39 -10.49 -4.86
CA ILE D 21 0.30 -11.82 -5.44
C ILE D 21 -0.66 -11.82 -6.62
N LEU D 22 -1.80 -11.17 -6.47
CA LEU D 22 -2.79 -11.11 -7.54
C LEU D 22 -2.32 -10.19 -8.67
N TRP D 23 -1.79 -9.02 -8.31
CA TRP D 23 -1.31 -8.06 -9.30
C TRP D 23 -0.09 -8.57 -10.06
N ILE D 24 0.88 -9.11 -9.32
CA ILE D 24 2.10 -9.62 -9.96
C ILE D 24 1.75 -10.81 -10.85
N LEU D 25 0.84 -11.64 -10.39
CA LEU D 25 0.43 -12.82 -11.16
C LEU D 25 -0.19 -12.40 -12.48
N ASP D 26 -1.02 -11.36 -12.45
CA ASP D 26 -1.67 -10.89 -13.67
C ASP D 26 -0.63 -10.46 -14.69
N ARG D 27 0.39 -9.74 -14.21
CA ARG D 27 1.44 -9.26 -15.10
C ARG D 27 2.26 -10.44 -15.64
N LEU D 28 2.21 -11.57 -14.95
CA LEU D 28 2.96 -12.74 -15.37
C LEU D 28 2.48 -13.21 -16.75
N PHE D 29 1.17 -13.32 -16.91
CA PHE D 29 0.59 -13.76 -18.18
C PHE D 29 0.95 -12.77 -19.29
N PHE D 30 0.77 -11.49 -19.02
CA PHE D 30 1.07 -10.44 -20.00
C PHE D 30 2.26 -9.60 -19.54
N LYS D 31 3.32 -9.58 -20.34
CA LYS D 31 4.51 -8.80 -20.01
C LYS D 31 4.44 -7.41 -20.62
O A2Y E . 2.51 -0.27 9.65
S A2Y E . 2.86 0.25 12.45
C1 A2Y E . 2.65 1.06 13.64
N1 A2Y E . 2.41 -0.24 8.32
C2 A2Y E . 2.08 2.23 13.37
N2 A2Y E . 0.98 0.36 5.87
C3 A2Y E . 1.87 2.31 12.05
C4 A2Y E . 2.00 1.69 9.02
C5 A2Y E . 1.91 1.30 6.50
C9 A2Y E . 2.10 0.91 7.94
C10 A2Y E . 0.74 0.47 4.40
C11 A2Y E . 2.28 0.86 10.08
C12 A2Y E . 2.31 1.17 11.44
C61 A2Y E . -0.28 -0.61 3.93
C62 A2Y E . 2.05 0.25 3.58
C63 A2Y E . 0.16 1.85 4.00
C71 A2Y E . -0.53 -0.51 2.41
C72 A2Y E . 1.79 0.34 2.07
C73 A2Y E . -0.09 1.94 2.48
C81 A2Y E . 0.78 -0.73 1.64
C82 A2Y E . 1.23 1.73 1.71
C83 A2Y E . -1.10 0.86 2.05
H44 A2Y E . 1.75 2.75 9.03
H1 A2Y E . 2.94 0.74 14.64
H2 A2Y E . 1.83 3.01 14.11
H3 A2Y E . 1.41 3.19 11.57
H15 A2Y E . 2.90 1.27 6.00
H25 A2Y E . 1.52 2.34 6.46
H161 A2Y E . -1.21 -0.47 4.45
H261 A2Y E . 0.10 -1.59 4.16
H362 A2Y E . 2.46 -0.72 3.81
H462 A2Y E . 2.79 1.01 3.85
H563 A2Y E . 0.85 2.64 4.27
H663 A2Y E . -0.77 2.02 4.51
H171 A2Y E . -1.24 -1.28 2.12
H272 A2Y E . 2.72 0.20 1.53
H373 A2Y E . -0.49 2.91 2.23
H181 A2Y E . 1.18 -1.71 1.87
H281 A2Y E . 0.60 -0.67 0.58
H382 A2Y E . 1.93 2.49 2.01
H482 A2Y E . 1.04 1.79 0.65
H583 A2Y E . -2.03 1.02 2.58
H683 A2Y E . -1.27 0.92 0.99
H1N2 A2Y E . 1.32 -0.61 6.08
H2N2 A2Y E . 0.05 0.47 6.35
N SER A 1 -12.64 3.99 20.77
CA SER A 1 -11.63 2.91 20.62
C SER A 1 -10.79 3.18 19.37
N ASN A 2 -10.67 4.45 19.00
CA ASN A 2 -9.89 4.83 17.82
C ASN A 2 -8.45 5.14 18.20
N ASP A 3 -8.10 4.88 19.46
CA ASP A 3 -6.74 5.13 19.94
C ASP A 3 -5.83 3.96 19.61
N SER A 4 -6.41 2.92 19.01
CA SER A 4 -5.64 1.75 18.64
C SER A 4 -4.62 2.08 17.56
N SER A 5 -4.96 3.02 16.69
CA SER A 5 -4.06 3.43 15.62
C SER A 5 -4.27 4.90 15.28
N ASP A 6 -3.17 5.63 15.23
CA ASP A 6 -3.24 7.06 14.94
C ASP A 6 -4.10 7.31 13.68
N PRO A 7 -4.74 8.46 13.60
CA PRO A 7 -5.58 8.82 12.41
C PRO A 7 -4.86 8.55 11.09
N LEU A 8 -3.58 8.92 11.02
CA LEU A 8 -2.81 8.72 9.80
C LEU A 8 -2.70 7.24 9.48
N VAL A 9 -2.43 6.43 10.49
CA VAL A 9 -2.31 4.99 10.29
C VAL A 9 -3.64 4.39 9.83
N VAL A 10 -4.71 4.78 10.51
CA VAL A 10 -6.04 4.27 10.17
C VAL A 10 -6.40 4.65 8.74
N ALA A 11 -6.18 5.93 8.40
CA ALA A 11 -6.50 6.40 7.06
C ALA A 11 -5.72 5.61 6.02
N ALA A 12 -4.45 5.34 6.31
CA ALA A 12 -3.62 4.59 5.36
C ALA A 12 -4.30 3.28 4.98
N ASN A 13 -4.90 2.62 5.95
CA ASN A 13 -5.59 1.36 5.69
C ASN A 13 -6.76 1.58 4.72
N ILE A 14 -7.47 2.69 4.91
CA ILE A 14 -8.61 3.01 4.06
C ILE A 14 -8.16 3.26 2.62
N ILE A 15 -7.07 4.00 2.47
CA ILE A 15 -6.56 4.29 1.14
C ILE A 15 -6.14 3.02 0.42
N GLY A 16 -5.41 2.16 1.12
CA GLY A 16 -4.96 0.91 0.51
C GLY A 16 -6.15 0.02 0.13
N ILE A 17 -7.04 -0.21 1.09
CA ILE A 17 -8.22 -1.04 0.86
C ILE A 17 -9.12 -0.40 -0.19
N LEU A 18 -9.30 0.91 -0.09
CA LEU A 18 -10.15 1.62 -1.04
C LEU A 18 -9.62 1.46 -2.45
N HIS A 19 -8.30 1.54 -2.60
CA HIS A 19 -7.68 1.40 -3.91
C HIS A 19 -8.03 0.06 -4.53
N LEU A 20 -8.05 -0.97 -3.70
CA LEU A 20 -8.36 -2.31 -4.19
C LEU A 20 -9.76 -2.34 -4.79
N ILE A 21 -10.70 -1.66 -4.17
CA ILE A 21 -12.05 -1.66 -4.67
C ILE A 21 -12.09 -1.11 -6.09
N LEU A 22 -11.38 0.00 -6.31
CA LEU A 22 -11.35 0.61 -7.64
C LEU A 22 -10.50 -0.22 -8.61
N TRP A 23 -9.34 -0.66 -8.14
CA TRP A 23 -8.45 -1.46 -8.98
C TRP A 23 -9.09 -2.80 -9.33
N ILE A 24 -9.80 -3.38 -8.38
CA ILE A 24 -10.45 -4.66 -8.61
C ILE A 24 -11.50 -4.52 -9.70
N LEU A 25 -12.27 -3.46 -9.63
CA LEU A 25 -13.33 -3.24 -10.62
C LEU A 25 -12.73 -3.14 -12.00
N ASP A 26 -11.63 -2.38 -12.13
CA ASP A 26 -10.98 -2.21 -13.41
C ASP A 26 -10.49 -3.54 -13.95
N ARG A 27 -9.97 -4.38 -13.07
CA ARG A 27 -9.46 -5.68 -13.47
C ARG A 27 -10.59 -6.53 -14.05
N LEU A 28 -11.77 -6.43 -13.44
CA LEU A 28 -12.91 -7.21 -13.88
C LEU A 28 -13.26 -6.87 -15.34
N PHE A 29 -13.23 -5.58 -15.65
CA PHE A 29 -13.56 -5.13 -17.01
C PHE A 29 -12.31 -5.16 -17.90
N PHE A 30 -11.17 -5.44 -17.29
CA PHE A 30 -9.91 -5.50 -18.03
C PHE A 30 -8.98 -6.56 -17.43
N LYS A 31 -8.94 -7.72 -18.07
CA LYS A 31 -8.08 -8.81 -17.59
C LYS A 31 -6.63 -8.58 -18.02
N SER B 1 4.92 18.22 15.79
CA SER B 1 3.88 17.18 16.03
C SER B 1 4.10 16.02 15.06
N ASN B 2 5.35 15.81 14.66
CA ASN B 2 5.68 14.73 13.74
C ASN B 2 6.06 13.46 14.51
N ASP B 3 5.88 13.51 15.82
CA ASP B 3 6.21 12.36 16.66
C ASP B 3 5.05 11.37 16.69
N SER B 4 3.97 11.73 16.02
CA SER B 4 2.78 10.88 15.97
C SER B 4 3.09 9.57 15.23
N SER B 5 3.96 9.66 14.22
CA SER B 5 4.33 8.49 13.44
C SER B 5 5.76 8.61 12.96
N ASP B 6 6.53 7.55 13.18
CA ASP B 6 7.93 7.55 12.79
C ASP B 6 8.08 8.00 11.33
N PRO B 7 9.20 8.60 10.98
CA PRO B 7 9.45 9.06 9.58
C PRO B 7 9.14 7.97 8.55
N LEU B 8 9.53 6.74 8.83
CA LEU B 8 9.29 5.64 7.91
C LEU B 8 7.80 5.41 7.73
N VAL B 9 7.06 5.46 8.83
CA VAL B 9 5.61 5.26 8.77
C VAL B 9 4.94 6.39 7.99
N VAL B 10 5.34 7.62 8.29
CA VAL B 10 4.77 8.77 7.62
C VAL B 10 5.05 8.71 6.12
N ALA B 11 6.30 8.42 5.77
CA ALA B 11 6.69 8.33 4.37
C ALA B 11 5.86 7.27 3.66
N ALA B 12 5.65 6.14 4.31
CA ALA B 12 4.87 5.06 3.72
C ALA B 12 3.52 5.57 3.25
N ASN B 13 2.91 6.44 4.04
CA ASN B 13 1.61 7.00 3.67
C ASN B 13 1.74 7.82 2.39
N ILE B 14 2.84 8.58 2.28
CA ILE B 14 3.06 9.42 1.11
C ILE B 14 3.23 8.57 -0.14
N ILE B 15 4.00 7.50 -0.02
CA ILE B 15 4.23 6.61 -1.15
C ILE B 15 2.93 5.98 -1.63
N GLY B 16 2.13 5.48 -0.70
CA GLY B 16 0.86 4.86 -1.06
C GLY B 16 -0.08 5.87 -1.70
N ILE B 17 -0.27 7.00 -1.04
CA ILE B 17 -1.15 8.04 -1.55
C ILE B 17 -0.61 8.60 -2.86
N LEU B 18 0.70 8.82 -2.90
CA LEU B 18 1.32 9.37 -4.10
C LEU B 18 1.09 8.44 -5.29
N HIS B 19 1.20 7.14 -5.04
CA HIS B 19 1.00 6.16 -6.10
C HIS B 19 -0.38 6.30 -6.70
N LEU B 20 -1.36 6.54 -5.85
CA LEU B 20 -2.74 6.69 -6.32
C LEU B 20 -2.85 7.85 -7.30
N ILE B 21 -2.15 8.93 -7.03
CA ILE B 21 -2.23 10.08 -7.91
C ILE B 21 -1.76 9.70 -9.31
N LEU B 22 -0.65 8.97 -9.39
CA LEU B 22 -0.13 8.55 -10.68
C LEU B 22 -0.99 7.46 -11.31
N TRP B 23 -1.36 6.48 -10.49
CA TRP B 23 -2.18 5.37 -10.97
C TRP B 23 -3.56 5.86 -11.41
N ILE B 24 -4.10 6.81 -10.66
CA ILE B 24 -5.42 7.35 -10.99
C ILE B 24 -5.37 8.03 -12.34
N LEU B 25 -4.33 8.81 -12.58
CA LEU B 25 -4.21 9.52 -13.84
C LEU B 25 -4.16 8.54 -15.01
N ASP B 26 -3.40 7.47 -14.83
CA ASP B 26 -3.26 6.47 -15.89
C ASP B 26 -4.62 5.83 -16.18
N ARG B 27 -5.38 5.57 -15.13
CA ARG B 27 -6.69 4.95 -15.27
C ARG B 27 -7.61 5.86 -16.09
N LEU B 28 -7.51 7.16 -15.86
CA LEU B 28 -8.35 8.11 -16.58
C LEU B 28 -8.10 8.02 -18.09
N PHE B 29 -6.84 7.92 -18.47
CA PHE B 29 -6.49 7.83 -19.89
C PHE B 29 -6.53 6.39 -20.36
N PHE B 30 -6.73 5.46 -19.43
CA PHE B 30 -6.79 4.04 -19.76
C PHE B 30 -7.78 3.32 -18.85
N LYS B 31 -8.98 3.07 -19.37
CA LYS B 31 -10.01 2.39 -18.59
C LYS B 31 -9.76 0.88 -18.60
N SER C 1 19.40 0.32 15.22
CA SER C 1 18.34 1.37 15.21
C SER C 1 17.13 0.86 14.43
N ASN C 2 16.94 -0.46 14.43
CA ASN C 2 15.82 -1.07 13.72
C ASN C 2 14.62 -1.22 14.65
N ASP C 3 14.74 -0.67 15.86
CA ASP C 3 13.66 -0.75 16.83
C ASP C 3 12.64 0.36 16.59
N SER C 4 12.91 1.20 15.58
CA SER C 4 12.01 2.30 15.26
C SER C 4 10.68 1.76 14.73
N SER C 5 10.73 0.63 14.03
CA SER C 5 9.52 0.03 13.46
C SER C 5 9.66 -1.48 13.43
N ASP C 6 8.65 -2.16 13.95
CA ASP C 6 8.67 -3.61 13.99
C ASP C 6 9.05 -4.19 12.61
N PRO C 7 9.66 -5.36 12.57
CA PRO C 7 10.04 -6.00 11.27
C PRO C 7 8.89 -6.03 10.27
N LEU C 8 7.69 -6.34 10.74
CA LEU C 8 6.52 -6.40 9.87
C LEU C 8 6.25 -5.03 9.27
N VAL C 9 6.33 -4.00 10.10
CA VAL C 9 6.08 -2.64 9.63
C VAL C 9 7.12 -2.23 8.60
N VAL C 10 8.38 -2.49 8.92
CA VAL C 10 9.48 -2.13 8.03
C VAL C 10 9.33 -2.85 6.70
N ALA C 11 9.07 -4.15 6.76
CA ALA C 11 8.90 -4.93 5.55
C ALA C 11 7.77 -4.37 4.68
N ALA C 12 6.68 -3.99 5.33
CA ALA C 12 5.54 -3.45 4.61
C ALA C 12 5.97 -2.30 3.72
N ASN C 13 6.86 -1.46 4.23
CA ASN C 13 7.35 -0.33 3.46
C ASN C 13 8.10 -0.81 2.22
N ILE C 14 8.89 -1.87 2.40
CA ILE C 14 9.67 -2.43 1.29
C ILE C 14 8.75 -2.98 0.20
N ILE C 15 7.71 -3.69 0.63
CA ILE C 15 6.77 -4.27 -0.34
C ILE C 15 6.07 -3.17 -1.14
N GLY C 16 5.60 -2.14 -0.45
CA GLY C 16 4.91 -1.05 -1.13
C GLY C 16 5.85 -0.32 -2.09
N ILE C 17 7.00 0.07 -1.59
CA ILE C 17 7.98 0.78 -2.41
C ILE C 17 8.48 -0.12 -3.54
N LEU C 18 8.74 -1.38 -3.20
CA LEU C 18 9.24 -2.32 -4.19
C LEU C 18 8.23 -2.47 -5.33
N HIS C 19 6.95 -2.53 -4.98
CA HIS C 19 5.91 -2.67 -5.97
C HIS C 19 5.95 -1.53 -6.96
N LEU C 20 6.21 -0.32 -6.46
CA LEU C 20 6.28 0.85 -7.33
C LEU C 20 7.38 0.67 -8.37
N ILE C 21 8.50 0.11 -7.98
CA ILE C 21 9.59 -0.06 -8.92
C ILE C 21 9.14 -0.92 -10.10
N LEU C 22 8.45 -2.02 -9.79
CA LEU C 22 7.97 -2.92 -10.84
C LEU C 22 6.81 -2.30 -11.61
N TRP C 23 5.87 -1.72 -10.88
CA TRP C 23 4.71 -1.09 -11.50
C TRP C 23 5.11 0.09 -12.35
N ILE C 24 6.08 0.85 -11.87
CA ILE C 24 6.56 2.02 -12.61
C ILE C 24 7.16 1.58 -13.94
N LEU C 25 7.97 0.53 -13.90
CA LEU C 25 8.60 0.05 -15.12
C LEU C 25 7.55 -0.36 -16.14
N ASP C 26 6.52 -1.06 -15.69
CA ASP C 26 5.47 -1.51 -16.58
C ASP C 26 4.76 -0.31 -17.21
N ARG C 27 4.54 0.72 -16.42
CA ARG C 27 3.87 1.92 -16.91
C ARG C 27 4.69 2.57 -18.03
N LEU C 28 6.01 2.56 -17.87
CA LEU C 28 6.88 3.16 -18.87
C LEU C 28 6.71 2.48 -20.21
N PHE C 29 6.63 1.16 -20.20
CA PHE C 29 6.47 0.39 -21.44
C PHE C 29 4.99 0.27 -21.80
N PHE C 30 4.12 0.73 -20.91
CA PHE C 30 2.68 0.67 -21.15
C PHE C 30 1.98 1.87 -20.53
N LYS C 31 1.66 2.86 -21.35
CA LYS C 31 0.99 4.06 -20.87
C LYS C 31 -0.50 3.80 -20.70
N SER D 1 2.13 -13.75 20.25
CA SER D 1 3.14 -12.73 19.83
C SER D 1 2.53 -11.82 18.77
N ASN D 2 1.21 -11.66 18.81
CA ASN D 2 0.52 -10.82 17.84
C ASN D 2 0.39 -9.39 18.38
N ASP D 3 1.02 -9.13 19.51
CA ASP D 3 0.97 -7.80 20.12
C ASP D 3 2.01 -6.89 19.49
N SER D 4 2.80 -7.45 18.57
CA SER D 4 3.84 -6.68 17.90
C SER D 4 3.23 -5.58 17.03
N SER D 5 2.05 -5.85 16.46
CA SER D 5 1.37 -4.89 15.62
C SER D 5 -0.13 -5.05 15.73
N ASP D 6 -0.81 -3.94 15.96
CA ASP D 6 -2.26 -3.97 16.10
C ASP D 6 -2.91 -4.75 14.95
N PRO D 7 -4.05 -5.36 15.18
CA PRO D 7 -4.78 -6.13 14.12
C PRO D 7 -4.90 -5.34 12.82
N LEU D 8 -5.23 -4.06 12.93
CA LEU D 8 -5.39 -3.22 11.75
C LEU D 8 -4.06 -3.11 10.99
N VAL D 9 -2.98 -2.92 11.73
CA VAL D 9 -1.67 -2.81 11.11
C VAL D 9 -1.28 -4.12 10.43
N VAL D 10 -1.48 -5.23 11.14
CA VAL D 10 -1.14 -6.53 10.59
C VAL D 10 -1.95 -6.81 9.33
N ALA D 11 -3.25 -6.55 9.40
CA ALA D 11 -4.12 -6.78 8.26
C ALA D 11 -3.66 -5.96 7.07
N ALA D 12 -3.27 -4.71 7.31
CA ALA D 12 -2.82 -3.84 6.24
C ALA D 12 -1.71 -4.51 5.44
N ASN D 13 -0.82 -5.19 6.14
CA ASN D 13 0.28 -5.88 5.47
C ASN D 13 -0.26 -6.98 4.56
N ILE D 14 -1.28 -7.69 5.03
CA ILE D 14 -1.88 -8.77 4.26
C ILE D 14 -2.53 -8.24 3.00
N ILE D 15 -3.25 -7.14 3.13
CA ILE D 15 -3.93 -6.53 1.98
C ILE D 15 -2.92 -6.10 0.92
N GLY D 16 -1.86 -5.43 1.36
CA GLY D 16 -0.84 -4.96 0.43
C GLY D 16 -0.14 -6.14 -0.26
N ILE D 17 0.33 -7.09 0.55
CA ILE D 17 1.01 -8.25 0.01
C ILE D 17 0.06 -9.09 -0.84
N LEU D 18 -1.16 -9.25 -0.36
CA LEU D 18 -2.16 -10.03 -1.07
C LEU D 18 -2.41 -9.43 -2.45
N HIS D 19 -2.49 -8.11 -2.50
CA HIS D 19 -2.74 -7.41 -3.76
C HIS D 19 -1.65 -7.75 -4.77
N LEU D 20 -0.42 -7.83 -4.30
CA LEU D 20 0.70 -8.14 -5.19
C LEU D 20 0.50 -9.50 -5.83
N ILE D 21 0.00 -10.46 -5.08
CA ILE D 21 -0.20 -11.78 -5.63
C ILE D 21 -1.15 -11.73 -6.82
N LEU D 22 -2.24 -11.00 -6.66
CA LEU D 22 -3.23 -10.86 -7.74
C LEU D 22 -2.69 -9.99 -8.86
N TRP D 23 -2.10 -8.86 -8.50
CA TRP D 23 -1.57 -7.94 -9.49
C TRP D 23 -0.42 -8.57 -10.27
N ILE D 24 0.40 -9.34 -9.57
CA ILE D 24 1.53 -10.00 -10.21
C ILE D 24 1.03 -10.99 -11.25
N LEU D 25 0.01 -11.75 -10.90
CA LEU D 25 -0.53 -12.74 -11.83
C LEU D 25 -1.04 -12.06 -13.08
N ASP D 26 -1.74 -10.95 -12.91
CA ASP D 26 -2.29 -10.22 -14.05
C ASP D 26 -1.17 -9.73 -14.95
N ARG D 27 -0.09 -9.26 -14.34
CA ARG D 27 1.06 -8.76 -15.10
C ARG D 27 1.66 -9.87 -15.96
N LEU D 28 1.70 -11.08 -15.41
CA LEU D 28 2.27 -12.21 -16.13
C LEU D 28 1.49 -12.46 -17.41
N PHE D 29 0.17 -12.40 -17.34
CA PHE D 29 -0.67 -12.64 -18.51
C PHE D 29 -0.87 -11.34 -19.30
N PHE D 30 -0.39 -10.24 -18.73
CA PHE D 30 -0.52 -8.94 -19.39
C PHE D 30 0.70 -8.08 -19.11
N LYS D 31 1.62 -8.01 -20.07
CA LYS D 31 2.82 -7.20 -19.90
C LYS D 31 2.53 -5.73 -20.17
O A2Y E . 2.68 -0.69 9.49
S A2Y E . 2.78 0.32 12.20
C1 A2Y E . 2.48 1.37 13.18
N1 A2Y E . 2.71 -0.88 8.18
C2 A2Y E . 2.03 2.49 12.62
N2 A2Y E . 1.15 0.66 5.72
C3 A2Y E . 1.98 2.31 11.31
C4 A2Y E . 2.40 1.16 8.52
C5 A2Y E . 2.53 0.41 6.13
C9 A2Y E . 2.55 0.23 7.60
C10 A2Y E . 0.81 0.47 4.29
C11 A2Y E . 2.49 0.51 9.71
C12 A2Y E . 2.40 1.05 10.97
C61 A2Y E . -0.69 0.82 4.02
C62 A2Y E . 1.02 -1.01 3.85
C63 A2Y E . 1.66 1.38 3.35
C71 A2Y E . -1.05 0.60 2.53
C72 A2Y E . 0.66 -1.22 2.38
C73 A2Y E . 1.29 1.15 1.87
C81 A2Y E . -0.81 -0.87 2.15
C82 A2Y E . 1.54 -0.32 1.50
C83 A2Y E . -0.18 1.49 1.64
H44 A2Y E . 2.23 2.22 8.33
H1 A2Y E . 2.63 1.24 14.26
H2 A2Y E . 1.74 3.40 13.15
H3 A2Y E . 1.64 3.09 10.61
H15 A2Y E . 2.93 -0.50 5.67
H25 A2Y E . 3.19 1.27 5.88
H161 A2Y E . -0.87 1.86 4.27
H261 A2Y E . -1.32 0.20 4.64
H362 A2Y E . 0.39 -1.66 4.45
H462 A2Y E . 2.05 -1.30 3.99
H563 A2Y E . 2.72 1.17 3.47
H663 A2Y E . 1.48 2.42 3.58
H171 A2Y E . -2.09 0.85 2.38
H272 A2Y E . 0.82 -2.25 2.10
H373 A2Y E . 1.91 1.78 1.24
H181 A2Y E . -1.44 -1.51 2.76
H281 A2Y E . -1.07 -1.02 1.11
H382 A2Y E . 2.58 -0.56 1.68
H482 A2Y E . 1.30 -0.48 0.46
H583 A2Y E . -0.35 2.54 1.90
H683 A2Y E . -0.44 1.33 0.61
H1N2 A2Y E . 0.53 0.04 6.29
H2N2 A2Y E . 0.91 1.66 5.97
N SER A 1 -2.91 13.80 21.60
CA SER A 1 -3.36 12.43 21.22
C SER A 1 -2.18 11.47 21.33
N ASN A 2 -2.47 10.17 21.25
CA ASN A 2 -1.43 9.15 21.35
C ASN A 2 -0.73 8.98 20.01
N ASP A 3 0.57 8.70 20.06
CA ASP A 3 1.35 8.51 18.85
C ASP A 3 1.29 7.06 18.39
N SER A 4 0.57 6.23 19.14
CA SER A 4 0.43 4.83 18.81
C SER A 4 -0.21 4.65 17.44
N SER A 5 -1.23 5.47 17.15
CA SER A 5 -1.92 5.40 15.87
C SER A 5 -2.30 6.79 15.41
N ASP A 6 -1.55 7.33 14.46
CA ASP A 6 -1.82 8.67 13.96
C ASP A 6 -2.89 8.62 12.84
N PRO A 7 -3.64 9.68 12.66
CA PRO A 7 -4.69 9.75 11.60
C PRO A 7 -4.18 9.20 10.26
N LEU A 8 -2.91 9.45 9.96
CA LEU A 8 -2.32 8.98 8.71
C LEU A 8 -2.29 7.46 8.66
N VAL A 9 -1.96 6.84 9.79
CA VAL A 9 -1.87 5.38 9.83
C VAL A 9 -3.22 4.75 9.50
N VAL A 10 -4.26 5.22 10.18
CA VAL A 10 -5.61 4.70 9.95
C VAL A 10 -6.10 5.09 8.56
N ALA A 11 -5.83 6.33 8.16
CA ALA A 11 -6.25 6.81 6.86
C ALA A 11 -5.56 6.03 5.75
N ALA A 12 -4.30 5.71 5.95
CA ALA A 12 -3.55 4.96 4.95
C ALA A 12 -4.18 3.60 4.72
N ASN A 13 -4.59 2.95 5.80
CA ASN A 13 -5.21 1.63 5.68
C ASN A 13 -6.53 1.72 4.92
N ILE A 14 -7.32 2.74 5.22
CA ILE A 14 -8.60 2.94 4.55
C ILE A 14 -8.39 3.24 3.07
N ILE A 15 -7.42 4.10 2.77
CA ILE A 15 -7.14 4.47 1.40
C ILE A 15 -6.65 3.25 0.61
N GLY A 16 -5.76 2.48 1.22
CA GLY A 16 -5.22 1.30 0.55
C GLY A 16 -6.33 0.31 0.22
N ILE A 17 -7.21 0.07 1.19
CA ILE A 17 -8.32 -0.86 0.99
C ILE A 17 -9.24 -0.34 -0.12
N LEU A 18 -9.51 0.95 -0.07
CA LEU A 18 -10.39 1.56 -1.07
C LEU A 18 -9.80 1.37 -2.46
N HIS A 19 -8.48 1.48 -2.57
CA HIS A 19 -7.81 1.31 -3.85
C HIS A 19 -8.11 -0.05 -4.43
N LEU A 20 -8.10 -1.08 -3.58
CA LEU A 20 -8.37 -2.44 -4.03
C LEU A 20 -9.76 -2.54 -4.62
N ILE A 21 -10.72 -1.87 -4.03
CA ILE A 21 -12.09 -1.94 -4.52
C ILE A 21 -12.15 -1.38 -5.95
N LEU A 22 -11.49 -0.25 -6.18
CA LEU A 22 -11.50 0.37 -7.50
C LEU A 22 -10.62 -0.42 -8.47
N TRP A 23 -9.44 -0.83 -8.01
CA TRP A 23 -8.50 -1.56 -8.85
C TRP A 23 -9.03 -2.95 -9.19
N ILE A 24 -9.53 -3.66 -8.18
CA ILE A 24 -10.05 -5.01 -8.40
C ILE A 24 -11.26 -4.95 -9.32
N LEU A 25 -12.07 -3.92 -9.17
CA LEU A 25 -13.26 -3.77 -9.97
C LEU A 25 -12.91 -3.66 -11.44
N ASP A 26 -11.88 -2.87 -11.74
CA ASP A 26 -11.45 -2.69 -13.11
C ASP A 26 -10.98 -4.00 -13.71
N ARG A 27 -10.27 -4.78 -12.90
CA ARG A 27 -9.77 -6.07 -13.35
C ARG A 27 -10.91 -7.03 -13.70
N LEU A 28 -11.97 -6.98 -12.90
CA LEU A 28 -13.11 -7.84 -13.14
C LEU A 28 -13.76 -7.52 -14.48
N PHE A 29 -13.92 -6.23 -14.76
CA PHE A 29 -14.52 -5.80 -16.01
C PHE A 29 -13.58 -6.03 -17.18
N PHE A 30 -12.30 -5.75 -16.96
CA PHE A 30 -11.29 -5.92 -18.01
C PHE A 30 -10.16 -6.82 -17.51
N LYS A 31 -9.74 -7.76 -18.35
CA LYS A 31 -8.68 -8.67 -17.99
C LYS A 31 -7.34 -7.95 -17.97
N SER B 1 14.96 9.53 18.75
CA SER B 1 13.56 9.83 18.34
C SER B 1 12.65 8.72 18.88
N ASN B 2 11.34 8.95 18.79
CA ASN B 2 10.37 7.98 19.27
C ASN B 2 10.14 6.90 18.22
N ASP B 3 9.93 5.67 18.67
CA ASP B 3 9.70 4.54 17.76
C ASP B 3 8.22 4.44 17.41
N SER B 4 7.42 5.34 17.96
CA SER B 4 5.99 5.33 17.71
C SER B 4 5.70 5.52 16.22
N SER B 5 6.45 6.43 15.59
CA SER B 5 6.28 6.71 14.16
C SER B 5 7.63 6.96 13.52
N ASP B 6 8.14 5.98 12.80
CA ASP B 6 9.44 6.12 12.15
C ASP B 6 9.28 6.80 10.77
N PRO B 7 10.30 7.48 10.30
CA PRO B 7 10.26 8.16 8.97
C PRO B 7 9.66 7.27 7.88
N LEU B 8 9.95 5.97 7.96
CA LEU B 8 9.43 5.01 6.98
C LEU B 8 7.91 4.95 7.05
N VAL B 9 7.36 4.95 8.26
CA VAL B 9 5.92 4.85 8.43
C VAL B 9 5.21 6.03 7.76
N VAL B 10 5.69 7.23 8.06
CA VAL B 10 5.09 8.44 7.47
C VAL B 10 5.38 8.50 5.97
N ALA B 11 6.60 8.15 5.61
CA ALA B 11 7.00 8.17 4.20
C ALA B 11 6.17 7.17 3.40
N ALA B 12 5.91 6.01 3.99
CA ALA B 12 5.15 4.98 3.31
C ALA B 12 3.74 5.48 2.99
N ASN B 13 3.14 6.18 3.94
CA ASN B 13 1.79 6.71 3.74
C ASN B 13 1.78 7.74 2.60
N ILE B 14 2.79 8.60 2.59
CA ILE B 14 2.89 9.63 1.56
C ILE B 14 3.11 8.99 0.19
N ILE B 15 4.00 8.01 0.14
CA ILE B 15 4.29 7.33 -1.11
C ILE B 15 3.06 6.60 -1.63
N GLY B 16 2.36 5.92 -0.73
CA GLY B 16 1.17 5.17 -1.12
C GLY B 16 0.11 6.10 -1.70
N ILE B 17 -0.11 7.23 -1.03
CA ILE B 17 -1.09 8.20 -1.49
C ILE B 17 -0.68 8.76 -2.84
N LEU B 18 0.61 9.07 -2.98
CA LEU B 18 1.11 9.62 -4.23
C LEU B 18 0.86 8.64 -5.37
N HIS B 19 1.02 7.36 -5.08
CA HIS B 19 0.81 6.32 -6.09
C HIS B 19 -0.60 6.40 -6.64
N LEU B 20 -1.56 6.63 -5.75
CA LEU B 20 -2.96 6.72 -6.16
C LEU B 20 -3.16 7.87 -7.15
N ILE B 21 -2.49 8.98 -6.91
CA ILE B 21 -2.64 10.13 -7.79
C ILE B 21 -2.17 9.77 -9.20
N LEU B 22 -1.03 9.10 -9.30
CA LEU B 22 -0.51 8.73 -10.60
C LEU B 22 -1.30 7.57 -11.21
N TRP B 23 -1.63 6.58 -10.39
CA TRP B 23 -2.37 5.42 -10.86
C TRP B 23 -3.80 5.80 -11.25
N ILE B 24 -4.47 6.55 -10.40
CA ILE B 24 -5.85 6.95 -10.67
C ILE B 24 -5.90 7.83 -11.90
N LEU B 25 -4.89 8.67 -12.06
CA LEU B 25 -4.84 9.57 -13.19
C LEU B 25 -4.80 8.79 -14.50
N ASP B 26 -3.99 7.74 -14.53
CA ASP B 26 -3.87 6.93 -15.73
C ASP B 26 -5.20 6.27 -16.06
N ARG B 27 -5.90 5.82 -15.03
CA ARG B 27 -7.19 5.18 -15.22
C ARG B 27 -8.20 6.15 -15.83
N LEU B 28 -8.16 7.39 -15.38
CA LEU B 28 -9.08 8.39 -15.89
C LEU B 28 -8.86 8.62 -17.39
N PHE B 29 -7.59 8.71 -17.78
CA PHE B 29 -7.27 8.93 -19.18
C PHE B 29 -7.54 7.66 -20.00
N PHE B 30 -7.18 6.52 -19.44
CA PHE B 30 -7.38 5.23 -20.12
C PHE B 30 -8.19 4.29 -19.25
N LYS B 31 -9.16 3.62 -19.86
CA LYS B 31 -10.01 2.69 -19.13
C LYS B 31 -9.23 1.43 -18.77
N SER C 1 10.77 -8.16 21.89
CA SER C 1 11.00 -6.95 21.05
C SER C 1 9.88 -5.93 21.33
N ASN C 2 10.07 -4.71 20.84
CA ASN C 2 9.08 -3.65 21.04
C ASN C 2 7.95 -3.79 20.02
N ASP C 3 6.74 -3.45 20.46
CA ASP C 3 5.57 -3.53 19.58
C ASP C 3 5.41 -2.24 18.80
N SER C 4 6.31 -1.29 19.03
CA SER C 4 6.25 -0.01 18.34
C SER C 4 6.36 -0.20 16.83
N SER C 5 7.26 -1.09 16.42
CA SER C 5 7.46 -1.37 15.00
C SER C 5 7.73 -2.86 14.79
N ASP C 6 6.71 -3.58 14.32
CA ASP C 6 6.86 -5.02 14.09
C ASP C 6 7.46 -5.28 12.71
N PRO C 7 8.17 -6.39 12.54
CA PRO C 7 8.78 -6.75 11.22
C PRO C 7 7.81 -6.52 10.05
N LEU C 8 6.52 -6.80 10.29
CA LEU C 8 5.52 -6.62 9.25
C LEU C 8 5.39 -5.16 8.85
N VAL C 9 5.44 -4.26 9.82
CA VAL C 9 5.31 -2.83 9.54
C VAL C 9 6.44 -2.36 8.62
N VAL C 10 7.67 -2.69 8.98
CA VAL C 10 8.82 -2.31 8.18
C VAL C 10 8.82 -3.04 6.84
N ALA C 11 8.49 -4.32 6.88
CA ALA C 11 8.46 -5.13 5.68
C ALA C 11 7.39 -4.62 4.72
N ALA C 12 6.26 -4.20 5.27
CA ALA C 12 5.16 -3.69 4.45
C ALA C 12 5.61 -2.45 3.68
N ASN C 13 6.34 -1.57 4.35
CA ASN C 13 6.82 -0.35 3.71
C ASN C 13 7.79 -0.69 2.58
N ILE C 14 8.69 -1.64 2.82
CA ILE C 14 9.66 -2.04 1.82
C ILE C 14 8.97 -2.68 0.63
N ILE C 15 8.01 -3.55 0.91
CA ILE C 15 7.27 -4.24 -0.15
C ILE C 15 6.49 -3.24 -0.99
N GLY C 16 5.83 -2.29 -0.31
CA GLY C 16 5.04 -1.29 -1.01
C GLY C 16 5.91 -0.46 -1.94
N ILE C 17 7.06 -0.03 -1.44
CA ILE C 17 7.98 0.77 -2.23
C ILE C 17 8.49 -0.03 -3.42
N LEU C 18 8.82 -1.29 -3.17
CA LEU C 18 9.32 -2.16 -4.23
C LEU C 18 8.28 -2.28 -5.34
N HIS C 19 7.01 -2.36 -4.94
CA HIS C 19 5.93 -2.49 -5.90
C HIS C 19 5.94 -1.32 -6.87
N LEU C 20 6.18 -0.13 -6.34
CA LEU C 20 6.22 1.08 -7.16
C LEU C 20 7.30 0.98 -8.22
N ILE C 21 8.45 0.43 -7.85
CA ILE C 21 9.54 0.31 -8.80
C ILE C 21 9.14 -0.57 -9.97
N LEU C 22 8.50 -1.70 -9.67
CA LEU C 22 8.07 -2.61 -10.72
C LEU C 22 6.87 -2.06 -11.49
N TRP C 23 5.91 -1.50 -10.75
CA TRP C 23 4.71 -0.95 -11.36
C TRP C 23 5.02 0.28 -12.21
N ILE C 24 5.80 1.20 -11.64
CA ILE C 24 6.14 2.43 -12.34
C ILE C 24 6.96 2.11 -13.58
N LEU C 25 7.82 1.11 -13.46
CA LEU C 25 8.67 0.72 -14.58
C LEU C 25 7.83 0.25 -15.76
N ASP C 26 6.80 -0.53 -15.48
CA ASP C 26 5.93 -1.03 -16.53
C ASP C 26 5.21 0.12 -17.23
N ARG C 27 4.80 1.11 -16.43
CA ARG C 27 4.10 2.27 -16.98
C ARG C 27 5.01 3.05 -17.93
N LEU C 28 6.28 3.16 -17.56
CA LEU C 28 7.23 3.89 -18.38
C LEU C 28 7.39 3.22 -19.75
N PHE C 29 7.51 1.89 -19.74
CA PHE C 29 7.66 1.15 -20.97
C PHE C 29 6.35 1.13 -21.77
N PHE C 30 5.24 0.96 -21.06
CA PHE C 30 3.93 0.92 -21.69
C PHE C 30 3.00 1.95 -21.07
N LYS C 31 2.28 2.68 -21.91
CA LYS C 31 1.35 3.69 -21.43
C LYS C 31 0.13 3.05 -20.79
N SER D 1 -7.01 -3.82 24.53
CA SER D 1 -5.82 -4.26 23.74
C SER D 1 -4.83 -3.11 23.62
N ASN D 2 -3.63 -3.40 23.14
CA ASN D 2 -2.60 -2.39 22.99
C ASN D 2 -2.81 -1.62 21.69
N ASP D 3 -2.51 -0.32 21.72
CA ASP D 3 -2.66 0.53 20.54
C ASP D 3 -1.41 0.47 19.68
N SER D 4 -0.42 -0.29 20.12
CA SER D 4 0.83 -0.42 19.38
C SER D 4 0.57 -0.99 17.98
N SER D 5 -0.31 -1.99 17.91
CA SER D 5 -0.65 -2.61 16.63
C SER D 5 -2.13 -2.96 16.59
N ASP D 6 -2.89 -2.16 15.87
CA ASP D 6 -4.33 -2.39 15.78
C ASP D 6 -4.64 -3.39 14.65
N PRO D 7 -5.73 -4.14 14.75
CA PRO D 7 -6.12 -5.12 13.70
C PRO D 7 -5.98 -4.55 12.29
N LEU D 8 -6.29 -3.26 12.14
CA LEU D 8 -6.20 -2.61 10.84
C LEU D 8 -4.75 -2.59 10.34
N VAL D 9 -3.81 -2.32 11.25
CA VAL D 9 -2.40 -2.25 10.87
C VAL D 9 -1.93 -3.59 10.30
N VAL D 10 -2.21 -4.67 11.03
CA VAL D 10 -1.81 -6.00 10.60
C VAL D 10 -2.60 -6.41 9.37
N ALA D 11 -3.90 -6.11 9.37
CA ALA D 11 -4.75 -6.46 8.25
C ALA D 11 -4.32 -5.72 6.99
N ALA D 12 -3.92 -4.47 7.14
CA ALA D 12 -3.48 -3.67 6.00
C ALA D 12 -2.26 -4.31 5.35
N ASN D 13 -1.33 -4.78 6.17
CA ASN D 13 -0.12 -5.40 5.64
C ASN D 13 -0.47 -6.67 4.87
N ILE D 14 -1.37 -7.47 5.43
CA ILE D 14 -1.78 -8.71 4.78
C ILE D 14 -2.50 -8.42 3.47
N ILE D 15 -3.40 -7.45 3.50
CA ILE D 15 -4.15 -7.08 2.30
C ILE D 15 -3.21 -6.56 1.22
N GLY D 16 -2.27 -5.71 1.61
CA GLY D 16 -1.32 -5.14 0.66
C GLY D 16 -0.49 -6.24 -0.01
N ILE D 17 0.00 -7.18 0.80
CA ILE D 17 0.79 -8.27 0.27
C ILE D 17 -0.04 -9.14 -0.66
N LEU D 18 -1.27 -9.39 -0.26
CA LEU D 18 -2.16 -10.21 -1.08
C LEU D 18 -2.38 -9.56 -2.44
N HIS D 19 -2.48 -8.23 -2.44
CA HIS D 19 -2.69 -7.50 -3.67
C HIS D 19 -1.56 -7.78 -4.65
N LEU D 20 -0.33 -7.82 -4.13
CA LEU D 20 0.83 -8.08 -4.97
C LEU D 20 0.72 -9.43 -5.65
N ILE D 21 0.23 -10.43 -4.91
CA ILE D 21 0.11 -11.76 -5.48
C ILE D 21 -0.84 -11.75 -6.68
N LEU D 22 -1.97 -11.07 -6.53
CA LEU D 22 -2.94 -11.00 -7.62
C LEU D 22 -2.46 -10.08 -8.74
N TRP D 23 -1.91 -8.92 -8.34
CA TRP D 23 -1.43 -7.95 -9.33
C TRP D 23 -0.22 -8.48 -10.09
N ILE D 24 0.74 -9.03 -9.37
CA ILE D 24 1.95 -9.54 -9.99
C ILE D 24 1.60 -10.71 -10.91
N LEU D 25 0.64 -11.51 -10.49
CA LEU D 25 0.24 -12.66 -11.27
C LEU D 25 -0.30 -12.23 -12.63
N ASP D 26 -1.11 -11.19 -12.63
CA ASP D 26 -1.68 -10.68 -13.87
C ASP D 26 -0.58 -10.19 -14.80
N ARG D 27 0.41 -9.54 -14.23
CA ARG D 27 1.53 -9.01 -15.01
C ARG D 27 2.30 -10.14 -15.68
N LEU D 28 2.47 -11.24 -14.96
CA LEU D 28 3.19 -12.38 -15.49
C LEU D 28 2.48 -12.95 -16.71
N PHE D 29 1.16 -13.09 -16.59
CA PHE D 29 0.36 -13.63 -17.69
C PHE D 29 0.27 -12.63 -18.83
N PHE D 30 0.09 -11.36 -18.49
CA PHE D 30 -0.03 -10.29 -19.48
C PHE D 30 1.00 -9.20 -19.22
N LYS D 31 1.66 -8.76 -20.29
CA LYS D 31 2.66 -7.71 -20.16
C LYS D 31 2.01 -6.36 -19.87
O A2Y E . 1.20 3.11 9.14
S A2Y E . 1.65 2.75 11.97
C1 A2Y E . 1.97 1.91 13.13
N1 A2Y E . 1.24 3.10 7.82
C2 A2Y E . 2.34 0.68 12.78
N2 A2Y E . 1.18 0.62 5.65
C3 A2Y E . 2.32 0.60 11.45
C4 A2Y E . 2.20 1.37 8.49
C5 A2Y E . 2.08 1.71 6.01
C9 A2Y E . 1.84 2.07 7.43
C10 A2Y E . 0.69 0.54 4.25
C11 A2Y E . 1.76 2.08 9.56
C12 A2Y E . 1.92 1.79 10.90
C61 A2Y E . -0.16 1.80 3.87
C62 A2Y E . -0.23 -0.69 4.04
C63 A2Y E . 1.85 0.42 3.22
C71 A2Y E . -0.67 1.72 2.43
C72 A2Y E . -0.75 -0.77 2.59
C73 A2Y E . 1.32 0.35 1.78
C81 A2Y E . -1.57 0.49 2.26
C82 A2Y E . 0.42 -0.87 1.61
C83 A2Y E . 0.52 1.63 1.46
H44 A2Y E . 2.75 0.43 8.47
H1 A2Y E . 1.89 2.27 14.17
H2 A2Y E . 2.62 -0.12 13.47
H3 A2Y E . 2.58 -0.32 10.90
H15 A2Y E . 3.14 1.40 5.92
H25 A2Y E . 1.90 2.61 5.37
H161 A2Y E . 0.45 2.69 3.97
H261 A2Y E . -1.01 1.89 4.54
H362 A2Y E . -1.08 -0.63 4.71
H462 A2Y E . 0.32 -1.59 4.25
H563 A2Y E . 2.42 -0.47 3.42
H663 A2Y E . 2.51 1.28 3.30
H171 A2Y E . -1.24 2.61 2.20
H272 A2Y E . -1.39 -1.64 2.48
H373 A2Y E . 2.15 0.28 1.09
H181 A2Y E . -2.41 0.56 2.93
H281 A2Y E . -1.93 0.44 1.24
H382 A2Y E . 0.99 -1.77 1.83
H482 A2Y E . 0.06 -0.92 0.60
H583 A2Y E . 1.16 2.49 1.58
H683 A2Y E . 0.16 1.58 0.44
H1N2 A2Y E . 1.67 -0.28 5.87
H2N2 A2Y E . 0.34 0.67 6.28
N SER A 1 -7.66 6.60 25.27
CA SER A 1 -6.24 6.51 24.83
C SER A 1 -6.14 6.94 23.37
N ASN A 2 -6.30 8.23 23.12
CA ASN A 2 -6.22 8.77 21.76
C ASN A 2 -4.83 8.57 21.19
N ASP A 3 -3.82 8.74 22.03
CA ASP A 3 -2.44 8.58 21.61
C ASP A 3 -2.12 7.12 21.30
N SER A 4 -3.11 6.25 21.51
CA SER A 4 -2.93 4.83 21.25
C SER A 4 -2.64 4.59 19.78
N SER A 5 -3.40 5.27 18.91
CA SER A 5 -3.21 5.13 17.47
C SER A 5 -3.56 6.44 16.77
N ASP A 6 -2.62 6.96 16.00
CA ASP A 6 -2.83 8.22 15.28
C ASP A 6 -3.79 8.00 14.11
N PRO A 7 -4.55 9.02 13.73
CA PRO A 7 -5.51 8.91 12.60
C PRO A 7 -4.81 8.74 11.26
N LEU A 8 -3.55 9.15 11.19
CA LEU A 8 -2.79 9.03 9.95
C LEU A 8 -2.64 7.58 9.53
N VAL A 9 -2.35 6.71 10.50
CA VAL A 9 -2.19 5.29 10.22
C VAL A 9 -3.49 4.68 9.73
N VAL A 10 -4.59 5.04 10.40
CA VAL A 10 -5.90 4.53 10.02
C VAL A 10 -6.26 4.99 8.60
N ALA A 11 -6.01 6.26 8.31
CA ALA A 11 -6.32 6.81 7.01
C ALA A 11 -5.59 6.04 5.91
N ALA A 12 -4.34 5.70 6.17
CA ALA A 12 -3.54 4.95 5.20
C ALA A 12 -4.15 3.58 4.93
N ASN A 13 -4.62 2.93 5.98
CA ASN A 13 -5.22 1.61 5.84
C ASN A 13 -6.50 1.69 5.00
N ILE A 14 -7.31 2.72 5.26
CA ILE A 14 -8.54 2.91 4.53
C ILE A 14 -8.26 3.20 3.06
N ILE A 15 -7.26 4.04 2.82
CA ILE A 15 -6.90 4.41 1.45
C ILE A 15 -6.44 3.19 0.67
N GLY A 16 -5.62 2.36 1.30
CA GLY A 16 -5.12 1.15 0.64
C GLY A 16 -6.26 0.19 0.31
N ILE A 17 -7.14 -0.02 1.28
CA ILE A 17 -8.28 -0.90 1.10
C ILE A 17 -9.20 -0.36 0.00
N LEU A 18 -9.44 0.94 0.04
CA LEU A 18 -10.30 1.59 -0.94
C LEU A 18 -9.71 1.41 -2.33
N HIS A 19 -8.39 1.50 -2.43
CA HIS A 19 -7.72 1.35 -3.72
C HIS A 19 -8.05 0.00 -4.32
N LEU A 20 -8.06 -1.04 -3.48
CA LEU A 20 -8.36 -2.39 -3.93
C LEU A 20 -9.77 -2.47 -4.50
N ILE A 21 -10.72 -1.78 -3.88
CA ILE A 21 -12.10 -1.82 -4.35
C ILE A 21 -12.20 -1.26 -5.77
N LEU A 22 -11.53 -0.13 -6.01
CA LEU A 22 -11.56 0.48 -7.33
C LEU A 22 -10.70 -0.30 -8.34
N TRP A 23 -9.48 -0.65 -7.93
CA TRP A 23 -8.56 -1.39 -8.79
C TRP A 23 -9.10 -2.77 -9.15
N ILE A 24 -9.60 -3.50 -8.16
CA ILE A 24 -10.13 -4.83 -8.41
C ILE A 24 -11.37 -4.75 -9.30
N LEU A 25 -12.19 -3.72 -9.07
CA LEU A 25 -13.40 -3.52 -9.85
C LEU A 25 -13.07 -3.30 -11.32
N ASP A 26 -12.05 -2.50 -11.58
CA ASP A 26 -11.65 -2.21 -12.96
C ASP A 26 -11.25 -3.50 -13.67
N ARG A 27 -10.47 -4.34 -12.97
CA ARG A 27 -10.02 -5.60 -13.54
C ARG A 27 -11.20 -6.55 -13.75
N LEU A 28 -12.26 -6.35 -12.97
CA LEU A 28 -13.45 -7.20 -13.07
C LEU A 28 -14.04 -7.10 -14.48
N PHE A 29 -14.17 -5.89 -14.99
CA PHE A 29 -14.74 -5.69 -16.31
C PHE A 29 -13.78 -6.21 -17.39
N PHE A 30 -12.68 -5.50 -17.60
CA PHE A 30 -11.69 -5.90 -18.59
C PHE A 30 -10.33 -5.31 -18.27
N LYS A 31 -9.28 -5.92 -18.81
CA LYS A 31 -7.92 -5.44 -18.56
C LYS A 31 -7.66 -5.29 -17.07
N SER B 1 8.02 14.99 21.26
CA SER B 1 7.97 13.50 21.28
C SER B 1 8.30 12.98 19.89
N ASN B 2 9.57 13.08 19.51
CA ASN B 2 10.02 12.61 18.20
C ASN B 2 9.83 11.10 18.08
N ASP B 3 10.11 10.40 19.17
CA ASP B 3 9.98 8.94 19.19
C ASP B 3 8.51 8.53 19.09
N SER B 4 7.62 9.52 19.08
CA SER B 4 6.19 9.24 18.99
C SER B 4 5.87 8.51 17.68
N SER B 5 6.46 8.98 16.59
CA SER B 5 6.23 8.38 15.28
C SER B 5 7.49 8.52 14.41
N ASP B 6 8.00 7.41 13.92
CA ASP B 6 9.19 7.42 13.08
C ASP B 6 8.86 7.98 11.69
N PRO B 7 9.80 8.61 11.04
CA PRO B 7 9.59 9.20 9.67
C PRO B 7 9.36 8.12 8.61
N LEU B 8 9.81 6.90 8.90
CA LEU B 8 9.65 5.79 7.95
C LEU B 8 8.17 5.50 7.71
N VAL B 9 7.39 5.50 8.79
CA VAL B 9 5.97 5.23 8.68
C VAL B 9 5.28 6.32 7.87
N VAL B 10 5.62 7.57 8.14
CA VAL B 10 5.03 8.70 7.43
C VAL B 10 5.38 8.63 5.94
N ALA B 11 6.64 8.33 5.65
CA ALA B 11 7.09 8.24 4.27
C ALA B 11 6.29 7.19 3.51
N ALA B 12 6.00 6.08 4.16
CA ALA B 12 5.24 5.01 3.52
C ALA B 12 3.83 5.48 3.18
N ASN B 13 3.23 6.23 4.10
CA ASN B 13 1.87 6.73 3.88
C ASN B 13 1.85 7.70 2.70
N ILE B 14 2.85 8.57 2.62
CA ILE B 14 2.94 9.55 1.54
C ILE B 14 3.15 8.83 0.21
N ILE B 15 4.01 7.83 0.21
CA ILE B 15 4.31 7.07 -1.00
C ILE B 15 3.05 6.38 -1.52
N GLY B 16 2.30 5.76 -0.61
CA GLY B 16 1.08 5.07 -1.01
C GLY B 16 0.05 6.03 -1.58
N ILE B 17 -0.13 7.17 -0.91
CA ILE B 17 -1.08 8.17 -1.35
C ILE B 17 -0.64 8.75 -2.71
N LEU B 18 0.65 9.00 -2.84
CA LEU B 18 1.20 9.54 -4.08
C LEU B 18 0.95 8.57 -5.23
N HIS B 19 1.09 7.28 -4.93
CA HIS B 19 0.88 6.24 -5.94
C HIS B 19 -0.53 6.36 -6.51
N LEU B 20 -1.49 6.60 -5.63
CA LEU B 20 -2.89 6.72 -6.05
C LEU B 20 -3.06 7.89 -7.01
N ILE B 21 -2.38 9.00 -6.75
CA ILE B 21 -2.51 10.16 -7.61
C ILE B 21 -2.05 9.84 -9.03
N LEU B 22 -0.91 9.16 -9.14
CA LEU B 22 -0.38 8.81 -10.46
C LEU B 22 -1.20 7.67 -11.10
N TRP B 23 -1.47 6.63 -10.32
CA TRP B 23 -2.21 5.47 -10.82
C TRP B 23 -3.64 5.85 -11.22
N ILE B 24 -4.33 6.60 -10.37
CA ILE B 24 -5.69 7.00 -10.66
C ILE B 24 -5.72 7.93 -11.88
N LEU B 25 -4.72 8.79 -11.98
CA LEU B 25 -4.62 9.73 -13.10
C LEU B 25 -4.48 8.98 -14.41
N ASP B 26 -3.66 7.93 -14.42
CA ASP B 26 -3.45 7.15 -15.63
C ASP B 26 -4.76 6.52 -16.09
N ARG B 27 -5.52 5.98 -15.14
CA ARG B 27 -6.79 5.36 -15.45
C ARG B 27 -7.80 6.40 -15.92
N LEU B 28 -7.60 7.64 -15.52
CA LEU B 28 -8.51 8.73 -15.91
C LEU B 28 -8.52 8.88 -17.43
N PHE B 29 -7.35 8.87 -18.04
CA PHE B 29 -7.26 9.01 -19.50
C PHE B 29 -7.82 7.77 -20.19
N PHE B 30 -7.07 6.67 -20.11
CA PHE B 30 -7.51 5.42 -20.73
C PHE B 30 -6.83 4.23 -20.05
N LYS B 31 -7.42 3.05 -20.21
CA LYS B 31 -6.87 1.84 -19.62
C LYS B 31 -6.62 2.04 -18.13
N SER C 1 16.47 -0.91 21.66
CA SER C 1 14.98 -0.88 21.75
C SER C 1 14.38 -1.62 20.57
N ASN C 2 14.50 -2.95 20.59
CA ASN C 2 13.97 -3.77 19.51
C ASN C 2 12.44 -3.65 19.45
N ASP C 3 11.81 -3.58 20.61
CA ASP C 3 10.35 -3.46 20.69
C ASP C 3 9.90 -2.10 20.17
N SER C 4 10.85 -1.25 19.82
CA SER C 4 10.53 0.08 19.32
C SER C 4 9.72 -0.02 18.03
N SER C 5 10.14 -0.92 17.13
CA SER C 5 9.45 -1.11 15.86
C SER C 5 9.58 -2.57 15.41
N ASP C 6 8.45 -3.21 15.17
CA ASP C 6 8.44 -4.60 14.74
C ASP C 6 8.91 -4.71 13.29
N PRO C 7 9.52 -5.81 12.91
CA PRO C 7 10.02 -6.01 11.51
C PRO C 7 8.87 -6.13 10.51
N LEU C 8 7.68 -6.48 11.00
CA LEU C 8 6.52 -6.63 10.12
C LEU C 8 6.18 -5.30 9.47
N VAL C 9 6.21 -4.22 10.24
CA VAL C 9 5.90 -2.90 9.73
C VAL C 9 6.92 -2.49 8.66
N VAL C 10 8.19 -2.72 8.95
CA VAL C 10 9.25 -2.38 8.02
C VAL C 10 9.11 -3.16 6.72
N ALA C 11 8.82 -4.45 6.84
CA ALA C 11 8.67 -5.30 5.67
C ALA C 11 7.55 -4.78 4.78
N ALA C 12 6.47 -4.32 5.39
CA ALA C 12 5.35 -3.81 4.61
C ALA C 12 5.75 -2.56 3.84
N ASN C 13 6.55 -1.70 4.46
CA ASN C 13 7.00 -0.48 3.81
C ASN C 13 7.89 -0.80 2.61
N ILE C 14 8.78 -1.77 2.80
CA ILE C 14 9.69 -2.19 1.74
C ILE C 14 8.90 -2.80 0.58
N ILE C 15 7.91 -3.62 0.91
CA ILE C 15 7.10 -4.29 -0.10
C ILE C 15 6.34 -3.26 -0.94
N GLY C 16 5.76 -2.27 -0.26
CA GLY C 16 5.01 -1.23 -0.96
C GLY C 16 5.91 -0.42 -1.88
N ILE C 17 7.07 -0.03 -1.38
CA ILE C 17 8.03 0.73 -2.15
C ILE C 17 8.52 -0.09 -3.34
N LEU C 18 8.82 -1.36 -3.09
CA LEU C 18 9.29 -2.25 -4.14
C LEU C 18 8.24 -2.38 -5.24
N HIS C 19 6.97 -2.43 -4.83
CA HIS C 19 5.88 -2.55 -5.79
C HIS C 19 5.92 -1.38 -6.76
N LEU C 20 6.18 -0.19 -6.24
CA LEU C 20 6.24 1.01 -7.08
C LEU C 20 7.34 0.89 -8.12
N ILE C 21 8.48 0.33 -7.74
CA ILE C 21 9.60 0.20 -8.67
C ILE C 21 9.19 -0.68 -9.85
N LEU C 22 8.54 -1.80 -9.57
CA LEU C 22 8.13 -2.71 -10.64
C LEU C 22 6.93 -2.15 -11.41
N TRP C 23 5.93 -1.65 -10.68
CA TRP C 23 4.72 -1.11 -11.31
C TRP C 23 5.04 0.13 -12.16
N ILE C 24 5.82 1.04 -11.61
CA ILE C 24 6.16 2.27 -12.33
C ILE C 24 7.01 1.92 -13.55
N LEU C 25 7.89 0.94 -13.40
CA LEU C 25 8.76 0.52 -14.49
C LEU C 25 7.93 -0.03 -15.66
N ASP C 26 6.92 -0.83 -15.35
CA ASP C 26 6.06 -1.40 -16.38
C ASP C 26 5.38 -0.29 -17.18
N ARG C 27 4.88 0.71 -16.46
CA ARG C 27 4.20 1.83 -17.10
C ARG C 27 5.18 2.64 -17.93
N LEU C 28 6.46 2.58 -17.57
CA LEU C 28 7.48 3.35 -18.28
C LEU C 28 7.54 2.89 -19.75
N PHE C 29 7.53 1.58 -19.97
CA PHE C 29 7.59 1.05 -21.33
C PHE C 29 6.29 1.37 -22.07
N PHE C 30 5.22 0.67 -21.71
CA PHE C 30 3.92 0.88 -22.34
C PHE C 30 2.79 0.44 -21.41
N LYS C 31 1.60 0.94 -21.67
CA LYS C 31 0.43 0.59 -20.85
C LYS C 31 0.74 0.80 -19.37
N SER D 1 0.77 -8.91 25.68
CA SER D 1 0.74 -7.46 25.31
C SER D 1 -0.09 -7.27 24.05
N ASN D 2 -1.40 -7.41 24.18
CA ASN D 2 -2.30 -7.26 23.04
C ASN D 2 -2.24 -5.82 22.50
N ASP D 3 -2.14 -4.86 23.42
CA ASP D 3 -2.07 -3.46 23.03
C ASP D 3 -0.77 -3.15 22.32
N SER D 4 0.11 -4.16 22.23
CA SER D 4 1.40 -3.97 21.57
C SER D 4 1.20 -3.61 20.10
N SER D 5 0.28 -4.30 19.43
CA SER D 5 -0.01 -4.04 18.03
C SER D 5 -1.48 -4.33 17.73
N ASP D 6 -2.18 -3.35 17.20
CA ASP D 6 -3.60 -3.50 16.87
C ASP D 6 -3.76 -4.40 15.64
N PRO D 7 -4.85 -5.13 15.54
CA PRO D 7 -5.11 -6.04 14.38
C PRO D 7 -5.33 -5.27 13.08
N LEU D 8 -5.70 -4.00 13.20
CA LEU D 8 -5.94 -3.16 12.02
C LEU D 8 -4.66 -3.01 11.20
N VAL D 9 -3.55 -2.77 11.89
CA VAL D 9 -2.27 -2.61 11.21
C VAL D 9 -1.87 -3.90 10.50
N VAL D 10 -2.04 -5.03 11.18
CA VAL D 10 -1.69 -6.31 10.60
C VAL D 10 -2.55 -6.60 9.37
N ALA D 11 -3.85 -6.32 9.49
CA ALA D 11 -4.77 -6.55 8.38
C ALA D 11 -4.33 -5.76 7.15
N ALA D 12 -3.89 -4.53 7.37
CA ALA D 12 -3.46 -3.69 6.26
C ALA D 12 -2.24 -4.30 5.56
N ASN D 13 -1.31 -4.83 6.35
CA ASN D 13 -0.11 -5.45 5.79
C ASN D 13 -0.47 -6.66 4.95
N ILE D 14 -1.38 -7.47 5.46
CA ILE D 14 -1.82 -8.67 4.76
C ILE D 14 -2.52 -8.30 3.45
N ILE D 15 -3.38 -7.28 3.52
CA ILE D 15 -4.12 -6.83 2.35
C ILE D 15 -3.16 -6.35 1.26
N GLY D 16 -2.16 -5.56 1.66
CA GLY D 16 -1.20 -5.04 0.70
C GLY D 16 -0.40 -6.18 0.04
N ILE D 17 0.06 -7.11 0.87
CA ILE D 17 0.82 -8.24 0.37
C ILE D 17 -0.03 -9.10 -0.56
N LEU D 18 -1.28 -9.32 -0.14
CA LEU D 18 -2.21 -10.13 -0.93
C LEU D 18 -2.44 -9.47 -2.29
N HIS D 19 -2.51 -8.14 -2.29
CA HIS D 19 -2.73 -7.40 -3.54
C HIS D 19 -1.61 -7.71 -4.52
N LEU D 20 -0.39 -7.78 -4.02
CA LEU D 20 0.76 -8.07 -4.87
C LEU D 20 0.64 -9.44 -5.51
N ILE D 21 0.14 -10.41 -4.75
CA ILE D 21 0.01 -11.77 -5.29
C ILE D 21 -0.96 -11.78 -6.49
N LEU D 22 -2.08 -11.09 -6.35
CA LEU D 22 -3.06 -11.04 -7.43
C LEU D 22 -2.58 -10.14 -8.58
N TRP D 23 -2.09 -8.94 -8.23
CA TRP D 23 -1.63 -7.98 -9.23
C TRP D 23 -0.42 -8.52 -10.01
N ILE D 24 0.55 -9.07 -9.29
CA ILE D 24 1.74 -9.60 -9.96
C ILE D 24 1.36 -10.79 -10.84
N LEU D 25 0.43 -11.60 -10.36
CA LEU D 25 -0.01 -12.77 -11.10
C LEU D 25 -0.66 -12.36 -12.43
N ASP D 26 -1.47 -11.31 -12.39
CA ASP D 26 -2.13 -10.83 -13.60
C ASP D 26 -1.10 -10.41 -14.63
N ARG D 27 -0.08 -9.69 -14.17
CA ARG D 27 0.97 -9.21 -15.07
C ARG D 27 1.79 -10.39 -15.60
N LEU D 28 1.80 -11.50 -14.86
CA LEU D 28 2.55 -12.67 -15.27
C LEU D 28 2.03 -13.19 -16.61
N PHE D 29 0.71 -13.29 -16.74
CA PHE D 29 0.12 -13.77 -17.99
C PHE D 29 0.34 -12.76 -19.11
N PHE D 30 -0.39 -11.64 -19.05
CA PHE D 30 -0.26 -10.60 -20.06
C PHE D 30 -0.69 -9.25 -19.50
N LYS D 31 -0.25 -8.18 -20.15
CA LYS D 31 -0.60 -6.83 -19.71
C LYS D 31 -0.31 -6.66 -18.23
O A2Y E . 1.12 3.26 9.41
S A2Y E . 1.76 2.70 12.13
C1 A2Y E . 2.16 1.79 13.21
N1 A2Y E . 1.02 3.37 8.09
C2 A2Y E . 2.51 0.58 12.76
N2 A2Y E . 0.89 0.94 5.71
C3 A2Y E . 2.38 0.57 11.43
C4 A2Y E . 2.00 1.56 8.50
C5 A2Y E . 1.59 2.19 6.05
C9 A2Y E . 1.54 2.36 7.54
C10 A2Y E . 0.73 0.59 4.28
C11 A2Y E . 1.69 2.20 9.68
C12 A2Y E . 1.95 1.79 10.98
C61 A2Y E . -0.07 1.66 3.47
C62 A2Y E . -0.06 -0.76 4.14
C63 A2Y E . 2.09 0.39 3.56
C71 A2Y E . -0.26 1.25 2.00
C72 A2Y E . -0.24 -1.16 2.66
C73 A2Y E . 1.90 -0.01 2.08
C81 A2Y E . -1.03 -0.07 1.92
C82 A2Y E . 1.13 -1.34 2.00
C83 A2Y E . 1.12 1.07 1.33
H44 A2Y E . 2.50 0.61 8.35
H1 A2Y E . 2.17 2.09 14.27
H2 A2Y E . 2.84 -0.25 13.38
H3 A2Y E . 2.61 -0.30 10.82
H15 A2Y E . 2.66 2.14 5.74
H25 A2Y E . 1.12 3.07 5.56
H161 A2Y E . 0.46 2.60 3.50
H261 A2Y E . -1.04 1.80 3.92
H362 A2Y E . -1.03 -0.65 4.59
H462 A2Y E . 0.49 -1.54 4.64
H563 A2Y E . 2.66 -0.38 4.06
H663 A2Y E . 2.65 1.31 3.58
H171 A2Y E . -0.81 2.02 1.48
H272 A2Y E . -0.79 -2.09 2.61
H373 A2Y E . 2.86 -0.14 1.61
H181 A2Y E . -2.00 0.05 2.38
H281 A2Y E . -1.15 -0.35 0.89
H382 A2Y E . 1.68 -2.11 2.51
H482 A2Y E . 0.99 -1.62 0.96
H583 A2Y E . 1.66 2.01 1.37
H683 A2Y E . 0.98 0.78 0.30
H1N2 A2Y E . 1.40 0.15 6.17
H2N2 A2Y E . -0.07 1.00 6.13
N SER A 1 -5.92 6.01 24.28
CA SER A 1 -5.90 5.11 23.10
C SER A 1 -6.20 5.91 21.83
N ASN A 2 -7.08 6.90 21.97
CA ASN A 2 -7.44 7.74 20.84
C ASN A 2 -6.23 8.50 20.32
N ASP A 3 -5.42 9.01 21.24
CA ASP A 3 -4.22 9.75 20.87
C ASP A 3 -3.25 8.86 20.11
N SER A 4 -3.09 7.63 20.58
CA SER A 4 -2.18 6.69 19.93
C SER A 4 -2.63 6.41 18.50
N SER A 5 -3.93 6.23 18.31
CA SER A 5 -4.46 5.97 16.98
C SER A 5 -4.57 7.27 16.20
N ASP A 6 -3.48 7.62 15.52
CA ASP A 6 -3.45 8.85 14.73
C ASP A 6 -4.21 8.64 13.41
N PRO A 7 -4.77 9.69 12.86
CA PRO A 7 -5.54 9.61 11.58
C PRO A 7 -4.63 9.30 10.39
N LEU A 8 -3.34 9.53 10.56
CA LEU A 8 -2.39 9.29 9.48
C LEU A 8 -2.38 7.80 9.08
N VAL A 9 -2.26 6.92 10.08
CA VAL A 9 -2.25 5.48 9.82
C VAL A 9 -3.61 5.03 9.30
N VAL A 10 -4.66 5.52 9.94
CA VAL A 10 -6.03 5.16 9.55
C VAL A 10 -6.32 5.64 8.13
N ALA A 11 -5.92 6.88 7.84
CA ALA A 11 -6.15 7.45 6.52
C ALA A 11 -5.54 6.57 5.44
N ALA A 12 -4.27 6.20 5.63
CA ALA A 12 -3.60 5.36 4.65
C ALA A 12 -4.28 3.99 4.54
N ASN A 13 -4.70 3.46 5.69
CA ASN A 13 -5.35 2.16 5.71
C ASN A 13 -6.68 2.21 4.94
N ILE A 14 -7.46 3.26 5.17
CA ILE A 14 -8.75 3.40 4.50
C ILE A 14 -8.55 3.54 2.99
N ILE A 15 -7.57 4.33 2.60
CA ILE A 15 -7.26 4.55 1.20
C ILE A 15 -6.86 3.23 0.53
N GLY A 16 -6.04 2.45 1.21
CA GLY A 16 -5.59 1.18 0.64
C GLY A 16 -6.79 0.31 0.26
N ILE A 17 -7.79 0.24 1.13
CA ILE A 17 -8.98 -0.56 0.84
C ILE A 17 -9.76 0.04 -0.33
N LEU A 18 -9.91 1.36 -0.33
CA LEU A 18 -10.65 2.03 -1.40
C LEU A 18 -9.98 1.79 -2.75
N HIS A 19 -8.65 1.88 -2.78
CA HIS A 19 -7.92 1.65 -4.02
C HIS A 19 -8.15 0.25 -4.53
N LEU A 20 -8.11 -0.72 -3.62
CA LEU A 20 -8.29 -2.11 -4.01
C LEU A 20 -9.65 -2.32 -4.67
N ILE A 21 -10.67 -1.65 -4.15
CA ILE A 21 -12.00 -1.82 -4.71
C ILE A 21 -12.02 -1.36 -6.17
N LEU A 22 -11.41 -0.21 -6.43
CA LEU A 22 -11.37 0.32 -7.79
C LEU A 22 -10.51 -0.55 -8.71
N TRP A 23 -9.35 -0.98 -8.21
CA TRP A 23 -8.44 -1.81 -8.98
C TRP A 23 -9.01 -3.21 -9.21
N ILE A 24 -9.70 -3.75 -8.20
CA ILE A 24 -10.28 -5.08 -8.31
C ILE A 24 -11.28 -5.09 -9.48
N LEU A 25 -12.13 -4.08 -9.55
CA LEU A 25 -13.12 -4.01 -10.61
C LEU A 25 -12.41 -3.86 -11.97
N ASP A 26 -11.33 -3.08 -12.00
CA ASP A 26 -10.60 -2.88 -13.24
C ASP A 26 -10.31 -4.22 -13.90
N ARG A 27 -9.85 -5.18 -13.10
CA ARG A 27 -9.56 -6.51 -13.62
C ARG A 27 -10.83 -7.18 -14.16
N LEU A 28 -11.94 -6.95 -13.47
CA LEU A 28 -13.21 -7.56 -13.89
C LEU A 28 -13.56 -7.11 -15.31
N PHE A 29 -13.40 -5.82 -15.60
CA PHE A 29 -13.71 -5.31 -16.92
C PHE A 29 -12.83 -5.98 -17.98
N PHE A 30 -11.53 -6.08 -17.70
CA PHE A 30 -10.59 -6.71 -18.63
C PHE A 30 -9.68 -7.68 -17.89
N LYS A 31 -9.47 -8.84 -18.48
CA LYS A 31 -8.62 -9.86 -17.87
C LYS A 31 -7.15 -9.51 -18.04
N SER B 1 6.99 12.79 21.17
CA SER B 1 6.03 12.41 20.09
C SER B 1 6.77 12.35 18.76
N ASN B 2 7.73 13.24 18.58
CA ASN B 2 8.51 13.28 17.34
C ASN B 2 9.29 11.98 17.16
N ASP B 3 9.86 11.48 18.25
CA ASP B 3 10.63 10.24 18.19
C ASP B 3 9.74 9.08 17.79
N SER B 4 8.54 9.03 18.36
CA SER B 4 7.60 7.97 18.05
C SER B 4 7.24 7.97 16.57
N SER B 5 7.01 9.16 16.03
CA SER B 5 6.66 9.29 14.62
C SER B 5 7.92 9.17 13.76
N ASP B 6 8.28 7.95 13.41
CA ASP B 6 9.47 7.72 12.59
C ASP B 6 9.17 8.06 11.13
N PRO B 7 10.17 8.47 10.39
CA PRO B 7 10.01 8.82 8.94
C PRO B 7 9.67 7.60 8.08
N LEU B 8 9.96 6.42 8.61
CA LEU B 8 9.70 5.18 7.86
C LEU B 8 8.20 5.04 7.57
N VAL B 9 7.37 5.19 8.60
CA VAL B 9 5.93 5.09 8.42
C VAL B 9 5.40 6.23 7.56
N VAL B 10 5.88 7.43 7.84
CA VAL B 10 5.45 8.61 7.10
C VAL B 10 5.86 8.49 5.63
N ALA B 11 7.09 8.05 5.40
CA ALA B 11 7.60 7.91 4.04
C ALA B 11 6.69 6.99 3.23
N ALA B 12 6.37 5.83 3.79
CA ALA B 12 5.51 4.88 3.10
C ALA B 12 4.12 5.47 2.88
N ASN B 13 3.63 6.19 3.88
CA ASN B 13 2.31 6.80 3.78
C ASN B 13 2.27 7.84 2.67
N ILE B 14 3.31 8.68 2.61
CA ILE B 14 3.38 9.72 1.58
C ILE B 14 3.45 9.11 0.19
N ILE B 15 4.26 8.06 0.06
CA ILE B 15 4.42 7.38 -1.21
C ILE B 15 3.09 6.77 -1.66
N GLY B 16 2.36 6.16 -0.74
CA GLY B 16 1.07 5.56 -1.07
C GLY B 16 0.15 6.57 -1.74
N ILE B 17 0.09 7.78 -1.19
CA ILE B 17 -0.77 8.82 -1.77
C ILE B 17 -0.24 9.24 -3.14
N LEU B 18 1.07 9.40 -3.27
CA LEU B 18 1.66 9.82 -4.53
C LEU B 18 1.39 8.78 -5.62
N HIS B 19 1.52 7.51 -5.27
CA HIS B 19 1.26 6.44 -6.23
C HIS B 19 -0.18 6.48 -6.71
N LEU B 20 -1.10 6.70 -5.79
CA LEU B 20 -2.51 6.72 -6.12
C LEU B 20 -2.80 7.83 -7.13
N ILE B 21 -2.15 8.97 -6.96
CA ILE B 21 -2.38 10.08 -7.88
C ILE B 21 -1.98 9.68 -9.30
N LEU B 22 -0.82 9.05 -9.45
CA LEU B 22 -0.37 8.63 -10.77
C LEU B 22 -1.25 7.52 -11.34
N TRP B 23 -1.61 6.54 -10.50
CA TRP B 23 -2.45 5.43 -10.94
C TRP B 23 -3.88 5.89 -11.24
N ILE B 24 -4.38 6.83 -10.45
CA ILE B 24 -5.74 7.33 -10.65
C ILE B 24 -5.85 7.95 -12.04
N LEU B 25 -4.87 8.77 -12.41
CA LEU B 25 -4.87 9.40 -13.73
C LEU B 25 -4.76 8.34 -14.82
N ASP B 26 -3.95 7.31 -14.58
CA ASP B 26 -3.78 6.26 -15.57
C ASP B 26 -5.14 5.76 -16.05
N ARG B 27 -6.05 5.54 -15.10
CA ARG B 27 -7.40 5.08 -15.43
C ARG B 27 -8.13 6.12 -16.28
N LEU B 28 -7.90 7.39 -15.97
CA LEU B 28 -8.57 8.47 -16.69
C LEU B 28 -8.21 8.41 -18.18
N PHE B 29 -6.93 8.19 -18.46
CA PHE B 29 -6.48 8.12 -19.86
C PHE B 29 -7.17 6.96 -20.58
N PHE B 30 -7.21 5.80 -19.93
CA PHE B 30 -7.84 4.62 -20.51
C PHE B 30 -8.75 3.94 -19.49
N LYS B 31 -9.94 3.55 -19.94
CA LYS B 31 -10.90 2.89 -19.05
C LYS B 31 -10.51 1.44 -18.82
N SER C 1 13.84 -0.17 21.63
CA SER C 1 13.39 0.42 20.34
C SER C 1 13.29 -0.68 19.29
N ASN C 2 14.20 -1.64 19.37
CA ASN C 2 14.20 -2.75 18.41
C ASN C 2 12.92 -3.57 18.52
N ASP C 3 12.49 -3.80 19.76
CA ASP C 3 11.27 -4.56 19.99
C ASP C 3 10.06 -3.84 19.40
N SER C 4 10.01 -2.53 19.59
CA SER C 4 8.91 -1.73 19.07
C SER C 4 8.84 -1.83 17.55
N SER C 5 9.99 -1.76 16.90
CA SER C 5 10.06 -1.84 15.45
C SER C 5 9.94 -3.30 15.01
N ASP C 6 8.71 -3.77 14.85
CA ASP C 6 8.47 -5.14 14.44
C ASP C 6 8.74 -5.30 12.94
N PRO C 7 9.14 -6.47 12.50
CA PRO C 7 9.43 -6.74 11.06
C PRO C 7 8.16 -6.69 10.20
N LEU C 8 7.01 -6.82 10.84
CA LEU C 8 5.74 -6.81 10.11
C LEU C 8 5.55 -5.47 9.39
N VAL C 9 5.73 -4.37 10.12
CA VAL C 9 5.57 -3.03 9.54
C VAL C 9 6.66 -2.78 8.49
N VAL C 10 7.88 -3.14 8.85
CA VAL C 10 9.02 -2.94 7.96
C VAL C 10 8.85 -3.77 6.69
N ALA C 11 8.44 -5.02 6.85
CA ALA C 11 8.24 -5.91 5.71
C ALA C 11 7.27 -5.29 4.71
N ALA C 12 6.13 -4.84 5.21
CA ALA C 12 5.12 -4.23 4.34
C ALA C 12 5.67 -2.96 3.70
N ASN C 13 6.42 -2.18 4.47
CA ASN C 13 6.99 -0.95 3.95
C ASN C 13 7.99 -1.24 2.83
N ILE C 14 8.85 -2.24 3.03
CA ILE C 14 9.85 -2.59 2.02
C ILE C 14 9.16 -3.09 0.75
N ILE C 15 8.14 -3.91 0.92
CA ILE C 15 7.40 -4.45 -0.22
C ILE C 15 6.74 -3.33 -1.01
N GLY C 16 6.17 -2.36 -0.31
CA GLY C 16 5.51 -1.24 -0.98
C GLY C 16 6.47 -0.55 -1.95
N ILE C 17 7.69 -0.31 -1.50
CA ILE C 17 8.69 0.35 -2.35
C ILE C 17 9.06 -0.55 -3.53
N LEU C 18 9.26 -1.84 -3.27
CA LEU C 18 9.64 -2.78 -4.32
C LEU C 18 8.55 -2.84 -5.38
N HIS C 19 7.29 -2.89 -4.95
CA HIS C 19 6.18 -2.95 -5.88
C HIS C 19 6.16 -1.71 -6.78
N LEU C 20 6.40 -0.56 -6.18
CA LEU C 20 6.37 0.69 -6.91
C LEU C 20 7.43 0.67 -8.02
N ILE C 21 8.59 0.12 -7.73
CA ILE C 21 9.65 0.08 -8.72
C ILE C 21 9.21 -0.72 -9.94
N LEU C 22 8.59 -1.87 -9.71
CA LEU C 22 8.13 -2.71 -10.80
C LEU C 22 6.98 -2.05 -11.56
N TRP C 23 6.03 -1.48 -10.83
CA TRP C 23 4.87 -0.82 -11.43
C TRP C 23 5.29 0.46 -12.17
N ILE C 24 6.24 1.19 -11.61
CA ILE C 24 6.71 2.43 -12.23
C ILE C 24 7.26 2.13 -13.63
N LEU C 25 8.09 1.10 -13.72
CA LEU C 25 8.66 0.71 -15.01
C LEU C 25 7.55 0.26 -15.97
N ASP C 26 6.56 -0.44 -15.45
CA ASP C 26 5.46 -0.91 -16.29
C ASP C 26 4.91 0.23 -17.12
N ARG C 27 4.71 1.39 -16.48
CA ARG C 27 4.20 2.56 -17.18
C ARG C 27 5.19 3.02 -18.25
N LEU C 28 6.48 2.92 -17.94
CA LEU C 28 7.51 3.35 -18.89
C LEU C 28 7.39 2.55 -20.19
N PHE C 29 7.20 1.25 -20.08
CA PHE C 29 7.07 0.42 -21.28
C PHE C 29 5.87 0.85 -22.10
N PHE C 30 4.74 1.06 -21.44
CA PHE C 30 3.51 1.48 -22.13
C PHE C 30 2.86 2.65 -21.39
N LYS C 31 2.41 3.64 -22.15
CA LYS C 31 1.77 4.81 -21.56
C LYS C 31 0.35 4.49 -21.15
N SER D 1 0.88 -7.28 24.72
CA SER D 1 1.41 -7.20 23.33
C SER D 1 0.28 -7.42 22.34
N ASN D 2 -0.66 -8.28 22.70
CA ASN D 2 -1.79 -8.57 21.83
C ASN D 2 -2.64 -7.31 21.61
N ASP D 3 -2.83 -6.55 22.68
CA ASP D 3 -3.62 -5.32 22.60
C ASP D 3 -2.95 -4.33 21.66
N SER D 4 -1.62 -4.21 21.77
CA SER D 4 -0.87 -3.28 20.93
C SER D 4 -1.03 -3.65 19.45
N SER D 5 -0.96 -4.95 19.16
CA SER D 5 -1.10 -5.41 17.79
C SER D 5 -2.57 -5.45 17.39
N ASP D 6 -3.07 -4.32 16.92
CA ASP D 6 -4.46 -4.22 16.50
C ASP D 6 -4.66 -4.91 15.15
N PRO D 7 -5.85 -5.43 14.89
CA PRO D 7 -6.15 -6.12 13.60
C PRO D 7 -6.16 -5.15 12.42
N LEU D 8 -6.30 -3.85 12.71
CA LEU D 8 -6.33 -2.84 11.66
C LEU D 8 -5.03 -2.85 10.85
N VAL D 9 -3.89 -2.80 11.55
CA VAL D 9 -2.59 -2.80 10.90
C VAL D 9 -2.34 -4.13 10.20
N VAL D 10 -2.67 -5.22 10.90
CA VAL D 10 -2.47 -6.56 10.36
C VAL D 10 -3.35 -6.77 9.13
N ALA D 11 -4.61 -6.33 9.22
CA ALA D 11 -5.53 -6.48 8.10
C ALA D 11 -4.98 -5.82 6.85
N ALA D 12 -4.53 -4.57 6.98
CA ALA D 12 -3.98 -3.86 5.84
C ALA D 12 -2.73 -4.55 5.32
N ASN D 13 -1.90 -5.04 6.25
CA ASN D 13 -0.67 -5.72 5.86
C ASN D 13 -0.97 -7.00 5.08
N ILE D 14 -1.94 -7.77 5.56
CA ILE D 14 -2.31 -9.02 4.89
C ILE D 14 -2.87 -8.74 3.49
N ILE D 15 -3.71 -7.72 3.40
CA ILE D 15 -4.30 -7.33 2.13
C ILE D 15 -3.23 -6.91 1.14
N GLY D 16 -2.25 -6.15 1.61
CA GLY D 16 -1.17 -5.70 0.73
C GLY D 16 -0.49 -6.88 0.05
N ILE D 17 -0.21 -7.93 0.81
CA ILE D 17 0.44 -9.12 0.26
C ILE D 17 -0.49 -9.82 -0.73
N LEU D 18 -1.76 -9.94 -0.38
CA LEU D 18 -2.73 -10.61 -1.24
C LEU D 18 -2.85 -9.88 -2.57
N HIS D 19 -2.91 -8.55 -2.50
CA HIS D 19 -3.02 -7.74 -3.72
C HIS D 19 -1.83 -7.97 -4.62
N LEU D 20 -0.64 -8.00 -4.03
CA LEU D 20 0.58 -8.18 -4.80
C LEU D 20 0.54 -9.50 -5.55
N ILE D 21 0.02 -10.54 -4.92
CA ILE D 21 -0.03 -11.84 -5.57
C ILE D 21 -0.88 -11.76 -6.84
N LEU D 22 -2.04 -11.13 -6.74
CA LEU D 22 -2.93 -11.00 -7.89
C LEU D 22 -2.32 -10.10 -8.96
N TRP D 23 -1.74 -8.98 -8.55
CA TRP D 23 -1.13 -8.04 -9.49
C TRP D 23 0.13 -8.63 -10.13
N ILE D 24 0.90 -9.38 -9.35
CA ILE D 24 2.13 -9.98 -9.87
C ILE D 24 1.79 -10.91 -11.03
N LEU D 25 0.77 -11.74 -10.85
CA LEU D 25 0.36 -12.65 -11.90
C LEU D 25 -0.15 -11.88 -13.12
N ASP D 26 -0.86 -10.78 -12.87
CA ASP D 26 -1.39 -9.97 -13.97
C ASP D 26 -0.28 -9.66 -14.97
N ARG D 27 0.88 -9.28 -14.45
CA ARG D 27 2.02 -8.98 -15.31
C ARG D 27 2.46 -10.22 -16.08
N LEU D 28 2.40 -11.37 -15.42
CA LEU D 28 2.83 -12.62 -16.05
C LEU D 28 1.98 -12.89 -17.31
N PHE D 29 0.68 -12.69 -17.20
CA PHE D 29 -0.21 -12.91 -18.35
C PHE D 29 0.17 -11.99 -19.50
N PHE D 30 0.38 -10.71 -19.19
CA PHE D 30 0.74 -9.73 -20.21
C PHE D 30 1.93 -8.88 -19.74
N LYS D 31 2.88 -8.66 -20.62
CA LYS D 31 4.06 -7.86 -20.29
C LYS D 31 3.72 -6.38 -20.28
O A2Y E . 1.83 -0.87 9.59
S A2Y E . 2.31 0.29 12.14
C1 A2Y E . 2.47 1.44 13.03
N1 A2Y E . 1.40 -1.24 8.39
C2 A2Y E . 2.13 2.59 12.46
N2 A2Y E . 1.28 0.02 5.46
C3 A2Y E . 1.74 2.33 11.20
C4 A2Y E . 0.87 0.77 8.65
C5 A2Y E . 0.24 -0.36 6.43
C9 A2Y E . 0.84 -0.27 7.81
C10 A2Y E . 0.89 0.24 4.04
C11 A2Y E . 1.52 0.31 9.77
C12 A2Y E . 1.82 0.99 10.95
C61 A2Y E . 0.25 -1.02 3.39
C62 A2Y E . 2.13 0.62 3.18
C63 A2Y E . -0.14 1.41 3.89
C71 A2Y E . -0.11 -0.76 1.91
C72 A2Y E . 1.76 0.87 1.71
C73 A2Y E . -0.50 1.64 2.40
C81 A2Y E . 1.15 -0.40 1.12
C82 A2Y E . 0.75 2.01 1.61
C83 A2Y E . -1.13 0.38 1.81
H44 A2Y E . 0.45 1.75 8.44
H1 A2Y E . 2.81 1.35 14.07
H2 A2Y E . 2.16 3.59 12.93
H3 A2Y E . 1.42 3.11 10.50
H15 A2Y E . -0.63 0.31 6.38
H25 A2Y E . -0.10 -1.40 6.25
H161 A2Y E . -0.65 -1.29 3.93
H261 A2Y E . 0.96 -1.84 3.44
H362 A2Y E . 2.86 -0.17 3.24
H462 A2Y E . 2.57 1.53 3.59
H563 A2Y E . 0.28 2.31 4.29
H663 A2Y E . -1.04 1.16 4.44
H171 A2Y E . -0.55 -1.67 1.50
H272 A2Y E . 2.65 1.12 1.16
H373 A2Y E . -1.23 2.45 2.34
H181 A2Y E . 1.86 -1.21 1.18
H281 A2Y E . 0.88 -0.23 0.08
H382 A2Y E . 1.17 2.91 2.01
H482 A2Y E . 0.48 2.17 0.57
H583 A2Y E . -2.02 0.11 2.37
H683 A2Y E . -1.38 0.55 0.77
H1N2 A2Y E . 1.73 0.90 5.81
H2N2 A2Y E . 2.01 -0.73 5.47
N SER A 1 -11.69 8.47 19.08
CA SER A 1 -10.77 7.38 19.51
C SER A 1 -9.73 7.14 18.42
N ASN A 2 -10.20 6.90 17.20
CA ASN A 2 -9.31 6.66 16.07
C ASN A 2 -8.46 7.90 15.79
N ASP A 3 -9.09 9.06 15.89
CA ASP A 3 -8.40 10.32 15.64
C ASP A 3 -7.31 10.54 16.68
N SER A 4 -7.56 10.09 17.91
CA SER A 4 -6.59 10.26 18.99
C SER A 4 -5.27 9.62 18.62
N SER A 5 -5.32 8.52 17.89
CA SER A 5 -4.11 7.83 17.47
C SER A 5 -3.43 8.60 16.35
N ASP A 6 -2.97 7.87 15.33
CA ASP A 6 -2.31 8.48 14.18
C ASP A 6 -3.26 8.54 12.98
N PRO A 7 -3.82 9.70 12.65
CA PRO A 7 -4.75 9.83 11.48
C PRO A 7 -4.18 9.21 10.20
N LEU A 8 -2.88 9.41 9.99
CA LEU A 8 -2.22 8.89 8.80
C LEU A 8 -2.27 7.35 8.75
N VAL A 9 -2.03 6.72 9.90
CA VAL A 9 -2.03 5.26 9.96
C VAL A 9 -3.42 4.70 9.59
N VAL A 10 -4.45 5.24 10.21
CA VAL A 10 -5.81 4.78 9.94
C VAL A 10 -6.23 5.18 8.54
N ALA A 11 -5.90 6.40 8.15
CA ALA A 11 -6.24 6.90 6.82
C ALA A 11 -5.54 6.07 5.75
N ALA A 12 -4.30 5.70 6.01
CA ALA A 12 -3.54 4.90 5.04
C ALA A 12 -4.22 3.56 4.79
N ASN A 13 -4.70 2.95 5.87
CA ASN A 13 -5.38 1.66 5.75
C ASN A 13 -6.67 1.80 4.95
N ILE A 14 -7.42 2.85 5.22
CA ILE A 14 -8.68 3.07 4.51
C ILE A 14 -8.41 3.36 3.03
N ILE A 15 -7.42 4.19 2.76
CA ILE A 15 -7.06 4.54 1.39
C ILE A 15 -6.56 3.31 0.63
N GLY A 16 -5.71 2.52 1.28
CA GLY A 16 -5.17 1.32 0.64
C GLY A 16 -6.28 0.33 0.31
N ILE A 17 -7.17 0.11 1.27
CA ILE A 17 -8.27 -0.82 1.08
C ILE A 17 -9.20 -0.31 -0.03
N LEU A 18 -9.46 0.99 -0.01
CA LEU A 18 -10.33 1.60 -1.00
C LEU A 18 -9.73 1.41 -2.39
N HIS A 19 -8.41 1.51 -2.48
CA HIS A 19 -7.72 1.33 -3.74
C HIS A 19 -8.03 -0.04 -4.32
N LEU A 20 -8.02 -1.05 -3.47
CA LEU A 20 -8.31 -2.42 -3.91
C LEU A 20 -9.70 -2.53 -4.49
N ILE A 21 -10.66 -1.86 -3.88
CA ILE A 21 -12.03 -1.92 -4.38
C ILE A 21 -12.12 -1.36 -5.80
N LEU A 22 -11.47 -0.23 -6.03
CA LEU A 22 -11.50 0.39 -7.36
C LEU A 22 -10.62 -0.40 -8.35
N TRP A 23 -9.42 -0.79 -7.92
CA TRP A 23 -8.49 -1.53 -8.79
C TRP A 23 -9.04 -2.92 -9.13
N ILE A 24 -9.53 -3.64 -8.13
CA ILE A 24 -10.05 -4.98 -8.36
C ILE A 24 -11.27 -4.92 -9.28
N LEU A 25 -12.12 -3.92 -9.05
CA LEU A 25 -13.32 -3.75 -9.86
C LEU A 25 -12.94 -3.40 -11.30
N ASP A 26 -11.90 -2.60 -11.46
CA ASP A 26 -11.44 -2.21 -12.79
C ASP A 26 -11.02 -3.42 -13.60
N ARG A 27 -10.41 -4.39 -12.94
CA ARG A 27 -9.96 -5.61 -13.61
C ARG A 27 -11.15 -6.34 -14.23
N LEU A 28 -12.28 -6.34 -13.53
CA LEU A 28 -13.47 -7.00 -14.03
C LEU A 28 -13.94 -6.36 -15.34
N PHE A 29 -13.88 -5.03 -15.40
CA PHE A 29 -14.31 -4.30 -16.59
C PHE A 29 -13.12 -4.07 -17.52
N PHE A 30 -11.93 -4.48 -17.09
CA PHE A 30 -10.73 -4.33 -17.90
C PHE A 30 -9.69 -5.37 -17.50
N LYS A 31 -9.81 -6.57 -18.08
CA LYS A 31 -8.87 -7.64 -17.78
C LYS A 31 -7.57 -7.45 -18.58
N SER B 1 9.07 17.10 14.09
CA SER B 1 8.04 16.33 14.83
C SER B 1 7.78 15.01 14.13
N ASN B 2 7.45 15.08 12.84
CA ASN B 2 7.18 13.88 12.06
C ASN B 2 8.43 13.00 11.98
N ASP B 3 9.57 13.65 11.80
CA ASP B 3 10.84 12.94 11.71
C ASP B 3 11.16 12.22 13.02
N SER B 4 10.76 12.83 14.13
CA SER B 4 11.02 12.24 15.45
C SER B 4 10.40 10.86 15.54
N SER B 5 9.26 10.66 14.88
CA SER B 5 8.58 9.38 14.90
C SER B 5 9.31 8.40 13.99
N ASP B 6 8.54 7.64 13.21
CA ASP B 6 9.12 6.66 12.27
C ASP B 6 9.09 7.21 10.84
N PRO B 7 10.22 7.64 10.29
CA PRO B 7 10.25 8.19 8.90
C PRO B 7 9.59 7.24 7.89
N LEU B 8 9.81 5.94 8.07
CA LEU B 8 9.26 4.94 7.16
C LEU B 8 7.72 4.95 7.20
N VAL B 9 7.15 5.07 8.39
CA VAL B 9 5.69 5.07 8.54
C VAL B 9 5.07 6.26 7.80
N VAL B 10 5.61 7.45 8.05
CA VAL B 10 5.10 8.65 7.41
C VAL B 10 5.41 8.63 5.92
N ALA B 11 6.62 8.20 5.57
CA ALA B 11 7.03 8.14 4.18
C ALA B 11 6.18 7.13 3.41
N ALA B 12 5.86 6.02 4.07
CA ALA B 12 5.04 4.99 3.42
C ALA B 12 3.67 5.54 3.06
N ASN B 13 3.09 6.33 3.97
CA ASN B 13 1.78 6.91 3.73
C ASN B 13 1.83 7.90 2.56
N ILE B 14 2.88 8.72 2.54
CA ILE B 14 3.03 9.70 1.47
C ILE B 14 3.23 9.01 0.12
N ILE B 15 4.09 7.99 0.13
CA ILE B 15 4.37 7.24 -1.09
C ILE B 15 3.13 6.51 -1.59
N GLY B 16 2.39 5.89 -0.67
CA GLY B 16 1.18 5.15 -1.06
C GLY B 16 0.14 6.10 -1.64
N ILE B 17 -0.06 7.23 -0.99
CA ILE B 17 -1.02 8.23 -1.45
C ILE B 17 -0.60 8.77 -2.81
N LEU B 18 0.68 9.05 -2.94
CA LEU B 18 1.22 9.57 -4.19
C LEU B 18 0.98 8.57 -5.32
N HIS B 19 1.10 7.28 -5.00
CA HIS B 19 0.89 6.24 -6.00
C HIS B 19 -0.52 6.34 -6.56
N LEU B 20 -1.48 6.58 -5.68
CA LEU B 20 -2.89 6.70 -6.10
C LEU B 20 -3.06 7.85 -7.07
N ILE B 21 -2.39 8.96 -6.83
CA ILE B 21 -2.53 10.11 -7.72
C ILE B 21 -2.04 9.77 -9.12
N LEU B 22 -0.90 9.10 -9.22
CA LEU B 22 -0.36 8.72 -10.52
C LEU B 22 -1.17 7.58 -11.15
N TRP B 23 -1.49 6.56 -10.36
CA TRP B 23 -2.26 5.41 -10.85
C TRP B 23 -3.67 5.79 -11.26
N ILE B 24 -4.35 6.57 -10.42
CA ILE B 24 -5.73 6.98 -10.72
C ILE B 24 -5.75 7.85 -11.97
N LEU B 25 -4.77 8.75 -12.06
CA LEU B 25 -4.67 9.64 -13.21
C LEU B 25 -4.39 8.84 -14.49
N ASP B 26 -3.57 7.80 -14.37
CA ASP B 26 -3.22 6.98 -15.52
C ASP B 26 -4.48 6.31 -16.09
N ARG B 27 -5.38 5.92 -15.21
CA ARG B 27 -6.62 5.27 -15.64
C ARG B 27 -7.42 6.20 -16.55
N LEU B 28 -7.41 7.49 -16.23
CA LEU B 28 -8.14 8.47 -17.03
C LEU B 28 -7.59 8.52 -18.45
N PHE B 29 -6.26 8.47 -18.57
CA PHE B 29 -5.61 8.51 -19.88
C PHE B 29 -5.39 7.11 -20.41
N PHE B 30 -5.74 6.11 -19.62
CA PHE B 30 -5.59 4.71 -20.03
C PHE B 30 -6.58 3.83 -19.28
N LYS B 31 -7.80 3.76 -19.79
CA LYS B 31 -8.83 2.93 -19.16
C LYS B 31 -8.64 1.46 -19.54
N SER C 1 17.96 -3.98 15.27
CA SER C 1 17.18 -2.78 15.71
C SER C 1 15.82 -2.78 15.03
N ASN C 2 15.83 -2.86 13.70
CA ASN C 2 14.59 -2.87 12.94
C ASN C 2 13.76 -4.11 13.28
N ASP C 3 14.44 -5.23 13.44
CA ASP C 3 13.77 -6.49 13.76
C ASP C 3 13.13 -6.40 15.14
N SER C 4 13.76 -5.67 16.05
CA SER C 4 13.24 -5.53 17.40
C SER C 4 11.83 -4.94 17.37
N SER C 5 11.58 -4.06 16.42
CA SER C 5 10.27 -3.44 16.30
C SER C 5 9.28 -4.43 15.70
N ASP C 6 8.46 -3.96 14.75
CA ASP C 6 7.46 -4.81 14.10
C ASP C 6 7.95 -5.21 12.70
N PRO C 7 8.40 -6.44 12.49
CA PRO C 7 8.88 -6.89 11.15
C PRO C 7 7.87 -6.59 10.04
N LEU C 8 6.59 -6.77 10.34
CA LEU C 8 5.54 -6.54 9.36
C LEU C 8 5.49 -5.07 8.93
N VAL C 9 5.64 -4.16 9.89
CA VAL C 9 5.59 -2.73 9.58
C VAL C 9 6.73 -2.34 8.64
N VAL C 10 7.94 -2.75 8.98
CA VAL C 10 9.10 -2.43 8.14
C VAL C 10 9.03 -3.18 6.82
N ALA C 11 8.63 -4.45 6.89
CA ALA C 11 8.52 -5.27 5.68
C ALA C 11 7.46 -4.71 4.75
N ALA C 12 6.35 -4.22 5.33
CA ALA C 12 5.28 -3.67 4.52
C ALA C 12 5.76 -2.46 3.73
N ASN C 13 6.57 -1.62 4.38
CA ASN C 13 7.09 -0.43 3.73
C ASN C 13 8.02 -0.81 2.58
N ILE C 14 8.88 -1.79 2.83
CA ILE C 14 9.82 -2.25 1.81
C ILE C 14 9.07 -2.87 0.62
N ILE C 15 8.08 -3.71 0.95
CA ILE C 15 7.30 -4.37 -0.09
C ILE C 15 6.51 -3.34 -0.91
N GLY C 16 5.89 -2.39 -0.23
CA GLY C 16 5.10 -1.36 -0.92
C GLY C 16 5.98 -0.53 -1.85
N ILE C 17 7.13 -0.11 -1.34
CA ILE C 17 8.07 0.69 -2.12
C ILE C 17 8.58 -0.11 -3.31
N LEU C 18 8.89 -1.38 -3.07
CA LEU C 18 9.38 -2.26 -4.12
C LEU C 18 8.33 -2.39 -5.22
N HIS C 19 7.07 -2.45 -4.80
CA HIS C 19 5.97 -2.57 -5.76
C HIS C 19 6.00 -1.39 -6.74
N LEU C 20 6.24 -0.20 -6.20
CA LEU C 20 6.28 1.00 -7.03
C LEU C 20 7.38 0.90 -8.08
N ILE C 21 8.53 0.36 -7.70
CA ILE C 21 9.64 0.24 -8.63
C ILE C 21 9.26 -0.65 -9.81
N LEU C 22 8.62 -1.78 -9.51
CA LEU C 22 8.21 -2.71 -10.57
C LEU C 22 7.01 -2.15 -11.36
N TRP C 23 6.01 -1.62 -10.65
CA TRP C 23 4.82 -1.08 -11.30
C TRP C 23 5.13 0.16 -12.13
N ILE C 24 5.92 1.08 -11.58
CA ILE C 24 6.25 2.30 -12.30
C ILE C 24 7.08 1.97 -13.54
N LEU C 25 8.01 1.02 -13.39
CA LEU C 25 8.86 0.60 -14.49
C LEU C 25 8.02 -0.07 -15.58
N ASP C 26 7.02 -0.85 -15.16
CA ASP C 26 6.16 -1.54 -16.11
C ASP C 26 5.43 -0.54 -17.00
N ARG C 27 5.03 0.59 -16.42
CA ARG C 27 4.32 1.61 -17.17
C ARG C 27 5.18 2.12 -18.33
N LEU C 28 6.48 2.24 -18.09
CA LEU C 28 7.40 2.71 -19.12
C LEU C 28 7.41 1.74 -20.30
N PHE C 29 7.40 0.45 -20.01
CA PHE C 29 7.42 -0.57 -21.05
C PHE C 29 6.00 -0.98 -21.43
N PHE C 30 5.02 -0.42 -20.73
CA PHE C 30 3.62 -0.72 -21.00
C PHE C 30 2.72 0.42 -20.54
N LYS C 31 2.59 1.44 -21.40
CA LYS C 31 1.75 2.59 -21.07
C LYS C 31 0.28 2.26 -21.30
N SER D 1 -2.72 -12.82 20.08
CA SER D 1 -1.52 -11.94 20.21
C SER D 1 -1.59 -10.84 19.15
N ASN D 2 -1.74 -11.24 17.90
CA ASN D 2 -1.82 -10.27 16.81
C ASN D 2 -3.05 -9.39 16.97
N ASP D 3 -4.15 -10.01 17.37
CA ASP D 3 -5.40 -9.28 17.55
C ASP D 3 -5.27 -8.25 18.68
N SER D 4 -4.48 -8.60 19.69
CA SER D 4 -4.28 -7.70 20.82
C SER D 4 -3.72 -6.36 20.36
N SER D 5 -2.90 -6.38 19.31
CA SER D 5 -2.32 -5.16 18.79
C SER D 5 -3.37 -4.40 17.98
N ASP D 6 -2.96 -3.89 16.82
CA ASP D 6 -3.88 -3.13 15.94
C ASP D 6 -4.33 -4.02 14.77
N PRO D 7 -5.55 -4.53 14.78
CA PRO D 7 -6.05 -5.38 13.66
C PRO D 7 -5.83 -4.73 12.28
N LEU D 8 -6.04 -3.43 12.21
CA LEU D 8 -5.88 -2.70 10.96
C LEU D 8 -4.43 -2.77 10.45
N VAL D 9 -3.47 -2.62 11.35
CA VAL D 9 -2.06 -2.65 10.98
C VAL D 9 -1.68 -4.01 10.38
N VAL D 10 -2.06 -5.08 11.08
CA VAL D 10 -1.75 -6.43 10.61
C VAL D 10 -2.56 -6.75 9.36
N ALA D 11 -3.83 -6.37 9.37
CA ALA D 11 -4.72 -6.62 8.24
C ALA D 11 -4.23 -5.86 7.01
N ALA D 12 -3.75 -4.65 7.22
CA ALA D 12 -3.26 -3.84 6.11
C ALA D 12 -2.08 -4.53 5.43
N ASN D 13 -1.18 -5.09 6.23
CA ASN D 13 -0.01 -5.77 5.70
C ASN D 13 -0.43 -7.01 4.90
N ILE D 14 -1.38 -7.77 5.43
CA ILE D 14 -1.85 -8.96 4.75
C ILE D 14 -2.56 -8.60 3.45
N ILE D 15 -3.39 -7.57 3.50
CA ILE D 15 -4.13 -7.13 2.32
C ILE D 15 -3.17 -6.60 1.25
N GLY D 16 -2.19 -5.81 1.67
CA GLY D 16 -1.22 -5.25 0.73
C GLY D 16 -0.42 -6.35 0.06
N ILE D 17 0.05 -7.30 0.86
CA ILE D 17 0.84 -8.41 0.34
C ILE D 17 -0.01 -9.25 -0.61
N LEU D 18 -1.25 -9.50 -0.21
CA LEU D 18 -2.17 -10.28 -1.03
C LEU D 18 -2.38 -9.60 -2.38
N HIS D 19 -2.45 -8.27 -2.35
CA HIS D 19 -2.64 -7.50 -3.57
C HIS D 19 -1.51 -7.80 -4.56
N LEU D 20 -0.29 -7.87 -4.04
CA LEU D 20 0.87 -8.14 -4.89
C LEU D 20 0.75 -9.49 -5.56
N ILE D 21 0.25 -10.49 -4.83
CA ILE D 21 0.12 -11.82 -5.41
C ILE D 21 -0.85 -11.80 -6.59
N LEU D 22 -1.98 -11.13 -6.43
CA LEU D 22 -2.97 -11.05 -7.50
C LEU D 22 -2.48 -10.13 -8.64
N TRP D 23 -1.94 -8.97 -8.28
CA TRP D 23 -1.45 -8.01 -9.28
C TRP D 23 -0.25 -8.54 -10.06
N ILE D 24 0.71 -9.11 -9.34
CA ILE D 24 1.91 -9.64 -10.01
C ILE D 24 1.53 -10.80 -10.93
N LEU D 25 0.62 -11.65 -10.46
CA LEU D 25 0.16 -12.79 -11.25
C LEU D 25 -0.58 -12.31 -12.49
N ASP D 26 -1.36 -11.24 -12.34
CA ASP D 26 -2.12 -10.70 -13.46
C ASP D 26 -1.18 -10.25 -14.58
N ARG D 27 -0.04 -9.69 -14.20
CA ARG D 27 0.93 -9.23 -15.18
C ARG D 27 1.40 -10.38 -16.07
N LEU D 28 1.56 -11.55 -15.46
CA LEU D 28 2.01 -12.73 -16.20
C LEU D 28 0.98 -13.09 -17.28
N PHE D 29 -0.29 -13.01 -16.93
CA PHE D 29 -1.36 -13.35 -17.87
C PHE D 29 -1.83 -12.10 -18.62
N PHE D 30 -1.25 -10.96 -18.26
CA PHE D 30 -1.61 -9.70 -18.92
C PHE D 30 -0.46 -8.69 -18.81
N LYS D 31 0.51 -8.80 -19.72
CA LYS D 31 1.65 -7.90 -19.71
C LYS D 31 1.28 -6.56 -20.33
O A2Y E . 3.26 1.13 9.28
S A2Y E . 3.54 1.69 12.08
C1 A2Y E . 2.99 2.11 13.38
N1 A2Y E . 2.92 0.74 8.07
C2 A2Y E . 1.66 2.22 13.37
N2 A2Y E . 1.29 0.99 5.66
C3 A2Y E . 1.23 1.91 12.14
C4 A2Y E . 1.17 0.84 9.22
C5 A2Y E . 0.94 0.10 6.77
C9 A2Y E . 1.67 0.55 8.00
C10 A2Y E . 0.84 0.65 4.28
C11 A2Y E . 2.24 1.20 9.99
C12 A2Y E . 2.28 1.58 11.33
C61 A2Y E . -0.71 0.57 4.18
C62 A2Y E . 1.40 -0.73 3.81
C63 A2Y E . 1.32 1.70 3.25
C71 A2Y E . -1.17 0.23 2.74
C72 A2Y E . 0.94 -1.07 2.37
C73 A2Y E . 0.85 1.36 1.82
C81 A2Y E . -0.59 -1.14 2.32
C82 A2Y E . 1.43 0.00 1.40
C83 A2Y E . -0.67 1.30 1.77
H44 A2Y E . 0.12 0.79 9.50
H1 A2Y E . 3.63 2.30 14.25
H2 A2Y E . 1.04 2.53 14.22
H3 A2Y E . 0.16 1.93 11.88
H15 A2Y E . -0.15 0.13 6.99
H25 A2Y E . 1.23 -0.95 6.55
H161 A2Y E . -1.14 1.52 4.46
H261 A2Y E . -1.10 -0.19 4.85
H362 A2Y E . 1.05 -1.52 4.47
H462 A2Y E . 2.47 -0.71 3.83
H563 A2Y E . 2.40 1.75 3.26
H663 A2Y E . 0.92 2.68 3.52
H171 A2Y E . -2.25 0.19 2.71
H272 A2Y E . 1.34 -2.03 2.09
H373 A2Y E . 1.21 2.12 1.14
H181 A2Y E . -0.95 -1.90 2.99
H281 A2Y E . -0.91 -1.36 1.31
H382 A2Y E . 2.51 0.05 1.42
H482 A2Y E . 1.09 -0.24 0.40
H583 A2Y E . -1.09 2.26 2.04
H683 A2Y E . -0.99 1.05 0.76
H1N2 A2Y E . 0.91 1.94 5.88
H2N2 A2Y E . 2.33 1.08 5.64
N SER A 1 -4.74 6.37 25.20
CA SER A 1 -5.04 5.20 24.32
C SER A 1 -5.19 5.68 22.89
N ASN A 2 -5.78 6.86 22.72
CA ASN A 2 -5.97 7.42 21.38
C ASN A 2 -4.63 7.76 20.75
N ASP A 3 -3.63 8.01 21.59
CA ASP A 3 -2.30 8.36 21.10
C ASP A 3 -1.51 7.09 20.77
N SER A 4 -2.12 5.94 21.01
CA SER A 4 -1.46 4.67 20.73
C SER A 4 -1.16 4.53 19.25
N SER A 5 -1.97 5.17 18.42
CA SER A 5 -1.80 5.12 16.97
C SER A 5 -2.32 6.40 16.33
N ASP A 6 -1.46 7.05 15.56
CA ASP A 6 -1.83 8.29 14.88
C ASP A 6 -2.96 8.03 13.87
N PRO A 7 -3.76 9.03 13.57
CA PRO A 7 -4.88 8.90 12.59
C PRO A 7 -4.38 8.63 11.17
N LEU A 8 -3.10 8.92 10.93
CA LEU A 8 -2.51 8.70 9.62
C LEU A 8 -2.55 7.22 9.25
N VAL A 9 -2.28 6.36 10.22
CA VAL A 9 -2.29 4.92 9.97
C VAL A 9 -3.67 4.47 9.51
N VAL A 10 -4.70 4.95 10.19
CA VAL A 10 -6.07 4.57 9.84
C VAL A 10 -6.40 5.06 8.43
N ALA A 11 -6.04 6.30 8.13
CA ALA A 11 -6.31 6.85 6.81
C ALA A 11 -5.56 6.08 5.74
N ALA A 12 -4.32 5.70 6.04
CA ALA A 12 -3.52 4.95 5.08
C ALA A 12 -4.14 3.59 4.78
N ASN A 13 -4.65 2.93 5.82
CA ASN A 13 -5.27 1.63 5.66
C ASN A 13 -6.52 1.73 4.79
N ILE A 14 -7.31 2.77 5.03
CA ILE A 14 -8.53 2.99 4.27
C ILE A 14 -8.21 3.27 2.80
N ILE A 15 -7.19 4.10 2.58
CA ILE A 15 -6.80 4.46 1.23
C ILE A 15 -6.33 3.22 0.46
N GLY A 16 -5.52 2.38 1.11
CA GLY A 16 -5.02 1.17 0.48
C GLY A 16 -6.16 0.22 0.14
N ILE A 17 -7.04 0.00 1.11
CA ILE A 17 -8.18 -0.90 0.91
C ILE A 17 -9.11 -0.34 -0.16
N LEU A 18 -9.34 0.96 -0.11
CA LEU A 18 -10.21 1.61 -1.08
C LEU A 18 -9.66 1.43 -2.49
N HIS A 19 -8.33 1.55 -2.61
CA HIS A 19 -7.69 1.40 -3.91
C HIS A 19 -8.02 0.02 -4.50
N LEU A 20 -8.00 -1.00 -3.66
CA LEU A 20 -8.30 -2.35 -4.11
C LEU A 20 -9.70 -2.43 -4.69
N ILE A 21 -10.65 -1.75 -4.08
CA ILE A 21 -12.02 -1.80 -4.57
C ILE A 21 -12.09 -1.24 -6.00
N LEU A 22 -11.43 -0.12 -6.23
CA LEU A 22 -11.42 0.48 -7.56
C LEU A 22 -10.56 -0.32 -8.54
N TRP A 23 -9.37 -0.71 -8.09
CA TRP A 23 -8.45 -1.47 -8.94
C TRP A 23 -9.02 -2.85 -9.28
N ILE A 24 -9.51 -3.55 -8.27
CA ILE A 24 -10.05 -4.89 -8.48
C ILE A 24 -11.28 -4.81 -9.37
N LEU A 25 -12.04 -3.73 -9.23
CA LEU A 25 -13.25 -3.56 -10.02
C LEU A 25 -12.91 -3.52 -11.51
N ASP A 26 -11.86 -2.77 -11.85
CA ASP A 26 -11.44 -2.67 -13.24
C ASP A 26 -11.00 -4.03 -13.77
N ARG A 27 -10.27 -4.77 -12.95
CA ARG A 27 -9.78 -6.09 -13.34
C ARG A 27 -10.93 -7.09 -13.39
N LEU A 28 -12.01 -6.79 -12.68
CA LEU A 28 -13.15 -7.69 -12.65
C LEU A 28 -13.76 -7.83 -14.05
N PHE A 29 -13.87 -6.70 -14.76
CA PHE A 29 -14.44 -6.70 -16.10
C PHE A 29 -13.33 -6.81 -17.15
N PHE A 30 -12.09 -6.86 -16.67
CA PHE A 30 -10.94 -6.97 -17.58
C PHE A 30 -9.82 -7.78 -16.92
N LYS A 31 -9.91 -9.10 -17.02
CA LYS A 31 -8.90 -9.98 -16.45
C LYS A 31 -7.80 -10.28 -17.46
N SER B 1 7.44 12.16 22.25
CA SER B 1 6.23 12.19 21.38
C SER B 1 6.64 11.89 19.94
N ASN B 2 7.79 12.42 19.53
CA ASN B 2 8.27 12.20 18.18
C ASN B 2 8.62 10.74 17.95
N ASP B 3 8.93 10.03 19.05
CA ASP B 3 9.28 8.62 18.97
C ASP B 3 8.02 7.75 18.95
N SER B 4 6.87 8.39 19.06
CA SER B 4 5.60 7.69 19.06
C SER B 4 5.39 6.95 17.74
N SER B 5 5.99 7.49 16.68
CA SER B 5 5.86 6.87 15.36
C SER B 5 7.09 7.19 14.51
N ASP B 6 7.73 6.14 14.00
CA ASP B 6 8.92 6.31 13.18
C ASP B 6 8.58 7.07 11.90
N PRO B 7 9.55 7.74 11.31
CA PRO B 7 9.35 8.53 10.06
C PRO B 7 9.02 7.62 8.87
N LEU B 8 9.32 6.33 9.01
CA LEU B 8 9.05 5.37 7.95
C LEU B 8 7.56 5.28 7.66
N VAL B 9 6.75 5.32 8.71
CA VAL B 9 5.31 5.24 8.56
C VAL B 9 4.80 6.42 7.73
N VAL B 10 5.28 7.61 8.04
CA VAL B 10 4.87 8.81 7.31
C VAL B 10 5.27 8.71 5.85
N ALA B 11 6.50 8.28 5.59
CA ALA B 11 6.99 8.13 4.23
C ALA B 11 6.17 7.09 3.47
N ALA B 12 5.84 6.00 4.15
CA ALA B 12 5.06 4.94 3.51
C ALA B 12 3.68 5.44 3.12
N ASN B 13 3.06 6.23 3.99
CA ASN B 13 1.73 6.76 3.71
C ASN B 13 1.77 7.70 2.51
N ILE B 14 2.80 8.53 2.45
CA ILE B 14 2.95 9.47 1.35
C ILE B 14 3.17 8.72 0.03
N ILE B 15 4.01 7.69 0.09
CA ILE B 15 4.31 6.91 -1.11
C ILE B 15 3.04 6.23 -1.63
N GLY B 16 2.26 5.64 -0.72
CA GLY B 16 1.03 4.96 -1.11
C GLY B 16 0.04 5.95 -1.72
N ILE B 17 -0.16 7.07 -1.05
CA ILE B 17 -1.09 8.10 -1.53
C ILE B 17 -0.60 8.66 -2.87
N LEU B 18 0.70 8.91 -2.95
CA LEU B 18 1.28 9.46 -4.18
C LEU B 18 1.04 8.50 -5.33
N HIS B 19 1.18 7.20 -5.06
CA HIS B 19 0.98 6.19 -6.10
C HIS B 19 -0.43 6.32 -6.69
N LEU B 20 -1.40 6.56 -5.83
CA LEU B 20 -2.79 6.70 -6.27
C LEU B 20 -2.93 7.85 -7.24
N ILE B 21 -2.23 8.95 -6.98
CA ILE B 21 -2.35 10.10 -7.86
C ILE B 21 -1.86 9.75 -9.27
N LEU B 22 -0.73 9.05 -9.35
CA LEU B 22 -0.20 8.65 -10.66
C LEU B 22 -1.03 7.52 -11.28
N TRP B 23 -1.37 6.52 -10.47
CA TRP B 23 -2.16 5.39 -10.97
C TRP B 23 -3.56 5.81 -11.39
N ILE B 24 -4.22 6.58 -10.53
CA ILE B 24 -5.57 7.03 -10.83
C ILE B 24 -5.57 7.94 -12.05
N LEU B 25 -4.50 8.71 -12.21
CA LEU B 25 -4.39 9.62 -13.33
C LEU B 25 -4.42 8.85 -14.64
N ASP B 26 -3.67 7.75 -14.70
CA ASP B 26 -3.63 6.95 -15.90
C ASP B 26 -4.99 6.35 -16.20
N ARG B 27 -5.68 5.89 -15.15
CA ARG B 27 -7.01 5.30 -15.31
C ARG B 27 -8.03 6.38 -15.65
N LEU B 28 -7.73 7.62 -15.31
CA LEU B 28 -8.65 8.73 -15.57
C LEU B 28 -8.87 8.88 -17.08
N PHE B 29 -7.79 8.78 -17.85
CA PHE B 29 -7.87 8.91 -19.30
C PHE B 29 -8.01 7.55 -19.96
N PHE B 30 -8.00 6.49 -19.14
CA PHE B 30 -8.13 5.13 -19.64
C PHE B 30 -8.88 4.26 -18.64
N LYS B 31 -10.20 4.30 -18.69
CA LYS B 31 -11.04 3.51 -17.79
C LYS B 31 -11.36 2.16 -18.41
N SER C 1 13.69 -0.39 22.64
CA SER C 1 13.64 0.52 21.46
C SER C 1 13.27 -0.30 20.22
N ASN C 2 13.81 -1.51 20.14
CA ASN C 2 13.54 -2.38 19.00
C ASN C 2 12.06 -2.81 18.98
N ASP C 3 11.45 -2.79 20.16
CA ASP C 3 10.04 -3.17 20.27
C ASP C 3 9.13 -1.98 19.94
N SER C 4 9.75 -0.84 19.67
CA SER C 4 8.98 0.37 19.36
C SER C 4 8.18 0.16 18.08
N SER C 5 8.67 -0.71 17.20
CA SER C 5 7.98 -0.99 15.93
C SER C 5 8.29 -2.40 15.48
N ASP C 6 7.24 -3.18 15.24
CA ASP C 6 7.39 -4.56 14.80
C ASP C 6 8.08 -4.61 13.42
N PRO C 7 8.75 -5.69 13.11
CA PRO C 7 9.45 -5.86 11.80
C PRO C 7 8.48 -5.91 10.63
N LEU C 8 7.20 -6.17 10.93
CA LEU C 8 6.17 -6.25 9.90
C LEU C 8 6.02 -4.91 9.19
N VAL C 9 6.09 -3.82 9.96
CA VAL C 9 5.95 -2.49 9.39
C VAL C 9 7.06 -2.23 8.37
N VAL C 10 8.29 -2.58 8.74
CA VAL C 10 9.43 -2.38 7.85
C VAL C 10 9.25 -3.20 6.57
N ALA C 11 8.85 -4.45 6.73
CA ALA C 11 8.66 -5.32 5.58
C ALA C 11 7.54 -4.79 4.67
N ALA C 12 6.48 -4.28 5.30
CA ALA C 12 5.36 -3.74 4.54
C ALA C 12 5.79 -2.53 3.71
N ASN C 13 6.61 -1.66 4.32
CA ASN C 13 7.08 -0.47 3.63
C ASN C 13 7.95 -0.85 2.44
N ILE C 14 8.81 -1.84 2.64
CA ILE C 14 9.69 -2.29 1.56
C ILE C 14 8.88 -2.90 0.43
N ILE C 15 7.88 -3.71 0.77
CA ILE C 15 7.05 -4.35 -0.23
C ILE C 15 6.29 -3.30 -1.05
N GLY C 16 5.74 -2.30 -0.37
CA GLY C 16 4.99 -1.25 -1.07
C GLY C 16 5.91 -0.46 -2.01
N ILE C 17 7.06 -0.06 -1.49
CA ILE C 17 8.02 0.70 -2.29
C ILE C 17 8.53 -0.15 -3.45
N LEU C 18 8.82 -1.42 -3.16
CA LEU C 18 9.32 -2.32 -4.20
C LEU C 18 8.28 -2.45 -5.32
N HIS C 19 7.01 -2.52 -4.94
CA HIS C 19 5.94 -2.65 -5.92
C HIS C 19 5.99 -1.48 -6.90
N LEU C 20 6.23 -0.29 -6.38
CA LEU C 20 6.30 0.90 -7.22
C LEU C 20 7.40 0.77 -8.26
N ILE C 21 8.54 0.21 -7.88
CA ILE C 21 9.64 0.06 -8.82
C ILE C 21 9.21 -0.82 -9.99
N LEU C 22 8.55 -1.93 -9.71
CA LEU C 22 8.11 -2.83 -10.76
C LEU C 22 6.91 -2.24 -11.54
N TRP C 23 5.95 -1.68 -10.80
CA TRP C 23 4.77 -1.11 -11.43
C TRP C 23 5.12 0.13 -12.27
N ILE C 24 5.90 1.02 -11.69
CA ILE C 24 6.29 2.24 -12.40
C ILE C 24 7.14 1.88 -13.62
N LEU C 25 7.93 0.83 -13.50
CA LEU C 25 8.79 0.41 -14.61
C LEU C 25 7.93 0.03 -15.82
N ASP C 26 6.87 -0.70 -15.58
CA ASP C 26 5.99 -1.11 -16.67
C ASP C 26 5.33 0.10 -17.31
N ARG C 27 4.91 1.05 -16.48
CA ARG C 27 4.27 2.26 -16.99
C ARG C 27 5.30 3.16 -17.68
N LEU C 28 6.57 2.99 -17.34
CA LEU C 28 7.62 3.79 -17.94
C LEU C 28 7.68 3.57 -19.45
N PHE C 29 7.58 2.31 -19.85
CA PHE C 29 7.63 1.96 -21.28
C PHE C 29 6.22 1.87 -21.86
N PHE C 30 5.22 2.10 -21.01
CA PHE C 30 3.82 2.05 -21.44
C PHE C 30 2.98 3.04 -20.65
N LYS C 31 2.98 4.30 -21.09
CA LYS C 31 2.21 5.35 -20.41
C LYS C 31 0.82 5.46 -21.02
N SER D 1 1.43 -6.40 25.64
CA SER D 1 2.26 -6.67 24.43
C SER D 1 1.37 -6.70 23.20
N ASN D 2 0.17 -7.25 23.35
CA ASN D 2 -0.77 -7.34 22.25
C ASN D 2 -1.25 -5.95 21.83
N ASP D 3 -1.17 -5.01 22.76
CA ASP D 3 -1.60 -3.64 22.48
C ASP D 3 -0.47 -2.85 21.82
N SER D 4 0.68 -3.50 21.67
CA SER D 4 1.84 -2.85 21.08
C SER D 4 1.54 -2.46 19.63
N SER D 5 0.63 -3.20 18.99
CA SER D 5 0.26 -2.92 17.61
C SER D 5 -1.17 -3.37 17.34
N ASP D 6 -1.99 -2.44 16.86
CA ASP D 6 -3.39 -2.75 16.57
C ASP D 6 -3.49 -3.81 15.46
N PRO D 7 -4.56 -4.56 15.43
CA PRO D 7 -4.78 -5.63 14.40
C PRO D 7 -4.93 -5.04 12.99
N LEU D 8 -5.22 -3.74 12.92
CA LEU D 8 -5.39 -3.06 11.65
C LEU D 8 -4.09 -3.10 10.84
N VAL D 9 -2.96 -2.92 11.53
CA VAL D 9 -1.67 -2.93 10.86
C VAL D 9 -1.43 -4.30 10.20
N VAL D 10 -1.73 -5.37 10.93
CA VAL D 10 -1.53 -6.72 10.40
C VAL D 10 -2.42 -6.93 9.19
N ALA D 11 -3.69 -6.53 9.30
CA ALA D 11 -4.63 -6.70 8.20
C ALA D 11 -4.18 -5.90 6.98
N ALA D 12 -3.67 -4.69 7.22
CA ALA D 12 -3.21 -3.83 6.13
C ALA D 12 -2.03 -4.47 5.40
N ASN D 13 -1.11 -5.05 6.16
CA ASN D 13 0.05 -5.70 5.57
C ASN D 13 -0.36 -6.88 4.70
N ILE D 14 -1.31 -7.65 5.21
CA ILE D 14 -1.79 -8.82 4.48
C ILE D 14 -2.48 -8.40 3.19
N ILE D 15 -3.30 -7.35 3.29
CA ILE D 15 -4.03 -6.85 2.12
C ILE D 15 -3.06 -6.36 1.05
N GLY D 16 -2.04 -5.62 1.47
CA GLY D 16 -1.06 -5.10 0.53
C GLY D 16 -0.29 -6.24 -0.15
N ILE D 17 0.18 -7.19 0.66
CA ILE D 17 0.92 -8.33 0.12
C ILE D 17 0.03 -9.16 -0.78
N LEU D 18 -1.21 -9.37 -0.35
CA LEU D 18 -2.16 -10.16 -1.13
C LEU D 18 -2.38 -9.51 -2.49
N HIS D 19 -2.48 -8.18 -2.49
CA HIS D 19 -2.70 -7.45 -3.73
C HIS D 19 -1.58 -7.77 -4.73
N LEU D 20 -0.36 -7.84 -4.24
CA LEU D 20 0.79 -8.13 -5.10
C LEU D 20 0.64 -9.48 -5.76
N ILE D 21 0.13 -10.47 -5.03
CA ILE D 21 -0.03 -11.80 -5.59
C ILE D 21 -0.99 -11.76 -6.78
N LEU D 22 -2.10 -11.05 -6.62
CA LEU D 22 -3.07 -10.96 -7.71
C LEU D 22 -2.57 -10.04 -8.83
N TRP D 23 -2.01 -8.89 -8.45
CA TRP D 23 -1.51 -7.93 -9.44
C TRP D 23 -0.32 -8.50 -10.20
N ILE D 24 0.64 -9.08 -9.49
CA ILE D 24 1.82 -9.62 -10.12
C ILE D 24 1.43 -10.80 -11.02
N LEU D 25 0.41 -11.55 -10.60
CA LEU D 25 -0.04 -12.69 -11.38
C LEU D 25 -0.52 -12.25 -12.75
N ASP D 26 -1.27 -11.17 -12.80
CA ASP D 26 -1.78 -10.65 -14.07
C ASP D 26 -0.62 -10.20 -14.96
N ARG D 27 0.36 -9.54 -14.35
CA ARG D 27 1.52 -9.05 -15.10
C ARG D 27 2.41 -10.22 -15.52
N LEU D 28 2.30 -11.34 -14.80
CA LEU D 28 3.12 -12.51 -15.12
C LEU D 28 2.81 -13.01 -16.52
N PHE D 29 1.52 -13.06 -16.87
CA PHE D 29 1.10 -13.53 -18.18
C PHE D 29 0.92 -12.36 -19.14
N PHE D 30 1.17 -11.15 -18.64
CA PHE D 30 1.05 -9.94 -19.46
C PHE D 30 2.06 -8.89 -19.01
N LYS D 31 3.28 -9.00 -19.52
CA LYS D 31 4.34 -8.06 -19.17
C LYS D 31 4.36 -6.90 -20.16
O A2Y E . 3.09 1.09 8.82
S A2Y E . 3.47 1.35 11.66
C1 A2Y E . 2.97 1.63 13.01
N1 A2Y E . 2.66 0.84 7.58
C2 A2Y E . 1.64 1.77 13.05
N2 A2Y E . 1.41 0.60 5.18
C3 A2Y E . 1.17 1.59 11.81
C4 A2Y E . 0.99 0.89 8.83
C5 A2Y E . 0.58 0.45 6.37
C9 A2Y E . 1.40 0.73 7.58
C10 A2Y E . 0.76 0.43 3.86
C11 A2Y E . 2.10 1.12 9.57
C12 A2Y E . 2.18 1.35 10.93
C61 A2Y E . 0.15 -0.99 3.67
C62 A2Y E . 1.80 0.63 2.73
C63 A2Y E . -0.38 1.48 3.62
C71 A2Y E . -0.50 -1.14 2.27
C72 A2Y E . 1.15 0.47 1.33
C73 A2Y E . -1.02 1.30 2.23
C81 A2Y E . 0.56 -0.94 1.19
C82 A2Y E . 0.05 1.51 1.14
C83 A2Y E . -1.61 -0.10 2.10
H44 A2Y E . -0.06 0.84 9.16
H1 A2Y E . 3.63 1.73 13.88
H2 A2Y E . 1.04 1.99 13.94
H3 A2Y E . 0.11 1.65 11.57
H15 A2Y E . -0.27 1.17 6.36
H25 A2Y E . 0.17 -0.58 6.44
H161 A2Y E . -0.62 -1.17 4.41
H261 A2Y E . 0.93 -1.73 3.78
H362 A2Y E . 2.59 -0.09 2.83
H462 A2Y E . 2.22 1.63 2.80
H563 A2Y E . 0.02 2.47 3.70
H663 A2Y E . -1.15 1.36 4.37
H171 A2Y E . -0.91 -2.13 2.18
H272 A2Y E . 1.91 0.61 0.58
H373 A2Y E . -1.80 2.04 2.11
H181 A2Y E . 1.34 -1.67 1.30
H281 A2Y E . 0.11 -1.04 0.22
H382 A2Y E . 0.45 2.50 1.22
H482 A2Y E . -0.41 1.37 0.17
H583 A2Y E . -2.37 -0.25 2.87
H683 A2Y E . -2.07 -0.22 1.13
H1N2 A2Y E . 1.84 1.55 5.21
H2N2 A2Y E . 2.18 -0.12 5.24
N SER A 1 -11.30 9.93 19.89
CA SER A 1 -10.50 10.89 19.09
C SER A 1 -9.50 10.12 18.23
N ASN A 2 -9.81 8.86 17.97
CA ASN A 2 -8.94 8.02 17.15
C ASN A 2 -7.55 7.94 17.77
N ASP A 3 -7.50 7.82 19.10
CA ASP A 3 -6.22 7.73 19.79
C ASP A 3 -5.58 6.37 19.57
N SER A 4 -6.38 5.39 19.17
CA SER A 4 -5.89 4.05 18.92
C SER A 4 -4.88 4.04 17.77
N SER A 5 -5.10 4.91 16.79
CA SER A 5 -4.22 4.99 15.63
C SER A 5 -4.25 6.41 15.08
N ASP A 6 -3.07 6.93 14.77
CA ASP A 6 -2.96 8.28 14.23
C ASP A 6 -3.80 8.44 12.96
N PRO A 7 -4.34 9.61 12.68
CA PRO A 7 -5.15 9.83 11.45
C PRO A 7 -4.49 9.25 10.20
N LEU A 8 -3.18 9.41 10.11
CA LEU A 8 -2.44 8.90 8.96
C LEU A 8 -2.47 7.37 8.91
N VAL A 9 -2.31 6.75 10.07
CA VAL A 9 -2.31 5.29 10.14
C VAL A 9 -3.66 4.71 9.70
N VAL A 10 -4.74 5.23 10.27
CA VAL A 10 -6.07 4.76 9.93
C VAL A 10 -6.43 5.17 8.50
N ALA A 11 -6.09 6.41 8.17
CA ALA A 11 -6.38 6.93 6.83
C ALA A 11 -5.66 6.12 5.77
N ALA A 12 -4.42 5.76 6.04
CA ALA A 12 -3.63 4.98 5.08
C ALA A 12 -4.29 3.63 4.83
N ASN A 13 -4.77 3.00 5.90
CA ASN A 13 -5.42 1.70 5.78
C ASN A 13 -6.70 1.82 4.97
N ILE A 14 -7.48 2.86 5.23
CA ILE A 14 -8.74 3.07 4.52
C ILE A 14 -8.46 3.34 3.04
N ILE A 15 -7.49 4.20 2.78
CA ILE A 15 -7.13 4.55 1.41
C ILE A 15 -6.61 3.31 0.65
N GLY A 16 -5.75 2.54 1.30
CA GLY A 16 -5.20 1.35 0.67
C GLY A 16 -6.30 0.34 0.33
N ILE A 17 -7.18 0.10 1.29
CA ILE A 17 -8.27 -0.84 1.08
C ILE A 17 -9.20 -0.34 -0.02
N LEU A 18 -9.50 0.96 0.01
CA LEU A 18 -10.38 1.55 -1.00
C LEU A 18 -9.76 1.37 -2.39
N HIS A 19 -8.44 1.50 -2.47
CA HIS A 19 -7.77 1.34 -3.75
C HIS A 19 -8.06 -0.04 -4.33
N LEU A 20 -8.06 -1.05 -3.48
CA LEU A 20 -8.34 -2.42 -3.94
C LEU A 20 -9.74 -2.51 -4.54
N ILE A 21 -10.70 -1.85 -3.92
CA ILE A 21 -12.07 -1.91 -4.41
C ILE A 21 -12.16 -1.37 -5.84
N LEU A 22 -11.52 -0.23 -6.09
CA LEU A 22 -11.55 0.36 -7.43
C LEU A 22 -10.64 -0.42 -8.40
N TRP A 23 -9.43 -0.74 -7.94
CA TRP A 23 -8.48 -1.47 -8.78
C TRP A 23 -9.01 -2.84 -9.15
N ILE A 24 -9.50 -3.58 -8.15
CA ILE A 24 -10.01 -4.92 -8.41
C ILE A 24 -11.26 -4.85 -9.29
N LEU A 25 -12.11 -3.85 -9.01
CA LEU A 25 -13.34 -3.69 -9.78
C LEU A 25 -13.02 -3.38 -11.24
N ASP A 26 -12.04 -2.52 -11.46
CA ASP A 26 -11.66 -2.15 -12.82
C ASP A 26 -11.26 -3.38 -13.62
N ARG A 27 -10.45 -4.24 -13.01
CA ARG A 27 -10.02 -5.46 -13.68
C ARG A 27 -11.18 -6.42 -13.88
N LEU A 28 -12.24 -6.24 -13.10
CA LEU A 28 -13.40 -7.11 -13.20
C LEU A 28 -14.03 -7.00 -14.59
N PHE A 29 -14.28 -5.76 -15.04
CA PHE A 29 -14.86 -5.52 -16.35
C PHE A 29 -13.92 -5.99 -17.46
N PHE A 30 -12.65 -5.64 -17.33
CA PHE A 30 -11.64 -6.02 -18.33
C PHE A 30 -10.68 -7.06 -17.76
N LYS A 31 -10.63 -8.21 -18.42
CA LYS A 31 -9.76 -9.28 -17.97
C LYS A 31 -8.29 -8.91 -18.18
N SER B 1 10.63 16.76 15.09
CA SER B 1 11.57 15.77 14.50
C SER B 1 10.80 14.55 14.01
N ASN B 2 9.51 14.74 13.75
CA ASN B 2 8.67 13.65 13.27
C ASN B 2 8.68 12.50 14.27
N ASP B 3 8.64 12.83 15.56
CA ASP B 3 8.65 11.81 16.60
C ASP B 3 7.29 11.09 16.66
N SER B 4 6.27 11.72 16.11
CA SER B 4 4.93 11.15 16.11
C SER B 4 4.90 9.85 15.29
N SER B 5 5.71 9.81 14.23
CA SER B 5 5.77 8.62 13.38
C SER B 5 7.14 8.52 12.75
N ASP B 6 7.70 7.32 12.76
CA ASP B 6 9.02 7.09 12.19
C ASP B 6 9.07 7.53 10.72
N PRO B 7 10.20 8.00 10.23
CA PRO B 7 10.33 8.42 8.80
C PRO B 7 9.71 7.41 7.83
N LEU B 8 9.91 6.13 8.11
CA LEU B 8 9.38 5.07 7.26
C LEU B 8 7.85 5.05 7.31
N VAL B 9 7.29 5.22 8.50
CA VAL B 9 5.83 5.21 8.67
C VAL B 9 5.19 6.35 7.89
N VAL B 10 5.69 7.57 8.09
CA VAL B 10 5.14 8.73 7.40
C VAL B 10 5.46 8.67 5.92
N ALA B 11 6.69 8.28 5.62
CA ALA B 11 7.13 8.19 4.23
C ALA B 11 6.29 7.17 3.47
N ALA B 12 5.99 6.05 4.11
CA ALA B 12 5.21 5.00 3.47
C ALA B 12 3.81 5.53 3.13
N ASN B 13 3.22 6.28 4.06
CA ASN B 13 1.89 6.83 3.83
C ASN B 13 1.91 7.83 2.68
N ILE B 14 2.93 8.67 2.64
CA ILE B 14 3.05 9.67 1.59
C ILE B 14 3.25 9.00 0.23
N ILE B 15 4.13 8.00 0.21
CA ILE B 15 4.41 7.27 -1.02
C ILE B 15 3.17 6.54 -1.52
N GLY B 16 2.47 5.88 -0.61
CA GLY B 16 1.27 5.14 -0.97
C GLY B 16 0.19 6.06 -1.54
N ILE B 17 -0.03 7.18 -0.86
CA ILE B 17 -1.02 8.15 -1.31
C ILE B 17 -0.62 8.72 -2.67
N LEU B 18 0.66 9.04 -2.80
CA LEU B 18 1.16 9.60 -4.06
C LEU B 18 0.93 8.62 -5.20
N HIS B 19 1.11 7.33 -4.91
CA HIS B 19 0.91 6.31 -5.92
C HIS B 19 -0.51 6.39 -6.48
N LEU B 20 -1.47 6.61 -5.60
CA LEU B 20 -2.86 6.71 -6.02
C LEU B 20 -3.05 7.87 -6.99
N ILE B 21 -2.41 8.99 -6.73
CA ILE B 21 -2.54 10.16 -7.59
C ILE B 21 -2.09 9.83 -9.01
N LEU B 22 -0.94 9.18 -9.14
CA LEU B 22 -0.43 8.83 -10.46
C LEU B 22 -1.22 7.68 -11.07
N TRP B 23 -1.46 6.63 -10.28
CA TRP B 23 -2.19 5.46 -10.76
C TRP B 23 -3.62 5.83 -11.18
N ILE B 24 -4.31 6.56 -10.32
CA ILE B 24 -5.68 6.95 -10.62
C ILE B 24 -5.71 7.89 -11.82
N LEU B 25 -4.75 8.81 -11.87
CA LEU B 25 -4.67 9.77 -12.97
C LEU B 25 -4.43 9.05 -14.29
N ASP B 26 -3.54 8.06 -14.27
CA ASP B 26 -3.23 7.32 -15.49
C ASP B 26 -4.49 6.67 -16.06
N ARG B 27 -5.28 6.06 -15.19
CA ARG B 27 -6.51 5.41 -15.62
C ARG B 27 -7.53 6.45 -16.09
N LEU B 28 -7.36 7.69 -15.65
CA LEU B 28 -8.27 8.75 -16.03
C LEU B 28 -8.26 8.95 -17.56
N PHE B 29 -7.06 9.09 -18.11
CA PHE B 29 -6.92 9.28 -19.56
C PHE B 29 -7.41 8.05 -20.32
N PHE B 30 -7.00 6.87 -19.85
CA PHE B 30 -7.39 5.61 -20.49
C PHE B 30 -8.36 4.83 -19.61
N LYS B 31 -9.54 4.56 -20.14
CA LYS B 31 -10.55 3.83 -19.40
C LYS B 31 -10.13 2.37 -19.20
N SER C 1 17.80 -5.26 16.58
CA SER C 1 16.81 -6.36 16.36
C SER C 1 15.54 -5.77 15.73
N ASN C 2 15.69 -4.63 15.08
CA ASN C 2 14.55 -3.97 14.44
C ASN C 2 13.45 -3.69 15.45
N ASP C 3 13.85 -3.26 16.64
CA ASP C 3 12.89 -2.95 17.70
C ASP C 3 12.14 -1.66 17.38
N SER C 4 12.73 -0.84 16.50
CA SER C 4 12.11 0.43 16.13
C SER C 4 10.77 0.20 15.42
N SER C 5 10.69 -0.89 14.67
CA SER C 5 9.46 -1.22 13.94
C SER C 5 9.36 -2.73 13.77
N ASP C 6 8.17 -3.26 14.02
CA ASP C 6 7.95 -4.70 13.90
C ASP C 6 8.31 -5.18 12.49
N PRO C 7 8.78 -6.41 12.34
CA PRO C 7 9.13 -6.97 11.00
C PRO C 7 8.05 -6.67 9.95
N LEU C 8 6.79 -6.79 10.35
CA LEU C 8 5.69 -6.55 9.44
C LEU C 8 5.63 -5.09 9.02
N VAL C 9 5.85 -4.19 9.98
CA VAL C 9 5.80 -2.76 9.69
C VAL C 9 6.89 -2.36 8.69
N VAL C 10 8.12 -2.78 8.95
CA VAL C 10 9.24 -2.46 8.07
C VAL C 10 9.11 -3.22 6.75
N ALA C 11 8.73 -4.48 6.87
CA ALA C 11 8.57 -5.33 5.69
C ALA C 11 7.48 -4.77 4.77
N ALA C 12 6.39 -4.30 5.36
CA ALA C 12 5.30 -3.75 4.56
C ALA C 12 5.77 -2.53 3.79
N ASN C 13 6.55 -1.67 4.44
CA ASN C 13 7.06 -0.47 3.79
C ASN C 13 7.99 -0.83 2.65
N ILE C 14 8.86 -1.81 2.88
CA ILE C 14 9.80 -2.24 1.85
C ILE C 14 9.06 -2.86 0.66
N ILE C 15 8.08 -3.71 0.97
CA ILE C 15 7.30 -4.36 -0.08
C ILE C 15 6.51 -3.34 -0.88
N GLY C 16 5.88 -2.38 -0.18
CA GLY C 16 5.09 -1.36 -0.86
C GLY C 16 5.96 -0.51 -1.79
N ILE C 17 7.10 -0.08 -1.28
CA ILE C 17 8.02 0.73 -2.06
C ILE C 17 8.54 -0.06 -3.26
N LEU C 18 8.88 -1.33 -3.03
CA LEU C 18 9.38 -2.18 -4.09
C LEU C 18 8.34 -2.32 -5.18
N HIS C 19 7.07 -2.40 -4.78
CA HIS C 19 5.99 -2.54 -5.75
C HIS C 19 6.01 -1.36 -6.71
N LEU C 20 6.25 -0.17 -6.18
CA LEU C 20 6.29 1.03 -7.02
C LEU C 20 7.39 0.92 -8.07
N ILE C 21 8.53 0.39 -7.68
CA ILE C 21 9.64 0.27 -8.62
C ILE C 21 9.26 -0.61 -9.81
N LEU C 22 8.63 -1.74 -9.54
CA LEU C 22 8.22 -2.64 -10.62
C LEU C 22 7.01 -2.08 -11.38
N TRP C 23 6.01 -1.61 -10.63
CA TRP C 23 4.80 -1.07 -11.24
C TRP C 23 5.11 0.16 -12.09
N ILE C 24 5.87 1.09 -11.53
CA ILE C 24 6.21 2.31 -12.26
C ILE C 24 7.08 1.97 -13.47
N LEU C 25 8.02 1.05 -13.27
CA LEU C 25 8.92 0.65 -14.35
C LEU C 25 8.14 0.01 -15.49
N ASP C 26 7.17 -0.84 -15.15
CA ASP C 26 6.37 -1.52 -16.16
C ASP C 26 5.66 -0.50 -17.04
N ARG C 27 5.08 0.52 -16.42
CA ARG C 27 4.38 1.55 -17.18
C ARG C 27 5.36 2.39 -17.99
N LEU C 28 6.63 2.36 -17.60
CA LEU C 28 7.65 3.13 -18.31
C LEU C 28 7.77 2.65 -19.75
N PHE C 29 7.90 1.34 -19.94
CA PHE C 29 8.01 0.76 -21.27
C PHE C 29 6.73 0.99 -22.08
N PHE C 30 5.59 0.73 -21.43
CA PHE C 30 4.29 0.90 -22.09
C PHE C 30 3.55 2.09 -21.50
N LYS C 31 3.20 3.04 -22.35
CA LYS C 31 2.49 4.23 -21.90
C LYS C 31 1.06 3.87 -21.51
N SER D 1 -4.07 -12.19 21.37
CA SER D 1 -5.20 -11.34 20.92
C SER D 1 -4.70 -10.30 19.92
N ASN D 2 -3.57 -10.62 19.28
CA ASN D 2 -2.98 -9.70 18.30
C ASN D 2 -2.69 -8.34 18.93
N ASP D 3 -2.20 -8.37 20.16
CA ASP D 3 -1.88 -7.14 20.87
C ASP D 3 -0.63 -6.49 20.28
N SER D 4 0.17 -7.28 19.58
CA SER D 4 1.40 -6.78 18.98
C SER D 4 1.09 -5.71 17.92
N SER D 5 -0.03 -5.89 17.22
CA SER D 5 -0.43 -4.93 16.19
C SER D 5 -1.95 -4.92 16.07
N ASP D 6 -2.51 -3.73 15.99
CA ASP D 6 -3.95 -3.58 15.87
C ASP D 6 -4.49 -4.36 14.66
N PRO D 7 -5.71 -4.87 14.71
CA PRO D 7 -6.30 -5.62 13.56
C PRO D 7 -6.10 -4.89 12.23
N LEU D 8 -6.24 -3.57 12.25
CA LEU D 8 -6.08 -2.78 11.04
C LEU D 8 -4.63 -2.83 10.55
N VAL D 9 -3.69 -2.73 11.47
CA VAL D 9 -2.27 -2.74 11.12
C VAL D 9 -1.88 -4.07 10.46
N VAL D 10 -2.24 -5.17 11.11
CA VAL D 10 -1.91 -6.49 10.58
C VAL D 10 -2.73 -6.78 9.33
N ALA D 11 -4.01 -6.41 9.38
CA ALA D 11 -4.91 -6.63 8.26
C ALA D 11 -4.42 -5.86 7.03
N ALA D 12 -3.96 -4.63 7.24
CA ALA D 12 -3.49 -3.81 6.14
C ALA D 12 -2.29 -4.47 5.47
N ASN D 13 -1.38 -5.00 6.28
CA ASN D 13 -0.19 -5.64 5.76
C ASN D 13 -0.56 -6.89 4.96
N ILE D 14 -1.50 -7.67 5.49
CA ILE D 14 -1.94 -8.88 4.80
C ILE D 14 -2.63 -8.54 3.49
N ILE D 15 -3.50 -7.54 3.53
CA ILE D 15 -4.22 -7.12 2.34
C ILE D 15 -3.25 -6.57 1.28
N GLY D 16 -2.30 -5.75 1.71
CA GLY D 16 -1.34 -5.17 0.78
C GLY D 16 -0.50 -6.26 0.11
N ILE D 17 0.00 -7.19 0.92
CA ILE D 17 0.81 -8.28 0.40
C ILE D 17 -0.02 -9.14 -0.55
N LEU D 18 -1.26 -9.43 -0.16
CA LEU D 18 -2.14 -10.24 -0.99
C LEU D 18 -2.36 -9.57 -2.33
N HIS D 19 -2.47 -8.25 -2.32
CA HIS D 19 -2.69 -7.50 -3.56
C HIS D 19 -1.55 -7.78 -4.52
N LEU D 20 -0.33 -7.83 -4.02
CA LEU D 20 0.83 -8.09 -4.85
C LEU D 20 0.72 -9.46 -5.53
N ILE D 21 0.25 -10.45 -4.79
CA ILE D 21 0.13 -11.79 -5.34
C ILE D 21 -0.81 -11.80 -6.55
N LEU D 22 -1.95 -11.13 -6.43
CA LEU D 22 -2.90 -11.09 -7.53
C LEU D 22 -2.42 -10.15 -8.64
N TRP D 23 -1.96 -8.96 -8.25
CA TRP D 23 -1.49 -7.97 -9.22
C TRP D 23 -0.29 -8.50 -10.00
N ILE D 24 0.69 -9.04 -9.29
CA ILE D 24 1.88 -9.55 -9.95
C ILE D 24 1.53 -10.76 -10.83
N LEU D 25 0.65 -11.61 -10.32
CA LEU D 25 0.23 -12.80 -11.05
C LEU D 25 -0.48 -12.40 -12.35
N ASP D 26 -1.34 -11.39 -12.26
CA ASP D 26 -2.08 -10.95 -13.43
C ASP D 26 -1.13 -10.51 -14.53
N ARG D 27 -0.12 -9.75 -14.16
CA ARG D 27 0.87 -9.28 -15.14
C ARG D 27 1.70 -10.44 -15.67
N LEU D 28 1.73 -11.55 -14.92
CA LEU D 28 2.51 -12.71 -15.33
C LEU D 28 1.97 -13.26 -16.66
N PHE D 29 0.65 -13.47 -16.72
CA PHE D 29 0.03 -13.99 -17.94
C PHE D 29 0.18 -13.00 -19.08
N PHE D 30 -0.09 -11.72 -18.80
CA PHE D 30 0.01 -10.67 -19.82
C PHE D 30 1.19 -9.76 -19.54
N LYS D 31 2.10 -9.67 -20.49
CA LYS D 31 3.28 -8.83 -20.35
C LYS D 31 2.89 -7.36 -20.37
O A2Y E . 2.15 -0.56 9.60
S A2Y E . 1.92 -0.02 12.41
C1 A2Y E . 1.97 0.91 13.55
N1 A2Y E . 2.12 -0.56 8.27
C2 A2Y E . 2.08 2.19 13.17
N2 A2Y E . 0.87 0.24 5.73
C3 A2Y E . 2.12 2.23 11.85
C4 A2Y E . 1.94 1.42 8.89
C5 A2Y E . 1.94 1.00 6.40
C9 A2Y E . 1.99 0.62 7.84
C10 A2Y E . 0.75 0.33 4.27
C11 A2Y E . 2.04 0.62 9.99
C12 A2Y E . 2.04 0.97 11.32
C61 A2Y E . 2.04 -0.16 3.54
C62 A2Y E . 0.46 1.79 3.78
C63 A2Y E . -0.42 -0.54 3.76
C71 A2Y E . 1.88 -0.09 2.01
C72 A2Y E . 0.32 1.85 2.24
C73 A2Y E . -0.57 -0.48 2.22
C81 A2Y E . 1.62 1.36 1.58
C82 A2Y E . -0.85 0.97 1.79
C83 A2Y E . 0.71 -0.97 1.56
H44 A2Y E . 1.83 2.51 8.86
H1 A2Y E . 1.90 0.57 14.59
H2 A2Y E . 2.14 3.05 13.85
H3 A2Y E . 2.23 3.17 11.29
H15 A2Y E . 2.93 0.78 5.94
H25 A2Y E . 1.75 2.09 6.32
H161 A2Y E . 2.24 -1.19 3.81
H261 A2Y E . 2.89 0.44 3.82
H362 A2Y E . 1.28 2.44 4.08
H462 A2Y E . -0.45 2.14 4.23
H563 A2Y E . -1.35 -0.21 4.22
H663 A2Y E . -0.25 -1.58 4.05
H171 A2Y E . 2.79 -0.43 1.54
H272 A2Y E . 0.13 2.87 1.96
H373 A2Y E . -1.40 -1.10 1.93
H181 A2Y E . 2.44 1.99 1.90
H281 A2Y E . 1.53 1.42 0.51
H382 A2Y E . -1.76 1.32 2.26
H482 A2Y E . -0.93 1.01 0.71
H583 A2Y E . 0.90 -1.99 1.84
H683 A2Y E . 0.60 -0.91 0.48
H1N2 A2Y E . 1.00 -0.77 5.99
H2N2 A2Y E . -0.04 0.55 6.15
N SER A 1 -6.81 10.78 22.02
CA SER A 1 -7.88 9.91 22.57
C SER A 1 -7.45 8.45 22.45
N ASN A 2 -6.93 8.09 21.27
CA ASN A 2 -6.47 6.71 21.02
C ASN A 2 -5.13 6.72 20.31
N ASP A 3 -4.07 6.37 21.03
CA ASP A 3 -2.73 6.33 20.45
C ASP A 3 -2.44 4.96 19.85
N SER A 4 -3.42 4.06 19.95
CA SER A 4 -3.27 2.72 19.41
C SER A 4 -3.06 2.77 17.90
N SER A 5 -3.84 3.60 17.22
CA SER A 5 -3.75 3.75 15.77
C SER A 5 -3.78 5.22 15.39
N ASP A 6 -2.65 5.71 14.86
CA ASP A 6 -2.56 7.12 14.45
C ASP A 6 -3.40 7.38 13.21
N PRO A 7 -3.84 8.60 12.99
CA PRO A 7 -4.66 8.94 11.79
C PRO A 7 -4.05 8.40 10.50
N LEU A 8 -2.72 8.45 10.42
CA LEU A 8 -2.02 7.96 9.24
C LEU A 8 -2.23 6.47 9.07
N VAL A 9 -2.19 5.72 10.18
CA VAL A 9 -2.35 4.27 10.12
C VAL A 9 -3.73 3.88 9.59
N VAL A 10 -4.77 4.46 10.15
CA VAL A 10 -6.13 4.16 9.71
C VAL A 10 -6.38 4.74 8.34
N ALA A 11 -5.93 5.98 8.16
CA ALA A 11 -6.10 6.68 6.88
C ALA A 11 -5.43 5.91 5.76
N ALA A 12 -4.21 5.45 5.99
CA ALA A 12 -3.49 4.70 4.97
C ALA A 12 -4.21 3.39 4.67
N ASN A 13 -4.73 2.74 5.71
CA ASN A 13 -5.43 1.48 5.53
C ASN A 13 -6.70 1.67 4.71
N ILE A 14 -7.45 2.73 5.02
CA ILE A 14 -8.69 3.01 4.30
C ILE A 14 -8.39 3.32 2.83
N ILE A 15 -7.37 4.13 2.60
CA ILE A 15 -6.98 4.50 1.25
C ILE A 15 -6.50 3.28 0.46
N GLY A 16 -5.67 2.46 1.10
CA GLY A 16 -5.15 1.26 0.44
C GLY A 16 -6.27 0.28 0.11
N ILE A 17 -7.16 0.06 1.07
CA ILE A 17 -8.28 -0.85 0.87
C ILE A 17 -9.19 -0.33 -0.23
N LEU A 18 -9.45 0.97 -0.20
CA LEU A 18 -10.30 1.60 -1.20
C LEU A 18 -9.69 1.42 -2.58
N HIS A 19 -8.37 1.51 -2.66
CA HIS A 19 -7.69 1.35 -3.93
C HIS A 19 -8.01 -0.02 -4.52
N LEU A 20 -8.03 -1.04 -3.67
CA LEU A 20 -8.32 -2.39 -4.12
C LEU A 20 -9.72 -2.48 -4.72
N ILE A 21 -10.68 -1.78 -4.12
CA ILE A 21 -12.03 -1.84 -4.64
C ILE A 21 -12.06 -1.38 -6.11
N LEU A 22 -11.45 -0.23 -6.38
CA LEU A 22 -11.41 0.30 -7.74
C LEU A 22 -10.52 -0.54 -8.66
N TRP A 23 -9.35 -0.94 -8.17
CA TRP A 23 -8.42 -1.74 -8.97
C TRP A 23 -8.99 -3.12 -9.26
N ILE A 24 -9.71 -3.69 -8.28
CA ILE A 24 -10.31 -5.00 -8.45
C ILE A 24 -11.32 -4.96 -9.60
N LEU A 25 -12.12 -3.91 -9.66
CA LEU A 25 -13.12 -3.78 -10.71
C LEU A 25 -12.43 -3.74 -12.08
N ASP A 26 -11.30 -3.05 -12.17
CA ASP A 26 -10.55 -2.95 -13.42
C ASP A 26 -10.04 -4.32 -13.86
N ARG A 27 -9.74 -5.17 -12.89
CA ARG A 27 -9.22 -6.51 -13.18
C ARG A 27 -10.21 -7.27 -14.07
N LEU A 28 -11.49 -7.09 -13.80
CA LEU A 28 -12.53 -7.77 -14.57
C LEU A 28 -12.45 -7.36 -16.04
N PHE A 29 -12.23 -6.08 -16.29
CA PHE A 29 -12.13 -5.58 -17.66
C PHE A 29 -10.69 -5.69 -18.18
N PHE A 30 -9.80 -6.16 -17.30
CA PHE A 30 -8.40 -6.32 -17.66
C PHE A 30 -7.73 -7.36 -16.78
N LYS A 31 -8.09 -8.62 -16.97
CA LYS A 31 -7.52 -9.71 -16.19
C LYS A 31 -6.15 -10.10 -16.74
N SER B 1 11.98 13.21 18.30
CA SER B 1 11.09 14.38 18.56
C SER B 1 9.64 13.91 18.66
N ASN B 2 9.24 13.06 17.73
CA ASN B 2 7.87 12.52 17.71
C ASN B 2 7.89 11.02 17.41
N ASP B 3 7.62 10.23 18.44
CA ASP B 3 7.60 8.77 18.29
C ASP B 3 6.21 8.29 17.88
N SER B 4 5.28 9.24 17.76
CA SER B 4 3.91 8.92 17.37
C SER B 4 3.88 8.28 15.99
N SER B 5 4.65 8.84 15.06
CA SER B 5 4.70 8.32 13.69
C SER B 5 6.16 8.27 13.22
N ASP B 6 6.66 7.05 13.01
CA ASP B 6 8.03 6.86 12.57
C ASP B 6 8.19 7.30 11.11
N PRO B 7 9.39 7.69 10.69
CA PRO B 7 9.63 8.13 9.28
C PRO B 7 9.04 7.14 8.27
N LEU B 8 9.12 5.85 8.59
CA LEU B 8 8.61 4.83 7.70
C LEU B 8 7.08 4.95 7.57
N VAL B 9 6.41 5.23 8.69
CA VAL B 9 4.95 5.33 8.68
C VAL B 9 4.48 6.48 7.79
N VAL B 10 5.05 7.66 7.99
CA VAL B 10 4.68 8.82 7.19
C VAL B 10 5.18 8.67 5.76
N ALA B 11 6.41 8.21 5.65
CA ALA B 11 7.03 8.01 4.34
C ALA B 11 6.21 7.03 3.50
N ALA B 12 5.81 5.93 4.11
CA ALA B 12 5.03 4.92 3.41
C ALA B 12 3.69 5.50 2.99
N ASN B 13 3.08 6.28 3.88
CA ASN B 13 1.79 6.89 3.58
C ASN B 13 1.89 7.86 2.41
N ILE B 14 2.94 8.68 2.41
CA ILE B 14 3.13 9.65 1.35
C ILE B 14 3.36 8.95 0.02
N ILE B 15 4.19 7.92 0.05
CA ILE B 15 4.50 7.16 -1.16
C ILE B 15 3.26 6.45 -1.68
N GLY B 16 2.50 5.83 -0.78
CA GLY B 16 1.29 5.12 -1.18
C GLY B 16 0.25 6.06 -1.75
N ILE B 17 0.04 7.19 -1.08
CA ILE B 17 -0.92 8.19 -1.54
C ILE B 17 -0.49 8.75 -2.89
N LEU B 18 0.81 9.03 -3.02
CA LEU B 18 1.34 9.56 -4.27
C LEU B 18 1.10 8.57 -5.41
N HIS B 19 1.23 7.28 -5.10
CA HIS B 19 1.02 6.26 -6.10
C HIS B 19 -0.38 6.36 -6.66
N LEU B 20 -1.35 6.61 -5.79
CA LEU B 20 -2.74 6.73 -6.21
C LEU B 20 -2.90 7.89 -7.19
N ILE B 21 -2.22 9.00 -6.95
CA ILE B 21 -2.36 10.14 -7.84
C ILE B 21 -1.98 9.74 -9.27
N LEU B 22 -0.83 9.10 -9.42
CA LEU B 22 -0.38 8.67 -10.75
C LEU B 22 -1.25 7.54 -11.31
N TRP B 23 -1.56 6.55 -10.48
CA TRP B 23 -2.38 5.41 -10.91
C TRP B 23 -3.79 5.86 -11.26
N ILE B 24 -4.32 6.82 -10.51
CA ILE B 24 -5.67 7.33 -10.75
C ILE B 24 -5.73 7.95 -12.15
N LEU B 25 -4.71 8.71 -12.51
CA LEU B 25 -4.67 9.35 -13.81
C LEU B 25 -4.70 8.30 -14.92
N ASP B 26 -3.97 7.20 -14.71
CA ASP B 26 -3.91 6.13 -15.70
C ASP B 26 -5.29 5.48 -15.88
N ARG B 27 -6.08 5.46 -14.81
CA ARG B 27 -7.41 4.86 -14.85
C ARG B 27 -8.26 5.52 -15.93
N LEU B 28 -8.10 6.84 -16.07
CA LEU B 28 -8.86 7.58 -17.06
C LEU B 28 -8.55 7.08 -18.46
N PHE B 29 -7.28 6.82 -18.73
CA PHE B 29 -6.84 6.33 -20.03
C PHE B 29 -6.94 4.82 -20.09
N PHE B 30 -7.33 4.21 -18.97
CA PHE B 30 -7.45 2.75 -18.90
C PHE B 30 -8.41 2.36 -17.78
N LYS B 31 -9.69 2.63 -18.00
CA LYS B 31 -10.71 2.29 -17.00
C LYS B 31 -11.09 0.81 -17.10
N SER C 1 14.47 -5.67 20.22
CA SER C 1 15.63 -4.73 20.16
C SER C 1 15.12 -3.32 19.85
N ASN C 2 14.22 -3.22 18.87
CA ASN C 2 13.64 -1.93 18.47
C ASN C 2 12.13 -2.05 18.28
N ASP C 3 11.38 -1.50 19.23
CA ASP C 3 9.92 -1.55 19.16
C ASP C 3 9.39 -0.34 18.37
N SER C 4 10.30 0.50 17.92
CA SER C 4 9.92 1.70 17.17
C SER C 4 9.21 1.30 15.87
N SER C 5 9.75 0.30 15.18
CA SER C 5 9.16 -0.18 13.93
C SER C 5 9.12 -1.71 13.92
N ASP C 6 7.91 -2.26 13.94
CA ASP C 6 7.74 -3.71 13.94
C ASP C 6 8.13 -4.30 12.57
N PRO C 7 8.52 -5.55 12.51
CA PRO C 7 8.89 -6.20 11.21
C PRO C 7 7.85 -5.95 10.13
N LEU C 8 6.58 -5.96 10.53
CA LEU C 8 5.50 -5.74 9.59
C LEU C 8 5.57 -4.32 9.00
N VAL C 9 5.88 -3.34 9.85
CA VAL C 9 5.95 -1.95 9.40
C VAL C 9 7.03 -1.76 8.35
N VAL C 10 8.24 -2.23 8.64
CA VAL C 10 9.34 -2.10 7.70
C VAL C 10 9.13 -3.01 6.50
N ALA C 11 8.71 -4.23 6.79
CA ALA C 11 8.46 -5.22 5.74
C ALA C 11 7.43 -4.69 4.75
N ALA C 12 6.33 -4.15 5.27
CA ALA C 12 5.27 -3.62 4.43
C ALA C 12 5.79 -2.45 3.59
N ASN C 13 6.61 -1.60 4.21
CA ASN C 13 7.16 -0.45 3.51
C ASN C 13 8.08 -0.89 2.37
N ILE C 14 8.92 -1.88 2.64
CA ILE C 14 9.85 -2.37 1.63
C ILE C 14 9.08 -3.00 0.48
N ILE C 15 8.08 -3.80 0.80
CA ILE C 15 7.27 -4.46 -0.21
C ILE C 15 6.50 -3.45 -1.05
N GLY C 16 5.90 -2.46 -0.38
CA GLY C 16 5.14 -1.43 -1.07
C GLY C 16 6.03 -0.60 -1.99
N ILE C 17 7.18 -0.19 -1.48
CA ILE C 17 8.13 0.60 -2.25
C ILE C 17 8.64 -0.21 -3.44
N LEU C 18 8.94 -1.48 -3.19
CA LEU C 18 9.43 -2.35 -4.25
C LEU C 18 8.38 -2.48 -5.34
N HIS C 19 7.11 -2.53 -4.94
CA HIS C 19 6.02 -2.64 -5.91
C HIS C 19 6.07 -1.47 -6.87
N LEU C 20 6.33 -0.28 -6.34
CA LEU C 20 6.40 0.91 -7.17
C LEU C 20 7.50 0.79 -8.22
N ILE C 21 8.64 0.23 -7.84
CA ILE C 21 9.73 0.11 -8.79
C ILE C 21 9.27 -0.69 -10.02
N LEU C 22 8.66 -1.84 -9.78
CA LEU C 22 8.18 -2.68 -10.89
C LEU C 22 7.00 -2.03 -11.62
N TRP C 23 6.04 -1.49 -10.87
CA TRP C 23 4.86 -0.86 -11.46
C TRP C 23 5.25 0.40 -12.25
N ILE C 24 6.23 1.13 -11.73
CA ILE C 24 6.68 2.35 -12.40
C ILE C 24 7.23 2.01 -13.78
N LEU C 25 8.00 0.92 -13.87
CA LEU C 25 8.58 0.51 -15.14
C LEU C 25 7.47 0.19 -16.14
N ASP C 26 6.41 -0.46 -15.66
CA ASP C 26 5.29 -0.82 -16.53
C ASP C 26 4.60 0.43 -17.07
N ARG C 27 4.61 1.50 -16.29
CA ARG C 27 3.97 2.74 -16.70
C ARG C 27 4.56 3.24 -18.01
N LEU C 28 5.87 3.08 -18.17
CA LEU C 28 6.55 3.51 -19.38
C LEU C 28 5.98 2.77 -20.60
N PHE C 29 5.74 1.48 -20.45
CA PHE C 29 5.20 0.67 -21.54
C PHE C 29 3.68 0.72 -21.54
N PHE C 30 3.12 1.42 -20.55
CA PHE C 30 1.67 1.54 -20.45
C PHE C 30 1.31 2.78 -19.65
N LYS C 31 1.52 3.95 -20.25
CA LYS C 31 1.21 5.21 -19.59
C LYS C 31 -0.29 5.52 -19.71
N SER D 1 -4.26 -8.11 23.83
CA SER D 1 -3.28 -9.21 24.04
C SER D 1 -1.91 -8.80 23.53
N ASN D 2 -1.89 -8.22 22.33
CA ASN D 2 -0.64 -7.76 21.72
C ASN D 2 -0.81 -6.38 21.11
N ASP D 3 -0.23 -5.37 21.77
CA ASP D 3 -0.32 -4.00 21.28
C ASP D 3 0.83 -3.70 20.32
N SER D 4 1.68 -4.68 20.10
CA SER D 4 2.82 -4.52 19.21
C SER D 4 2.35 -4.22 17.79
N SER D 5 1.33 -4.95 17.33
CA SER D 5 0.78 -4.77 15.99
C SER D 5 -0.74 -4.76 16.05
N ASP D 6 -1.32 -3.60 15.75
CA ASP D 6 -2.78 -3.45 15.77
C ASP D 6 -3.42 -4.22 14.61
N PRO D 7 -4.67 -4.63 14.73
CA PRO D 7 -5.36 -5.38 13.63
C PRO D 7 -5.19 -4.69 12.28
N LEU D 8 -5.22 -3.36 12.29
CA LEU D 8 -5.07 -2.59 11.07
C LEU D 8 -3.69 -2.81 10.45
N VAL D 9 -2.67 -2.85 11.30
CA VAL D 9 -1.29 -3.02 10.82
C VAL D 9 -1.11 -4.36 10.12
N VAL D 10 -1.53 -5.44 10.78
CA VAL D 10 -1.41 -6.77 10.19
C VAL D 10 -2.38 -6.93 9.03
N ALA D 11 -3.60 -6.45 9.24
CA ALA D 11 -4.64 -6.54 8.22
C ALA D 11 -4.20 -5.82 6.96
N ALA D 12 -3.66 -4.62 7.11
CA ALA D 12 -3.21 -3.84 5.96
C ALA D 12 -2.06 -4.57 5.25
N ASN D 13 -1.16 -5.15 6.03
CA ASN D 13 -0.02 -5.86 5.46
C ASN D 13 -0.49 -7.08 4.67
N ILE D 14 -1.43 -7.83 5.22
CA ILE D 14 -1.95 -9.02 4.55
C ILE D 14 -2.66 -8.63 3.25
N ILE D 15 -3.47 -7.58 3.32
CA ILE D 15 -4.20 -7.12 2.15
C ILE D 15 -3.24 -6.60 1.07
N GLY D 16 -2.24 -5.83 1.50
CA GLY D 16 -1.27 -5.28 0.55
C GLY D 16 -0.45 -6.38 -0.11
N ILE D 17 0.01 -7.33 0.70
CA ILE D 17 0.79 -8.45 0.19
C ILE D 17 -0.05 -9.29 -0.76
N LEU D 18 -1.30 -9.53 -0.37
CA LEU D 18 -2.21 -10.31 -1.19
C LEU D 18 -2.42 -9.62 -2.54
N HIS D 19 -2.48 -8.29 -2.52
CA HIS D 19 -2.67 -7.55 -3.75
C HIS D 19 -1.55 -7.84 -4.72
N LEU D 20 -0.33 -7.92 -4.20
CA LEU D 20 0.83 -8.21 -5.03
C LEU D 20 0.69 -9.57 -5.71
N ILE D 21 0.18 -10.55 -5.00
CA ILE D 21 0.04 -11.87 -5.58
C ILE D 21 -0.81 -11.81 -6.85
N LEU D 22 -1.97 -11.17 -6.75
CA LEU D 22 -2.87 -11.04 -7.90
C LEU D 22 -2.30 -10.11 -8.97
N TRP D 23 -1.75 -8.98 -8.55
CA TRP D 23 -1.19 -8.01 -9.49
C TRP D 23 0.05 -8.59 -10.19
N ILE D 24 0.84 -9.36 -9.46
CA ILE D 24 2.04 -9.98 -10.03
C ILE D 24 1.64 -10.91 -11.18
N LEU D 25 0.58 -11.69 -10.97
CA LEU D 25 0.13 -12.61 -12.00
C LEU D 25 -0.27 -11.84 -13.26
N ASP D 26 -0.93 -10.70 -13.08
CA ASP D 26 -1.36 -9.89 -14.21
C ASP D 26 -0.16 -9.36 -14.99
N ARG D 27 0.95 -9.14 -14.29
CA ARG D 27 2.15 -8.62 -14.93
C ARG D 27 2.61 -9.56 -16.05
N LEU D 28 2.46 -10.86 -15.82
CA LEU D 28 2.87 -11.85 -16.80
C LEU D 28 2.06 -11.67 -18.09
N PHE D 29 0.77 -11.42 -17.95
CA PHE D 29 -0.11 -11.24 -19.11
C PHE D 29 -0.10 -9.78 -19.55
N PHE D 30 0.63 -8.95 -18.80
CA PHE D 30 0.71 -7.53 -19.13
C PHE D 30 1.98 -6.92 -18.54
N LYS D 31 3.13 -7.28 -19.11
CA LYS D 31 4.40 -6.78 -18.64
C LYS D 31 4.67 -5.38 -19.19
O A2Y E . 2.81 2.61 8.57
S A2Y E . 2.33 2.78 11.37
C1 A2Y E . 2.06 2.18 12.68
N1 A2Y E . 2.85 2.35 7.28
C2 A2Y E . 1.84 0.87 12.61
N2 A2Y E . 0.97 0.72 5.18
C3 A2Y E . 1.91 0.50 11.33
C4 A2Y E . 2.09 0.65 8.22
C5 A2Y E . 2.35 0.59 5.67
C9 A2Y E . 2.43 1.19 7.04
C10 A2Y E . 0.70 0.50 3.73
C11 A2Y E . 2.36 1.62 9.16
C12 A2Y E . 2.20 1.58 10.53
C61 A2Y E . 1.08 -0.94 3.26
C62 A2Y E . 1.48 1.50 2.82
C63 A2Y E . -0.81 0.69 3.42
C71 A2Y E . 0.76 -1.15 1.77
C72 A2Y E . 1.16 1.27 1.34
C73 A2Y E . -1.12 0.47 1.92
C81 A2Y E . 1.56 -0.15 0.92
C82 A2Y E . -0.34 1.47 1.07
C83 A2Y E . -0.73 -0.95 1.51
H44 A2Y E . 1.68 -0.35 8.37
H1 A2Y E . 2.07 2.76 13.62
H2 A2Y E . 1.62 0.21 13.46
H3 A2Y E . 1.77 -0.53 10.99
H15 A2Y E . 2.66 -0.48 5.74
H25 A2Y E . 3.06 1.12 5.00
H161 A2Y E . 0.52 -1.66 3.84
H261 A2Y E . 2.13 -1.11 3.43
H362 A2Y E . 2.54 1.38 2.98
H462 A2Y E . 1.20 2.51 3.09
H563 A2Y E . -1.12 1.69 3.70
H663 A2Y E . -1.39 -0.02 4.00
H171 A2Y E . 1.05 -2.16 1.49
H272 A2Y E . 1.72 1.98 0.74
H373 A2Y E . -2.18 0.62 1.75
H181 A2Y E . 2.62 -0.30 1.09
H281 A2Y E . 1.33 -0.30 -0.12
H382 A2Y E . -0.62 2.48 1.35
H482 A2Y E . -0.56 1.31 0.03
H583 A2Y E . -1.30 -1.67 2.10
H683 A2Y E . -0.94 -1.09 0.46
H1N2 A2Y E . 0.39 0.04 5.72
H2N2 A2Y E . 0.64 1.69 5.42
N SER A 1 -0.52 6.29 23.24
CA SER A 1 -1.63 7.12 22.68
C SER A 1 -2.47 6.27 21.73
N ASN A 2 -2.84 5.07 22.18
CA ASN A 2 -3.64 4.17 21.36
C ASN A 2 -5.02 4.78 21.08
N ASP A 3 -5.59 5.43 22.09
CA ASP A 3 -6.90 6.05 21.94
C ASP A 3 -6.86 7.12 20.86
N SER A 4 -5.80 7.92 20.87
CA SER A 4 -5.67 8.98 19.89
C SER A 4 -5.60 8.41 18.48
N SER A 5 -4.82 7.34 18.31
CA SER A 5 -4.67 6.70 17.01
C SER A 5 -4.60 7.75 15.90
N ASP A 6 -3.39 8.16 15.54
CA ASP A 6 -3.20 9.17 14.50
C ASP A 6 -4.09 8.88 13.29
N PRO A 7 -4.60 9.89 12.64
CA PRO A 7 -5.48 9.71 11.44
C PRO A 7 -4.71 9.14 10.25
N LEU A 8 -3.41 9.37 10.23
CA LEU A 8 -2.57 8.90 9.13
C LEU A 8 -2.58 7.37 9.06
N VAL A 9 -2.45 6.72 10.22
CA VAL A 9 -2.44 5.26 10.27
C VAL A 9 -3.80 4.71 9.84
N VAL A 10 -4.87 5.29 10.39
CA VAL A 10 -6.21 4.85 10.06
C VAL A 10 -6.50 5.07 8.58
N ALA A 11 -6.14 6.25 8.09
CA ALA A 11 -6.36 6.60 6.70
C ALA A 11 -5.49 5.72 5.80
N ALA A 12 -4.28 5.41 6.25
CA ALA A 12 -3.37 4.59 5.47
C ALA A 12 -4.01 3.27 5.05
N ASN A 13 -4.59 2.56 6.01
CA ASN A 13 -5.24 1.29 5.69
C ASN A 13 -6.46 1.51 4.81
N ILE A 14 -7.22 2.56 5.09
CA ILE A 14 -8.42 2.87 4.31
C ILE A 14 -8.04 3.19 2.86
N ILE A 15 -6.98 3.97 2.69
CA ILE A 15 -6.53 4.36 1.36
C ILE A 15 -6.14 3.12 0.55
N GLY A 16 -5.39 2.21 1.17
CA GLY A 16 -4.96 0.99 0.49
C GLY A 16 -6.15 0.11 0.14
N ILE A 17 -7.05 -0.07 1.12
CA ILE A 17 -8.23 -0.90 0.91
C ILE A 17 -9.13 -0.28 -0.16
N LEU A 18 -9.30 1.03 -0.12
CA LEU A 18 -10.13 1.73 -1.08
C LEU A 18 -9.57 1.54 -2.49
N HIS A 19 -8.26 1.61 -2.61
CA HIS A 19 -7.62 1.45 -3.90
C HIS A 19 -7.97 0.09 -4.49
N LEU A 20 -7.99 -0.93 -3.64
CA LEU A 20 -8.31 -2.28 -4.10
C LEU A 20 -9.71 -2.33 -4.69
N ILE A 21 -10.65 -1.62 -4.08
CA ILE A 21 -12.02 -1.64 -4.57
C ILE A 21 -12.06 -1.07 -5.99
N LEU A 22 -11.36 0.03 -6.22
CA LEU A 22 -11.34 0.64 -7.56
C LEU A 22 -10.49 -0.18 -8.54
N TRP A 23 -9.32 -0.63 -8.08
CA TRP A 23 -8.42 -1.39 -8.94
C TRP A 23 -9.00 -2.78 -9.28
N ILE A 24 -9.53 -3.47 -8.28
CA ILE A 24 -10.08 -4.80 -8.51
C ILE A 24 -11.25 -4.72 -9.49
N LEU A 25 -12.06 -3.67 -9.37
CA LEU A 25 -13.21 -3.51 -10.25
C LEU A 25 -12.75 -3.38 -11.71
N ASP A 26 -11.70 -2.58 -11.93
CA ASP A 26 -11.18 -2.38 -13.28
C ASP A 26 -10.70 -3.70 -13.85
N ARG A 27 -10.03 -4.50 -13.02
CA ARG A 27 -9.51 -5.78 -13.45
C ARG A 27 -10.65 -6.70 -13.88
N LEU A 28 -11.73 -6.72 -13.11
CA LEU A 28 -12.87 -7.57 -13.42
C LEU A 28 -13.46 -7.22 -14.79
N PHE A 29 -13.68 -5.92 -15.02
CA PHE A 29 -14.23 -5.47 -16.29
C PHE A 29 -13.27 -5.80 -17.44
N PHE A 30 -11.98 -5.50 -17.22
CA PHE A 30 -10.97 -5.76 -18.25
C PHE A 30 -9.78 -6.50 -17.63
N LYS A 31 -9.26 -7.48 -18.37
CA LYS A 31 -8.13 -8.26 -17.89
C LYS A 31 -6.81 -7.55 -18.23
N SER B 1 7.08 7.50 21.73
CA SER B 1 7.85 8.40 20.84
C SER B 1 6.96 8.91 19.73
N ASN B 2 5.77 9.38 20.09
CA ASN B 2 4.81 9.89 19.11
C ASN B 2 5.37 11.13 18.42
N ASP B 3 6.05 11.98 19.18
CA ASP B 3 6.63 13.20 18.62
C ASP B 3 7.66 12.85 17.55
N SER B 4 8.48 11.86 17.83
CA SER B 4 9.52 11.44 16.90
C SER B 4 8.88 10.95 15.59
N SER B 5 7.82 10.15 15.72
CA SER B 5 7.14 9.61 14.55
C SER B 5 8.16 9.22 13.46
N ASP B 6 8.57 7.96 13.46
CA ASP B 6 9.55 7.49 12.49
C ASP B 6 9.19 7.97 11.08
N PRO B 7 10.16 8.28 10.26
CA PRO B 7 9.90 8.76 8.86
C PRO B 7 9.31 7.66 7.97
N LEU B 8 9.57 6.41 8.33
CA LEU B 8 9.07 5.28 7.56
C LEU B 8 7.55 5.24 7.56
N VAL B 9 6.96 5.46 8.73
CA VAL B 9 5.50 5.45 8.85
C VAL B 9 4.89 6.61 8.05
N VAL B 10 5.46 7.81 8.24
CA VAL B 10 4.98 8.99 7.55
C VAL B 10 5.14 8.82 6.04
N ALA B 11 6.31 8.35 5.63
CA ALA B 11 6.58 8.14 4.21
C ALA B 11 5.70 7.04 3.65
N ALA B 12 5.44 6.02 4.46
CA ALA B 12 4.61 4.90 4.02
C ALA B 12 3.27 5.38 3.49
N ASN B 13 2.57 6.21 4.27
CA ASN B 13 1.27 6.71 3.84
C ASN B 13 1.43 7.62 2.61
N ILE B 14 2.47 8.44 2.61
CA ILE B 14 2.71 9.35 1.50
C ILE B 14 2.99 8.57 0.21
N ILE B 15 3.79 7.52 0.33
CA ILE B 15 4.14 6.70 -0.83
C ILE B 15 2.88 6.05 -1.42
N GLY B 16 2.02 5.53 -0.56
CA GLY B 16 0.78 4.89 -1.04
C GLY B 16 -0.15 5.91 -1.67
N ILE B 17 -0.31 7.06 -1.02
CA ILE B 17 -1.17 8.12 -1.52
C ILE B 17 -0.63 8.66 -2.84
N LEU B 18 0.69 8.86 -2.90
CA LEU B 18 1.33 9.37 -4.11
C LEU B 18 1.09 8.42 -5.27
N HIS B 19 1.20 7.12 -5.00
CA HIS B 19 1.00 6.12 -6.04
C HIS B 19 -0.39 6.27 -6.64
N LEU B 20 -1.37 6.52 -5.79
CA LEU B 20 -2.75 6.68 -6.26
C LEU B 20 -2.86 7.84 -7.24
N ILE B 21 -2.15 8.93 -6.96
CA ILE B 21 -2.22 10.08 -7.84
C ILE B 21 -1.72 9.72 -9.23
N LEU B 22 -0.61 8.99 -9.29
CA LEU B 22 -0.05 8.58 -10.59
C LEU B 22 -0.89 7.47 -11.23
N TRP B 23 -1.28 6.48 -10.43
CA TRP B 23 -2.06 5.36 -10.95
C TRP B 23 -3.47 5.79 -11.38
N ILE B 24 -4.13 6.58 -10.56
CA ILE B 24 -5.48 7.03 -10.88
C ILE B 24 -5.48 7.85 -12.17
N LEU B 25 -4.44 8.68 -12.34
CA LEU B 25 -4.35 9.51 -13.53
C LEU B 25 -4.27 8.64 -14.79
N ASP B 26 -3.45 7.59 -14.72
CA ASP B 26 -3.29 6.68 -15.86
C ASP B 26 -4.62 6.02 -16.21
N ARG B 27 -5.36 5.64 -15.18
CA ARG B 27 -6.65 5.00 -15.39
C ARG B 27 -7.62 5.94 -16.09
N LEU B 28 -7.62 7.20 -15.67
CA LEU B 28 -8.52 8.19 -16.27
C LEU B 28 -8.23 8.35 -17.76
N PHE B 29 -6.96 8.51 -18.11
CA PHE B 29 -6.57 8.65 -19.51
C PHE B 29 -6.91 7.40 -20.29
N PHE B 30 -6.57 6.24 -19.73
CA PHE B 30 -6.85 4.96 -20.39
C PHE B 30 -7.53 4.00 -19.42
N LYS B 31 -8.53 3.27 -19.92
CA LYS B 31 -9.26 2.32 -19.09
C LYS B 31 -8.54 0.97 -19.06
N SER C 1 9.01 -0.76 22.35
CA SER C 1 9.90 -1.73 21.66
C SER C 1 10.31 -1.16 20.29
N ASN C 2 10.74 0.09 20.30
CA ASN C 2 11.18 0.74 19.06
C ASN C 2 12.38 0.04 18.46
N ASP C 3 13.31 -0.36 19.33
CA ASP C 3 14.52 -1.04 18.87
C ASP C 3 14.17 -2.34 18.17
N SER C 4 13.22 -3.09 18.74
CA SER C 4 12.80 -4.35 18.14
C SER C 4 12.22 -4.12 16.75
N SER C 5 11.38 -3.08 16.62
CA SER C 5 10.75 -2.78 15.34
C SER C 5 10.35 -4.05 14.60
N ASP C 6 9.11 -4.49 14.79
CA ASP C 6 8.62 -5.71 14.16
C ASP C 6 9.02 -5.75 12.68
N PRO C 7 9.33 -6.90 12.14
CA PRO C 7 9.72 -7.04 10.71
C PRO C 7 8.56 -6.75 9.76
N LEU C 8 7.34 -6.92 10.26
CA LEU C 8 6.15 -6.69 9.45
C LEU C 8 6.05 -5.23 9.02
N VAL C 9 6.30 -4.33 9.97
CA VAL C 9 6.23 -2.90 9.67
C VAL C 9 7.33 -2.51 8.68
N VAL C 10 8.55 -2.97 8.94
CA VAL C 10 9.68 -2.67 8.06
C VAL C 10 9.44 -3.24 6.68
N ALA C 11 9.00 -4.50 6.64
CA ALA C 11 8.73 -5.16 5.37
C ALA C 11 7.56 -4.50 4.65
N ALA C 12 6.57 -4.05 5.42
CA ALA C 12 5.39 -3.42 4.83
C ALA C 12 5.79 -2.25 3.92
N ASN C 13 6.63 -1.35 4.43
CA ASN C 13 7.06 -0.20 3.61
C ASN C 13 7.90 -0.67 2.43
N ILE C 14 8.77 -1.66 2.67
CA ILE C 14 9.63 -2.18 1.62
C ILE C 14 8.79 -2.82 0.51
N ILE C 15 7.79 -3.58 0.91
CA ILE C 15 6.93 -4.27 -0.06
C ILE C 15 6.19 -3.25 -0.93
N GLY C 16 5.68 -2.19 -0.33
CA GLY C 16 4.96 -1.15 -1.07
C GLY C 16 5.91 -0.41 -2.01
N ILE C 17 7.09 -0.04 -1.49
CA ILE C 17 8.08 0.67 -2.28
C ILE C 17 8.57 -0.20 -3.44
N LEU C 18 8.83 -1.48 -3.13
CA LEU C 18 9.30 -2.42 -4.15
C LEU C 18 8.28 -2.54 -5.27
N HIS C 19 7.00 -2.59 -4.90
CA HIS C 19 5.94 -2.71 -5.88
C HIS C 19 6.00 -1.55 -6.86
N LEU C 20 6.25 -0.36 -6.34
CA LEU C 20 6.33 0.83 -7.17
C LEU C 20 7.44 0.70 -8.22
N ILE C 21 8.56 0.11 -7.82
CA ILE C 21 9.67 -0.03 -8.75
C ILE C 21 9.25 -0.92 -9.92
N LEU C 22 8.57 -2.02 -9.63
CA LEU C 22 8.12 -2.93 -10.68
C LEU C 22 6.94 -2.33 -11.47
N TRP C 23 5.98 -1.75 -10.76
CA TRP C 23 4.79 -1.18 -11.40
C TRP C 23 5.14 0.06 -12.24
N ILE C 24 5.95 0.95 -11.67
CA ILE C 24 6.33 2.17 -12.39
C ILE C 24 7.08 1.82 -13.67
N LEU C 25 7.93 0.80 -13.60
CA LEU C 25 8.72 0.40 -14.77
C LEU C 25 7.78 -0.06 -15.90
N ASP C 26 6.77 -0.85 -15.54
CA ASP C 26 5.82 -1.34 -16.53
C ASP C 26 5.09 -0.19 -17.19
N ARG C 27 4.72 0.81 -16.39
CA ARG C 27 4.02 1.97 -16.90
C ARG C 27 4.88 2.73 -17.91
N LEU C 28 6.16 2.88 -17.58
CA LEU C 28 7.08 3.60 -18.47
C LEU C 28 7.17 2.91 -19.82
N PHE C 29 7.37 1.60 -19.81
CA PHE C 29 7.46 0.84 -21.06
C PHE C 29 6.14 0.91 -21.83
N PHE C 30 5.04 0.72 -21.13
CA PHE C 30 3.72 0.76 -21.75
C PHE C 30 2.79 1.67 -20.96
N LYS C 31 1.98 2.46 -21.67
CA LYS C 31 1.05 3.37 -21.01
C LYS C 31 -0.26 2.66 -20.70
N SER D 1 1.25 -1.39 23.91
CA SER D 1 0.25 -2.44 23.61
C SER D 1 0.73 -3.26 22.41
N ASN D 2 1.99 -3.68 22.45
CA ASN D 2 2.58 -4.47 21.37
C ASN D 2 1.86 -5.81 21.23
N ASP D 3 1.53 -6.41 22.37
CA ASP D 3 0.85 -7.70 22.38
C ASP D 3 -0.51 -7.59 21.68
N SER D 4 -1.22 -6.51 21.98
CA SER D 4 -2.53 -6.30 21.37
C SER D 4 -2.41 -6.18 19.86
N SER D 5 -1.41 -5.43 19.40
CA SER D 5 -1.20 -5.23 17.97
C SER D 5 -2.54 -5.08 17.24
N ASP D 6 -2.99 -3.84 17.06
CA ASP D 6 -4.27 -3.58 16.40
C ASP D 6 -4.40 -4.42 15.13
N PRO D 7 -5.58 -4.88 14.79
CA PRO D 7 -5.80 -5.71 13.57
C PRO D 7 -5.60 -4.90 12.29
N LEU D 8 -5.77 -3.59 12.39
CA LEU D 8 -5.63 -2.71 11.24
C LEU D 8 -4.20 -2.75 10.69
N VAL D 9 -3.23 -2.69 11.60
CA VAL D 9 -1.82 -2.73 11.20
C VAL D 9 -1.48 -4.07 10.57
N VAL D 10 -1.89 -5.15 11.23
CA VAL D 10 -1.62 -6.50 10.73
C VAL D 10 -2.30 -6.70 9.40
N ALA D 11 -3.57 -6.29 9.31
CA ALA D 11 -4.32 -6.44 8.07
C ALA D 11 -3.73 -5.56 6.97
N ALA D 12 -3.26 -4.38 7.36
CA ALA D 12 -2.69 -3.45 6.39
C ALA D 12 -1.59 -4.11 5.57
N ASN D 13 -0.63 -4.75 6.24
CA ASN D 13 0.45 -5.40 5.52
C ASN D 13 -0.07 -6.58 4.70
N ILE D 14 -1.01 -7.32 5.26
CA ILE D 14 -1.59 -8.47 4.58
C ILE D 14 -2.33 -8.02 3.31
N ILE D 15 -3.08 -6.94 3.43
CA ILE D 15 -3.84 -6.42 2.30
C ILE D 15 -2.90 -6.01 1.17
N GLY D 16 -1.81 -5.32 1.50
CA GLY D 16 -0.85 -4.89 0.49
C GLY D 16 -0.15 -6.09 -0.15
N ILE D 17 0.27 -7.03 0.68
CA ILE D 17 0.95 -8.23 0.19
C ILE D 17 0.01 -9.06 -0.67
N LEU D 18 -1.23 -9.20 -0.22
CA LEU D 18 -2.22 -9.97 -0.97
C LEU D 18 -2.46 -9.36 -2.34
N HIS D 19 -2.51 -8.03 -2.38
CA HIS D 19 -2.72 -7.33 -3.64
C HIS D 19 -1.62 -7.69 -4.63
N LEU D 20 -0.40 -7.77 -4.14
CA LEU D 20 0.73 -8.10 -4.99
C LEU D 20 0.55 -9.48 -5.63
N ILE D 21 0.03 -10.42 -4.86
CA ILE D 21 -0.16 -11.76 -5.39
C ILE D 21 -1.13 -11.74 -6.56
N LEU D 22 -2.22 -11.00 -6.42
CA LEU D 22 -3.21 -10.90 -7.50
C LEU D 22 -2.69 -10.03 -8.65
N TRP D 23 -2.10 -8.89 -8.31
CA TRP D 23 -1.59 -7.96 -9.33
C TRP D 23 -0.40 -8.55 -10.10
N ILE D 24 0.53 -9.16 -9.39
CA ILE D 24 1.71 -9.73 -10.03
C ILE D 24 1.29 -10.85 -10.99
N LEU D 25 0.31 -11.64 -10.58
CA LEU D 25 -0.17 -12.74 -11.41
C LEU D 25 -0.72 -12.21 -12.74
N ASP D 26 -1.50 -11.14 -12.65
CA ASP D 26 -2.09 -10.55 -13.85
C ASP D 26 -0.99 -10.06 -14.80
N ARG D 27 0.05 -9.46 -14.23
CA ARG D 27 1.16 -8.95 -15.02
C ARG D 27 1.86 -10.09 -15.75
N LEU D 28 2.06 -11.21 -15.06
CA LEU D 28 2.74 -12.35 -15.66
C LEU D 28 1.96 -12.87 -16.87
N PHE D 29 0.65 -13.05 -16.70
CA PHE D 29 -0.18 -13.53 -17.79
C PHE D 29 -0.19 -12.53 -18.94
N PHE D 30 -0.36 -11.24 -18.60
CA PHE D 30 -0.39 -10.19 -19.62
C PHE D 30 0.54 -9.05 -19.22
N LYS D 31 1.27 -8.51 -20.19
CA LYS D 31 2.20 -7.43 -19.94
C LYS D 31 1.48 -6.08 -20.00
O A2Y E . 0.65 3.14 9.36
S A2Y E . 2.11 3.09 11.84
C1 A2Y E . 2.70 2.38 12.98
N1 A2Y E . 0.14 2.94 8.16
C2 A2Y E . 2.65 1.05 12.83
N2 A2Y E . 0.95 0.79 5.72
C3 A2Y E . 2.08 0.78 11.66
C4 A2Y E . 0.89 1.11 8.83
C5 A2Y E . -0.22 1.17 6.52
C9 A2Y E . 0.26 1.73 7.83
C10 A2Y E . 0.78 0.56 4.28
C11 A2Y E . 1.11 2.06 9.78
C12 A2Y E . 1.73 1.93 11.02
C61 A2Y E . -0.18 -0.63 3.98
C62 A2Y E . 2.14 0.21 3.60
C63 A2Y E . 0.23 1.82 3.53
C71 A2Y E . -0.33 -0.87 2.47
C72 A2Y E . 1.99 -0.04 2.09
C73 A2Y E . 0.07 1.55 2.02
C81 A2Y E . 1.03 -1.21 1.84
C82 A2Y E . 1.43 1.22 1.40
C83 A2Y E . -0.91 0.39 1.79
H44 A2Y E . 1.15 0.04 8.85
H1 A2Y E . 3.11 2.89 13.85
H2 A2Y E . 3.02 0.31 13.55
H3 A2Y E . 1.92 -0.25 11.29
H15 A2Y E . -0.82 1.94 6.02
H25 A2Y E . -0.86 0.28 6.74
H161 A2Y E . -1.15 -0.43 4.40
H261 A2Y E . 0.22 -1.53 4.43
H362 A2Y E . 2.55 -0.68 4.06
H462 A2Y E . 2.84 1.02 3.75
H563 A2Y E . 0.90 2.65 3.66
H663 A2Y E . -0.74 2.08 3.93
H171 A2Y E . -1.01 -1.70 2.30
H272 A2Y E . 2.96 -0.28 1.66
H373 A2Y E . -0.33 2.44 1.54
H181 A2Y E . 1.42 -2.10 2.29
H281 A2Y E . 0.92 -1.36 0.77
H382 A2Y E . 2.11 2.04 1.55
H482 A2Y E . 1.31 1.02 0.34
H583 A2Y E . -1.86 0.62 2.22
H683 A2Y E . -1.02 0.21 0.73
H1N2 A2Y E . 1.67 1.56 5.85
H2N2 A2Y E . 1.37 -0.07 6.14
N SER A 1 -5.73 5.53 20.54
CA SER A 1 -6.58 6.32 19.61
C SER A 1 -5.69 7.12 18.67
N ASN A 2 -5.29 8.32 19.11
CA ASN A 2 -4.42 9.19 18.31
C ASN A 2 -3.06 9.34 18.97
N ASP A 3 -3.03 9.33 20.29
CA ASP A 3 -1.78 9.47 21.02
C ASP A 3 -0.86 8.29 20.74
N SER A 4 -1.42 7.09 20.73
CA SER A 4 -0.63 5.89 20.47
C SER A 4 -0.02 5.92 19.08
N SER A 5 -0.82 6.34 18.10
CA SER A 5 -0.36 6.42 16.72
C SER A 5 -1.12 7.51 15.98
N ASP A 6 -0.39 8.36 15.28
CA ASP A 6 -1.00 9.46 14.53
C ASP A 6 -2.16 8.94 13.67
N PRO A 7 -3.17 9.75 13.44
CA PRO A 7 -4.35 9.35 12.61
C PRO A 7 -3.99 9.22 11.12
N LEU A 8 -2.84 9.76 10.74
CA LEU A 8 -2.41 9.71 9.34
C LEU A 8 -2.28 8.27 8.86
N VAL A 9 -1.71 7.42 9.70
CA VAL A 9 -1.52 6.02 9.33
C VAL A 9 -2.88 5.34 9.12
N VAL A 10 -3.85 5.70 9.96
CA VAL A 10 -5.19 5.12 9.85
C VAL A 10 -5.80 5.45 8.49
N ALA A 11 -5.67 6.71 8.09
CA ALA A 11 -6.22 7.15 6.81
C ALA A 11 -5.57 6.39 5.66
N ALA A 12 -4.28 6.13 5.79
CA ALA A 12 -3.55 5.41 4.75
C ALA A 12 -4.12 4.01 4.55
N ASN A 13 -4.48 3.36 5.65
CA ASN A 13 -5.04 2.01 5.58
C ASN A 13 -6.38 2.02 4.83
N ILE A 14 -7.21 3.01 5.13
CA ILE A 14 -8.51 3.12 4.48
C ILE A 14 -8.34 3.40 3.00
N ILE A 15 -7.41 4.28 2.66
CA ILE A 15 -7.15 4.63 1.27
C ILE A 15 -6.68 3.41 0.48
N GLY A 16 -5.78 2.64 1.06
CA GLY A 16 -5.26 1.44 0.40
C GLY A 16 -6.38 0.45 0.11
N ILE A 17 -7.26 0.27 1.08
CA ILE A 17 -8.38 -0.67 0.92
C ILE A 17 -9.31 -0.19 -0.19
N LEU A 18 -9.58 1.10 -0.21
CA LEU A 18 -10.45 1.68 -1.23
C LEU A 18 -9.84 1.47 -2.62
N HIS A 19 -8.52 1.57 -2.70
CA HIS A 19 -7.83 1.39 -3.96
C HIS A 19 -8.14 0.00 -4.52
N LEU A 20 -8.13 -1.00 -3.65
CA LEU A 20 -8.40 -2.37 -4.07
C LEU A 20 -9.79 -2.48 -4.67
N ILE A 21 -10.76 -1.80 -4.07
CA ILE A 21 -12.13 -1.87 -4.58
C ILE A 21 -12.20 -1.39 -6.03
N LEU A 22 -11.61 -0.23 -6.30
CA LEU A 22 -11.63 0.31 -7.66
C LEU A 22 -10.73 -0.50 -8.60
N TRP A 23 -9.53 -0.86 -8.12
CA TRP A 23 -8.58 -1.62 -8.93
C TRP A 23 -9.10 -3.02 -9.23
N ILE A 24 -9.56 -3.72 -8.21
CA ILE A 24 -10.06 -5.08 -8.40
C ILE A 24 -11.32 -5.06 -9.28
N LEU A 25 -12.16 -4.06 -9.04
CA LEU A 25 -13.40 -3.92 -9.81
C LEU A 25 -13.09 -3.72 -11.28
N ASP A 26 -12.08 -2.90 -11.57
CA ASP A 26 -11.72 -2.64 -12.97
C ASP A 26 -11.37 -3.95 -13.67
N ARG A 27 -10.54 -4.76 -13.03
CA ARG A 27 -10.14 -6.03 -13.62
C ARG A 27 -11.25 -7.08 -13.48
N LEU A 28 -12.16 -6.86 -12.54
CA LEU A 28 -13.26 -7.80 -12.34
C LEU A 28 -14.14 -7.89 -13.58
N PHE A 29 -14.49 -6.74 -14.14
CA PHE A 29 -15.33 -6.69 -15.33
C PHE A 29 -14.49 -6.79 -16.60
N PHE A 30 -13.37 -6.08 -16.62
CA PHE A 30 -12.48 -6.09 -17.78
C PHE A 30 -11.29 -7.01 -17.56
N LYS A 31 -10.82 -7.64 -18.62
CA LYS A 31 -9.69 -8.56 -18.52
C LYS A 31 -9.95 -9.62 -17.46
N SER B 1 5.80 11.57 17.66
CA SER B 1 6.55 12.12 16.49
C SER B 1 7.34 11.00 15.82
N ASN B 2 8.56 10.76 16.32
CA ASN B 2 9.42 9.71 15.78
C ASN B 2 9.63 8.60 16.80
N ASP B 3 9.66 8.97 18.08
CA ASP B 3 9.86 7.99 19.15
C ASP B 3 8.69 7.01 19.19
N SER B 4 7.47 7.53 19.06
CA SER B 4 6.28 6.70 19.10
C SER B 4 6.29 5.69 17.95
N SER B 5 6.65 6.16 16.77
CA SER B 5 6.69 5.31 15.58
C SER B 5 7.74 5.83 14.60
N ASP B 6 8.58 4.93 14.12
CA ASP B 6 9.64 5.31 13.19
C ASP B 6 9.07 6.15 12.04
N PRO B 7 9.84 7.05 11.48
CA PRO B 7 9.39 7.93 10.36
C PRO B 7 9.22 7.15 9.05
N LEU B 8 9.78 5.94 9.00
CA LEU B 8 9.69 5.12 7.79
C LEU B 8 8.23 4.83 7.43
N VAL B 9 7.42 4.52 8.45
CA VAL B 9 6.02 4.23 8.21
C VAL B 9 5.31 5.44 7.62
N VAL B 10 5.66 6.62 8.12
CA VAL B 10 5.05 7.86 7.65
C VAL B 10 5.33 8.05 6.15
N ALA B 11 6.57 7.81 5.75
CA ALA B 11 6.95 7.97 4.35
C ALA B 11 6.17 6.99 3.48
N ALA B 12 5.95 5.79 3.99
CA ALA B 12 5.21 4.78 3.25
C ALA B 12 3.79 5.25 2.95
N ASN B 13 3.17 5.91 3.93
CA ASN B 13 1.81 6.40 3.74
C ASN B 13 1.75 7.45 2.63
N ILE B 14 2.74 8.34 2.62
CA ILE B 14 2.80 9.39 1.61
C ILE B 14 3.02 8.79 0.23
N ILE B 15 3.92 7.82 0.15
CA ILE B 15 4.23 7.17 -1.11
C ILE B 15 3.00 6.46 -1.68
N GLY B 16 2.26 5.77 -0.82
CA GLY B 16 1.06 5.06 -1.26
C GLY B 16 0.03 6.03 -1.82
N ILE B 17 -0.15 7.15 -1.16
CA ILE B 17 -1.11 8.17 -1.59
C ILE B 17 -0.70 8.73 -2.95
N LEU B 18 0.59 9.00 -3.11
CA LEU B 18 1.12 9.53 -4.36
C LEU B 18 0.88 8.53 -5.49
N HIS B 19 1.01 7.25 -5.18
CA HIS B 19 0.79 6.22 -6.18
C HIS B 19 -0.61 6.32 -6.75
N LEU B 20 -1.58 6.55 -5.87
CA LEU B 20 -2.97 6.68 -6.30
C LEU B 20 -3.13 7.83 -7.28
N ILE B 21 -2.46 8.94 -7.02
CA ILE B 21 -2.58 10.09 -7.91
C ILE B 21 -2.16 9.73 -9.34
N LEU B 22 -0.99 9.10 -9.47
CA LEU B 22 -0.50 8.71 -10.79
C LEU B 22 -1.32 7.56 -11.38
N TRP B 23 -1.63 6.56 -10.55
CA TRP B 23 -2.38 5.40 -11.02
C TRP B 23 -3.82 5.79 -11.40
N ILE B 24 -4.49 6.53 -10.54
CA ILE B 24 -5.87 6.94 -10.82
C ILE B 24 -5.91 7.87 -12.02
N LEU B 25 -4.92 8.76 -12.10
CA LEU B 25 -4.85 9.72 -13.19
C LEU B 25 -4.68 8.98 -14.53
N ASP B 26 -3.85 7.94 -14.53
CA ASP B 26 -3.63 7.18 -15.75
C ASP B 26 -4.94 6.62 -16.28
N ARG B 27 -5.71 6.00 -15.39
CA ARG B 27 -7.00 5.44 -15.78
C ARG B 27 -8.06 6.52 -15.94
N LEU B 28 -7.84 7.67 -15.33
CA LEU B 28 -8.79 8.77 -15.41
C LEU B 28 -8.95 9.25 -16.86
N PHE B 29 -7.82 9.42 -17.54
CA PHE B 29 -7.84 9.87 -18.94
C PHE B 29 -7.95 8.69 -19.89
N PHE B 30 -7.22 7.62 -19.60
CA PHE B 30 -7.25 6.42 -20.45
C PHE B 30 -8.14 5.34 -19.84
N LYS B 31 -8.79 4.58 -20.69
CA LYS B 31 -9.67 3.51 -20.22
C LYS B 31 -10.71 4.05 -19.25
N SER C 1 12.80 -0.03 17.85
CA SER C 1 13.32 -1.07 16.91
C SER C 1 12.20 -2.07 16.59
N ASN C 2 12.06 -3.09 17.43
CA ASN C 2 11.02 -4.11 17.23
C ASN C 2 9.98 -4.03 18.34
N ASP C 3 10.42 -3.67 19.54
CA ASP C 3 9.52 -3.57 20.68
C ASP C 3 8.48 -2.48 20.46
N SER C 4 8.93 -1.34 19.93
CA SER C 4 8.04 -0.22 19.67
C SER C 4 6.98 -0.60 18.64
N SER C 5 7.41 -1.28 17.58
CA SER C 5 6.50 -1.70 16.52
C SER C 5 7.02 -2.98 15.87
N ASP C 6 6.14 -3.96 15.72
CA ASP C 6 6.51 -5.23 15.11
C ASP C 6 7.27 -5.00 13.79
N PRO C 7 8.18 -5.87 13.43
CA PRO C 7 8.96 -5.75 12.18
C PRO C 7 8.12 -6.00 10.93
N LEU C 8 6.94 -6.59 11.12
CA LEU C 8 6.05 -6.89 10.01
C LEU C 8 5.67 -5.62 9.25
N VAL C 9 5.38 -4.56 10.00
CA VAL C 9 4.99 -3.29 9.37
C VAL C 9 6.14 -2.75 8.52
N VAL C 10 7.36 -2.90 9.03
CA VAL C 10 8.54 -2.42 8.32
C VAL C 10 8.66 -3.12 6.96
N ALA C 11 8.48 -4.43 6.96
CA ALA C 11 8.57 -5.21 5.73
C ALA C 11 7.51 -4.75 4.73
N ALA C 12 6.33 -4.42 5.23
CA ALA C 12 5.25 -3.98 4.37
C ALA C 12 5.62 -2.70 3.64
N ASN C 13 6.30 -1.79 4.33
CA ASN C 13 6.72 -0.54 3.72
C ASN C 13 7.71 -0.78 2.59
N ILE C 14 8.65 -1.70 2.81
CA ILE C 14 9.65 -2.02 1.80
C ILE C 14 8.98 -2.66 0.58
N ILE C 15 8.05 -3.58 0.84
CA ILE C 15 7.35 -4.27 -0.24
C ILE C 15 6.56 -3.28 -1.09
N GLY C 16 5.87 -2.34 -0.44
CA GLY C 16 5.08 -1.35 -1.17
C GLY C 16 5.96 -0.50 -2.08
N ILE C 17 7.12 -0.10 -1.56
CA ILE C 17 8.05 0.71 -2.33
C ILE C 17 8.56 -0.06 -3.55
N LEU C 18 8.89 -1.33 -3.32
CA LEU C 18 9.37 -2.19 -4.40
C LEU C 18 8.32 -2.33 -5.48
N HIS C 19 7.06 -2.40 -5.07
CA HIS C 19 5.96 -2.52 -6.02
C HIS C 19 5.96 -1.35 -6.98
N LEU C 20 6.20 -0.16 -6.45
CA LEU C 20 6.22 1.04 -7.27
C LEU C 20 7.31 0.94 -8.33
N ILE C 21 8.47 0.41 -7.96
CA ILE C 21 9.57 0.30 -8.91
C ILE C 21 9.16 -0.53 -10.12
N LEU C 22 8.58 -1.72 -9.86
CA LEU C 22 8.15 -2.59 -10.96
C LEU C 22 6.93 -2.02 -11.69
N TRP C 23 5.96 -1.51 -10.92
CA TRP C 23 4.74 -0.96 -11.52
C TRP C 23 5.04 0.30 -12.33
N ILE C 24 5.78 1.22 -11.75
CA ILE C 24 6.10 2.47 -12.45
C ILE C 24 6.97 2.18 -13.67
N LEU C 25 7.90 1.24 -13.51
CA LEU C 25 8.80 0.87 -14.60
C LEU C 25 8.01 0.30 -15.76
N ASP C 26 7.01 -0.53 -15.46
CA ASP C 26 6.20 -1.13 -16.52
C ASP C 26 5.55 -0.04 -17.36
N ARG C 27 4.94 0.93 -16.70
CA ARG C 27 4.29 2.03 -17.41
C ARG C 27 5.32 3.02 -17.96
N LEU C 28 6.51 3.03 -17.38
CA LEU C 28 7.55 3.95 -17.81
C LEU C 28 7.94 3.69 -19.27
N PHE C 29 8.14 2.42 -19.60
CA PHE C 29 8.51 2.03 -20.96
C PHE C 29 7.28 1.82 -21.84
N PHE C 30 6.26 1.17 -21.27
CA PHE C 30 5.02 0.91 -22.01
C PHE C 30 3.94 1.90 -21.61
N LYS C 31 3.09 2.24 -22.58
CA LYS C 31 2.00 3.19 -22.32
C LYS C 31 2.55 4.48 -21.73
N SER D 1 1.49 -5.88 20.87
CA SER D 1 0.39 -6.67 20.24
C SER D 1 -0.63 -5.73 19.64
N ASN D 2 -1.60 -5.31 20.45
CA ASN D 2 -2.65 -4.39 19.99
C ASN D 2 -2.52 -3.04 20.69
N ASP D 3 -2.07 -3.06 21.94
CA ASP D 3 -1.92 -1.82 22.71
C ASP D 3 -0.86 -0.93 22.06
N SER D 4 0.25 -1.53 21.66
CA SER D 4 1.33 -0.79 21.03
C SER D 4 0.88 -0.12 19.74
N SER D 5 0.13 -0.87 18.93
CA SER D 5 -0.38 -0.36 17.66
C SER D 5 -1.69 -1.07 17.31
N ASP D 6 -2.69 -0.29 16.94
CA ASP D 6 -3.99 -0.84 16.58
C ASP D 6 -3.83 -1.99 15.57
N PRO D 7 -4.71 -2.97 15.59
CA PRO D 7 -4.65 -4.13 14.66
C PRO D 7 -5.00 -3.73 13.22
N LEU D 8 -5.59 -2.56 13.05
CA LEU D 8 -5.99 -2.09 11.72
C LEU D 8 -4.77 -1.98 10.81
N VAL D 9 -3.67 -1.46 11.34
CA VAL D 9 -2.46 -1.32 10.54
C VAL D 9 -1.94 -2.68 10.08
N VAL D 10 -2.04 -3.66 10.97
CA VAL D 10 -1.59 -5.01 10.66
C VAL D 10 -2.36 -5.58 9.47
N ALA D 11 -3.68 -5.40 9.50
CA ALA D 11 -4.53 -5.90 8.43
C ALA D 11 -4.17 -5.23 7.10
N ALA D 12 -3.83 -3.94 7.16
CA ALA D 12 -3.46 -3.21 5.96
C ALA D 12 -2.22 -3.82 5.31
N ASN D 13 -1.26 -4.23 6.13
CA ASN D 13 -0.03 -4.83 5.61
C ASN D 13 -0.34 -6.14 4.88
N ILE D 14 -1.22 -6.95 5.47
CA ILE D 14 -1.59 -8.22 4.87
C ILE D 14 -2.31 -8.00 3.55
N ILE D 15 -3.23 -7.03 3.54
CA ILE D 15 -4.00 -6.73 2.34
C ILE D 15 -3.09 -6.27 1.21
N GLY D 16 -2.12 -5.41 1.53
CA GLY D 16 -1.20 -4.90 0.52
C GLY D 16 -0.40 -6.04 -0.10
N ILE D 17 0.06 -6.96 0.73
CA ILE D 17 0.84 -8.10 0.27
C ILE D 17 0.00 -8.98 -0.65
N LEU D 18 -1.25 -9.21 -0.25
CA LEU D 18 -2.16 -10.03 -1.03
C LEU D 18 -2.39 -9.39 -2.40
N HIS D 19 -2.47 -8.06 -2.42
CA HIS D 19 -2.67 -7.34 -3.67
C HIS D 19 -1.56 -7.67 -4.65
N LEU D 20 -0.33 -7.72 -4.15
CA LEU D 20 0.81 -8.03 -5.00
C LEU D 20 0.67 -9.40 -5.64
N ILE D 21 0.19 -10.37 -4.86
CA ILE D 21 0.03 -11.71 -5.39
C ILE D 21 -0.90 -11.73 -6.61
N LEU D 22 -2.06 -11.10 -6.48
CA LEU D 22 -3.01 -11.05 -7.59
C LEU D 22 -2.51 -10.14 -8.72
N TRP D 23 -1.97 -8.97 -8.36
CA TRP D 23 -1.48 -8.02 -9.36
C TRP D 23 -0.27 -8.57 -10.11
N ILE D 24 0.70 -9.09 -9.38
CA ILE D 24 1.90 -9.63 -10.01
C ILE D 24 1.55 -10.86 -10.86
N LEU D 25 0.65 -11.67 -10.33
CA LEU D 25 0.23 -12.88 -11.04
C LEU D 25 -0.44 -12.53 -12.35
N ASP D 26 -1.27 -11.48 -12.35
CA ASP D 26 -1.96 -11.07 -13.56
C ASP D 26 -0.94 -10.73 -14.64
N ARG D 27 0.07 -9.94 -14.29
CA ARG D 27 1.10 -9.57 -15.26
C ARG D 27 2.09 -10.72 -15.50
N LEU D 28 2.15 -11.65 -14.55
CA LEU D 28 3.06 -12.78 -14.68
C LEU D 28 2.71 -13.63 -15.90
N PHE D 29 1.42 -13.92 -16.07
CA PHE D 29 0.95 -14.73 -17.20
C PHE D 29 0.67 -13.85 -18.41
N PHE D 30 0.05 -12.71 -18.17
CA PHE D 30 -0.30 -11.78 -19.27
C PHE D 30 0.70 -10.63 -19.32
N LYS D 31 0.97 -10.15 -20.53
CA LYS D 31 1.90 -9.04 -20.71
C LYS D 31 3.24 -9.37 -20.06
O A2Y E . 1.66 -0.50 9.91
S A2Y E . 2.08 0.09 12.70
C1 A2Y E . 2.37 1.03 13.79
N1 A2Y E . 1.62 -0.55 8.57
C2 A2Y E . 2.65 2.26 13.35
N2 A2Y E . 0.83 0.46 5.97
C3 A2Y E . 2.59 2.26 12.02
C4 A2Y E . 2.33 1.34 9.10
C5 A2Y E . 2.11 0.81 6.61
C9 A2Y E . 2.02 0.53 8.08
C10 A2Y E . 0.77 0.43 4.48
C11 A2Y E . 2.08 0.62 10.24
C12 A2Y E . 2.25 1.02 11.55
C61 A2Y E . 1.81 -0.57 3.86
C62 A2Y E . 1.05 1.83 3.85
C63 A2Y E . -0.64 -0.01 4.01
C71 A2Y E . 1.70 -0.60 2.32
C72 A2Y E . 0.95 1.78 2.31
C73 A2Y E . -0.73 -0.05 2.46
C81 A2Y E . 1.98 0.79 1.76
C82 A2Y E . -0.45 1.34 1.88
C83 A2Y E . 0.29 -1.04 1.91
H44 A2Y E . 2.70 2.36 9.00
H1 A2Y E . 2.36 0.74 14.84
H2 A2Y E . 2.91 3.12 13.99
H3 A2Y E . 2.78 3.15 11.42
H15 A2Y E . 2.94 0.20 6.21
H25 A2Y E . 2.34 1.89 6.46
H161 A2Y E . 1.63 -1.56 4.25
H261 A2Y E . 2.81 -0.27 4.13
H362 A2Y E . 2.04 2.17 4.13
H462 A2Y E . 0.33 2.54 4.23
H563 A2Y E . -1.38 0.69 4.37
H663 A2Y E . -0.86 -0.98 4.39
H171 A2Y E . 2.42 -1.30 1.94
H272 A2Y E . 1.15 2.76 1.91
H373 A2Y E . -1.72 -0.36 2.18
H181 A2Y E . 2.98 1.11 2.04
H281 A2Y E . 1.91 0.77 0.68
H382 A2Y E . -1.19 2.04 2.25
H482 A2Y E . -0.50 1.30 0.81
H583 A2Y E . 0.09 -2.04 2.30
H683 A2Y E . 0.22 -1.07 0.83
H1N2 A2Y E . 0.56 -0.49 6.33
H2N2 A2Y E . 0.12 1.14 6.31
#